data_6WBG
#
_entry.id   6WBG
#
_cell.length_a   1.00
_cell.length_b   1.00
_cell.length_c   1.00
_cell.angle_alpha   90.00
_cell.angle_beta   90.00
_cell.angle_gamma   90.00
#
_symmetry.space_group_name_H-M   'P 1'
#
loop_
_entity.id
_entity.type
_entity.pdbx_description
1 polymer Pannexin-1
2 non-polymer PHOSPHATIDYLETHANOLAMINE
3 non-polymer 1,2-Distearoyl-sn-glycerophosphoethanolamine
4 non-polymer 'DIACYL GLYCEROL'
5 non-polymer CHOLESTEROL
6 non-polymer 2-acetamido-2-deoxy-beta-D-glucopyranose
#
_entity_poly.entity_id   1
_entity_poly.type   'polypeptide(L)'
_entity_poly.pdbx_seq_one_letter_code
;MAIAQLATEYVFSDFLLKEPTEPKFKGLRLELAVDKMVTCIAVGLPLLLISLAFAQEISIGTQISCFSPSSFSWRQAAFV
DSYCWAAVQQKNSLQSESGNLPLWLHKFFPYILLLFAILLYLPPLFWRFAAAPHICSDLKFIMEELDKVYNRAIKAAKSA
RDLDMRDGACSVPGVTENLGQSLWEVSESHFKYPIVEQYLKTKKNSNNLIIKYISCRLLTLIIILLACIYLGYYFSLSSL
SDEFVCSIKSGILRNDSTVPDQFQCKLIAVGIFQLLSVINLVVYVLLAPVVVYTLFVPFRQKTDVLKVYEILPTFDVLHF
KSEGYNDLSLYNLFLEENISEVKSYKCLKVLENIKSSGQGIDPMLLLTNLGMI
;
_entity_poly.pdbx_strand_id   A,B,C,D,E,F,G
#
loop_
_chem_comp.id
_chem_comp.type
_chem_comp.name
_chem_comp.formula
3PE non-polymer 1,2-Distearoyl-sn-glycerophosphoethanolamine 'C41 H82 N O8 P'
CLR non-polymer CHOLESTEROL 'C27 H46 O'
DGA non-polymer 'DIACYL GLYCEROL' 'C39 H76 O5'
NAG D-saccharide, beta linking 2-acetamido-2-deoxy-beta-D-glucopyranose 'C8 H15 N O6'
PTY non-polymer PHOSPHATIDYLETHANOLAMINE 'C40 H80 N O8 P'
#
# COMPACT_ATOMS: atom_id res chain seq x y z
N ALA A 2 -7.94 15.40 -7.67
CA ALA A 2 -7.58 16.74 -7.23
C ALA A 2 -6.41 17.27 -8.02
N ILE A 3 -6.39 18.60 -8.21
CA ILE A 3 -5.30 19.24 -8.96
C ILE A 3 -3.96 18.96 -8.29
N ALA A 4 -3.89 19.10 -6.97
CA ALA A 4 -2.60 18.97 -6.30
C ALA A 4 -2.10 17.53 -6.36
N GLN A 5 -3.00 16.56 -6.39
CA GLN A 5 -2.58 15.16 -6.54
C GLN A 5 -1.91 14.94 -7.88
N LEU A 6 -2.51 15.45 -8.95
CA LEU A 6 -1.91 15.34 -10.27
C LEU A 6 -0.58 16.09 -10.33
N ALA A 7 -0.52 17.26 -9.69
CA ALA A 7 0.73 18.00 -9.63
C ALA A 7 1.83 17.14 -9.00
N THR A 8 1.57 16.61 -7.81
CA THR A 8 2.55 15.73 -7.19
C THR A 8 2.95 14.59 -8.14
N GLU A 9 1.95 13.85 -8.62
CA GLU A 9 2.22 12.65 -9.41
C GLU A 9 3.07 12.94 -10.64
N TYR A 10 2.87 14.10 -11.28
CA TYR A 10 3.48 14.30 -12.58
C TYR A 10 4.61 15.31 -12.63
N VAL A 11 4.82 16.10 -11.58
CA VAL A 11 6.04 16.91 -11.54
C VAL A 11 6.83 16.62 -10.27
N PHE A 12 6.14 16.50 -9.13
CA PHE A 12 6.86 16.43 -7.87
C PHE A 12 7.27 15.00 -7.55
N SER A 13 6.51 14.02 -8.04
CA SER A 13 6.94 12.64 -7.94
C SER A 13 8.04 12.36 -8.95
N ASP A 14 8.72 11.23 -8.78
CA ASP A 14 9.76 10.84 -9.71
C ASP A 14 9.16 10.16 -10.93
N PHE A 15 8.18 10.81 -11.56
CA PHE A 15 7.54 10.23 -12.73
C PHE A 15 8.50 10.20 -13.90
N LEU A 16 8.71 9.01 -14.46
CA LEU A 16 9.68 8.75 -15.53
C LEU A 16 11.10 9.15 -15.14
N LEU A 17 11.37 9.29 -13.85
CA LEU A 17 12.73 9.48 -13.35
C LEU A 17 13.22 8.26 -12.58
N LYS A 18 12.47 7.16 -12.62
CA LYS A 18 12.86 5.95 -11.89
C LYS A 18 14.11 5.34 -12.51
N GLU A 19 15.11 5.10 -11.67
CA GLU A 19 16.28 4.36 -12.11
C GLU A 19 15.89 2.93 -12.45
N PRO A 20 16.60 2.29 -13.37
CA PRO A 20 16.26 0.91 -13.74
C PRO A 20 16.34 -0.01 -12.54
N THR A 21 15.19 -0.56 -12.15
CA THR A 21 15.13 -1.44 -10.98
C THR A 21 15.74 -2.80 -11.31
N GLU A 22 17.06 -2.85 -11.31
CA GLU A 22 17.80 -4.06 -11.63
C GLU A 22 19.26 -3.89 -11.22
N PRO A 23 19.92 -4.95 -10.76
CA PRO A 23 21.35 -4.84 -10.39
C PRO A 23 22.31 -4.87 -11.55
N LYS A 24 21.83 -4.96 -12.80
CA LYS A 24 22.72 -4.93 -13.95
C LYS A 24 23.32 -3.54 -14.14
N PHE A 25 22.49 -2.50 -14.04
CA PHE A 25 22.93 -1.11 -14.11
C PHE A 25 22.74 -0.50 -12.74
N LYS A 26 23.84 -0.37 -11.99
CA LYS A 26 23.81 0.13 -10.62
C LYS A 26 24.41 1.53 -10.62
N GLY A 27 23.56 2.54 -10.51
CA GLY A 27 23.99 3.91 -10.55
C GLY A 27 24.35 4.44 -11.92
N LEU A 28 24.34 3.58 -12.94
CA LEU A 28 24.60 4.00 -14.31
C LEU A 28 23.34 4.67 -14.87
N ARG A 29 23.50 5.84 -15.47
CA ARG A 29 22.34 6.60 -15.92
C ARG A 29 21.73 6.00 -17.18
N LEU A 30 22.55 5.78 -18.21
CA LEU A 30 22.15 5.21 -19.50
C LEU A 30 21.21 6.10 -20.27
N GLU A 31 20.85 7.27 -19.74
CA GLU A 31 20.06 8.26 -20.44
C GLU A 31 20.56 9.63 -20.03
N LEU A 32 21.05 10.39 -21.01
CA LEU A 32 21.63 11.70 -20.72
C LEU A 32 20.59 12.59 -20.03
N ALA A 33 21.08 13.41 -19.10
CA ALA A 33 20.18 14.22 -18.28
C ALA A 33 19.25 15.06 -19.15
N VAL A 34 19.79 15.64 -20.23
CA VAL A 34 18.95 16.44 -21.12
C VAL A 34 17.93 15.54 -21.82
N ASP A 35 18.34 14.33 -22.18
CA ASP A 35 17.38 13.40 -22.79
C ASP A 35 16.34 12.92 -21.79
N LYS A 36 16.76 12.67 -20.55
CA LYS A 36 15.80 12.27 -19.54
C LYS A 36 14.78 13.37 -19.28
N MET A 37 15.23 14.63 -19.23
CA MET A 37 14.29 15.72 -18.99
C MET A 37 13.41 15.99 -20.20
N VAL A 38 13.95 15.84 -21.42
CA VAL A 38 13.11 15.98 -22.61
C VAL A 38 12.03 14.92 -22.63
N THR A 39 12.39 13.68 -22.30
CA THR A 39 11.39 12.63 -22.24
C THR A 39 10.35 12.91 -21.16
N CYS A 40 10.82 13.29 -19.97
CA CYS A 40 9.91 13.57 -18.87
C CYS A 40 8.91 14.65 -19.26
N ILE A 41 9.40 15.74 -19.84
CA ILE A 41 8.51 16.82 -20.25
C ILE A 41 7.55 16.34 -21.34
N ALA A 42 8.10 15.87 -22.46
CA ALA A 42 7.29 15.56 -23.63
C ALA A 42 6.28 14.46 -23.34
N VAL A 43 6.49 13.67 -22.28
CA VAL A 43 5.55 12.61 -21.98
C VAL A 43 4.59 13.02 -20.87
N GLY A 44 5.12 13.60 -19.79
CA GLY A 44 4.27 13.91 -18.66
C GLY A 44 3.40 15.13 -18.89
N LEU A 45 3.85 16.06 -19.73
CA LEU A 45 3.06 17.26 -19.98
C LEU A 45 1.73 16.94 -20.64
N PRO A 46 1.67 16.15 -21.73
CA PRO A 46 0.34 15.79 -22.24
C PRO A 46 -0.48 14.99 -21.25
N LEU A 47 0.15 14.14 -20.43
CA LEU A 47 -0.61 13.40 -19.43
C LEU A 47 -1.12 14.32 -18.33
N LEU A 48 -0.26 15.24 -17.88
CA LEU A 48 -0.63 16.22 -16.83
C LEU A 48 -1.75 17.12 -17.34
N LEU A 49 -1.71 17.45 -18.65
CA LEU A 49 -2.72 18.31 -19.30
C LEU A 49 -4.04 17.54 -19.40
N ILE A 50 -3.98 16.27 -19.81
CA ILE A 50 -5.20 15.45 -19.85
C ILE A 50 -5.83 15.40 -18.49
N SER A 51 -5.05 15.13 -17.45
CA SER A 51 -5.60 15.02 -16.11
C SER A 51 -6.16 16.35 -15.62
N LEU A 52 -5.58 17.46 -16.04
CA LEU A 52 -6.10 18.77 -15.68
C LEU A 52 -7.40 19.08 -16.41
N ALA A 53 -7.48 18.71 -17.70
CA ALA A 53 -8.65 19.07 -18.49
C ALA A 53 -9.94 18.50 -17.91
N PHE A 54 -9.83 17.52 -17.01
CA PHE A 54 -10.98 16.93 -16.37
C PHE A 54 -10.87 16.92 -14.86
N ALA A 55 -10.06 17.82 -14.30
CA ALA A 55 -10.04 18.01 -12.86
C ALA A 55 -11.46 18.30 -12.38
N GLN A 56 -11.82 17.71 -11.24
CA GLN A 56 -13.21 17.74 -10.81
C GLN A 56 -13.72 19.16 -10.59
N GLU A 57 -12.82 20.11 -10.42
CA GLU A 57 -13.26 21.49 -10.16
C GLU A 57 -13.27 22.32 -11.43
N ILE A 58 -12.63 21.85 -12.49
CA ILE A 58 -12.71 22.56 -13.76
C ILE A 58 -13.84 22.00 -14.61
N SER A 59 -14.15 20.72 -14.44
CA SER A 59 -15.27 20.10 -15.13
C SER A 59 -16.57 20.50 -14.43
N ILE A 60 -17.51 21.04 -15.20
CA ILE A 60 -18.82 21.38 -14.64
C ILE A 60 -19.69 20.14 -14.54
N GLY A 61 -19.45 19.16 -15.39
CA GLY A 61 -20.30 17.99 -15.45
C GLY A 61 -20.04 17.18 -16.71
N THR A 62 -21.09 16.90 -17.46
CA THR A 62 -20.94 16.16 -18.71
C THR A 62 -20.08 16.94 -19.69
N GLN A 63 -19.61 16.25 -20.73
CA GLN A 63 -18.77 16.87 -21.72
C GLN A 63 -19.59 17.53 -22.82
N ILE A 64 -20.89 17.23 -22.88
CA ILE A 64 -21.77 17.78 -23.89
C ILE A 64 -23.10 18.11 -23.24
N SER A 65 -23.74 19.17 -23.72
CA SER A 65 -25.07 19.57 -23.30
C SER A 65 -25.82 20.05 -24.52
N CYS A 66 -27.10 19.69 -24.63
CA CYS A 66 -27.79 19.84 -25.91
C CYS A 66 -29.05 20.69 -25.88
N PHE A 67 -29.56 21.06 -24.70
CA PHE A 67 -30.73 21.92 -24.61
C PHE A 67 -31.93 21.37 -25.36
N SER A 68 -32.49 20.27 -24.89
CA SER A 68 -33.75 19.77 -25.38
C SER A 68 -34.86 20.75 -25.03
N PRO A 69 -36.02 20.66 -25.70
CA PRO A 69 -37.13 21.53 -25.33
C PRO A 69 -37.61 21.29 -23.92
N SER A 70 -38.43 22.21 -23.43
CA SER A 70 -38.94 22.10 -22.07
C SER A 70 -39.91 20.95 -21.93
N SER A 71 -40.61 20.60 -23.02
CA SER A 71 -41.57 19.51 -22.96
C SER A 71 -40.88 18.17 -22.78
N PHE A 72 -39.63 18.06 -23.22
CA PHE A 72 -38.89 16.81 -23.10
C PHE A 72 -38.71 16.44 -21.63
N SER A 73 -38.88 15.16 -21.34
CA SER A 73 -38.64 14.68 -20.00
C SER A 73 -37.14 14.65 -19.71
N TRP A 74 -36.80 14.31 -18.47
CA TRP A 74 -35.40 14.20 -18.08
C TRP A 74 -34.69 13.15 -18.93
N ARG A 75 -35.33 12.00 -19.13
CA ARG A 75 -34.68 10.91 -19.83
C ARG A 75 -34.62 11.19 -21.33
N GLN A 76 -35.61 11.92 -21.86
CA GLN A 76 -35.55 12.30 -23.27
C GLN A 76 -34.39 13.26 -23.51
N ALA A 77 -34.19 14.21 -22.61
CA ALA A 77 -33.05 15.11 -22.72
C ALA A 77 -31.73 14.35 -22.58
N ALA A 78 -31.68 13.38 -21.67
CA ALA A 78 -30.48 12.54 -21.57
C ALA A 78 -30.24 11.79 -22.86
N PHE A 79 -31.31 11.31 -23.50
CA PHE A 79 -31.15 10.64 -24.78
C PHE A 79 -30.60 11.59 -25.83
N VAL A 80 -31.10 12.83 -25.86
CA VAL A 80 -30.61 13.78 -26.84
C VAL A 80 -29.12 14.04 -26.63
N ASP A 81 -28.74 14.26 -25.37
CA ASP A 81 -27.32 14.51 -25.07
C ASP A 81 -26.46 13.34 -25.52
N SER A 82 -26.81 12.12 -25.11
CA SER A 82 -25.99 10.97 -25.43
C SER A 82 -26.00 10.68 -26.93
N TYR A 83 -27.14 10.87 -27.59
CA TYR A 83 -27.21 10.66 -29.02
C TYR A 83 -26.29 11.61 -29.75
N CYS A 84 -26.30 12.88 -29.39
CA CYS A 84 -25.46 13.83 -30.11
C CYS A 84 -24.00 13.60 -29.80
N TRP A 85 -23.69 13.23 -28.56
CA TRP A 85 -22.33 12.83 -28.22
C TRP A 85 -21.84 11.70 -29.12
N ALA A 86 -22.68 10.68 -29.31
CA ALA A 86 -22.30 9.59 -30.19
C ALA A 86 -22.40 9.98 -31.65
N ALA A 87 -23.10 11.07 -31.94
CA ALA A 87 -23.40 11.49 -33.30
C ALA A 87 -22.41 12.50 -33.83
N VAL A 88 -21.45 12.96 -33.02
CA VAL A 88 -20.37 13.77 -33.59
C VAL A 88 -19.61 12.96 -34.64
N GLN A 89 -19.71 11.63 -34.60
CA GLN A 89 -19.07 10.80 -35.62
C GLN A 89 -19.93 10.71 -36.87
N GLN A 90 -21.20 10.33 -36.73
CA GLN A 90 -22.09 10.18 -37.86
C GLN A 90 -22.31 11.54 -38.50
N LYS A 91 -21.71 11.76 -39.67
CA LYS A 91 -21.69 13.09 -40.26
C LYS A 91 -23.06 13.52 -40.75
N ASN A 92 -23.95 12.56 -41.01
CA ASN A 92 -25.26 12.91 -41.54
C ASN A 92 -26.13 13.59 -40.50
N SER A 93 -25.96 13.25 -39.22
CA SER A 93 -26.87 13.74 -38.20
C SER A 93 -26.58 15.18 -37.84
N LEU A 94 -25.31 15.55 -37.67
CA LEU A 94 -24.94 16.84 -37.13
C LEU A 94 -24.54 17.79 -38.26
N GLN A 95 -24.90 19.05 -38.11
CA GLN A 95 -24.53 20.10 -39.05
C GLN A 95 -23.77 21.18 -38.28
N SER A 96 -22.49 21.34 -38.59
CA SER A 96 -21.64 22.31 -37.91
C SER A 96 -21.02 23.24 -38.94
N GLU A 97 -20.91 24.52 -38.56
CA GLU A 97 -20.34 25.51 -39.47
C GLU A 97 -18.87 25.23 -39.76
N SER A 98 -18.11 24.81 -38.75
CA SER A 98 -16.68 24.58 -38.95
C SER A 98 -16.42 23.26 -39.68
N GLY A 99 -17.26 22.27 -39.43
CA GLY A 99 -17.12 20.95 -40.04
C GLY A 99 -17.13 19.85 -39.00
N ASN A 100 -17.08 18.61 -39.51
CA ASN A 100 -17.12 17.46 -38.62
C ASN A 100 -15.75 17.17 -38.02
N LEU A 101 -14.68 17.56 -38.71
CA LEU A 101 -13.34 17.35 -38.18
C LEU A 101 -13.12 18.06 -36.86
N PRO A 102 -13.51 19.34 -36.67
CA PRO A 102 -13.39 19.92 -35.34
C PRO A 102 -14.15 19.16 -34.28
N LEU A 103 -15.31 18.60 -34.64
CA LEU A 103 -16.09 17.84 -33.68
C LEU A 103 -15.35 16.58 -33.26
N TRP A 104 -14.81 15.85 -34.23
CA TRP A 104 -13.98 14.70 -33.93
C TRP A 104 -12.83 15.08 -33.01
N LEU A 105 -12.16 16.18 -33.31
CA LEU A 105 -11.00 16.58 -32.52
C LEU A 105 -11.40 17.00 -31.12
N HIS A 106 -12.59 17.57 -30.97
CA HIS A 106 -13.05 18.00 -29.66
C HIS A 106 -13.45 16.81 -28.80
N LYS A 107 -14.09 15.81 -29.40
CA LYS A 107 -14.47 14.64 -28.62
C LYS A 107 -13.25 13.83 -28.20
N PHE A 108 -12.29 13.65 -29.12
CA PHE A 108 -11.17 12.75 -28.90
C PHE A 108 -9.87 13.48 -28.59
N PHE A 109 -9.95 14.70 -28.07
CA PHE A 109 -8.75 15.41 -27.66
C PHE A 109 -7.95 14.66 -26.61
N PRO A 110 -8.54 14.11 -25.54
CA PRO A 110 -7.73 13.34 -24.59
C PRO A 110 -7.05 12.15 -25.24
N TYR A 111 -7.73 11.46 -26.16
CA TYR A 111 -7.12 10.33 -26.83
C TYR A 111 -5.94 10.77 -27.66
N ILE A 112 -6.05 11.91 -28.33
CA ILE A 112 -4.96 12.37 -29.19
C ILE A 112 -3.76 12.78 -28.33
N LEU A 113 -4.01 13.43 -27.20
CA LEU A 113 -2.91 13.78 -26.32
C LEU A 113 -2.24 12.53 -25.74
N LEU A 114 -3.03 11.53 -25.35
CA LEU A 114 -2.44 10.29 -24.87
C LEU A 114 -1.65 9.60 -25.98
N LEU A 115 -2.14 9.68 -27.21
CA LEU A 115 -1.41 9.10 -28.34
C LEU A 115 -0.07 9.78 -28.51
N PHE A 116 -0.05 11.11 -28.39
CA PHE A 116 1.22 11.83 -28.49
C PHE A 116 2.15 11.47 -27.34
N ALA A 117 1.61 11.32 -26.14
CA ALA A 117 2.43 10.91 -25.01
C ALA A 117 3.05 9.54 -25.26
N ILE A 118 2.26 8.60 -25.77
CA ILE A 118 2.77 7.26 -26.02
C ILE A 118 3.83 7.28 -27.11
N LEU A 119 3.55 7.95 -28.23
CA LEU A 119 4.53 8.02 -29.30
C LEU A 119 5.80 8.71 -28.85
N LEU A 120 5.70 9.67 -27.93
CA LEU A 120 6.90 10.34 -27.45
C LEU A 120 7.64 9.47 -26.45
N TYR A 121 6.94 8.57 -25.79
CA TYR A 121 7.60 7.63 -24.89
C TYR A 121 8.24 6.48 -25.64
N LEU A 122 7.81 6.21 -26.86
CA LEU A 122 8.33 5.06 -27.61
C LEU A 122 9.84 5.15 -27.89
N PRO A 123 10.39 6.25 -28.39
CA PRO A 123 11.83 6.28 -28.68
C PRO A 123 12.69 6.11 -27.43
N PRO A 124 12.36 6.76 -26.30
CA PRO A 124 13.13 6.46 -25.09
C PRO A 124 13.03 5.00 -24.67
N LEU A 125 11.89 4.36 -24.90
CA LEU A 125 11.76 2.95 -24.58
C LEU A 125 12.64 2.10 -25.49
N PHE A 126 12.65 2.41 -26.79
CA PHE A 126 13.52 1.70 -27.71
C PHE A 126 14.98 1.88 -27.33
N TRP A 127 15.35 3.07 -26.87
CA TRP A 127 16.72 3.28 -26.43
C TRP A 127 17.00 2.49 -25.15
N ARG A 128 16.05 2.45 -24.23
CA ARG A 128 16.27 1.78 -22.96
C ARG A 128 16.37 0.27 -23.15
N PHE A 129 15.77 -0.27 -24.20
CA PHE A 129 15.76 -1.71 -24.38
C PHE A 129 16.75 -2.21 -25.41
N ALA A 130 16.92 -1.48 -26.52
CA ALA A 130 17.77 -1.97 -27.60
C ALA A 130 19.22 -1.55 -27.42
N ALA A 131 19.45 -0.30 -27.03
CA ALA A 131 20.80 0.24 -26.99
C ALA A 131 21.31 0.57 -25.59
N ALA A 132 20.46 0.54 -24.57
CA ALA A 132 20.93 0.86 -23.22
C ALA A 132 21.82 -0.22 -22.63
N PRO A 133 21.49 -1.52 -22.73
CA PRO A 133 22.40 -2.52 -22.16
C PRO A 133 23.74 -2.59 -22.86
N HIS A 134 23.76 -2.41 -24.18
CA HIS A 134 25.02 -2.43 -24.91
C HIS A 134 25.96 -1.35 -24.40
N ILE A 135 25.43 -0.16 -24.15
CA ILE A 135 26.28 0.92 -23.65
C ILE A 135 26.55 0.73 -22.17
N CYS A 136 25.63 0.08 -21.45
CA CYS A 136 25.80 -0.10 -20.01
C CYS A 136 26.95 -1.04 -19.71
N SER A 137 27.00 -2.19 -20.39
CA SER A 137 28.10 -3.12 -20.18
C SER A 137 29.44 -2.47 -20.51
N ASP A 138 29.52 -1.80 -21.66
CA ASP A 138 30.76 -1.15 -22.06
C ASP A 138 31.17 -0.07 -21.07
N LEU A 139 30.22 0.73 -20.59
CA LEU A 139 30.56 1.81 -19.68
C LEU A 139 31.00 1.27 -18.32
N LYS A 140 30.34 0.23 -17.84
CA LYS A 140 30.75 -0.39 -16.59
C LYS A 140 32.15 -0.99 -16.72
N PHE A 141 32.44 -1.61 -17.87
CA PHE A 141 33.77 -2.14 -18.08
C PHE A 141 34.81 -1.03 -18.13
N ILE A 142 34.49 0.09 -18.78
CA ILE A 142 35.44 1.19 -18.88
C ILE A 142 35.70 1.79 -17.50
N MET A 143 34.66 1.93 -16.69
CA MET A 143 34.85 2.45 -15.34
C MET A 143 35.69 1.51 -14.49
N GLU A 144 35.41 0.20 -14.57
CA GLU A 144 36.23 -0.76 -13.84
C GLU A 144 37.69 -0.72 -14.29
N GLU A 145 37.93 -0.63 -15.59
CA GLU A 145 39.29 -0.59 -16.10
C GLU A 145 39.99 0.70 -15.67
N LEU A 146 39.26 1.81 -15.60
CA LEU A 146 39.87 3.05 -15.14
C LEU A 146 40.23 2.97 -13.67
N ASP A 147 39.34 2.43 -12.85
CA ASP A 147 39.68 2.24 -11.44
C ASP A 147 40.89 1.33 -11.30
N LYS A 148 40.96 0.28 -12.12
CA LYS A 148 42.09 -0.66 -12.02
C LYS A 148 43.40 0.02 -12.42
N VAL A 149 43.39 0.79 -13.51
CA VAL A 149 44.61 1.46 -13.93
C VAL A 149 45.04 2.49 -12.90
N TYR A 150 44.09 3.16 -12.26
CA TYR A 150 44.42 4.10 -11.20
C TYR A 150 45.08 3.38 -10.02
N ASN A 151 44.47 2.26 -9.60
CA ASN A 151 45.06 1.49 -8.51
C ASN A 151 46.46 1.02 -8.85
N ARG A 152 46.66 0.54 -10.07
CA ARG A 152 47.99 0.06 -10.45
C ARG A 152 49.00 1.19 -10.51
N ALA A 153 48.56 2.37 -10.99
CA ALA A 153 49.47 3.51 -11.05
C ALA A 153 49.90 3.95 -9.66
N ILE A 154 48.96 3.99 -8.71
CA ILE A 154 49.33 4.42 -7.36
C ILE A 154 50.13 3.33 -6.65
N LYS A 155 49.89 2.07 -6.99
CA LYS A 155 50.69 0.99 -6.41
C LYS A 155 52.13 1.06 -6.92
N ALA A 156 52.31 1.34 -8.21
CA ALA A 156 53.65 1.54 -8.75
C ALA A 156 54.31 2.76 -8.11
N ALA A 157 53.54 3.83 -7.93
CA ALA A 157 54.09 5.02 -7.28
C ALA A 157 54.40 4.75 -5.82
N LYS A 158 53.54 3.97 -5.14
CA LYS A 158 53.80 3.64 -3.74
C LYS A 158 55.05 2.79 -3.60
N SER A 159 55.24 1.83 -4.50
CA SER A 159 56.44 1.01 -4.47
C SER A 159 57.68 1.84 -4.74
N ALA A 160 57.56 2.85 -5.60
CA ALA A 160 58.68 3.75 -5.84
C ALA A 160 59.01 4.58 -4.61
N ARG A 161 57.96 5.00 -3.87
CA ARG A 161 58.19 5.76 -2.65
C ARG A 161 58.85 4.89 -1.58
N ASP A 162 58.62 3.58 -1.64
CA ASP A 162 59.21 2.65 -0.69
C ASP A 162 60.65 2.32 -1.08
N PHE A 191 53.23 -6.61 -18.76
CA PHE A 191 51.89 -6.10 -19.03
C PHE A 191 51.95 -4.64 -19.51
N LYS A 192 51.32 -3.76 -18.75
CA LYS A 192 51.28 -2.32 -19.06
C LYS A 192 50.71 -2.07 -20.44
N TYR A 193 49.50 -2.57 -20.68
CA TYR A 193 48.82 -2.40 -21.96
C TYR A 193 47.66 -1.43 -21.79
N PRO A 194 47.56 -0.39 -22.61
CA PRO A 194 46.41 0.51 -22.53
C PRO A 194 45.16 -0.14 -23.09
N ILE A 195 44.52 -1.01 -22.30
CA ILE A 195 43.40 -1.78 -22.80
C ILE A 195 42.18 -0.90 -23.02
N VAL A 196 41.92 0.02 -22.08
CA VAL A 196 40.74 0.88 -22.21
C VAL A 196 40.94 1.88 -23.34
N GLU A 197 42.17 2.35 -23.54
CA GLU A 197 42.44 3.24 -24.65
C GLU A 197 42.23 2.53 -25.98
N GLN A 198 42.67 1.27 -26.08
CA GLN A 198 42.44 0.51 -27.31
C GLN A 198 40.95 0.24 -27.52
N TYR A 199 40.22 -0.02 -26.43
CA TYR A 199 38.79 -0.24 -26.56
C TYR A 199 38.08 1.00 -27.09
N LEU A 200 38.45 2.16 -26.58
CA LEU A 200 37.84 3.40 -27.07
C LEU A 200 38.26 3.69 -28.51
N LYS A 201 39.51 3.39 -28.85
CA LYS A 201 39.95 3.50 -30.23
C LYS A 201 39.08 2.63 -31.13
N THR A 202 38.71 1.45 -30.64
CA THR A 202 37.82 0.59 -31.42
C THR A 202 36.43 1.19 -31.53
N LYS A 203 35.90 1.72 -30.43
CA LYS A 203 34.60 2.38 -30.45
C LYS A 203 34.59 3.52 -31.46
N LYS A 204 35.73 4.16 -31.68
CA LYS A 204 35.84 5.25 -32.65
C LYS A 204 35.47 4.81 -34.06
N ASN A 205 35.45 3.50 -34.30
CA ASN A 205 35.22 2.98 -35.65
C ASN A 205 33.74 2.75 -35.92
N SER A 206 33.09 1.95 -35.07
CA SER A 206 31.69 1.59 -35.31
C SER A 206 30.78 2.74 -34.92
N ASN A 207 29.65 2.83 -35.62
CA ASN A 207 28.68 3.90 -35.40
C ASN A 207 27.26 3.39 -35.18
N ASN A 208 27.11 2.14 -34.73
CA ASN A 208 25.77 1.59 -34.55
C ASN A 208 25.03 2.29 -33.42
N LEU A 209 25.69 2.45 -32.28
CA LEU A 209 25.02 3.07 -31.14
C LEU A 209 24.67 4.53 -31.43
N ILE A 210 25.53 5.22 -32.18
CA ILE A 210 25.26 6.64 -32.42
C ILE A 210 24.13 6.81 -33.41
N ILE A 211 24.00 5.92 -34.38
CA ILE A 211 22.86 6.05 -35.30
C ILE A 211 21.58 5.64 -34.59
N LYS A 212 21.65 4.67 -33.68
CA LYS A 212 20.49 4.37 -32.85
C LYS A 212 20.08 5.59 -32.03
N TYR A 213 21.05 6.27 -31.44
CA TYR A 213 20.77 7.43 -30.61
C TYR A 213 20.18 8.57 -31.42
N ILE A 214 20.82 8.94 -32.53
CA ILE A 214 20.30 10.05 -33.31
C ILE A 214 18.99 9.66 -33.99
N SER A 215 18.75 8.37 -34.17
CA SER A 215 17.47 7.96 -34.74
C SER A 215 16.34 8.10 -33.73
N CYS A 216 16.58 7.68 -32.48
CA CYS A 216 15.55 7.88 -31.47
C CYS A 216 15.32 9.36 -31.22
N ARG A 217 16.40 10.16 -31.22
CA ARG A 217 16.23 11.61 -31.07
C ARG A 217 15.49 12.21 -32.25
N LEU A 218 15.74 11.70 -33.45
CA LEU A 218 15.08 12.25 -34.63
C LEU A 218 13.61 11.90 -34.66
N LEU A 219 13.26 10.68 -34.25
CA LEU A 219 11.85 10.35 -34.12
C LEU A 219 11.18 11.17 -33.02
N THR A 220 11.89 11.41 -31.92
CA THR A 220 11.34 12.28 -30.89
C THR A 220 11.08 13.68 -31.44
N LEU A 221 12.01 14.21 -32.23
CA LEU A 221 11.82 15.54 -32.81
C LEU A 221 10.68 15.54 -33.81
N ILE A 222 10.57 14.49 -34.62
CA ILE A 222 9.50 14.43 -35.61
C ILE A 222 8.15 14.36 -34.94
N ILE A 223 8.03 13.56 -33.89
CA ILE A 223 6.76 13.44 -33.18
C ILE A 223 6.45 14.74 -32.45
N ILE A 224 7.46 15.40 -31.90
CA ILE A 224 7.23 16.68 -31.24
C ILE A 224 6.76 17.72 -32.24
N LEU A 225 7.32 17.72 -33.44
CA LEU A 225 6.89 18.68 -34.44
C LEU A 225 5.49 18.38 -34.94
N LEU A 226 5.15 17.10 -35.10
CA LEU A 226 3.80 16.74 -35.48
C LEU A 226 2.81 17.13 -34.39
N ALA A 227 3.20 16.97 -33.14
CA ALA A 227 2.34 17.39 -32.03
C ALA A 227 2.18 18.91 -32.02
N CYS A 228 3.26 19.64 -32.27
CA CYS A 228 3.16 21.09 -32.38
C CYS A 228 2.21 21.48 -33.49
N ILE A 229 2.30 20.83 -34.64
CA ILE A 229 1.41 21.15 -35.76
C ILE A 229 -0.04 20.87 -35.37
N TYR A 230 -0.30 19.71 -34.79
CA TYR A 230 -1.67 19.38 -34.41
C TYR A 230 -2.21 20.34 -33.36
N LEU A 231 -1.40 20.68 -32.36
CA LEU A 231 -1.87 21.55 -31.29
C LEU A 231 -2.07 22.97 -31.78
N GLY A 232 -1.21 23.42 -32.69
CA GLY A 232 -1.40 24.74 -33.27
C GLY A 232 -2.64 24.80 -34.13
N TYR A 233 -2.93 23.71 -34.85
CA TYR A 233 -4.17 23.66 -35.61
C TYR A 233 -5.37 23.66 -34.67
N TYR A 234 -5.35 22.78 -33.66
CA TYR A 234 -6.48 22.64 -32.76
C TYR A 234 -6.76 23.93 -32.02
N PHE A 235 -5.71 24.58 -31.51
CA PHE A 235 -5.88 25.88 -30.86
C PHE A 235 -6.38 26.93 -31.83
N SER A 236 -6.15 26.72 -33.13
CA SER A 236 -6.60 27.70 -34.12
C SER A 236 -8.08 27.56 -34.45
N LEU A 237 -8.75 26.55 -33.89
CA LEU A 237 -10.17 26.38 -34.18
C LEU A 237 -10.97 27.60 -33.74
N SER A 238 -12.16 27.76 -34.35
CA SER A 238 -12.90 29.00 -34.24
C SER A 238 -13.36 29.30 -32.82
N SER A 239 -13.28 28.34 -31.91
CA SER A 239 -13.73 28.40 -30.52
C SER A 239 -15.25 28.39 -30.45
N LEU A 240 -15.93 28.49 -31.58
CA LEU A 240 -17.35 28.20 -31.67
C LEU A 240 -17.62 26.89 -32.38
N SER A 241 -16.56 26.16 -32.73
CA SER A 241 -16.74 24.84 -33.34
C SER A 241 -17.20 23.82 -32.32
N ASP A 242 -17.19 24.18 -31.03
CA ASP A 242 -17.74 23.30 -30.01
C ASP A 242 -19.25 23.36 -29.96
N GLU A 243 -19.87 24.29 -30.67
CA GLU A 243 -21.32 24.36 -30.77
C GLU A 243 -21.72 23.78 -32.12
N PHE A 244 -22.45 22.67 -32.08
CA PHE A 244 -22.88 22.02 -33.30
C PHE A 244 -24.36 21.72 -33.18
N VAL A 245 -25.04 21.77 -34.31
CA VAL A 245 -26.46 21.48 -34.38
C VAL A 245 -26.62 19.98 -34.63
N CYS A 246 -27.45 19.34 -33.83
CA CYS A 246 -27.61 17.89 -33.85
C CYS A 246 -29.07 17.55 -34.00
N SER A 247 -29.36 16.50 -34.77
CA SER A 247 -30.72 16.13 -35.10
C SER A 247 -30.93 14.66 -34.82
N ILE A 248 -31.76 14.34 -33.83
CA ILE A 248 -32.06 12.94 -33.55
C ILE A 248 -33.28 12.54 -34.38
N LYS A 249 -33.05 12.27 -35.65
CA LYS A 249 -34.15 11.96 -36.58
C LYS A 249 -33.79 10.82 -37.52
N SER A 250 -32.96 9.88 -37.09
CA SER A 250 -32.76 8.66 -37.84
C SER A 250 -33.62 7.55 -37.26
N GLY A 251 -33.93 6.56 -38.09
CA GLY A 251 -34.77 5.47 -37.63
C GLY A 251 -36.23 5.89 -37.54
N ILE A 252 -36.92 5.31 -36.57
CA ILE A 252 -38.35 5.57 -36.41
C ILE A 252 -38.61 7.01 -35.96
N LEU A 253 -37.59 7.71 -35.48
CA LEU A 253 -37.79 9.09 -35.06
C LEU A 253 -37.82 10.04 -36.25
N ARG A 254 -37.55 9.51 -37.45
CA ARG A 254 -37.37 10.37 -38.62
C ARG A 254 -38.61 11.21 -38.89
N ASN A 255 -39.77 10.56 -38.99
CA ASN A 255 -40.99 11.30 -39.32
C ASN A 255 -41.79 11.62 -38.05
N ASP A 256 -41.22 11.38 -36.88
CA ASP A 256 -41.86 11.76 -35.64
C ASP A 256 -42.03 13.27 -35.57
N SER A 257 -43.08 13.71 -34.88
CA SER A 257 -43.42 15.13 -34.85
C SER A 257 -43.17 15.80 -33.51
N THR A 258 -43.26 15.07 -32.40
CA THR A 258 -43.06 15.67 -31.09
C THR A 258 -41.61 16.10 -30.89
N VAL A 259 -40.68 15.41 -31.55
CA VAL A 259 -39.26 15.71 -31.44
C VAL A 259 -38.92 16.84 -32.40
N PRO A 260 -38.24 17.89 -31.94
CA PRO A 260 -37.90 19.00 -32.84
C PRO A 260 -36.88 18.58 -33.89
N ASP A 261 -36.77 19.42 -34.92
CA ASP A 261 -35.94 19.07 -36.06
C ASP A 261 -34.48 18.98 -35.70
N GLN A 262 -34.00 19.89 -34.84
CA GLN A 262 -32.60 19.94 -34.52
C GLN A 262 -32.39 20.53 -33.14
N PHE A 263 -31.29 20.14 -32.50
CA PHE A 263 -30.95 20.57 -31.16
C PHE A 263 -29.64 21.35 -31.19
N GLN A 264 -29.53 22.35 -30.32
CA GLN A 264 -28.31 23.13 -30.21
C GLN A 264 -27.45 22.52 -29.11
N CYS A 265 -26.46 21.74 -29.52
CA CYS A 265 -25.55 21.12 -28.57
C CYS A 265 -24.26 21.93 -28.49
N LYS A 266 -23.62 21.86 -27.33
CA LYS A 266 -22.32 22.50 -27.12
C LYS A 266 -21.40 21.54 -26.40
N LEU A 267 -20.17 21.41 -26.89
CA LEU A 267 -19.18 20.56 -26.26
C LEU A 267 -18.49 21.35 -25.17
N ILE A 268 -18.92 21.13 -23.93
CA ILE A 268 -18.26 21.77 -22.79
C ILE A 268 -16.81 21.28 -22.74
N ALA A 269 -15.97 22.04 -22.04
CA ALA A 269 -14.56 21.73 -21.85
C ALA A 269 -13.77 21.77 -23.14
N VAL A 270 -14.26 22.44 -24.17
CA VAL A 270 -13.44 22.65 -25.37
C VAL A 270 -12.57 23.88 -25.20
N GLY A 271 -13.08 24.91 -24.52
CA GLY A 271 -12.23 26.03 -24.18
C GLY A 271 -11.06 25.61 -23.32
N ILE A 272 -11.30 24.71 -22.37
CA ILE A 272 -10.21 24.15 -21.57
C ILE A 272 -9.25 23.38 -22.46
N PHE A 273 -9.78 22.63 -23.43
CA PHE A 273 -8.91 21.89 -24.34
C PHE A 273 -8.01 22.83 -25.12
N GLN A 274 -8.55 23.96 -25.58
CA GLN A 274 -7.74 24.88 -26.37
C GLN A 274 -6.71 25.60 -25.49
N LEU A 275 -7.12 26.01 -24.30
CA LEU A 275 -6.19 26.65 -23.39
C LEU A 275 -5.07 25.71 -22.98
N LEU A 276 -5.35 24.41 -22.90
CA LEU A 276 -4.30 23.45 -22.57
C LEU A 276 -3.47 23.10 -23.79
N SER A 277 -4.08 23.13 -24.97
CA SER A 277 -3.35 22.83 -26.18
C SER A 277 -2.34 23.91 -26.49
N VAL A 278 -2.67 25.17 -26.18
CA VAL A 278 -1.70 26.22 -26.41
C VAL A 278 -0.53 26.12 -25.43
N ILE A 279 -0.82 25.67 -24.20
CA ILE A 279 0.26 25.44 -23.23
C ILE A 279 1.18 24.33 -23.72
N ASN A 280 0.58 23.22 -24.16
CA ASN A 280 1.36 22.11 -24.70
C ASN A 280 2.17 22.54 -25.90
N LEU A 281 1.59 23.36 -26.78
CA LEU A 281 2.31 23.84 -27.95
C LEU A 281 3.47 24.73 -27.57
N VAL A 282 3.28 25.61 -26.60
CA VAL A 282 4.37 26.47 -26.15
C VAL A 282 5.50 25.64 -25.58
N VAL A 283 5.18 24.71 -24.68
CA VAL A 283 6.22 23.88 -24.09
C VAL A 283 6.91 23.04 -25.15
N TYR A 284 6.17 22.59 -26.17
CA TYR A 284 6.76 21.74 -27.18
C TYR A 284 7.66 22.53 -28.13
N VAL A 285 7.30 23.77 -28.43
CA VAL A 285 8.17 24.57 -29.29
C VAL A 285 9.35 25.12 -28.50
N LEU A 286 9.26 25.08 -27.17
CA LEU A 286 10.44 25.33 -26.36
C LEU A 286 11.31 24.08 -26.26
N LEU A 287 10.69 22.90 -26.36
CA LEU A 287 11.43 21.66 -26.22
C LEU A 287 12.12 21.27 -27.53
N ALA A 288 11.52 21.61 -28.66
CA ALA A 288 12.10 21.22 -29.94
C ALA A 288 13.51 21.73 -30.17
N PRO A 289 13.86 22.99 -29.83
CA PRO A 289 15.27 23.37 -29.97
C PRO A 289 16.19 22.54 -29.09
N VAL A 290 15.73 22.12 -27.92
CA VAL A 290 16.54 21.27 -27.05
C VAL A 290 16.83 19.94 -27.73
N VAL A 291 15.82 19.36 -28.37
CA VAL A 291 16.03 18.09 -29.06
C VAL A 291 16.95 18.29 -30.26
N VAL A 292 16.78 19.40 -30.99
CA VAL A 292 17.64 19.66 -32.14
C VAL A 292 19.09 19.81 -31.69
N TYR A 293 19.32 20.50 -30.58
CA TYR A 293 20.67 20.63 -30.06
C TYR A 293 21.22 19.28 -29.62
N THR A 294 20.38 18.47 -28.97
CA THR A 294 20.78 17.12 -28.58
C THR A 294 21.19 16.31 -29.80
N LEU A 295 20.57 16.56 -30.94
CA LEU A 295 20.85 15.79 -32.15
C LEU A 295 22.32 15.91 -32.56
N PHE A 296 22.96 17.04 -32.24
CA PHE A 296 24.37 17.24 -32.59
C PHE A 296 25.25 16.72 -31.45
N VAL A 297 25.43 15.40 -31.45
CA VAL A 297 26.15 14.70 -30.40
C VAL A 297 27.64 15.06 -30.35
N PRO A 298 28.37 15.30 -31.48
CA PRO A 298 29.80 15.62 -31.33
C PRO A 298 30.00 16.97 -30.68
N PHE A 299 29.16 17.94 -31.06
CA PHE A 299 29.28 19.29 -30.50
C PHE A 299 29.13 19.27 -28.98
N ARG A 300 28.30 18.38 -28.46
CA ARG A 300 28.11 18.30 -27.02
C ARG A 300 29.26 17.60 -26.30
N GLN A 301 30.04 16.79 -27.01
CA GLN A 301 31.20 16.16 -26.39
C GLN A 301 32.24 17.22 -26.08
N LYS A 302 32.33 17.60 -24.80
CA LYS A 302 33.21 18.67 -24.38
C LYS A 302 33.77 18.33 -23.01
N THR A 303 34.75 19.13 -22.58
CA THR A 303 35.43 18.92 -21.31
C THR A 303 35.98 17.50 -21.22
N ASP A 304 36.95 17.20 -22.10
CA ASP A 304 37.48 15.86 -22.28
C ASP A 304 37.74 15.17 -20.96
N VAL A 305 36.97 14.14 -20.66
CA VAL A 305 36.93 13.55 -19.32
C VAL A 305 38.18 12.72 -19.06
N LEU A 306 38.67 12.04 -20.11
CA LEU A 306 39.85 11.21 -19.94
C LEU A 306 41.13 12.03 -19.85
N LYS A 307 41.07 13.32 -20.20
CA LYS A 307 42.25 14.16 -20.12
C LYS A 307 42.80 14.22 -18.70
N VAL A 308 41.94 14.03 -17.72
CA VAL A 308 42.38 14.04 -16.33
C VAL A 308 43.20 12.80 -16.00
N TYR A 309 43.02 11.72 -16.75
CA TYR A 309 43.77 10.49 -16.52
C TYR A 309 45.15 10.50 -17.16
N GLU A 310 45.47 11.53 -17.95
CA GLU A 310 46.73 11.52 -18.70
C GLU A 310 47.92 11.72 -17.78
N ILE A 311 47.67 12.03 -16.51
CA ILE A 311 48.76 12.33 -15.57
C ILE A 311 49.17 11.07 -14.83
N LEU A 312 48.70 9.91 -15.30
CA LEU A 312 49.05 8.65 -14.69
C LEU A 312 50.14 7.97 -15.51
N PRO A 313 51.18 7.42 -14.87
CA PRO A 313 52.20 6.69 -15.64
C PRO A 313 51.65 5.43 -16.29
N THR A 314 50.79 4.70 -15.59
CA THR A 314 50.20 3.47 -16.11
C THR A 314 49.16 3.73 -17.19
N PHE A 315 48.98 4.98 -17.59
CA PHE A 315 48.00 5.36 -18.60
C PHE A 315 48.72 6.13 -19.71
N ASP A 316 48.53 5.70 -20.94
CA ASP A 316 49.17 6.36 -22.07
C ASP A 316 48.70 7.80 -22.19
N VAL A 317 49.57 8.66 -22.71
CA VAL A 317 49.24 10.07 -22.85
C VAL A 317 48.51 10.27 -24.17
N LEU A 318 47.21 10.02 -24.18
CA LEU A 318 46.39 10.14 -25.38
C LEU A 318 44.93 10.24 -25.00
N HIS A 319 44.29 11.35 -25.36
CA HIS A 319 42.84 11.44 -25.22
C HIS A 319 42.14 10.68 -26.34
N PHE A 320 42.36 11.10 -27.58
CA PHE A 320 41.87 10.41 -28.78
C PHE A 320 40.36 10.19 -28.71
N LYS A 321 39.63 11.25 -28.40
CA LYS A 321 38.17 11.16 -28.33
C LYS A 321 37.56 12.49 -28.74
N SER A 322 37.22 12.60 -30.03
CA SER A 322 36.60 13.79 -30.59
C SER A 322 36.29 13.62 -32.07
N GLU A 323 35.53 14.56 -32.63
CA GLU A 323 35.37 14.77 -34.07
C GLU A 323 34.84 13.56 -34.82
N GLY A 324 33.60 13.15 -34.57
CA GLY A 324 33.03 12.09 -35.38
C GLY A 324 31.58 11.81 -35.06
N TYR A 325 30.85 11.39 -36.09
CA TYR A 325 29.51 10.82 -35.96
C TYR A 325 29.68 9.33 -35.72
N ASN A 326 30.39 8.98 -34.66
CA ASN A 326 30.71 7.60 -34.35
C ASN A 326 30.43 7.34 -32.88
N ASP A 327 30.37 6.05 -32.52
CA ASP A 327 29.94 5.68 -31.18
C ASP A 327 30.87 6.23 -30.12
N LEU A 328 32.08 6.65 -30.51
CA LEU A 328 33.01 7.18 -29.54
C LEU A 328 32.50 8.47 -28.91
N SER A 329 31.85 9.33 -29.70
CA SER A 329 31.32 10.57 -29.15
C SER A 329 30.17 10.29 -28.18
N LEU A 330 29.31 9.33 -28.52
CA LEU A 330 28.25 8.93 -27.62
C LEU A 330 28.82 8.39 -26.32
N TYR A 331 29.85 7.56 -26.41
CA TYR A 331 30.48 7.04 -25.21
C TYR A 331 31.14 8.15 -24.41
N ASN A 332 31.65 9.17 -25.10
CA ASN A 332 32.21 10.32 -24.41
C ASN A 332 31.14 11.04 -23.61
N LEU A 333 29.95 11.23 -24.20
CA LEU A 333 28.86 11.85 -23.46
C LEU A 333 28.47 11.01 -22.25
N PHE A 334 28.30 9.71 -22.44
CA PHE A 334 27.87 8.88 -21.32
C PHE A 334 28.94 8.78 -20.25
N LEU A 335 30.21 8.85 -20.65
CA LEU A 335 31.29 8.89 -19.67
C LEU A 335 31.29 10.20 -18.91
N GLU A 336 31.09 11.31 -19.62
CA GLU A 336 31.00 12.61 -18.95
C GLU A 336 29.86 12.62 -17.95
N GLU A 337 28.79 11.89 -18.24
CA GLU A 337 27.67 11.85 -17.30
C GLU A 337 27.98 10.95 -16.10
N ASN A 338 28.32 9.69 -16.35
CA ASN A 338 28.45 8.69 -15.30
C ASN A 338 29.82 8.65 -14.65
N ILE A 339 30.71 9.59 -15.00
CA ILE A 339 32.09 9.50 -14.54
C ILE A 339 32.22 9.99 -13.11
N SER A 340 31.22 10.76 -12.63
CA SER A 340 31.28 11.26 -11.27
C SER A 340 31.17 10.12 -10.27
N GLU A 341 30.59 8.99 -10.68
CA GLU A 341 30.53 7.83 -9.81
C GLU A 341 31.91 7.19 -9.63
N VAL A 342 32.81 7.45 -10.57
CA VAL A 342 34.14 6.85 -10.51
C VAL A 342 35.00 7.60 -9.52
N LYS A 343 35.41 6.90 -8.44
CA LYS A 343 36.19 7.54 -7.39
C LYS A 343 37.55 7.98 -7.91
N SER A 344 38.20 7.12 -8.69
CA SER A 344 39.51 7.48 -9.25
C SER A 344 39.42 8.75 -10.08
N TYR A 345 38.35 8.90 -10.86
CA TYR A 345 38.17 10.14 -11.61
C TYR A 345 38.02 11.32 -10.68
N LYS A 346 37.31 11.14 -9.57
CA LYS A 346 37.12 12.26 -8.64
C LYS A 346 38.47 12.71 -8.06
N CYS A 347 39.27 11.77 -7.58
CA CYS A 347 40.58 12.14 -7.03
C CYS A 347 41.48 12.74 -8.09
N LEU A 348 41.48 12.18 -9.29
CA LEU A 348 42.31 12.73 -10.35
C LEU A 348 41.88 14.14 -10.71
N LYS A 349 40.58 14.42 -10.68
CA LYS A 349 40.12 15.76 -10.97
C LYS A 349 40.49 16.72 -9.85
N VAL A 350 40.48 16.23 -8.61
CA VAL A 350 41.02 17.03 -7.52
C VAL A 350 42.45 17.43 -7.78
N LEU A 351 43.30 16.47 -8.14
CA LEU A 351 44.69 16.80 -8.45
C LEU A 351 44.80 17.74 -9.64
N GLU A 352 43.96 17.55 -10.66
CA GLU A 352 44.04 18.38 -11.85
C GLU A 352 43.66 19.83 -11.54
N ASN A 353 42.65 20.02 -10.69
CA ASN A 353 42.25 21.37 -10.30
C ASN A 353 43.33 22.04 -9.47
N ILE A 354 43.96 21.28 -8.57
CA ILE A 354 45.07 21.81 -7.79
C ILE A 354 46.21 22.21 -8.72
N LYS A 355 46.43 21.44 -9.79
CA LYS A 355 47.49 21.73 -10.74
C LYS A 355 47.32 23.08 -11.42
N SER A 356 46.12 23.64 -11.36
CA SER A 356 45.90 24.99 -11.91
C SER A 356 46.80 26.00 -11.22
N SER A 357 46.95 25.87 -9.90
CA SER A 357 47.90 26.73 -9.18
C SER A 357 49.33 26.33 -9.50
N GLY A 358 49.58 25.02 -9.65
CA GLY A 358 50.90 24.53 -9.96
C GLY A 358 51.88 24.54 -8.81
N GLN A 359 51.40 24.47 -7.56
CA GLN A 359 52.30 24.56 -6.42
C GLN A 359 53.21 23.33 -6.34
N GLY A 360 52.62 22.15 -6.20
CA GLY A 360 53.44 20.95 -6.01
C GLY A 360 53.68 20.18 -7.28
N ILE A 361 53.31 18.90 -7.29
CA ILE A 361 53.56 18.02 -8.43
C ILE A 361 52.52 16.92 -8.45
N ASP A 362 52.20 16.41 -9.63
CA ASP A 362 51.15 15.42 -9.79
C ASP A 362 51.47 14.10 -9.10
N PRO A 363 52.63 13.48 -9.34
CA PRO A 363 52.88 12.17 -8.69
C PRO A 363 53.00 12.27 -7.19
N MET A 364 53.59 13.36 -6.68
CA MET A 364 53.70 13.52 -5.24
C MET A 364 52.33 13.62 -4.59
N LEU A 365 51.45 14.48 -5.14
CA LEU A 365 50.11 14.62 -4.60
C LEU A 365 49.31 13.33 -4.75
N LEU A 366 49.57 12.58 -5.82
CA LEU A 366 48.88 11.30 -6.00
C LEU A 366 49.31 10.31 -4.92
N LEU A 367 50.62 10.20 -4.67
CA LEU A 367 51.09 9.34 -3.60
C LEU A 367 50.53 9.79 -2.25
N THR A 368 50.40 11.09 -2.06
CA THR A 368 49.79 11.59 -0.82
C THR A 368 48.34 11.17 -0.71
N ASN A 369 47.63 11.23 -1.84
CA ASN A 369 46.18 10.89 -2.00
C ASN A 369 45.80 9.67 -1.15
N LEU A 370 46.38 8.51 -1.50
CA LEU A 370 46.17 7.20 -0.83
C LEU A 370 44.69 6.82 -0.88
N GLY A 371 44.12 6.74 -2.09
CA GLY A 371 42.70 6.36 -2.29
C GLY A 371 42.58 5.29 -3.37
N MET A 372 43.00 4.06 -3.06
CA MET A 372 42.95 2.94 -4.03
C MET A 372 41.48 2.64 -4.40
N ILE A 373 40.59 2.68 -3.41
CA ILE A 373 39.14 2.40 -3.63
C ILE A 373 38.35 2.86 -2.40
N ALA B 2 -9.02 7.68 -14.76
CA ALA B 2 -8.44 8.76 -15.54
C ALA B 2 -7.60 8.22 -16.68
N ILE B 3 -7.55 8.97 -17.78
CA ILE B 3 -6.76 8.56 -18.94
C ILE B 3 -5.30 8.40 -18.57
N ALA B 4 -4.74 9.36 -17.84
CA ALA B 4 -3.32 9.31 -17.55
C ALA B 4 -2.97 8.14 -16.63
N GLN B 5 -3.89 7.76 -15.75
CA GLN B 5 -3.65 6.59 -14.91
C GLN B 5 -3.53 5.33 -15.74
N LEU B 6 -4.45 5.14 -16.70
CA LEU B 6 -4.37 3.99 -17.59
C LEU B 6 -3.10 4.04 -18.42
N ALA B 7 -2.73 5.24 -18.89
CA ALA B 7 -1.50 5.38 -19.64
C ALA B 7 -0.31 4.89 -18.82
N THR B 8 -0.16 5.40 -17.60
CA THR B 8 0.91 4.92 -16.74
C THR B 8 0.86 3.41 -16.59
N GLU B 9 -0.29 2.89 -16.16
CA GLU B 9 -0.41 1.47 -15.84
C GLU B 9 -0.05 0.57 -17.02
N TYR B 10 -0.39 0.98 -18.25
CA TYR B 10 -0.28 0.06 -19.36
C TYR B 10 0.83 0.35 -20.35
N VAL B 11 1.47 1.51 -20.30
CA VAL B 11 2.67 1.69 -21.11
C VAL B 11 3.84 2.10 -20.22
N PHE B 12 3.61 3.01 -19.27
CA PHE B 12 4.73 3.58 -18.54
C PHE B 12 5.11 2.70 -17.35
N SER B 13 4.17 1.96 -16.80
CA SER B 13 4.50 0.96 -15.80
C SER B 13 5.13 -0.24 -16.47
N ASP B 14 5.74 -1.10 -15.66
CA ASP B 14 6.35 -2.32 -16.17
C ASP B 14 5.30 -3.41 -16.34
N PHE B 15 4.21 -3.09 -17.04
CA PHE B 15 3.15 -4.06 -17.24
C PHE B 15 3.61 -5.16 -18.17
N LEU B 16 3.52 -6.40 -17.69
CA LEU B 16 4.00 -7.60 -18.38
C LEU B 16 5.49 -7.52 -18.70
N LEU B 17 6.23 -6.65 -18.02
CA LEU B 17 7.69 -6.61 -18.09
C LEU B 17 8.33 -7.07 -16.80
N LYS B 18 7.54 -7.60 -15.87
CA LYS B 18 8.08 -8.05 -14.59
C LYS B 18 8.97 -9.27 -14.77
N GLU B 19 10.18 -9.18 -14.25
CA GLU B 19 11.06 -10.33 -14.22
C GLU B 19 10.46 -11.40 -13.30
N PRO B 20 10.74 -12.67 -13.57
CA PRO B 20 10.20 -13.73 -12.73
C PRO B 20 10.65 -13.57 -11.27
N THR B 21 9.68 -13.32 -10.40
CA THR B 21 9.98 -13.11 -8.99
C THR B 21 10.33 -14.42 -8.32
N GLU B 22 11.55 -14.87 -8.53
CA GLU B 22 12.05 -16.14 -8.00
C GLU B 22 13.56 -16.21 -8.15
N PRO B 23 14.26 -16.82 -7.19
CA PRO B 23 15.72 -16.94 -7.30
C PRO B 23 16.20 -18.05 -8.23
N LYS B 24 15.30 -18.80 -8.87
CA LYS B 24 15.71 -19.83 -9.81
C LYS B 24 16.30 -19.21 -11.08
N PHE B 25 15.62 -18.19 -11.62
CA PHE B 25 16.12 -17.45 -12.77
C PHE B 25 16.49 -16.04 -12.30
N LYS B 26 17.78 -15.81 -12.12
CA LYS B 26 18.30 -14.54 -11.60
C LYS B 26 18.95 -13.80 -12.76
N GLY B 27 18.27 -12.77 -13.26
CA GLY B 27 18.76 -12.01 -14.38
C GLY B 27 18.62 -12.70 -15.73
N LEU B 28 18.19 -13.95 -15.75
CA LEU B 28 17.97 -14.66 -17.01
C LEU B 28 16.65 -14.20 -17.60
N ARG B 29 16.66 -13.87 -18.90
CA ARG B 29 15.48 -13.30 -19.51
C ARG B 29 14.41 -14.35 -19.77
N LEU B 30 14.78 -15.44 -20.42
CA LEU B 30 13.91 -16.56 -20.77
C LEU B 30 12.80 -16.19 -21.74
N GLU B 31 12.74 -14.93 -22.18
CA GLU B 31 11.82 -14.49 -23.22
C GLU B 31 12.55 -13.46 -24.06
N LEU B 32 12.71 -13.75 -25.35
CA LEU B 32 13.43 -12.87 -26.24
C LEU B 32 12.79 -11.48 -26.25
N ALA B 33 13.64 -10.46 -26.35
CA ALA B 33 13.15 -9.08 -26.24
C ALA B 33 12.05 -8.81 -27.25
N VAL B 34 12.19 -9.31 -28.48
CA VAL B 34 11.14 -9.10 -29.47
C VAL B 34 9.88 -9.86 -29.07
N ASP B 35 10.04 -11.04 -28.48
CA ASP B 35 8.87 -11.78 -28.01
C ASP B 35 8.22 -11.10 -26.81
N LYS B 36 9.04 -10.57 -25.90
CA LYS B 36 8.49 -9.86 -24.76
C LYS B 36 7.72 -8.62 -25.21
N MET B 37 8.25 -7.88 -26.19
CA MET B 37 7.54 -6.70 -26.65
C MET B 37 6.30 -7.05 -27.47
N VAL B 38 6.34 -8.14 -28.24
CA VAL B 38 5.14 -8.57 -28.96
C VAL B 38 4.06 -8.96 -27.98
N THR B 39 4.42 -9.70 -26.93
CA THR B 39 3.43 -10.05 -25.90
C THR B 39 2.89 -8.80 -25.22
N CYS B 40 3.78 -7.89 -24.81
CA CYS B 40 3.35 -6.68 -24.14
C CYS B 40 2.37 -5.90 -24.99
N ILE B 41 2.68 -5.71 -26.27
CA ILE B 41 1.78 -4.98 -27.15
C ILE B 41 0.47 -5.74 -27.31
N ALA B 42 0.54 -6.97 -27.81
CA ALA B 42 -0.66 -7.71 -28.17
C ALA B 42 -1.58 -7.94 -26.97
N VAL B 43 -1.04 -7.82 -25.76
CA VAL B 43 -1.89 -8.04 -24.59
C VAL B 43 -2.35 -6.72 -23.99
N GLY B 44 -1.43 -5.77 -23.81
CA GLY B 44 -1.78 -4.53 -23.15
C GLY B 44 -2.58 -3.60 -24.03
N LEU B 45 -2.40 -3.68 -25.35
CA LEU B 45 -3.15 -2.79 -26.24
C LEU B 45 -4.64 -3.04 -26.17
N PRO B 46 -5.15 -4.27 -26.27
CA PRO B 46 -6.59 -4.45 -26.08
C PRO B 46 -7.05 -4.05 -24.69
N LEU B 47 -6.24 -4.27 -23.67
CA LEU B 47 -6.62 -3.86 -22.32
C LEU B 47 -6.64 -2.34 -22.20
N LEU B 48 -5.61 -1.70 -22.74
CA LEU B 48 -5.49 -0.21 -22.72
C LEU B 48 -6.66 0.40 -23.50
N LEU B 49 -7.07 -0.27 -24.58
CA LEU B 49 -8.19 0.19 -25.45
C LEU B 49 -9.50 0.02 -24.68
N ILE B 50 -9.70 -1.13 -24.03
CA ILE B 50 -10.90 -1.33 -23.23
C ILE B 50 -11.00 -0.24 -22.17
N SER B 51 -9.91 0.03 -21.45
CA SER B 51 -9.93 1.02 -20.40
C SER B 51 -10.20 2.42 -20.95
N LEU B 52 -9.72 2.70 -22.17
CA LEU B 52 -9.98 3.99 -22.79
C LEU B 52 -11.43 4.11 -23.24
N ALA B 53 -12.00 3.03 -23.77
CA ALA B 53 -13.35 3.11 -24.33
C ALA B 53 -14.37 3.52 -23.28
N PHE B 54 -14.01 3.43 -22.01
CA PHE B 54 -14.91 3.83 -20.92
C PHE B 54 -14.24 4.80 -19.97
N ALA B 55 -13.22 5.52 -20.42
CA ALA B 55 -12.67 6.61 -19.64
C ALA B 55 -13.79 7.57 -19.27
N GLN B 56 -13.75 8.05 -18.02
CA GLN B 56 -14.89 8.79 -17.49
C GLN B 56 -15.18 10.06 -18.29
N GLU B 57 -14.21 10.53 -19.07
CA GLU B 57 -14.43 11.77 -19.83
C GLU B 57 -14.84 11.47 -21.26
N ILE B 58 -14.67 10.25 -21.73
CA ILE B 58 -15.15 9.90 -23.06
C ILE B 58 -16.55 9.31 -22.97
N SER B 59 -16.87 8.66 -21.85
CA SER B 59 -18.21 8.13 -21.62
C SER B 59 -19.13 9.28 -21.22
N ILE B 60 -20.24 9.43 -21.92
CA ILE B 60 -21.22 10.44 -21.55
C ILE B 60 -22.09 9.95 -20.41
N GLY B 61 -22.25 8.64 -20.29
CA GLY B 61 -23.15 8.08 -19.30
C GLY B 61 -23.41 6.62 -19.56
N THR B 62 -24.70 6.26 -19.64
CA THR B 62 -25.06 4.88 -19.92
C THR B 62 -24.56 4.47 -21.30
N GLN B 63 -24.54 3.16 -21.55
CA GLN B 63 -24.08 2.65 -22.83
C GLN B 63 -25.20 2.61 -23.85
N ILE B 64 -26.44 2.77 -23.42
CA ILE B 64 -27.58 2.74 -24.31
C ILE B 64 -28.56 3.81 -23.88
N SER B 65 -29.26 4.41 -24.85
CA SER B 65 -30.31 5.38 -24.60
C SER B 65 -31.42 5.12 -25.60
N CYS B 66 -32.67 5.20 -25.16
CA CYS B 66 -33.76 4.66 -25.95
C CYS B 66 -34.86 5.66 -26.32
N PHE B 67 -34.88 6.85 -25.74
CA PHE B 67 -35.87 7.87 -26.08
C PHE B 67 -37.31 7.37 -25.92
N SER B 68 -37.72 7.12 -24.69
CA SER B 68 -39.12 6.85 -24.40
C SER B 68 -39.95 8.09 -24.69
N PRO B 69 -41.27 7.95 -24.82
CA PRO B 69 -42.11 9.12 -25.01
C PRO B 69 -42.05 10.07 -23.82
N SER B 70 -42.57 11.27 -24.04
CA SER B 70 -42.56 12.27 -22.97
C SER B 70 -43.50 11.89 -21.83
N SER B 71 -44.56 11.15 -22.15
CA SER B 71 -45.52 10.76 -21.12
C SER B 71 -44.91 9.76 -20.15
N PHE B 72 -43.91 9.00 -20.61
CA PHE B 72 -43.28 8.01 -19.74
C PHE B 72 -42.60 8.69 -18.55
N SER B 73 -42.74 8.08 -17.39
CA SER B 73 -42.07 8.58 -16.22
C SER B 73 -40.57 8.28 -16.30
N TRP B 74 -39.84 8.78 -15.31
CA TRP B 74 -38.41 8.53 -15.26
C TRP B 74 -38.12 7.03 -15.17
N ARG B 75 -38.87 6.33 -14.31
CA ARG B 75 -38.61 4.92 -14.10
C ARG B 75 -39.08 4.08 -15.29
N GLN B 76 -40.14 4.52 -15.97
CA GLN B 76 -40.56 3.81 -17.18
C GLN B 76 -39.51 3.94 -18.28
N ALA B 77 -38.91 5.12 -18.42
CA ALA B 77 -37.83 5.27 -19.38
C ALA B 77 -36.62 4.46 -18.99
N ALA B 78 -36.30 4.40 -17.69
CA ALA B 78 -35.22 3.53 -17.25
C ALA B 78 -35.52 2.08 -17.57
N PHE B 79 -36.78 1.66 -17.43
CA PHE B 79 -37.15 0.30 -17.79
C PHE B 79 -36.95 0.06 -19.28
N VAL B 80 -37.34 1.03 -20.11
CA VAL B 80 -37.17 0.86 -21.54
C VAL B 80 -35.69 0.71 -21.89
N ASP B 81 -34.85 1.58 -21.31
CA ASP B 81 -33.41 1.50 -21.57
C ASP B 81 -32.86 0.13 -21.17
N SER B 82 -33.13 -0.29 -19.94
CA SER B 82 -32.56 -1.54 -19.45
C SER B 82 -33.12 -2.73 -20.22
N TYR B 83 -34.41 -2.69 -20.56
CA TYR B 83 -35.02 -3.77 -21.31
C TYR B 83 -34.37 -3.92 -22.67
N CYS B 84 -34.16 -2.81 -23.37
CA CYS B 84 -33.56 -2.91 -24.70
C CYS B 84 -32.11 -3.33 -24.61
N TRP B 85 -31.40 -2.85 -23.60
CA TRP B 85 -30.04 -3.30 -23.35
C TRP B 85 -30.00 -4.82 -23.18
N ALA B 86 -30.92 -5.37 -22.40
CA ALA B 86 -30.95 -6.82 -22.24
C ALA B 86 -31.56 -7.50 -23.46
N ALA B 87 -32.23 -6.73 -24.30
CA ALA B 87 -32.97 -7.28 -25.44
C ALA B 87 -32.17 -7.26 -26.72
N VAL B 88 -30.95 -6.72 -26.72
CA VAL B 88 -30.11 -6.90 -27.89
C VAL B 88 -29.83 -8.39 -28.12
N GLN B 89 -30.01 -9.22 -27.10
CA GLN B 89 -29.84 -10.65 -27.27
C GLN B 89 -31.11 -11.28 -27.85
N GLN B 90 -32.25 -11.05 -27.22
CA GLN B 90 -33.51 -11.64 -27.67
C GLN B 90 -33.85 -11.08 -29.05
N LYS B 91 -33.70 -11.91 -30.09
CA LYS B 91 -33.79 -11.41 -31.45
C LYS B 91 -35.22 -11.02 -31.81
N ASN B 92 -36.21 -11.55 -31.10
CA ASN B 92 -37.60 -11.27 -31.45
C ASN B 92 -37.98 -9.84 -31.11
N SER B 93 -37.37 -9.27 -30.06
CA SER B 93 -37.81 -7.96 -29.58
C SER B 93 -37.31 -6.85 -30.48
N LEU B 94 -36.04 -6.89 -30.88
CA LEU B 94 -35.40 -5.77 -31.55
C LEU B 94 -35.38 -6.03 -33.06
N GLN B 95 -35.58 -4.96 -33.83
CA GLN B 95 -35.49 -5.00 -35.28
C GLN B 95 -34.42 -4.00 -35.72
N SER B 96 -33.33 -4.50 -36.29
CA SER B 96 -32.23 -3.67 -36.73
C SER B 96 -31.96 -3.93 -38.21
N GLU B 97 -31.63 -2.85 -38.93
CA GLU B 97 -31.36 -2.97 -40.36
C GLU B 97 -30.11 -3.82 -40.63
N SER B 98 -29.07 -3.66 -39.82
CA SER B 98 -27.83 -4.41 -40.06
C SER B 98 -27.96 -5.85 -39.61
N GLY B 99 -28.72 -6.09 -38.55
CA GLY B 99 -28.89 -7.42 -38.00
C GLY B 99 -28.61 -7.47 -36.51
N ASN B 100 -28.83 -8.65 -35.94
CA ASN B 100 -28.64 -8.82 -34.51
C ASN B 100 -27.17 -9.05 -34.17
N LEU B 101 -26.40 -9.58 -35.11
CA LEU B 101 -24.98 -9.78 -34.87
C LEU B 101 -24.24 -8.50 -34.59
N PRO B 102 -24.44 -7.40 -35.33
CA PRO B 102 -23.80 -6.13 -34.92
C PRO B 102 -24.19 -5.70 -33.53
N LEU B 103 -25.43 -5.95 -33.13
CA LEU B 103 -25.86 -5.57 -31.78
C LEU B 103 -25.11 -6.37 -30.73
N TRP B 104 -25.02 -7.69 -30.93
CA TRP B 104 -24.22 -8.52 -30.04
C TRP B 104 -22.79 -8.00 -29.96
N LEU B 105 -22.20 -7.68 -31.10
CA LEU B 105 -20.80 -7.25 -31.11
C LEU B 105 -20.64 -5.89 -30.43
N HIS B 106 -21.66 -5.04 -30.52
CA HIS B 106 -21.56 -3.72 -29.90
C HIS B 106 -21.71 -3.82 -28.39
N LYS B 107 -22.59 -4.69 -27.91
CA LYS B 107 -22.75 -4.83 -26.48
C LYS B 107 -21.52 -5.48 -25.85
N PHE B 108 -20.97 -6.51 -26.49
CA PHE B 108 -19.92 -7.33 -25.91
C PHE B 108 -18.55 -7.04 -26.50
N PHE B 109 -18.35 -5.85 -27.05
CA PHE B 109 -17.03 -5.48 -27.54
C PHE B 109 -15.96 -5.52 -26.46
N PRO B 110 -16.17 -4.99 -25.25
CA PRO B 110 -15.13 -5.13 -24.23
C PRO B 110 -14.81 -6.57 -23.91
N TYR B 111 -15.83 -7.43 -23.85
CA TYR B 111 -15.59 -8.84 -23.56
C TYR B 111 -14.76 -9.48 -24.67
N ILE B 112 -15.02 -9.13 -25.92
CA ILE B 112 -14.28 -9.73 -27.02
C ILE B 112 -12.84 -9.26 -27.01
N LEU B 113 -12.61 -7.97 -26.70
CA LEU B 113 -11.23 -7.51 -26.61
C LEU B 113 -10.50 -8.17 -25.44
N LEU B 114 -11.17 -8.33 -24.30
CA LEU B 114 -10.53 -9.03 -23.20
C LEU B 114 -10.25 -10.48 -23.55
N LEU B 115 -11.14 -11.10 -24.31
CA LEU B 115 -10.92 -12.47 -24.76
C LEU B 115 -9.68 -12.56 -25.63
N PHE B 116 -9.53 -11.59 -26.53
CA PHE B 116 -8.33 -11.57 -27.38
C PHE B 116 -7.08 -11.34 -26.55
N ALA B 117 -7.16 -10.45 -25.56
CA ALA B 117 -6.01 -10.23 -24.69
C ALA B 117 -5.63 -11.51 -23.96
N ILE B 118 -6.61 -12.24 -23.44
CA ILE B 118 -6.33 -13.47 -22.71
C ILE B 118 -5.73 -14.52 -23.64
N LEU B 119 -6.35 -14.74 -24.80
CA LEU B 119 -5.83 -15.72 -25.75
C LEU B 119 -4.43 -15.35 -26.21
N LEU B 120 -4.13 -14.06 -26.30
CA LEU B 120 -2.79 -13.67 -26.72
C LEU B 120 -1.79 -13.80 -25.58
N TYR B 121 -2.28 -13.74 -24.34
CA TYR B 121 -1.41 -13.98 -23.19
C TYR B 121 -1.16 -15.46 -22.96
N LEU B 122 -2.03 -16.33 -23.47
CA LEU B 122 -1.89 -17.76 -23.20
C LEU B 122 -0.60 -18.37 -23.74
N PRO B 123 -0.19 -18.14 -24.99
CA PRO B 123 1.05 -18.76 -25.48
C PRO B 123 2.29 -18.31 -24.71
N PRO B 124 2.44 -17.02 -24.40
CA PRO B 124 3.57 -16.64 -23.55
C PRO B 124 3.53 -17.31 -22.18
N LEU B 125 2.34 -17.52 -21.64
CA LEU B 125 2.23 -18.23 -20.36
C LEU B 125 2.66 -19.68 -20.50
N PHE B 126 2.21 -20.35 -21.56
CA PHE B 126 2.65 -21.72 -21.80
C PHE B 126 4.15 -21.80 -21.97
N TRP B 127 4.75 -20.81 -22.64
CA TRP B 127 6.19 -20.80 -22.76
C TRP B 127 6.86 -20.57 -21.42
N ARG B 128 6.32 -19.67 -20.61
CA ARG B 128 6.93 -19.34 -19.32
C ARG B 128 6.84 -20.51 -18.36
N PHE B 129 5.86 -21.40 -18.52
CA PHE B 129 5.68 -22.48 -17.56
C PHE B 129 6.20 -23.82 -18.07
N ALA B 130 6.00 -24.13 -19.35
CA ALA B 130 6.36 -25.45 -19.84
C ALA B 130 7.80 -25.50 -20.32
N ALA B 131 8.25 -24.47 -21.05
CA ALA B 131 9.56 -24.51 -21.68
C ALA B 131 10.56 -23.51 -21.12
N ALA B 132 10.15 -22.57 -20.28
CA ALA B 132 11.10 -21.60 -19.73
C ALA B 132 12.05 -22.21 -18.72
N PRO B 133 11.62 -23.05 -17.77
CA PRO B 133 12.60 -23.62 -16.83
C PRO B 133 13.59 -24.55 -17.50
N HIS B 134 13.14 -25.33 -18.48
CA HIS B 134 14.04 -26.23 -19.20
C HIS B 134 15.18 -25.47 -19.84
N ILE B 135 14.87 -24.33 -20.46
CA ILE B 135 15.91 -23.53 -21.09
C ILE B 135 16.69 -22.74 -20.05
N CYS B 136 16.05 -22.42 -18.92
CA CYS B 136 16.71 -21.63 -17.90
C CYS B 136 17.82 -22.41 -17.23
N SER B 137 17.54 -23.65 -16.84
CA SER B 137 18.57 -24.49 -16.23
C SER B 137 19.74 -24.69 -17.18
N ASP B 138 19.44 -25.04 -18.43
CA ASP B 138 20.50 -25.27 -19.41
C ASP B 138 21.32 -24.00 -19.64
N LEU B 139 20.67 -22.85 -19.73
CA LEU B 139 21.39 -21.61 -20.02
C LEU B 139 22.26 -21.21 -18.83
N LYS B 140 21.73 -21.38 -17.61
CA LYS B 140 22.54 -21.09 -16.43
C LYS B 140 23.74 -22.01 -16.35
N PHE B 141 23.55 -23.28 -16.69
CA PHE B 141 24.67 -24.21 -16.70
C PHE B 141 25.70 -23.82 -17.75
N ILE B 142 25.24 -23.41 -18.94
CA ILE B 142 26.17 -23.03 -19.99
C ILE B 142 26.96 -21.79 -19.59
N MET B 143 26.29 -20.82 -18.98
CA MET B 143 27.00 -19.62 -18.52
C MET B 143 28.01 -19.95 -17.44
N GLU B 144 27.64 -20.80 -16.47
CA GLU B 144 28.59 -21.21 -15.45
C GLU B 144 29.79 -21.93 -16.06
N GLU B 145 29.54 -22.84 -17.01
CA GLU B 145 30.63 -23.56 -17.64
C GLU B 145 31.53 -22.63 -18.44
N LEU B 146 30.95 -21.62 -19.08
CA LEU B 146 31.78 -20.67 -19.82
C LEU B 146 32.64 -19.85 -18.88
N ASP B 147 32.08 -19.38 -17.77
CA ASP B 147 32.89 -18.67 -16.79
C ASP B 147 34.00 -19.56 -16.25
N LYS B 148 33.70 -20.84 -16.03
CA LYS B 148 34.70 -21.76 -15.50
C LYS B 148 35.83 -21.99 -16.51
N VAL B 149 35.48 -22.18 -17.78
CA VAL B 149 36.52 -22.42 -18.79
C VAL B 149 37.36 -21.16 -18.96
N TYR B 150 36.74 -19.99 -18.85
CA TYR B 150 37.52 -18.75 -18.93
C TYR B 150 38.49 -18.65 -17.76
N ASN B 151 38.02 -18.93 -16.55
CA ASN B 151 38.89 -18.89 -15.38
C ASN B 151 40.04 -19.87 -15.53
N ARG B 152 39.75 -21.09 -16.00
CA ARG B 152 40.81 -22.09 -16.16
C ARG B 152 41.80 -21.68 -17.24
N ALA B 153 41.31 -21.07 -18.31
CA ALA B 153 42.22 -20.63 -19.38
C ALA B 153 43.15 -19.53 -18.89
N ILE B 154 42.62 -18.58 -18.12
CA ILE B 154 43.49 -17.51 -17.63
C ILE B 154 44.41 -18.01 -16.53
N LYS B 155 43.98 -19.01 -15.78
CA LYS B 155 44.86 -19.60 -14.77
C LYS B 155 46.01 -20.34 -15.42
N ALA B 156 45.72 -21.08 -16.50
CA ALA B 156 46.79 -21.72 -17.25
C ALA B 156 47.73 -20.69 -17.87
N ALA B 157 47.16 -19.61 -18.39
CA ALA B 157 47.99 -18.54 -18.95
C ALA B 157 48.79 -17.84 -17.87
N LYS B 158 48.18 -17.64 -16.69
CA LYS B 158 48.91 -17.00 -15.60
C LYS B 158 50.05 -17.87 -15.11
N SER B 159 49.83 -19.19 -15.03
CA SER B 159 50.89 -20.09 -14.63
C SER B 159 52.01 -20.11 -15.67
N ALA B 160 51.66 -19.96 -16.95
CA ALA B 160 52.69 -19.88 -17.99
C ALA B 160 53.50 -18.59 -17.86
N ARG B 161 52.82 -17.48 -17.50
CA ARG B 161 53.53 -16.23 -17.30
C ARG B 161 54.47 -16.31 -16.10
N ASP B 162 54.13 -17.15 -15.13
CA ASP B 162 54.96 -17.33 -13.95
C ASP B 162 56.14 -18.27 -14.24
N PHE B 191 42.18 -33.78 -17.64
CA PHE B 191 40.87 -33.20 -17.93
C PHE B 191 40.86 -32.57 -19.32
N LYS B 192 40.61 -31.25 -19.36
CA LYS B 192 40.58 -30.50 -20.60
C LYS B 192 39.55 -31.08 -21.58
N TYR B 193 38.31 -31.18 -21.13
CA TYR B 193 37.22 -31.71 -21.94
C TYR B 193 36.27 -30.59 -22.32
N PRO B 194 35.97 -30.40 -23.60
CA PRO B 194 34.99 -29.38 -23.99
C PRO B 194 33.58 -29.81 -23.63
N ILE B 195 33.21 -29.66 -22.36
CA ILE B 195 31.92 -30.16 -21.89
C ILE B 195 30.78 -29.32 -22.44
N VAL B 196 30.95 -27.99 -22.46
CA VAL B 196 29.86 -27.14 -22.95
C VAL B 196 29.71 -27.29 -24.46
N GLU B 197 30.82 -27.50 -25.17
CA GLU B 197 30.73 -27.73 -26.60
C GLU B 197 30.00 -29.03 -26.90
N GLN B 198 30.28 -30.08 -26.12
CA GLN B 198 29.57 -31.34 -26.31
C GLN B 198 28.09 -31.20 -25.95
N TYR B 199 27.79 -30.42 -24.92
CA TYR B 199 26.40 -30.20 -24.55
C TYR B 199 25.63 -29.50 -25.67
N LEU B 200 26.25 -28.49 -26.28
CA LEU B 200 25.59 -27.79 -27.38
C LEU B 200 25.48 -28.69 -28.61
N LYS B 201 26.50 -29.52 -28.86
CA LYS B 201 26.41 -30.52 -29.91
C LYS B 201 25.22 -31.44 -29.69
N THR B 202 24.96 -31.78 -28.43
CA THR B 202 23.79 -32.60 -28.12
C THR B 202 22.50 -31.84 -28.37
N LYS B 203 22.45 -30.57 -27.94
CA LYS B 203 21.27 -29.73 -28.19
C LYS B 203 20.97 -29.65 -29.69
N LYS B 204 22.02 -29.72 -30.51
CA LYS B 204 21.85 -29.67 -31.97
C LYS B 204 20.94 -30.79 -32.47
N ASN B 205 20.75 -31.84 -31.67
CA ASN B 205 20.01 -33.02 -32.12
C ASN B 205 18.52 -32.88 -31.82
N SER B 206 18.17 -32.65 -30.56
CA SER B 206 16.77 -32.60 -30.18
C SER B 206 16.14 -31.29 -30.60
N ASN B 207 14.83 -31.34 -30.90
CA ASN B 207 14.09 -30.17 -31.36
C ASN B 207 12.82 -29.93 -30.55
N ASN B 208 12.75 -30.42 -29.32
CA ASN B 208 11.53 -30.24 -28.53
C ASN B 208 11.31 -28.77 -28.18
N LEU B 209 12.34 -28.10 -27.69
CA LEU B 209 12.18 -26.71 -27.28
C LEU B 209 11.85 -25.82 -28.47
N ILE B 210 12.43 -26.13 -29.63
CA ILE B 210 12.20 -25.26 -30.79
C ILE B 210 10.79 -25.44 -31.33
N ILE B 211 10.26 -26.67 -31.28
CA ILE B 211 8.89 -26.83 -31.73
C ILE B 211 7.92 -26.23 -30.74
N LYS B 212 8.25 -26.29 -29.44
CA LYS B 212 7.44 -25.57 -28.47
C LYS B 212 7.45 -24.07 -28.75
N TYR B 213 8.62 -23.52 -29.06
CA TYR B 213 8.75 -22.09 -29.32
C TYR B 213 7.98 -21.68 -30.57
N ILE B 214 8.19 -22.39 -31.68
CA ILE B 214 7.51 -22.00 -32.90
C ILE B 214 6.02 -22.30 -32.80
N SER B 215 5.64 -23.22 -31.92
CA SER B 215 4.21 -23.48 -31.74
C SER B 215 3.55 -22.35 -30.96
N CYS B 216 4.19 -21.86 -29.90
CA CYS B 216 3.61 -20.73 -29.19
C CYS B 216 3.59 -19.49 -30.07
N ARG B 217 4.65 -19.30 -30.87
CA ARG B 217 4.65 -18.17 -31.80
C ARG B 217 3.59 -18.33 -32.88
N LEU B 218 3.34 -19.56 -33.33
CA LEU B 218 2.35 -19.77 -34.36
C LEU B 218 0.94 -19.56 -33.83
N LEU B 219 0.68 -19.99 -32.60
CA LEU B 219 -0.61 -19.69 -31.99
C LEU B 219 -0.77 -18.19 -31.76
N THR B 220 0.30 -17.51 -31.38
CA THR B 220 0.23 -16.06 -31.24
C THR B 220 -0.12 -15.42 -32.57
N LEU B 221 0.51 -15.88 -33.66
CA LEU B 221 0.22 -15.31 -34.97
C LEU B 221 -1.21 -15.63 -35.40
N ILE B 222 -1.69 -16.84 -35.13
CA ILE B 222 -3.04 -17.22 -35.52
C ILE B 222 -4.05 -16.37 -34.77
N ILE B 223 -3.85 -16.17 -33.47
CA ILE B 223 -4.78 -15.38 -32.69
C ILE B 223 -4.71 -13.91 -33.10
N ILE B 224 -3.51 -13.43 -33.44
CA ILE B 224 -3.39 -12.05 -33.91
C ILE B 224 -4.12 -11.87 -35.23
N LEU B 225 -4.04 -12.86 -36.11
CA LEU B 225 -4.73 -12.75 -37.39
C LEU B 225 -6.24 -12.84 -37.21
N LEU B 226 -6.70 -13.71 -36.30
CA LEU B 226 -8.12 -13.78 -36.02
C LEU B 226 -8.62 -12.48 -35.41
N ALA B 227 -7.81 -11.86 -34.56
CA ALA B 227 -8.17 -10.57 -33.99
C ALA B 227 -8.21 -9.49 -35.06
N CYS B 228 -7.24 -9.51 -35.99
CA CYS B 228 -7.28 -8.57 -37.10
C CYS B 228 -8.53 -8.76 -37.93
N ILE B 229 -8.92 -10.00 -38.21
CA ILE B 229 -10.12 -10.25 -38.99
C ILE B 229 -11.34 -9.73 -38.26
N TYR B 230 -11.46 -10.02 -36.97
CA TYR B 230 -12.62 -9.56 -36.21
C TYR B 230 -12.67 -8.05 -36.14
N LEU B 231 -11.53 -7.41 -35.90
CA LEU B 231 -11.52 -5.96 -35.75
C LEU B 231 -11.78 -5.27 -37.08
N GLY B 232 -11.27 -5.84 -38.17
CA GLY B 232 -11.57 -5.29 -39.48
C GLY B 232 -13.03 -5.44 -39.84
N TYR B 233 -13.64 -6.56 -39.44
CA TYR B 233 -15.07 -6.70 -39.66
C TYR B 233 -15.85 -5.70 -38.81
N TYR B 234 -15.53 -5.62 -37.52
CA TYR B 234 -16.26 -4.76 -36.61
C TYR B 234 -16.15 -3.30 -37.04
N PHE B 235 -14.95 -2.85 -37.39
CA PHE B 235 -14.77 -1.50 -37.88
C PHE B 235 -15.52 -1.28 -39.19
N SER B 236 -15.79 -2.37 -39.93
CA SER B 236 -16.48 -2.23 -41.19
C SER B 236 -17.99 -2.10 -41.01
N LEU B 237 -18.49 -2.17 -39.78
CA LEU B 237 -19.93 -2.04 -39.57
C LEU B 237 -20.43 -0.67 -40.03
N SER B 238 -21.72 -0.61 -40.31
CA SER B 238 -22.30 0.54 -41.00
C SER B 238 -22.19 1.84 -40.23
N SER B 239 -21.84 1.77 -38.94
CA SER B 239 -21.75 2.90 -37.99
C SER B 239 -23.14 3.42 -37.65
N LEU B 240 -24.19 2.94 -38.31
CA LEU B 240 -25.56 3.14 -37.89
C LEU B 240 -26.16 1.86 -37.33
N SER B 241 -25.36 0.79 -37.22
CA SER B 241 -25.83 -0.43 -36.62
C SER B 241 -25.96 -0.29 -35.11
N ASP B 242 -25.45 0.81 -34.54
CA ASP B 242 -25.66 1.08 -33.13
C ASP B 242 -27.04 1.62 -32.84
N GLU B 243 -27.81 1.97 -33.87
CA GLU B 243 -29.19 2.40 -33.70
C GLU B 243 -30.10 1.24 -34.06
N PHE B 244 -30.83 0.74 -33.08
CA PHE B 244 -31.73 -0.37 -33.29
C PHE B 244 -33.09 -0.03 -32.71
N VAL B 245 -34.13 -0.55 -33.36
CA VAL B 245 -35.49 -0.34 -32.90
C VAL B 245 -35.83 -1.46 -31.93
N CYS B 246 -36.36 -1.09 -30.77
CA CYS B 246 -36.62 -2.02 -29.69
C CYS B 246 -38.07 -1.90 -29.25
N SER B 247 -38.68 -3.02 -28.92
CA SER B 247 -40.10 -3.07 -28.60
C SER B 247 -40.29 -3.81 -27.28
N ILE B 248 -40.72 -3.09 -26.25
CA ILE B 248 -41.01 -3.74 -24.98
C ILE B 248 -42.46 -4.19 -24.98
N LYS B 249 -42.74 -5.30 -25.65
CA LYS B 249 -44.11 -5.78 -25.80
C LYS B 249 -44.21 -7.29 -25.63
N SER B 250 -43.35 -7.89 -24.83
CA SER B 250 -43.53 -9.28 -24.46
C SER B 250 -44.21 -9.37 -23.10
N GLY B 251 -44.85 -10.50 -22.84
CA GLY B 251 -45.54 -10.65 -21.58
C GLY B 251 -46.83 -9.85 -21.54
N ILE B 252 -47.17 -9.37 -20.34
CA ILE B 252 -48.43 -8.63 -20.17
C ILE B 252 -48.40 -7.29 -20.88
N LEU B 253 -47.22 -6.82 -21.29
CA LEU B 253 -47.16 -5.55 -22.00
C LEU B 253 -47.55 -5.70 -23.46
N ARG B 254 -47.77 -6.95 -23.90
CA ARG B 254 -47.96 -7.20 -25.33
C ARG B 254 -49.17 -6.44 -25.87
N ASN B 255 -50.32 -6.58 -25.24
CA ASN B 255 -51.51 -5.91 -25.75
C ASN B 255 -51.78 -4.60 -25.03
N ASP B 256 -50.83 -4.15 -24.19
CA ASP B 256 -50.95 -2.86 -23.55
C ASP B 256 -50.97 -1.74 -24.58
N SER B 257 -51.67 -0.66 -24.26
CA SER B 257 -51.87 0.41 -25.22
C SER B 257 -51.09 1.68 -24.89
N THR B 258 -50.84 1.97 -23.61
CA THR B 258 -50.13 3.20 -23.26
C THR B 258 -48.69 3.15 -23.73
N VAL B 259 -48.12 1.96 -23.82
CA VAL B 259 -46.73 1.79 -24.25
C VAL B 259 -46.68 1.80 -25.78
N PRO B 260 -45.80 2.59 -26.39
CA PRO B 260 -45.73 2.63 -27.85
C PRO B 260 -45.19 1.33 -28.42
N ASP B 261 -45.41 1.16 -29.72
CA ASP B 261 -45.08 -0.11 -30.37
C ASP B 261 -43.59 -0.37 -30.35
N GLN B 262 -42.78 0.66 -30.55
CA GLN B 262 -41.34 0.46 -30.66
C GLN B 262 -40.61 1.72 -30.25
N PHE B 263 -39.39 1.54 -29.76
CA PHE B 263 -38.55 2.63 -29.28
C PHE B 263 -37.30 2.71 -30.13
N GLN B 264 -36.81 3.94 -30.32
CA GLN B 264 -35.57 4.15 -31.07
C GLN B 264 -34.42 4.21 -30.07
N CYS B 265 -33.71 3.11 -29.94
CA CYS B 265 -32.55 3.04 -29.06
C CYS B 265 -31.27 3.22 -29.85
N LYS B 266 -30.25 3.75 -29.19
CA LYS B 266 -28.93 3.93 -29.78
C LYS B 266 -27.88 3.46 -28.78
N LEU B 267 -26.94 2.67 -29.24
CA LEU B 267 -25.84 2.21 -28.39
C LEU B 267 -24.76 3.26 -28.41
N ILE B 268 -24.71 4.07 -27.36
CA ILE B 268 -23.64 5.05 -27.23
C ILE B 268 -22.31 4.30 -27.12
N ALA B 269 -21.22 5.02 -27.38
CA ALA B 269 -19.87 4.50 -27.31
C ALA B 269 -19.59 3.41 -28.33
N VAL B 270 -20.38 3.31 -29.40
CA VAL B 270 -20.04 2.41 -30.48
C VAL B 270 -19.08 3.07 -31.45
N GLY B 271 -19.22 4.37 -31.67
CA GLY B 271 -18.23 5.09 -32.45
C GLY B 271 -16.87 5.02 -31.81
N ILE B 272 -16.81 5.12 -30.48
CA ILE B 272 -15.56 4.94 -29.77
C ILE B 272 -15.04 3.52 -29.96
N PHE B 273 -15.93 2.54 -29.93
CA PHE B 273 -15.51 1.16 -30.14
C PHE B 273 -14.88 0.98 -31.51
N GLN B 274 -15.47 1.60 -32.54
CA GLN B 274 -14.94 1.43 -33.89
C GLN B 274 -13.62 2.18 -34.05
N LEU B 275 -13.54 3.40 -33.50
CA LEU B 275 -12.28 4.14 -33.56
C LEU B 275 -11.17 3.42 -32.82
N LEU B 276 -11.50 2.68 -31.76
CA LEU B 276 -10.47 1.94 -31.05
C LEU B 276 -10.17 0.63 -31.74
N SER B 277 -11.16 0.04 -32.40
CA SER B 277 -10.94 -1.21 -33.11
C SER B 277 -10.03 -1.00 -34.31
N VAL B 278 -10.13 0.16 -34.96
CA VAL B 278 -9.24 0.41 -36.08
C VAL B 278 -7.82 0.63 -35.60
N ILE B 279 -7.66 1.23 -34.42
CA ILE B 279 -6.33 1.39 -33.84
C ILE B 279 -5.75 0.03 -33.50
N ASN B 280 -6.54 -0.82 -32.85
CA ASN B 280 -6.08 -2.17 -32.54
C ASN B 280 -5.74 -2.94 -33.80
N LEU B 281 -6.54 -2.80 -34.85
CA LEU B 281 -6.26 -3.50 -36.10
C LEU B 281 -4.97 -3.01 -36.74
N VAL B 282 -4.73 -1.70 -36.72
CA VAL B 282 -3.49 -1.16 -37.29
C VAL B 282 -2.29 -1.69 -36.52
N VAL B 283 -2.35 -1.61 -35.19
CA VAL B 283 -1.23 -2.10 -34.40
C VAL B 283 -1.03 -3.60 -34.60
N TYR B 284 -2.12 -4.34 -34.78
CA TYR B 284 -2.00 -5.78 -34.93
C TYR B 284 -1.44 -6.17 -36.29
N VAL B 285 -1.79 -5.42 -37.34
CA VAL B 285 -1.25 -5.74 -38.65
C VAL B 285 0.17 -5.21 -38.77
N LEU B 286 0.57 -4.32 -37.87
CA LEU B 286 1.99 -3.98 -37.76
C LEU B 286 2.74 -5.03 -36.94
N LEU B 287 2.05 -5.69 -36.02
CA LEU B 287 2.69 -6.66 -35.15
C LEU B 287 2.83 -8.02 -35.84
N ALA B 288 1.88 -8.35 -36.71
CA ALA B 288 1.92 -9.67 -37.37
C ALA B 288 3.20 -9.92 -38.17
N PRO B 289 3.73 -8.96 -38.94
CA PRO B 289 5.02 -9.23 -39.59
C PRO B 289 6.13 -9.49 -38.59
N VAL B 290 6.09 -8.84 -37.43
CA VAL B 290 7.10 -9.09 -36.42
C VAL B 290 7.03 -10.52 -35.92
N VAL B 291 5.82 -11.03 -35.70
CA VAL B 291 5.67 -12.41 -35.26
C VAL B 291 6.11 -13.37 -36.36
N VAL B 292 5.76 -13.06 -37.61
CA VAL B 292 6.16 -13.93 -38.71
C VAL B 292 7.68 -13.98 -38.82
N TYR B 293 8.35 -12.85 -38.65
CA TYR B 293 9.80 -12.84 -38.67
C TYR B 293 10.37 -13.62 -37.50
N THR B 294 9.77 -13.46 -36.32
CA THR B 294 10.19 -14.23 -35.16
C THR B 294 10.07 -15.72 -35.42
N LEU B 295 9.10 -16.12 -36.24
CA LEU B 295 8.86 -17.54 -36.50
C LEU B 295 10.09 -18.19 -37.13
N PHE B 296 10.88 -17.43 -37.88
CA PHE B 296 12.08 -17.96 -38.54
C PHE B 296 13.26 -17.83 -37.58
N VAL B 297 13.34 -18.78 -36.65
CA VAL B 297 14.34 -18.76 -35.60
C VAL B 297 15.77 -18.96 -36.12
N PRO B 298 16.05 -19.79 -37.16
CA PRO B 298 17.46 -19.92 -37.58
C PRO B 298 17.98 -18.64 -38.21
N PHE B 299 17.14 -17.98 -39.00
CA PHE B 299 17.54 -16.74 -39.65
C PHE B 299 17.95 -15.69 -38.63
N ARG B 300 17.31 -15.67 -37.47
CA ARG B 300 17.65 -14.70 -36.45
C ARG B 300 18.92 -15.05 -35.69
N GLN B 301 19.33 -16.31 -35.70
CA GLN B 301 20.59 -16.68 -35.07
C GLN B 301 21.75 -16.09 -35.85
N LYS B 302 22.33 -15.02 -35.31
CA LYS B 302 23.37 -14.29 -36.01
C LYS B 302 24.37 -13.77 -34.98
N THR B 303 25.49 -13.25 -35.48
CA THR B 303 26.56 -12.75 -34.63
C THR B 303 27.00 -13.83 -33.64
N ASP B 304 27.57 -14.91 -34.18
CA ASP B 304 27.89 -16.11 -33.41
C ASP B 304 28.58 -15.75 -32.10
N VAL B 305 27.89 -16.01 -30.99
CA VAL B 305 28.28 -15.50 -29.69
C VAL B 305 29.48 -16.27 -29.16
N LEU B 306 29.52 -17.58 -29.42
CA LEU B 306 30.62 -18.39 -28.92
C LEU B 306 31.89 -18.20 -29.73
N LYS B 307 31.80 -17.55 -30.90
CA LYS B 307 32.99 -17.30 -31.70
C LYS B 307 34.01 -16.49 -30.93
N VAL B 308 33.55 -15.67 -29.97
CA VAL B 308 34.48 -14.88 -29.18
C VAL B 308 35.27 -15.74 -28.22
N TYR B 309 34.76 -16.92 -27.86
CA TYR B 309 35.44 -17.82 -26.96
C TYR B 309 36.49 -18.68 -27.65
N GLU B 310 36.57 -18.62 -28.97
CA GLU B 310 37.47 -19.52 -29.69
C GLU B 310 38.94 -19.14 -29.49
N ILE B 311 39.19 -18.01 -28.84
CA ILE B 311 40.55 -17.52 -28.67
C ILE B 311 41.11 -18.00 -27.34
N LEU B 312 40.42 -18.95 -26.70
CA LEU B 312 40.89 -19.50 -25.44
C LEU B 312 41.55 -20.85 -25.68
N PRO B 313 42.70 -21.11 -25.05
CA PRO B 313 43.31 -22.43 -25.22
C PRO B 313 42.48 -23.55 -24.61
N THR B 314 41.89 -23.29 -23.44
CA THR B 314 41.05 -24.29 -22.77
C THR B 314 39.72 -24.51 -23.45
N PHE B 315 39.49 -23.87 -24.60
CA PHE B 315 38.25 -24.00 -25.34
C PHE B 315 38.57 -24.45 -26.76
N ASP B 316 37.90 -25.51 -27.21
CA ASP B 316 38.16 -26.02 -28.55
C ASP B 316 37.76 -24.99 -29.60
N VAL B 317 38.45 -25.03 -30.74
CA VAL B 317 38.19 -24.07 -31.80
C VAL B 317 37.05 -24.60 -32.67
N LEU B 318 35.82 -24.35 -32.23
CA LEU B 318 34.64 -24.83 -32.94
C LEU B 318 33.42 -24.04 -32.47
N HIS B 319 32.78 -23.34 -33.40
CA HIS B 319 31.48 -22.73 -33.10
C HIS B 319 30.38 -23.77 -33.12
N PHE B 320 30.16 -24.40 -34.28
CA PHE B 320 29.22 -25.51 -34.45
C PHE B 320 27.83 -25.13 -33.95
N LYS B 321 27.33 -23.98 -34.39
CA LYS B 321 26.00 -23.53 -33.98
C LYS B 321 25.38 -22.72 -35.11
N SER B 322 24.61 -23.41 -35.96
CA SER B 322 23.92 -22.79 -37.08
C SER B 322 23.07 -23.81 -37.85
N GLU B 323 22.23 -23.31 -38.76
CA GLU B 323 21.58 -24.08 -39.81
C GLU B 323 20.72 -25.23 -39.31
N GLY B 324 19.64 -24.96 -38.60
CA GLY B 324 18.73 -26.03 -38.23
C GLY B 324 17.48 -25.53 -37.54
N TYR B 325 16.40 -26.30 -37.75
CA TYR B 325 15.16 -26.16 -36.98
C TYR B 325 15.31 -27.06 -35.77
N ASN B 326 16.32 -26.79 -34.95
CA ASN B 326 16.63 -27.62 -33.80
C ASN B 326 16.88 -26.72 -32.60
N ASP B 327 16.85 -27.32 -31.41
CA ASP B 327 16.92 -26.54 -30.18
C ASP B 327 18.22 -25.75 -30.08
N LEU B 328 19.22 -26.11 -30.89
CA LEU B 328 20.49 -25.40 -30.84
C LEU B 328 20.32 -23.95 -31.28
N SER B 329 19.50 -23.70 -32.29
CA SER B 329 19.29 -22.33 -32.75
C SER B 329 18.56 -21.51 -31.69
N LEU B 330 17.57 -22.11 -31.04
CA LEU B 330 16.88 -21.44 -29.95
C LEU B 330 17.85 -21.11 -28.82
N TYR B 331 18.71 -22.06 -28.47
CA TYR B 331 19.70 -21.80 -27.44
C TYR B 331 20.68 -20.72 -27.88
N ASN B 332 20.97 -20.65 -29.17
CA ASN B 332 21.82 -19.59 -29.68
C ASN B 332 21.17 -18.24 -29.48
N LEU B 333 19.88 -18.13 -29.76
CA LEU B 333 19.17 -16.88 -29.53
C LEU B 333 19.18 -16.50 -28.06
N PHE B 334 18.88 -17.45 -27.19
CA PHE B 334 18.81 -17.14 -25.76
C PHE B 334 20.19 -16.80 -25.21
N LEU B 335 21.24 -17.43 -25.76
CA LEU B 335 22.60 -17.08 -25.37
C LEU B 335 22.96 -15.69 -25.85
N GLU B 336 22.61 -15.36 -27.09
CA GLU B 336 22.86 -14.02 -27.60
C GLU B 336 22.16 -12.98 -26.74
N GLU B 337 21.01 -13.33 -26.17
CA GLU B 337 20.31 -12.38 -25.32
C GLU B 337 20.95 -12.27 -23.94
N ASN B 338 21.10 -13.39 -23.24
CA ASN B 338 21.52 -13.40 -21.85
C ASN B 338 23.04 -13.42 -21.68
N ILE B 339 23.80 -13.30 -22.77
CA ILE B 339 25.23 -13.49 -22.66
C ILE B 339 25.90 -12.23 -22.13
N SER B 340 25.22 -11.09 -22.19
CA SER B 340 25.80 -9.86 -21.69
C SER B 340 25.98 -9.91 -20.18
N GLU B 341 25.21 -10.76 -19.50
CA GLU B 341 25.39 -10.94 -18.06
C GLU B 341 26.69 -11.68 -17.75
N VAL B 342 27.21 -12.42 -18.74
CA VAL B 342 28.41 -13.21 -18.51
C VAL B 342 29.63 -12.30 -18.58
N LYS B 343 30.34 -12.17 -17.46
CA LYS B 343 31.50 -11.29 -17.39
C LYS B 343 32.61 -11.78 -18.32
N SER B 344 32.87 -13.08 -18.32
CA SER B 344 33.90 -13.62 -19.20
C SER B 344 33.61 -13.30 -20.66
N TYR B 345 32.34 -13.39 -21.06
CA TYR B 345 31.99 -13.01 -22.43
C TYR B 345 32.28 -11.54 -22.66
N LYS B 346 32.01 -10.69 -21.68
CA LYS B 346 32.26 -9.26 -21.86
C LYS B 346 33.74 -9.00 -22.09
N CYS B 347 34.60 -9.56 -21.24
CA CYS B 347 36.04 -9.34 -21.40
C CYS B 347 36.54 -9.93 -22.72
N LEU B 348 36.06 -11.13 -23.08
CA LEU B 348 36.49 -11.73 -24.33
C LEU B 348 36.06 -10.88 -25.52
N LYS B 349 34.89 -10.27 -25.45
CA LYS B 349 34.45 -9.41 -26.55
C LYS B 349 35.27 -8.13 -26.59
N VAL B 350 35.67 -7.63 -25.43
CA VAL B 350 36.63 -6.52 -25.42
C VAL B 350 37.89 -6.89 -26.16
N LEU B 351 38.48 -8.05 -25.85
CA LEU B 351 39.68 -8.46 -26.57
C LEU B 351 39.42 -8.66 -28.06
N GLU B 352 38.26 -9.21 -28.41
CA GLU B 352 37.96 -9.47 -29.81
C GLU B 352 37.82 -8.18 -30.59
N ASN B 353 37.21 -7.16 -30.00
CA ASN B 353 37.08 -5.88 -30.67
C ASN B 353 38.43 -5.21 -30.82
N ILE B 354 39.28 -5.31 -29.80
CA ILE B 354 40.63 -4.78 -29.92
C ILE B 354 41.39 -5.49 -31.03
N LYS B 355 41.14 -6.79 -31.20
CA LYS B 355 41.81 -7.57 -32.23
C LYS B 355 41.50 -7.07 -33.64
N SER B 356 40.45 -6.27 -33.78
CA SER B 356 40.15 -5.67 -35.07
C SER B 356 41.31 -4.80 -35.55
N SER B 357 41.92 -4.05 -34.64
CA SER B 357 43.12 -3.30 -34.99
C SER B 357 44.31 -4.22 -35.18
N GLY B 358 44.39 -5.28 -34.37
CA GLY B 358 45.47 -6.24 -34.46
C GLY B 358 46.79 -5.76 -33.91
N GLN B 359 46.79 -4.83 -32.97
CA GLN B 359 48.06 -4.29 -32.47
C GLN B 359 48.84 -5.33 -31.69
N GLY B 360 48.26 -5.87 -30.61
CA GLY B 360 49.01 -6.79 -29.76
C GLY B 360 48.72 -8.24 -30.06
N ILE B 361 48.27 -8.99 -29.05
CA ILE B 361 48.02 -10.42 -29.20
C ILE B 361 46.96 -10.83 -28.18
N ASP B 362 46.21 -11.88 -28.51
CA ASP B 362 45.09 -12.32 -27.68
C ASP B 362 45.55 -12.85 -26.32
N PRO B 363 46.49 -13.79 -26.24
CA PRO B 363 46.86 -14.31 -24.91
C PRO B 363 47.54 -13.27 -24.04
N MET B 364 48.35 -12.39 -24.62
CA MET B 364 48.98 -11.34 -23.83
C MET B 364 47.95 -10.40 -23.22
N LEU B 365 47.00 -9.92 -24.04
CA LEU B 365 45.96 -9.04 -23.52
C LEU B 365 45.07 -9.76 -22.52
N LEU B 366 44.86 -11.06 -22.71
CA LEU B 366 44.07 -11.83 -21.75
C LEU B 366 44.78 -11.91 -20.40
N LEU B 367 46.08 -12.22 -20.42
CA LEU B 367 46.85 -12.23 -19.18
C LEU B 367 46.85 -10.86 -18.53
N THR B 368 46.89 -9.79 -19.34
CA THR B 368 46.81 -8.44 -18.79
C THR B 368 45.47 -8.19 -18.12
N ASN B 369 44.40 -8.70 -18.77
CA ASN B 369 42.98 -8.57 -18.33
C ASN B 369 42.85 -8.69 -16.81
N LEU B 370 43.18 -9.89 -16.29
CA LEU B 370 43.13 -10.26 -14.85
C LEU B 370 41.70 -10.08 -14.31
N GLY B 371 40.73 -10.77 -14.93
CA GLY B 371 39.32 -10.72 -14.50
C GLY B 371 38.73 -12.11 -14.39
N MET B 372 39.15 -12.87 -13.36
CA MET B 372 38.67 -14.26 -13.14
C MET B 372 37.15 -14.23 -12.89
N ILE B 373 36.68 -13.27 -12.09
CA ILE B 373 35.24 -13.15 -11.76
C ILE B 373 34.99 -11.76 -11.14
N ALA C 2 -13.20 -1.91 -13.45
CA ALA C 2 -12.86 -1.89 -14.87
C ALA C 2 -12.53 -3.28 -15.36
N ILE C 3 -12.83 -3.53 -16.64
CA ILE C 3 -12.55 -4.83 -17.24
C ILE C 3 -11.07 -5.16 -17.18
N ALA C 4 -10.22 -4.19 -17.52
CA ALA C 4 -8.79 -4.47 -17.58
C ALA C 4 -8.21 -4.75 -16.19
N GLN C 5 -8.78 -4.13 -15.16
CA GLN C 5 -8.33 -4.42 -13.79
C GLN C 5 -8.62 -5.87 -13.43
N LEU C 6 -9.83 -6.35 -13.73
CA LEU C 6 -10.16 -7.74 -13.47
C LEU C 6 -9.28 -8.67 -14.29
N ALA C 7 -9.02 -8.30 -15.54
CA ALA C 7 -8.13 -9.09 -16.37
C ALA C 7 -6.77 -9.24 -15.72
N THR C 8 -6.14 -8.13 -15.34
CA THR C 8 -4.87 -8.21 -14.63
C THR C 8 -4.99 -9.11 -13.41
N GLU C 9 -5.94 -8.80 -12.53
CA GLU C 9 -6.03 -9.51 -11.25
C GLU C 9 -6.19 -11.01 -11.42
N TYR C 10 -6.92 -11.45 -12.46
CA TYR C 10 -7.29 -12.85 -12.51
C TYR C 10 -6.60 -13.68 -13.59
N VAL C 11 -5.89 -13.06 -14.54
CA VAL C 11 -5.07 -13.86 -15.43
C VAL C 11 -3.63 -13.35 -15.39
N PHE C 12 -3.44 -12.04 -15.39
CA PHE C 12 -2.08 -11.51 -15.55
C PHE C 12 -1.36 -11.44 -14.22
N SER C 13 -2.09 -11.26 -13.13
CA SER C 13 -1.50 -11.36 -11.82
C SER C 13 -1.23 -12.83 -11.48
N ASP C 14 -0.43 -13.04 -10.44
CA ASP C 14 -0.15 -14.40 -9.99
C ASP C 14 -1.26 -14.90 -9.10
N PHE C 15 -2.50 -14.82 -9.57
CA PHE C 15 -3.63 -15.26 -8.77
C PHE C 15 -3.61 -16.79 -8.65
N LEU C 16 -3.62 -17.27 -7.41
CA LEU C 16 -3.50 -18.68 -7.07
C LEU C 16 -2.23 -19.32 -7.63
N LEU C 17 -1.23 -18.50 -7.97
CA LEU C 17 0.09 -18.99 -8.33
C LEU C 17 1.13 -18.62 -7.28
N LYS C 18 0.69 -18.11 -6.13
CA LYS C 18 1.62 -17.72 -5.09
C LYS C 18 2.29 -18.94 -4.48
N GLU C 19 3.63 -18.92 -4.45
CA GLU C 19 4.37 -19.94 -3.75
C GLU C 19 4.07 -19.85 -2.24
N PRO C 20 4.14 -20.98 -1.53
CA PRO C 20 3.87 -20.95 -0.10
C PRO C 20 4.82 -20.01 0.63
N THR C 21 4.26 -18.95 1.21
CA THR C 21 5.06 -17.96 1.89
C THR C 21 5.54 -18.49 3.23
N GLU C 22 6.56 -19.34 3.19
CA GLU C 22 7.12 -19.97 4.37
C GLU C 22 8.46 -20.59 4.03
N PRO C 23 9.42 -20.58 4.97
CA PRO C 23 10.73 -21.21 4.69
C PRO C 23 10.75 -22.72 4.82
N LYS C 24 9.62 -23.36 5.14
CA LYS C 24 9.60 -24.82 5.20
C LYS C 24 9.73 -25.44 3.82
N PHE C 25 8.99 -24.91 2.85
CA PHE C 25 9.08 -25.33 1.45
C PHE C 25 9.70 -24.19 0.65
N LYS C 26 10.98 -24.32 0.35
CA LYS C 26 11.74 -23.29 -0.36
C LYS C 26 11.99 -23.76 -1.79
N GLY C 27 11.24 -23.19 -2.73
CA GLY C 27 11.34 -23.60 -4.11
C GLY C 27 10.68 -24.92 -4.45
N LEU C 28 10.17 -25.64 -3.46
CA LEU C 28 9.46 -26.90 -3.70
C LEU C 28 8.06 -26.56 -4.17
N ARG C 29 7.62 -27.21 -5.25
CA ARG C 29 6.33 -26.86 -5.84
C ARG C 29 5.17 -27.41 -5.02
N LEU C 30 5.20 -28.71 -4.71
CA LEU C 30 4.18 -29.40 -3.92
C LEU C 30 2.84 -29.47 -4.63
N GLU C 31 2.71 -28.90 -5.82
CA GLU C 31 1.52 -29.02 -6.65
C GLU C 31 1.95 -29.12 -8.09
N LEU C 32 1.61 -30.23 -8.74
CA LEU C 32 2.03 -30.45 -10.10
C LEU C 32 1.53 -29.34 -11.00
N ALA C 33 2.35 -28.98 -11.99
CA ALA C 33 2.04 -27.83 -12.84
C ALA C 33 0.66 -27.98 -13.48
N VAL C 34 0.32 -29.18 -13.93
CA VAL C 34 -1.00 -29.38 -14.51
C VAL C 34 -2.08 -29.23 -13.46
N ASP C 35 -1.80 -29.67 -12.23
CA ASP C 35 -2.78 -29.48 -11.16
C ASP C 35 -2.88 -28.02 -10.76
N LYS C 36 -1.76 -27.31 -10.72
CA LYS C 36 -1.81 -25.89 -10.41
C LYS C 36 -2.60 -25.12 -11.45
N MET C 37 -2.42 -25.45 -12.74
CA MET C 37 -3.15 -24.75 -13.77
C MET C 37 -4.62 -25.14 -13.78
N VAL C 38 -4.95 -26.41 -13.50
CA VAL C 38 -6.35 -26.79 -13.41
C VAL C 38 -7.03 -26.06 -12.28
N THR C 39 -6.36 -25.96 -11.13
CA THR C 39 -6.93 -25.20 -10.02
C THR C 39 -7.11 -23.74 -10.39
N CYS C 40 -6.07 -23.13 -10.96
CA CYS C 40 -6.13 -21.73 -11.33
C CYS C 40 -7.30 -21.46 -12.28
N ILE C 41 -7.45 -22.30 -13.30
CA ILE C 41 -8.56 -22.12 -14.23
C ILE C 41 -9.89 -22.32 -13.53
N ALA C 42 -10.09 -23.50 -12.95
CA ALA C 42 -11.39 -23.87 -12.40
C ALA C 42 -11.83 -22.93 -11.28
N VAL C 43 -10.89 -22.20 -10.68
CA VAL C 43 -11.26 -21.29 -9.60
C VAL C 43 -11.38 -19.87 -10.10
N GLY C 44 -10.39 -19.40 -10.87
CA GLY C 44 -10.39 -18.01 -11.28
C GLY C 44 -11.38 -17.72 -12.39
N LEU C 45 -11.69 -18.72 -13.21
CA LEU C 45 -12.65 -18.48 -14.29
C LEU C 45 -14.04 -18.14 -13.78
N PRO C 46 -14.63 -18.88 -12.83
CA PRO C 46 -15.92 -18.41 -12.31
C PRO C 46 -15.81 -17.08 -11.61
N LEU C 47 -14.70 -16.79 -10.94
CA LEU C 47 -14.53 -15.48 -10.30
C LEU C 47 -14.40 -14.38 -11.34
N LEU C 48 -13.60 -14.64 -12.36
CA LEU C 48 -13.37 -13.66 -13.47
C LEU C 48 -14.69 -13.40 -14.19
N LEU C 49 -15.52 -14.45 -14.32
CA LEU C 49 -16.84 -14.38 -15.00
C LEU C 49 -17.79 -13.57 -14.12
N ILE C 50 -17.82 -13.84 -12.81
CA ILE C 50 -18.65 -13.05 -11.91
C ILE C 50 -18.29 -11.58 -12.02
N SER C 51 -16.99 -11.27 -11.96
CA SER C 51 -16.57 -9.87 -12.02
C SER C 51 -16.90 -9.22 -13.35
N LEU C 52 -16.89 -10.00 -14.43
CA LEU C 52 -17.27 -9.47 -15.73
C LEU C 52 -18.77 -9.24 -15.83
N ALA C 53 -19.57 -10.14 -15.27
CA ALA C 53 -21.01 -10.05 -15.42
C ALA C 53 -21.56 -8.75 -14.84
N PHE C 54 -20.77 -8.05 -14.02
CA PHE C 54 -21.17 -6.79 -13.45
C PHE C 54 -20.13 -5.70 -13.67
N ALA C 55 -19.30 -5.85 -14.70
CA ALA C 55 -18.44 -4.76 -15.11
C ALA C 55 -19.27 -3.51 -15.35
N GLN C 56 -18.75 -2.36 -14.91
CA GLN C 56 -19.56 -1.15 -14.89
C GLN C 56 -20.03 -0.74 -16.28
N GLU C 57 -19.37 -1.26 -17.33
CA GLU C 57 -19.76 -0.87 -18.68
C GLU C 57 -20.69 -1.90 -19.32
N ILE C 58 -20.78 -3.09 -18.75
CA ILE C 58 -21.74 -4.06 -19.26
C ILE C 58 -23.05 -3.96 -18.49
N SER C 59 -22.99 -3.55 -17.23
CA SER C 59 -24.19 -3.32 -16.43
C SER C 59 -24.82 -2.00 -16.83
N ILE C 60 -26.10 -2.02 -17.18
CA ILE C 60 -26.79 -0.78 -17.50
C ILE C 60 -27.23 -0.08 -16.23
N GLY C 61 -27.42 -0.82 -15.15
CA GLY C 61 -27.93 -0.25 -13.92
C GLY C 61 -28.39 -1.32 -12.95
N THR C 62 -29.63 -1.22 -12.50
CA THR C 62 -30.17 -2.23 -11.59
C THR C 62 -30.23 -3.58 -12.28
N GLN C 63 -30.40 -4.63 -11.47
CA GLN C 63 -30.47 -5.97 -12.01
C GLN C 63 -31.88 -6.35 -12.43
N ILE C 64 -32.87 -5.55 -12.03
CA ILE C 64 -34.27 -5.80 -12.35
C ILE C 64 -34.94 -4.48 -12.68
N SER C 65 -35.89 -4.53 -13.60
CA SER C 65 -36.72 -3.37 -13.96
C SER C 65 -38.12 -3.87 -14.21
N CYS C 66 -39.12 -3.13 -13.73
CA CYS C 66 -40.46 -3.67 -13.63
C CYS C 66 -41.54 -2.91 -14.38
N PHE C 67 -41.26 -1.71 -14.89
CA PHE C 67 -42.24 -0.95 -15.66
C PHE C 67 -43.54 -0.73 -14.91
N SER C 68 -43.51 0.05 -13.85
CA SER C 68 -44.71 0.51 -13.20
C SER C 68 -45.51 1.41 -14.13
N PRO C 69 -46.79 1.64 -13.86
CA PRO C 69 -47.56 2.57 -14.68
C PRO C 69 -47.01 3.98 -14.62
N SER C 70 -47.48 4.81 -15.54
CA SER C 70 -47.01 6.19 -15.60
C SER C 70 -47.50 6.99 -14.41
N SER C 71 -48.65 6.62 -13.85
CA SER C 71 -49.20 7.35 -12.71
C SER C 71 -48.35 7.13 -11.46
N PHE C 72 -47.65 6.01 -11.39
CA PHE C 72 -46.81 5.73 -10.23
C PHE C 72 -45.71 6.75 -10.09
N SER C 73 -45.46 7.18 -8.86
CA SER C 73 -44.37 8.10 -8.60
C SER C 73 -43.03 7.37 -8.73
N TRP C 74 -41.95 8.14 -8.61
CA TRP C 74 -40.62 7.55 -8.65
C TRP C 74 -40.43 6.52 -7.55
N ARG C 75 -40.87 6.86 -6.34
CA ARG C 75 -40.65 5.96 -5.21
C ARG C 75 -41.57 4.76 -5.27
N GLN C 76 -42.77 4.93 -5.83
CA GLN C 76 -43.65 3.77 -6.01
C GLN C 76 -43.06 2.79 -7.01
N ALA C 77 -42.49 3.30 -8.09
CA ALA C 77 -41.82 2.42 -9.04
C ALA C 77 -40.60 1.75 -8.42
N ALA C 78 -39.85 2.48 -7.60
CA ALA C 78 -38.74 1.85 -6.88
C ALA C 78 -39.24 0.75 -5.97
N PHE C 79 -40.38 0.98 -5.32
CA PHE C 79 -40.96 -0.07 -4.48
C PHE C 79 -41.33 -1.29 -5.31
N VAL C 80 -41.92 -1.08 -6.48
CA VAL C 80 -42.30 -2.21 -7.30
C VAL C 80 -41.06 -3.00 -7.72
N ASP C 81 -40.01 -2.30 -8.15
CA ASP C 81 -38.78 -2.97 -8.54
C ASP C 81 -38.21 -3.79 -7.38
N SER C 82 -38.05 -3.17 -6.21
CA SER C 82 -37.43 -3.86 -5.09
C SER C 82 -38.32 -5.00 -4.60
N TYR C 83 -39.63 -4.79 -4.60
CA TYR C 83 -40.55 -5.83 -4.17
C TYR C 83 -40.44 -7.04 -5.07
N CYS C 84 -40.42 -6.84 -6.38
CA CYS C 84 -40.36 -7.99 -7.27
C CYS C 84 -39.01 -8.67 -7.20
N TRP C 85 -37.95 -7.88 -7.03
CA TRP C 85 -36.63 -8.45 -6.79
C TRP C 85 -36.64 -9.38 -5.59
N ALA C 86 -37.25 -8.93 -4.49
CA ALA C 86 -37.32 -9.78 -3.31
C ALA C 86 -38.38 -10.86 -3.48
N ALA C 87 -39.26 -10.71 -4.46
CA ALA C 87 -40.39 -11.60 -4.65
C ALA C 87 -40.11 -12.70 -5.64
N VAL C 88 -38.95 -12.72 -6.28
CA VAL C 88 -38.59 -13.90 -7.06
C VAL C 88 -38.53 -15.13 -6.18
N GLN C 89 -38.37 -14.95 -4.86
CA GLN C 89 -38.40 -16.08 -3.95
C GLN C 89 -39.82 -16.50 -3.61
N GLN C 90 -40.65 -15.56 -3.16
CA GLN C 90 -42.02 -15.86 -2.77
C GLN C 90 -42.79 -16.30 -4.00
N LYS C 91 -43.09 -17.60 -4.09
CA LYS C 91 -43.64 -18.16 -5.32
C LYS C 91 -45.06 -17.69 -5.57
N ASN C 92 -45.76 -17.26 -4.51
CA ASN C 92 -47.16 -16.87 -4.68
C ASN C 92 -47.28 -15.56 -5.44
N SER C 93 -46.30 -14.66 -5.30
CA SER C 93 -46.44 -13.33 -5.87
C SER C 93 -46.22 -13.33 -7.38
N LEU C 94 -45.19 -14.03 -7.85
CA LEU C 94 -44.76 -13.93 -9.24
C LEU C 94 -45.31 -15.12 -10.02
N GLN C 95 -45.69 -14.86 -11.27
CA GLN C 95 -46.14 -15.89 -12.20
C GLN C 95 -45.24 -15.85 -13.42
N SER C 96 -44.47 -16.91 -13.64
CA SER C 96 -43.54 -16.99 -14.76
C SER C 96 -43.84 -18.24 -15.57
N GLU C 97 -43.72 -18.11 -16.90
CA GLU C 97 -43.99 -19.24 -17.78
C GLU C 97 -43.00 -20.38 -17.57
N SER C 98 -41.73 -20.06 -17.38
CA SER C 98 -40.72 -21.10 -17.22
C SER C 98 -40.77 -21.73 -15.83
N GLY C 99 -41.11 -20.94 -14.82
CA GLY C 99 -41.17 -21.41 -13.46
C GLY C 99 -40.37 -20.53 -12.52
N ASN C 100 -40.46 -20.87 -11.23
CA ASN C 100 -39.77 -20.08 -10.22
C ASN C 100 -38.30 -20.47 -10.12
N LEU C 101 -37.96 -21.70 -10.48
CA LEU C 101 -36.58 -22.13 -10.45
C LEU C 101 -35.69 -21.30 -11.37
N PRO C 102 -36.07 -20.99 -12.62
CA PRO C 102 -35.23 -20.09 -13.41
C PRO C 102 -35.06 -18.73 -12.75
N LEU C 103 -36.08 -18.24 -12.07
CA LEU C 103 -35.97 -16.95 -11.39
C LEU C 103 -34.94 -17.01 -10.28
N TRP C 104 -35.03 -18.05 -9.45
CA TRP C 104 -34.02 -18.28 -8.42
C TRP C 104 -32.63 -18.31 -9.03
N LEU C 105 -32.46 -19.06 -10.11
CA LEU C 105 -31.14 -19.21 -10.72
C LEU C 105 -30.65 -17.90 -11.30
N HIS C 106 -31.56 -17.06 -11.79
CA HIS C 106 -31.16 -15.79 -12.38
C HIS C 106 -30.76 -14.80 -11.30
N LYS C 107 -31.46 -14.79 -10.18
CA LYS C 107 -31.10 -13.87 -9.11
C LYS C 107 -29.78 -14.26 -8.47
N PHE C 108 -29.58 -15.56 -8.24
CA PHE C 108 -28.44 -16.05 -7.46
C PHE C 108 -27.36 -16.68 -8.32
N PHE C 109 -27.29 -16.31 -9.60
CA PHE C 109 -26.22 -16.81 -10.44
C PHE C 109 -24.83 -16.45 -9.93
N PRO C 110 -24.55 -15.22 -9.49
CA PRO C 110 -23.22 -14.95 -8.93
C PRO C 110 -22.91 -15.80 -7.72
N TYR C 111 -23.90 -16.02 -6.86
CA TYR C 111 -23.68 -16.85 -5.68
C TYR C 111 -23.35 -18.28 -6.08
N ILE C 112 -24.02 -18.80 -7.10
CA ILE C 112 -23.78 -20.17 -7.51
C ILE C 112 -22.40 -20.31 -8.14
N LEU C 113 -21.99 -19.32 -8.93
CA LEU C 113 -20.63 -19.37 -9.48
C LEU C 113 -19.58 -19.26 -8.39
N LEU C 114 -19.80 -18.40 -7.40
CA LEU C 114 -18.85 -18.31 -6.29
C LEU C 114 -18.83 -19.62 -5.50
N LEU C 115 -19.98 -20.26 -5.35
CA LEU C 115 -20.03 -21.55 -4.68
C LEU C 115 -19.20 -22.59 -5.43
N PHE C 116 -19.32 -22.59 -6.75
CA PHE C 116 -18.51 -23.52 -7.54
C PHE C 116 -17.03 -23.21 -7.43
N ALA C 117 -16.68 -21.93 -7.42
CA ALA C 117 -15.29 -21.55 -7.24
C ALA C 117 -14.75 -22.03 -5.90
N ILE C 118 -15.53 -21.86 -4.84
CA ILE C 118 -15.10 -22.29 -3.52
C ILE C 118 -14.95 -23.81 -3.46
N LEU C 119 -15.97 -24.54 -3.93
CA LEU C 119 -15.89 -25.99 -3.91
C LEU C 119 -14.74 -26.50 -4.76
N LEU C 120 -14.40 -25.79 -5.83
CA LEU C 120 -13.28 -26.23 -6.66
C LEU C 120 -11.94 -25.86 -6.01
N TYR C 121 -11.94 -24.84 -5.16
CA TYR C 121 -10.73 -24.50 -4.41
C TYR C 121 -10.53 -25.42 -3.22
N LEU C 122 -11.58 -26.06 -2.74
CA LEU C 122 -11.45 -26.90 -1.54
C LEU C 122 -10.50 -28.07 -1.69
N PRO C 123 -10.55 -28.88 -2.75
CA PRO C 123 -9.62 -30.03 -2.85
C PRO C 123 -8.17 -29.60 -2.93
N PRO C 124 -7.82 -28.55 -3.71
CA PRO C 124 -6.42 -28.08 -3.66
C PRO C 124 -6.02 -27.61 -2.28
N LEU C 125 -6.94 -27.01 -1.52
CA LEU C 125 -6.63 -26.60 -0.17
C LEU C 125 -6.38 -27.80 0.74
N PHE C 126 -7.23 -28.83 0.63
CA PHE C 126 -7.02 -30.03 1.40
C PHE C 126 -5.69 -30.68 1.06
N TRP C 127 -5.31 -30.65 -0.22
CA TRP C 127 -4.00 -31.17 -0.59
C TRP C 127 -2.88 -30.33 -0.03
N ARG C 128 -3.03 -29.01 -0.05
CA ARG C 128 -1.97 -28.12 0.42
C ARG C 128 -1.78 -28.23 1.92
N PHE C 129 -2.82 -28.62 2.65
CA PHE C 129 -2.71 -28.65 4.11
C PHE C 129 -2.52 -30.06 4.67
N ALA C 130 -3.18 -31.06 4.10
CA ALA C 130 -3.13 -32.39 4.69
C ALA C 130 -1.96 -33.20 4.14
N ALA C 131 -1.73 -33.13 2.83
CA ALA C 131 -0.75 -33.99 2.18
C ALA C 131 0.46 -33.26 1.62
N ALA C 132 0.45 -31.93 1.55
CA ALA C 132 1.59 -31.22 1.00
C ALA C 132 2.81 -31.24 1.92
N PRO C 133 2.68 -31.03 3.24
CA PRO C 133 3.89 -31.10 4.07
C PRO C 133 4.50 -32.48 4.14
N HIS C 134 3.67 -33.53 4.16
CA HIS C 134 4.19 -34.90 4.20
C HIS C 134 5.07 -35.17 2.99
N ILE C 135 4.63 -34.72 1.81
CA ILE C 135 5.43 -34.94 0.61
C ILE C 135 6.59 -33.95 0.55
N CYS C 136 6.43 -32.79 1.17
CA CYS C 136 7.47 -31.76 1.12
C CYS C 136 8.69 -32.19 1.91
N SER C 137 8.48 -32.67 3.12
CA SER C 137 9.60 -33.15 3.94
C SER C 137 10.32 -34.29 3.25
N ASP C 138 9.58 -35.27 2.74
CA ASP C 138 10.19 -36.41 2.07
C ASP C 138 10.95 -35.99 0.83
N LEU C 139 10.40 -35.06 0.05
CA LEU C 139 11.05 -34.65 -1.18
C LEU C 139 12.31 -33.86 -0.87
N LYS C 140 12.27 -32.98 0.13
CA LYS C 140 13.46 -32.25 0.52
C LYS C 140 14.53 -33.20 1.01
N PHE C 141 14.14 -34.22 1.77
CA PHE C 141 15.12 -35.19 2.23
C PHE C 141 15.72 -35.96 1.07
N ILE C 142 14.90 -36.34 0.09
CA ILE C 142 15.41 -37.08 -1.06
C ILE C 142 16.36 -36.23 -1.86
N MET C 143 16.04 -34.95 -2.05
CA MET C 143 16.95 -34.08 -2.78
C MET C 143 18.26 -33.88 -2.04
N GLU C 144 18.20 -33.69 -0.72
CA GLU C 144 19.43 -33.57 0.06
C GLU C 144 20.27 -34.85 -0.03
N GLU C 145 19.63 -36.01 0.07
CA GLU C 145 20.36 -37.26 -0.01
C GLU C 145 20.98 -37.46 -1.39
N LEU C 146 20.28 -37.03 -2.44
CA LEU C 146 20.84 -37.15 -3.78
C LEU C 146 22.05 -36.24 -3.95
N ASP C 147 21.96 -34.99 -3.47
CA ASP C 147 23.11 -34.12 -3.51
C ASP C 147 24.28 -34.70 -2.73
N LYS C 148 23.99 -35.32 -1.58
CA LYS C 148 25.05 -35.89 -0.76
C LYS C 148 25.71 -37.08 -1.45
N VAL C 149 24.92 -37.95 -2.06
CA VAL C 149 25.49 -39.11 -2.74
C VAL C 149 26.30 -38.65 -3.95
N TYR C 150 25.86 -37.60 -4.63
CA TYR C 150 26.64 -37.05 -5.74
C TYR C 150 27.98 -36.52 -5.25
N ASN C 151 27.96 -35.74 -4.17
CA ASN C 151 29.19 -35.21 -3.62
C ASN C 151 30.14 -36.33 -3.21
N ARG C 152 29.60 -37.37 -2.56
CA ARG C 152 30.46 -38.47 -2.13
C ARG C 152 31.02 -39.23 -3.32
N ALA C 153 30.22 -39.40 -4.39
CA ALA C 153 30.71 -40.10 -5.56
C ALA C 153 31.83 -39.32 -6.23
N ILE C 154 31.70 -38.01 -6.34
CA ILE C 154 32.75 -37.23 -7.00
C ILE C 154 33.97 -37.11 -6.09
N LYS C 155 33.76 -37.14 -4.77
CA LYS C 155 34.90 -37.14 -3.86
C LYS C 155 35.69 -38.44 -3.96
N ALA C 156 34.98 -39.57 -4.06
CA ALA C 156 35.65 -40.84 -4.28
C ALA C 156 36.36 -40.85 -5.62
N ALA C 157 35.72 -40.30 -6.65
CA ALA C 157 36.37 -40.23 -7.96
C ALA C 157 37.56 -39.27 -7.94
N LYS C 158 37.43 -38.16 -7.20
CA LYS C 158 38.55 -37.22 -7.10
C LYS C 158 39.73 -37.84 -6.37
N SER C 159 39.46 -38.60 -5.30
CA SER C 159 40.53 -39.28 -4.59
C SER C 159 41.19 -40.33 -5.46
N ALA C 160 40.42 -40.98 -6.33
CA ALA C 160 40.99 -41.94 -7.26
C ALA C 160 41.88 -41.25 -8.29
N ARG C 161 41.47 -40.06 -8.75
CA ARG C 161 42.29 -39.30 -9.68
C ARG C 161 43.59 -38.84 -9.03
N ASP C 162 43.57 -38.65 -7.71
CA ASP C 162 44.76 -38.24 -6.98
C ASP C 162 45.67 -39.44 -6.71
N PHE C 191 30.36 -47.76 5.27
CA PHE C 191 29.08 -47.14 4.91
C PHE C 191 28.61 -47.65 3.55
N LYS C 192 28.46 -46.72 2.60
CA LYS C 192 28.03 -47.03 1.24
C LYS C 192 26.68 -47.75 1.24
N TYR C 193 25.68 -47.12 1.85
CA TYR C 193 24.34 -47.69 1.93
C TYR C 193 23.40 -46.90 1.04
N PRO C 194 22.66 -47.54 0.14
CA PRO C 194 21.69 -46.80 -0.67
C PRO C 194 20.48 -46.41 0.14
N ILE C 195 20.61 -45.34 0.93
CA ILE C 195 19.55 -44.96 1.85
C ILE C 195 18.35 -44.40 1.09
N VAL C 196 18.58 -43.58 0.08
CA VAL C 196 17.46 -42.99 -0.66
C VAL C 196 16.76 -44.06 -1.50
N GLU C 197 17.52 -45.02 -2.02
CA GLU C 197 16.90 -46.12 -2.76
C GLU C 197 16.02 -46.95 -1.85
N GLN C 198 16.49 -47.22 -0.63
CA GLN C 198 15.67 -47.97 0.32
C GLN C 198 14.44 -47.18 0.74
N TYR C 199 14.58 -45.86 0.89
CA TYR C 199 13.44 -45.03 1.24
C TYR C 199 12.38 -45.08 0.15
N LEU C 200 12.80 -44.99 -1.11
CA LEU C 200 11.84 -45.07 -2.21
C LEU C 200 11.23 -46.46 -2.32
N LYS C 201 12.03 -47.50 -2.07
CA LYS C 201 11.48 -48.85 -2.00
C LYS C 201 10.39 -48.94 -0.94
N THR C 202 10.58 -48.25 0.18
CA THR C 202 9.55 -48.22 1.21
C THR C 202 8.32 -47.47 0.74
N LYS C 203 8.52 -46.31 0.10
CA LYS C 203 7.40 -45.56 -0.45
C LYS C 203 6.59 -46.40 -1.43
N LYS C 204 7.24 -47.34 -2.11
CA LYS C 204 6.56 -48.23 -3.05
C LYS C 204 5.47 -49.04 -2.38
N ASN C 205 5.50 -49.14 -1.06
CA ASN C 205 4.57 -50.00 -0.33
C ASN C 205 3.30 -49.24 0.05
N SER C 206 3.44 -48.12 0.77
CA SER C 206 2.28 -47.40 1.26
C SER C 206 1.63 -46.60 0.13
N ASN C 207 0.32 -46.43 0.23
CA ASN C 207 -0.45 -45.72 -0.77
C ASN C 207 -1.33 -44.62 -0.19
N ASN C 208 -0.98 -44.09 0.98
CA ASN C 208 -1.82 -43.06 1.60
C ASN C 208 -1.80 -41.77 0.79
N LEU C 209 -0.60 -41.31 0.41
CA LEU C 209 -0.50 -40.06 -0.32
C LEU C 209 -1.18 -40.16 -1.68
N ILE C 210 -1.09 -41.33 -2.32
CA ILE C 210 -1.65 -41.44 -3.66
C ILE C 210 -3.17 -41.49 -3.60
N ILE C 211 -3.74 -42.10 -2.56
CA ILE C 211 -5.19 -42.10 -2.46
C ILE C 211 -5.68 -40.71 -2.08
N LYS C 212 -4.91 -39.99 -1.25
CA LYS C 212 -5.25 -38.60 -1.00
C LYS C 212 -5.24 -37.78 -2.29
N TYR C 213 -4.23 -37.99 -3.12
CA TYR C 213 -4.11 -37.25 -4.37
C TYR C 213 -5.23 -37.57 -5.34
N ILE C 214 -5.49 -38.86 -5.57
CA ILE C 214 -6.54 -39.21 -6.52
C ILE C 214 -7.92 -38.88 -5.94
N SER C 215 -8.02 -38.78 -4.61
CA SER C 215 -9.29 -38.38 -4.03
C SER C 215 -9.55 -36.89 -4.24
N CYS C 216 -8.53 -36.05 -4.03
CA CYS C 216 -8.73 -34.63 -4.29
C CYS C 216 -8.98 -34.39 -5.78
N ARG C 217 -8.27 -35.13 -6.64
CA ARG C 217 -8.53 -35.00 -8.08
C ARG C 217 -9.92 -35.49 -8.44
N LEU C 218 -10.40 -36.55 -7.78
CA LEU C 218 -11.71 -37.07 -8.10
C LEU C 218 -12.81 -36.13 -7.63
N LEU C 219 -12.64 -35.51 -6.47
CA LEU C 219 -13.60 -34.49 -6.05
C LEU C 219 -13.55 -33.28 -6.97
N THR C 220 -12.37 -32.91 -7.43
CA THR C 220 -12.28 -31.82 -8.40
C THR C 220 -13.04 -32.17 -9.67
N LEU C 221 -12.88 -33.40 -10.15
CA LEU C 221 -13.60 -33.82 -11.36
C LEU C 221 -15.09 -33.86 -11.14
N ILE C 222 -15.52 -34.35 -9.97
CA ILE C 222 -16.95 -34.43 -9.68
C ILE C 222 -17.56 -33.05 -9.61
N ILE C 223 -16.89 -32.11 -8.96
CA ILE C 223 -17.41 -30.75 -8.86
C ILE C 223 -17.39 -30.08 -10.22
N ILE C 224 -16.36 -30.35 -11.03
CA ILE C 224 -16.32 -29.78 -12.37
C ILE C 224 -17.47 -30.31 -13.22
N LEU C 225 -17.79 -31.60 -13.07
CA LEU C 225 -18.89 -32.17 -13.85
C LEU C 225 -20.23 -31.63 -13.37
N LEU C 226 -20.38 -31.46 -12.06
CA LEU C 226 -21.61 -30.87 -11.55
C LEU C 226 -21.76 -29.44 -12.02
N ALA C 227 -20.65 -28.70 -12.08
CA ALA C 227 -20.69 -27.34 -12.59
C ALA C 227 -21.04 -27.33 -14.08
N CYS C 228 -20.48 -28.26 -14.84
CA CYS C 228 -20.84 -28.37 -16.24
C CYS C 228 -22.32 -28.65 -16.41
N ILE C 229 -22.87 -29.55 -15.59
CA ILE C 229 -24.29 -29.87 -15.67
C ILE C 229 -25.12 -28.64 -15.36
N TYR C 230 -24.79 -27.94 -14.28
CA TYR C 230 -25.55 -26.76 -13.89
C TYR C 230 -25.47 -25.67 -14.96
N LEU C 231 -24.27 -25.44 -15.51
CA LEU C 231 -24.10 -24.38 -16.48
C LEU C 231 -24.78 -24.72 -17.79
N GLY C 232 -24.74 -25.99 -18.18
CA GLY C 232 -25.46 -26.41 -19.37
C GLY C 232 -26.96 -26.29 -19.20
N TYR C 233 -27.46 -26.59 -18.01
CA TYR C 233 -28.88 -26.38 -17.75
C TYR C 233 -29.22 -24.90 -17.79
N TYR C 234 -28.45 -24.08 -17.08
CA TYR C 234 -28.73 -22.66 -16.99
C TYR C 234 -28.68 -21.99 -18.37
N PHE C 235 -27.66 -22.32 -19.15
CA PHE C 235 -27.58 -21.79 -20.51
C PHE C 235 -28.73 -22.29 -21.36
N SER C 236 -29.33 -23.43 -20.99
CA SER C 236 -30.43 -23.96 -21.78
C SER C 236 -31.75 -23.29 -21.46
N LEU C 237 -31.77 -22.35 -20.51
CA LEU C 237 -33.02 -21.66 -20.19
C LEU C 237 -33.55 -20.89 -21.40
N SER C 238 -34.86 -20.63 -21.38
CA SER C 238 -35.56 -20.15 -22.56
C SER C 238 -35.08 -18.80 -23.04
N SER C 239 -34.31 -18.08 -22.23
CA SER C 239 -33.80 -16.73 -22.46
C SER C 239 -34.91 -15.71 -22.34
N LEU C 240 -36.16 -16.14 -22.22
CA LEU C 240 -37.27 -15.29 -21.82
C LEU C 240 -37.72 -15.59 -20.40
N SER C 241 -37.01 -16.49 -19.70
CA SER C 241 -37.32 -16.75 -18.31
C SER C 241 -36.89 -15.60 -17.42
N ASP C 242 -36.14 -14.65 -17.96
CA ASP C 242 -35.80 -13.45 -17.21
C ASP C 242 -36.94 -12.45 -17.15
N GLU C 243 -38.00 -12.66 -17.93
CA GLU C 243 -39.19 -11.84 -17.87
C GLU C 243 -40.24 -12.57 -17.05
N PHE C 244 -40.61 -12.01 -15.92
CA PHE C 244 -41.60 -12.63 -15.06
C PHE C 244 -42.62 -11.58 -14.67
N VAL C 245 -43.86 -12.04 -14.50
CA VAL C 245 -44.94 -11.16 -14.10
C VAL C 245 -44.99 -11.16 -12.58
N CYS C 246 -45.03 -9.97 -11.99
CA CYS C 246 -44.95 -9.79 -10.55
C CYS C 246 -46.12 -8.95 -10.09
N SER C 247 -46.66 -9.29 -8.92
CA SER C 247 -47.86 -8.66 -8.40
C SER C 247 -47.62 -8.21 -6.97
N ILE C 248 -47.60 -6.90 -6.74
CA ILE C 248 -47.44 -6.40 -5.38
C ILE C 248 -48.83 -6.24 -4.77
N LYS C 249 -49.41 -7.35 -4.33
CA LYS C 249 -50.77 -7.34 -3.81
C LYS C 249 -50.91 -8.21 -2.57
N SER C 250 -49.86 -8.35 -1.77
CA SER C 250 -49.99 -8.98 -0.48
C SER C 250 -50.13 -7.90 0.60
N GLY C 251 -50.72 -8.29 1.72
CA GLY C 251 -50.92 -7.33 2.79
C GLY C 251 -52.05 -6.36 2.47
N ILE C 252 -51.90 -5.13 2.96
CA ILE C 252 -52.94 -4.13 2.78
C ILE C 252 -53.08 -3.70 1.32
N LEU C 253 -52.10 -4.04 0.47
CA LEU C 253 -52.21 -3.68 -0.94
C LEU C 253 -53.11 -4.64 -1.68
N ARG C 254 -53.56 -5.70 -1.01
CA ARG C 254 -54.28 -6.77 -1.70
C ARG C 254 -55.53 -6.25 -2.39
N ASN C 255 -56.39 -5.55 -1.64
CA ASN C 255 -57.63 -5.07 -2.24
C ASN C 255 -57.52 -3.62 -2.68
N ASP C 256 -56.32 -3.07 -2.66
CA ASP C 256 -56.10 -1.72 -3.17
C ASP C 256 -56.41 -1.66 -4.65
N SER C 257 -56.86 -0.50 -5.11
CA SER C 257 -57.32 -0.35 -6.49
C SER C 257 -56.39 0.47 -7.36
N THR C 258 -55.68 1.44 -6.80
CA THR C 258 -54.80 2.28 -7.62
C THR C 258 -53.63 1.49 -8.17
N VAL C 259 -53.22 0.44 -7.45
CA VAL C 259 -52.10 -0.40 -7.88
C VAL C 259 -52.60 -1.43 -8.88
N PRO C 260 -51.94 -1.58 -10.03
CA PRO C 260 -52.42 -2.56 -11.02
C PRO C 260 -52.21 -3.98 -10.53
N ASP C 261 -52.90 -4.91 -11.22
CA ASP C 261 -52.92 -6.29 -10.76
C ASP C 261 -51.54 -6.93 -10.84
N GLN C 262 -50.79 -6.63 -11.89
CA GLN C 262 -49.51 -7.28 -12.09
C GLN C 262 -48.58 -6.38 -12.91
N PHE C 263 -47.30 -6.56 -12.69
CA PHE C 263 -46.26 -5.78 -13.35
C PHE C 263 -45.39 -6.68 -14.21
N GLN C 264 -44.92 -6.15 -15.33
CA GLN C 264 -44.03 -6.89 -16.21
C GLN C 264 -42.60 -6.55 -15.84
N CYS C 265 -41.97 -7.43 -15.07
CA CYS C 265 -40.58 -7.23 -14.67
C CYS C 265 -39.66 -8.05 -15.58
N LYS C 266 -38.44 -7.56 -15.74
CA LYS C 266 -37.41 -8.26 -16.50
C LYS C 266 -36.10 -8.23 -15.72
N LEU C 267 -35.45 -9.38 -15.62
CA LEU C 267 -34.16 -9.46 -14.94
C LEU C 267 -33.08 -9.11 -15.94
N ILE C 268 -32.61 -7.87 -15.88
CA ILE C 268 -31.48 -7.46 -16.71
C ILE C 268 -30.27 -8.30 -16.35
N ALA C 269 -29.31 -8.34 -17.26
CA ALA C 269 -28.05 -9.07 -17.11
C ALA C 269 -28.25 -10.57 -17.01
N VAL C 270 -29.37 -11.10 -17.48
CA VAL C 270 -29.51 -12.54 -17.57
C VAL C 270 -28.92 -13.06 -18.88
N GLY C 271 -29.05 -12.28 -19.96
CA GLY C 271 -28.35 -12.63 -21.18
C GLY C 271 -26.85 -12.67 -20.98
N ILE C 272 -26.31 -11.74 -20.20
CA ILE C 272 -24.90 -11.77 -19.86
C ILE C 272 -24.58 -13.00 -19.03
N PHE C 273 -25.48 -13.38 -18.11
CA PHE C 273 -25.26 -14.57 -17.32
C PHE C 273 -25.20 -15.81 -18.20
N GLN C 274 -26.07 -15.90 -19.20
CA GLN C 274 -26.08 -17.08 -20.05
C GLN C 274 -24.86 -17.11 -20.97
N LEU C 275 -24.49 -15.95 -21.52
CA LEU C 275 -23.30 -15.88 -22.36
C LEU C 275 -22.05 -16.22 -21.56
N LEU C 276 -22.02 -15.89 -20.27
CA LEU C 276 -20.86 -16.24 -19.47
C LEU C 276 -20.93 -17.68 -19.01
N SER C 277 -22.13 -18.21 -18.80
CA SER C 277 -22.28 -19.59 -18.38
C SER C 277 -21.85 -20.54 -19.49
N VAL C 278 -22.10 -20.17 -20.75
CA VAL C 278 -21.66 -21.04 -21.83
C VAL C 278 -20.14 -21.01 -21.95
N ILE C 279 -19.52 -19.86 -21.68
CA ILE C 279 -18.06 -19.78 -21.67
C ILE C 279 -17.49 -20.66 -20.57
N ASN C 280 -18.05 -20.54 -19.36
CA ASN C 280 -17.62 -21.38 -18.26
C ASN C 280 -17.81 -22.85 -18.56
N LEU C 281 -18.92 -23.21 -19.20
CA LEU C 281 -19.17 -24.60 -19.54
C LEU C 281 -18.17 -25.11 -20.57
N VAL C 282 -17.84 -24.29 -21.57
CA VAL C 282 -16.86 -24.70 -22.57
C VAL C 282 -15.51 -24.92 -21.92
N VAL C 283 -15.07 -23.96 -21.10
CA VAL C 283 -13.77 -24.10 -20.45
C VAL C 283 -13.77 -25.31 -19.51
N TYR C 284 -14.90 -25.59 -18.88
CA TYR C 284 -14.94 -26.69 -17.93
C TYR C 284 -14.96 -28.04 -18.63
N VAL C 285 -15.61 -28.13 -19.79
CA VAL C 285 -15.59 -29.40 -20.52
C VAL C 285 -14.28 -29.56 -21.26
N LEU C 286 -13.52 -28.49 -21.41
CA LEU C 286 -12.15 -28.64 -21.87
C LEU C 286 -11.23 -29.03 -20.72
N LEU C 287 -11.59 -28.63 -19.49
CA LEU C 287 -10.75 -28.90 -18.34
C LEU C 287 -10.96 -30.32 -17.81
N ALA C 288 -12.17 -30.84 -17.95
CA ALA C 288 -12.47 -32.17 -17.41
C ALA C 288 -11.59 -33.27 -17.99
N PRO C 289 -11.31 -33.32 -19.30
CA PRO C 289 -10.36 -34.34 -19.77
C PRO C 289 -8.99 -34.19 -19.16
N VAL C 290 -8.56 -32.97 -18.88
CA VAL C 290 -7.26 -32.76 -18.24
C VAL C 290 -7.25 -33.38 -16.84
N VAL C 291 -8.34 -33.18 -16.08
CA VAL C 291 -8.42 -33.77 -14.75
C VAL C 291 -8.48 -35.28 -14.84
N VAL C 292 -9.24 -35.82 -15.81
CA VAL C 292 -9.32 -37.26 -15.97
C VAL C 292 -7.96 -37.85 -16.29
N TYR C 293 -7.19 -37.19 -17.15
CA TYR C 293 -5.85 -37.65 -17.45
C TYR C 293 -4.95 -37.56 -16.23
N THR C 294 -5.07 -36.48 -15.47
CA THR C 294 -4.32 -36.34 -14.23
C THR C 294 -4.63 -37.49 -13.28
N LEU C 295 -5.86 -37.99 -13.31
CA LEU C 295 -6.27 -39.05 -12.40
C LEU C 295 -5.41 -40.30 -12.56
N PHE C 296 -4.89 -40.53 -13.76
CA PHE C 296 -4.05 -41.71 -14.03
C PHE C 296 -2.59 -41.36 -13.74
N VAL C 297 -2.26 -41.38 -12.47
CA VAL C 297 -0.95 -40.99 -11.98
C VAL C 297 0.18 -41.92 -12.46
N PRO C 298 0.00 -43.26 -12.57
CA PRO C 298 1.15 -44.07 -13.02
C PRO C 298 1.50 -43.79 -14.47
N PHE C 299 0.48 -43.62 -15.30
CA PHE C 299 0.70 -43.35 -16.71
C PHE C 299 1.54 -42.10 -16.92
N ARG C 300 1.36 -41.10 -16.05
CA ARG C 300 2.11 -39.87 -16.17
C ARG C 300 3.55 -39.99 -15.67
N GLN C 301 3.84 -40.97 -14.83
CA GLN C 301 5.21 -41.19 -14.39
C GLN C 301 6.05 -41.68 -15.57
N LYS C 302 6.85 -40.78 -16.12
CA LYS C 302 7.62 -41.09 -17.31
C LYS C 302 8.95 -40.36 -17.22
N THR C 303 9.85 -40.70 -18.15
CA THR C 303 11.20 -40.14 -18.18
C THR C 303 11.89 -40.33 -16.83
N ASP C 304 12.13 -41.60 -16.49
CA ASP C 304 12.63 -41.99 -15.17
C ASP C 304 13.76 -41.08 -14.71
N VAL C 305 13.51 -40.30 -13.67
CA VAL C 305 14.39 -39.21 -13.30
C VAL C 305 15.65 -39.75 -12.61
N LEU C 306 15.49 -40.81 -11.82
CA LEU C 306 16.62 -41.37 -11.12
C LEU C 306 17.53 -42.17 -12.03
N LYS C 307 17.07 -42.50 -13.24
CA LYS C 307 17.90 -43.24 -14.19
C LYS C 307 19.20 -42.50 -14.49
N VAL C 308 19.18 -41.17 -14.38
CA VAL C 308 20.38 -40.39 -14.64
C VAL C 308 21.40 -40.57 -13.52
N TYR C 309 20.96 -40.96 -12.33
CA TYR C 309 21.87 -41.17 -11.21
C TYR C 309 22.53 -42.54 -11.23
N GLU C 310 22.13 -43.42 -12.14
CA GLU C 310 22.64 -44.79 -12.12
C GLU C 310 24.09 -44.86 -12.55
N ILE C 311 24.64 -43.74 -13.02
CA ILE C 311 26.01 -43.73 -13.53
C ILE C 311 26.98 -43.34 -12.43
N LEU C 312 26.50 -43.32 -11.19
CA LEU C 312 27.35 -42.98 -10.06
C LEU C 312 27.78 -44.26 -9.35
N PRO C 313 29.06 -44.39 -8.98
CA PRO C 313 29.48 -45.58 -8.23
C PRO C 313 28.85 -45.65 -6.85
N THR C 314 28.73 -44.51 -6.16
CA THR C 314 28.14 -44.46 -4.83
C THR C 314 26.63 -44.65 -4.85
N PHE C 315 26.05 -44.92 -6.01
CA PHE C 315 24.61 -45.12 -6.16
C PHE C 315 24.36 -46.48 -6.81
N ASP C 316 23.51 -47.28 -6.18
CA ASP C 316 23.21 -48.59 -6.71
C ASP C 316 22.56 -48.48 -8.08
N VAL C 317 22.77 -49.50 -8.92
CA VAL C 317 22.21 -49.49 -10.27
C VAL C 317 20.80 -50.07 -10.22
N LEU C 318 19.84 -49.22 -9.87
CA LEU C 318 18.45 -49.64 -9.75
C LEU C 318 17.54 -48.42 -9.80
N HIS C 319 16.66 -48.37 -10.79
CA HIS C 319 15.61 -47.35 -10.79
C HIS C 319 14.50 -47.72 -9.82
N PHE C 320 13.83 -48.85 -10.08
CA PHE C 320 12.82 -49.41 -9.17
C PHE C 320 11.73 -48.39 -8.85
N LYS C 321 11.20 -47.75 -9.89
CA LYS C 321 10.14 -46.77 -9.70
C LYS C 321 9.21 -46.78 -10.90
N SER C 322 8.13 -47.57 -10.79
CA SER C 322 7.13 -47.69 -11.84
C SER C 322 5.99 -48.62 -11.42
N GLU C 323 4.91 -48.64 -12.21
CA GLU C 323 3.87 -49.66 -12.20
C GLU C 323 3.17 -49.82 -10.85
N GLY C 324 2.44 -48.83 -10.39
CA GLY C 324 1.66 -49.01 -9.18
C GLY C 324 0.78 -47.83 -8.85
N TYR C 325 -0.35 -48.13 -8.23
CA TYR C 325 -1.21 -47.14 -7.58
C TYR C 325 -0.70 -46.97 -6.16
N ASN C 326 0.55 -46.56 -6.03
CA ASN C 326 1.20 -46.44 -4.73
C ASN C 326 1.94 -45.11 -4.68
N ASP C 327 2.29 -44.71 -3.45
CA ASP C 327 2.86 -43.38 -3.25
C ASP C 327 4.16 -43.19 -4.02
N LEU C 328 4.78 -44.29 -4.46
CA LEU C 328 6.02 -44.16 -5.21
C LEU C 328 5.81 -43.44 -6.53
N SER C 329 4.70 -43.69 -7.21
CA SER C 329 4.44 -43.02 -8.47
C SER C 329 4.20 -41.53 -8.26
N LEU C 330 3.47 -41.19 -7.20
CA LEU C 330 3.27 -39.78 -6.85
C LEU C 330 4.60 -39.11 -6.56
N TYR C 331 5.46 -39.78 -5.80
CA TYR C 331 6.78 -39.22 -5.51
C TYR C 331 7.60 -39.10 -6.78
N ASN C 332 7.41 -40.03 -7.73
CA ASN C 332 8.10 -39.91 -9.00
C ASN C 332 7.66 -38.66 -9.75
N LEU C 333 6.36 -38.39 -9.76
CA LEU C 333 5.88 -37.17 -10.40
C LEU C 333 6.45 -35.93 -9.73
N PHE C 334 6.42 -35.88 -8.40
CA PHE C 334 6.89 -34.69 -7.70
C PHE C 334 8.40 -34.54 -7.85
N LEU C 335 9.13 -35.65 -7.96
CA LEU C 335 10.55 -35.58 -8.22
C LEU C 335 10.82 -35.08 -9.63
N GLU C 336 10.06 -35.58 -10.60
CA GLU C 336 10.21 -35.09 -11.97
C GLU C 336 9.94 -33.60 -12.05
N GLU C 337 9.05 -33.10 -11.19
CA GLU C 337 8.78 -31.67 -11.22
C GLU C 337 9.89 -30.88 -10.52
N ASN C 338 10.20 -31.21 -9.28
CA ASN C 338 11.10 -30.40 -8.46
C ASN C 338 12.57 -30.78 -8.63
N ILE C 339 12.89 -31.67 -9.56
CA ILE C 339 14.25 -32.18 -9.64
C ILE C 339 15.16 -31.19 -10.35
N SER C 340 14.57 -30.25 -11.10
CA SER C 340 15.40 -29.27 -11.80
C SER C 340 16.09 -28.34 -10.82
N GLU C 341 15.56 -28.22 -9.60
CA GLU C 341 16.24 -27.42 -8.57
C GLU C 341 17.50 -28.12 -8.08
N VAL C 342 17.58 -29.44 -8.26
CA VAL C 342 18.73 -30.20 -7.78
C VAL C 342 19.90 -30.02 -8.73
N LYS C 343 20.98 -29.41 -8.23
CA LYS C 343 22.15 -29.14 -9.07
C LYS C 343 22.80 -30.43 -9.54
N SER C 344 22.94 -31.39 -8.63
CA SER C 344 23.55 -32.66 -8.99
C SER C 344 22.77 -33.33 -10.11
N TYR C 345 21.44 -33.27 -10.06
CA TYR C 345 20.65 -33.81 -11.16
C TYR C 345 20.94 -33.08 -12.45
N LYS C 346 21.10 -31.76 -12.40
CA LYS C 346 21.37 -31.01 -13.60
C LYS C 346 22.69 -31.45 -14.25
N CYS C 347 23.75 -31.53 -13.44
CA CYS C 347 25.04 -31.94 -14.00
C CYS C 347 24.99 -33.38 -14.51
N LEU C 348 24.32 -34.26 -13.76
CA LEU C 348 24.22 -35.65 -14.21
C LEU C 348 23.46 -35.75 -15.53
N LYS C 349 22.43 -34.92 -15.70
CA LYS C 349 21.69 -34.95 -16.95
C LYS C 349 22.53 -34.37 -18.09
N VAL C 350 23.36 -33.38 -17.79
CA VAL C 350 24.33 -32.93 -18.78
C VAL C 350 25.21 -34.07 -19.24
N LEU C 351 25.79 -34.82 -18.31
CA LEU C 351 26.61 -35.96 -18.69
C LEU C 351 25.82 -37.01 -19.45
N GLU C 352 24.57 -37.25 -19.05
CA GLU C 352 23.77 -38.27 -19.71
C GLU C 352 23.45 -37.89 -21.14
N ASN C 353 23.17 -36.61 -21.38
CA ASN C 353 22.90 -36.15 -22.74
C ASN C 353 24.14 -36.24 -23.61
N ILE C 354 25.30 -35.90 -23.03
CA ILE C 354 26.55 -36.03 -23.76
C ILE C 354 26.80 -37.49 -24.10
N LYS C 355 26.42 -38.41 -23.21
CA LYS C 355 26.60 -39.83 -23.42
C LYS C 355 25.85 -40.34 -24.64
N SER C 356 24.88 -39.56 -25.13
CA SER C 356 24.16 -39.94 -26.34
C SER C 356 25.13 -40.05 -27.52
N SER C 357 26.09 -39.12 -27.61
CA SER C 357 27.13 -39.22 -28.62
C SER C 357 28.10 -40.34 -28.29
N GLY C 358 28.39 -40.54 -27.00
CA GLY C 358 29.29 -41.58 -26.57
C GLY C 358 30.75 -41.31 -26.81
N GLN C 359 31.17 -40.04 -26.90
CA GLN C 359 32.56 -39.75 -27.22
C GLN C 359 33.49 -40.16 -26.09
N GLY C 360 33.32 -39.61 -24.89
CA GLY C 360 34.24 -39.90 -23.81
C GLY C 360 33.76 -40.99 -22.88
N ILE C 361 33.66 -40.68 -21.58
CA ILE C 361 33.27 -41.66 -20.57
C ILE C 361 32.63 -40.92 -19.40
N ASP C 362 31.73 -41.60 -18.70
CA ASP C 362 30.97 -40.99 -17.62
C ASP C 362 31.84 -40.58 -16.44
N PRO C 363 32.69 -41.46 -15.88
CA PRO C 363 33.47 -41.03 -14.71
C PRO C 363 34.49 -39.95 -15.04
N MET C 364 35.09 -40.00 -16.23
CA MET C 364 36.04 -38.97 -16.61
C MET C 364 35.38 -37.61 -16.71
N LEU C 365 34.23 -37.54 -17.41
CA LEU C 365 33.52 -36.28 -17.52
C LEU C 365 33.00 -35.81 -16.16
N LEU C 366 32.64 -36.75 -15.29
CA LEU C 366 32.21 -36.36 -13.95
C LEU C 366 33.35 -35.73 -13.16
N LEU C 367 34.52 -36.36 -13.19
CA LEU C 367 35.69 -35.78 -12.54
C LEU C 367 36.02 -34.42 -13.13
N THR C 368 35.84 -34.26 -14.44
CA THR C 368 36.07 -32.96 -15.08
C THR C 368 35.08 -31.92 -14.55
N ASN C 369 33.82 -32.36 -14.39
CA ASN C 369 32.66 -31.54 -13.93
C ASN C 369 33.08 -30.57 -12.83
N LEU C 370 33.49 -31.12 -11.68
CA LEU C 370 33.94 -30.37 -10.46
C LEU C 370 32.82 -29.45 -9.97
N GLY C 371 31.65 -30.02 -9.67
CA GLY C 371 30.50 -29.27 -9.15
C GLY C 371 29.90 -29.94 -7.93
N MET C 372 30.60 -29.89 -6.80
CA MET C 372 30.12 -30.53 -5.55
C MET C 372 28.82 -29.86 -5.09
N ILE C 373 28.73 -28.52 -5.20
CA ILE C 373 27.52 -27.77 -4.79
C ILE C 373 27.61 -26.35 -5.37
N ALA D 2 -17.28 -6.17 -4.71
CA ALA D 2 -17.47 -7.21 -5.72
C ALA D 2 -17.46 -8.58 -5.07
N ILE D 3 -18.21 -9.51 -5.65
CA ILE D 3 -18.27 -10.87 -5.14
C ILE D 3 -16.89 -11.51 -5.14
N ALA D 4 -16.15 -11.37 -6.25
CA ALA D 4 -14.86 -12.04 -6.36
C ALA D 4 -13.86 -11.48 -5.36
N GLN D 5 -13.97 -10.19 -5.04
CA GLN D 5 -13.07 -9.61 -4.04
C GLN D 5 -13.31 -10.25 -2.68
N LEU D 6 -14.58 -10.38 -2.29
CA LEU D 6 -14.89 -11.04 -1.01
C LEU D 6 -14.45 -12.50 -1.03
N ALA D 7 -14.63 -13.18 -2.17
CA ALA D 7 -14.16 -14.54 -2.30
C ALA D 7 -12.67 -14.63 -2.02
N THR D 8 -11.87 -13.82 -2.73
CA THR D 8 -10.44 -13.81 -2.45
C THR D 8 -10.16 -13.56 -0.98
N GLU D 9 -10.70 -12.46 -0.45
CA GLU D 9 -10.38 -12.04 0.91
C GLU D 9 -10.70 -13.11 1.95
N TYR D 10 -11.77 -13.88 1.75
CA TYR D 10 -12.25 -14.73 2.82
C TYR D 10 -12.05 -16.23 2.59
N VAL D 11 -11.70 -16.67 1.38
CA VAL D 11 -11.32 -18.07 1.23
C VAL D 11 -9.92 -18.16 0.61
N PHE D 12 -9.64 -17.34 -0.41
CA PHE D 12 -8.41 -17.52 -1.16
C PHE D 12 -7.25 -16.79 -0.50
N SER D 13 -7.53 -15.72 0.22
CA SER D 13 -6.50 -15.08 1.03
C SER D 13 -6.24 -15.93 2.28
N ASP D 14 -5.14 -15.63 2.95
CA ASP D 14 -4.80 -16.33 4.18
C ASP D 14 -5.55 -15.71 5.36
N PHE D 15 -6.87 -15.59 5.23
CA PHE D 15 -7.67 -15.00 6.29
C PHE D 15 -7.71 -15.94 7.49
N LEU D 16 -7.30 -15.43 8.66
CA LEU D 16 -7.17 -16.18 9.89
C LEU D 16 -6.24 -17.38 9.75
N LEU D 17 -5.38 -17.38 8.73
CA LEU D 17 -4.32 -18.37 8.60
C LEU D 17 -2.94 -17.75 8.81
N LYS D 18 -2.89 -16.49 9.25
CA LYS D 18 -1.62 -15.81 9.46
C LYS D 18 -0.86 -16.45 10.63
N GLU D 19 0.38 -16.82 10.37
CA GLU D 19 1.25 -17.27 11.43
C GLU D 19 1.52 -16.12 12.39
N PRO D 20 1.77 -16.41 13.67
CA PRO D 20 2.04 -15.34 14.64
C PRO D 20 3.26 -14.53 14.23
N THR D 21 3.01 -13.26 13.93
CA THR D 21 4.08 -12.37 13.48
C THR D 21 4.97 -11.98 14.66
N GLU D 22 5.85 -12.90 15.05
CA GLU D 22 6.75 -12.70 16.17
C GLU D 22 7.83 -13.78 16.15
N PRO D 23 9.06 -13.45 16.56
CA PRO D 23 10.14 -14.45 16.58
C PRO D 23 10.10 -15.40 17.78
N LYS D 24 9.12 -15.26 18.67
CA LYS D 24 9.01 -16.18 19.80
C LYS D 24 8.58 -17.57 19.33
N PHE D 25 7.58 -17.64 18.46
CA PHE D 25 7.13 -18.88 17.85
C PHE D 25 7.50 -18.85 16.38
N LYS D 26 8.56 -19.55 16.02
CA LYS D 26 9.09 -19.56 14.65
C LYS D 26 8.76 -20.91 14.04
N GLY D 27 7.77 -20.94 13.16
CA GLY D 27 7.34 -22.16 12.54
C GLY D 27 6.50 -23.07 13.42
N LEU D 28 6.33 -22.73 14.69
CA LEU D 28 5.50 -23.51 15.61
C LEU D 28 4.05 -23.16 15.32
N ARG D 29 3.21 -24.18 15.20
CA ARG D 29 1.83 -23.95 14.80
C ARG D 29 1.01 -23.40 15.96
N LEU D 30 1.05 -24.07 17.11
CA LEU D 30 0.33 -23.70 18.34
C LEU D 30 -1.18 -23.78 18.19
N GLU D 31 -1.69 -24.16 17.02
CA GLU D 31 -3.10 -24.41 16.81
C GLU D 31 -3.22 -25.59 15.86
N LEU D 32 -3.85 -26.66 16.34
CA LEU D 32 -3.99 -27.86 15.54
C LEU D 32 -4.70 -27.56 14.22
N ALA D 33 -4.26 -28.25 13.16
CA ALA D 33 -4.78 -27.95 11.83
C ALA D 33 -6.29 -28.04 11.79
N VAL D 34 -6.87 -29.04 12.46
CA VAL D 34 -8.32 -29.16 12.48
C VAL D 34 -8.93 -28.00 13.27
N ASP D 35 -8.26 -27.56 14.33
CA ASP D 35 -8.76 -26.41 15.07
C ASP D 35 -8.62 -25.12 14.27
N LYS D 36 -7.51 -24.98 13.56
CA LYS D 36 -7.33 -23.80 12.72
C LYS D 36 -8.39 -23.74 11.63
N MET D 37 -8.70 -24.87 11.01
CA MET D 37 -9.72 -24.86 9.96
C MET D 37 -11.12 -24.68 10.53
N VAL D 38 -11.41 -25.24 11.71
CA VAL D 38 -12.70 -25.00 12.33
C VAL D 38 -12.88 -23.53 12.66
N THR D 39 -11.83 -22.90 13.19
CA THR D 39 -11.91 -21.46 13.46
C THR D 39 -12.08 -20.68 12.17
N CYS D 40 -11.28 -20.98 11.16
CA CYS D 40 -11.39 -20.27 9.88
C CYS D 40 -12.78 -20.36 9.32
N ILE D 41 -13.37 -21.56 9.30
CA ILE D 41 -14.72 -21.71 8.78
C ILE D 41 -15.71 -20.96 9.65
N ALA D 42 -15.77 -21.30 10.93
CA ALA D 42 -16.81 -20.76 11.81
C ALA D 42 -16.74 -19.25 11.92
N VAL D 43 -15.60 -18.65 11.59
CA VAL D 43 -15.49 -17.20 11.70
C VAL D 43 -15.67 -16.55 10.34
N GLY D 44 -15.01 -17.06 9.31
CA GLY D 44 -15.05 -16.40 8.01
C GLY D 44 -16.35 -16.63 7.27
N LEU D 45 -17.02 -17.76 7.54
CA LEU D 45 -18.28 -18.04 6.86
C LEU D 45 -19.35 -17.02 7.21
N PRO D 46 -19.62 -16.69 8.48
CA PRO D 46 -20.58 -15.62 8.73
C PRO D 46 -20.14 -14.29 8.17
N LEU D 47 -18.84 -14.00 8.18
CA LEU D 47 -18.37 -12.74 7.59
C LEU D 47 -18.54 -12.74 6.08
N LEU D 48 -18.18 -13.86 5.45
CA LEU D 48 -18.29 -14.00 3.97
C LEU D 48 -19.78 -13.91 3.58
N LEU D 49 -20.66 -14.45 4.43
CA LEU D 49 -22.13 -14.43 4.18
C LEU D 49 -22.63 -12.99 4.34
N ILE D 50 -22.21 -12.29 5.40
CA ILE D 50 -22.60 -10.89 5.56
C ILE D 50 -22.19 -10.10 4.33
N SER D 51 -20.95 -10.25 3.89
CA SER D 51 -20.48 -9.49 2.75
C SER D 51 -21.22 -9.85 1.47
N LEU D 52 -21.65 -11.10 1.34
CA LEU D 52 -22.43 -11.49 0.18
C LEU D 52 -23.85 -10.94 0.24
N ALA D 53 -24.45 -10.91 1.43
CA ALA D 53 -25.85 -10.49 1.54
C ALA D 53 -26.05 -9.06 1.05
N PHE D 54 -24.97 -8.30 0.93
CA PHE D 54 -25.05 -6.93 0.44
C PHE D 54 -24.09 -6.68 -0.71
N ALA D 55 -23.69 -7.72 -1.43
CA ALA D 55 -22.96 -7.54 -2.67
C ALA D 55 -23.73 -6.61 -3.58
N GLN D 56 -23.01 -5.70 -4.24
CA GLN D 56 -23.66 -4.63 -4.96
C GLN D 56 -24.57 -5.15 -6.08
N GLU D 57 -24.38 -6.39 -6.51
CA GLU D 57 -25.21 -6.92 -7.58
C GLU D 57 -26.37 -7.74 -7.06
N ILE D 58 -26.33 -8.13 -5.79
CA ILE D 58 -27.48 -8.82 -5.22
C ILE D 58 -28.42 -7.82 -4.55
N SER D 59 -27.87 -6.72 -4.04
CA SER D 59 -28.68 -5.66 -3.46
C SER D 59 -29.30 -4.84 -4.58
N ILE D 60 -30.63 -4.69 -4.53
CA ILE D 60 -31.31 -3.86 -5.52
C ILE D 60 -31.20 -2.39 -5.13
N GLY D 61 -31.04 -2.10 -3.84
CA GLY D 61 -31.03 -0.74 -3.37
C GLY D 61 -31.18 -0.67 -1.87
N THR D 62 -32.16 0.10 -1.40
CA THR D 62 -32.40 0.20 0.02
C THR D 62 -32.81 -1.15 0.59
N GLN D 63 -32.75 -1.26 1.92
CA GLN D 63 -33.11 -2.51 2.58
C GLN D 63 -34.60 -2.58 2.85
N ILE D 64 -35.31 -1.48 2.72
CA ILE D 64 -36.74 -1.43 2.98
C ILE D 64 -37.39 -0.54 1.92
N SER D 65 -38.62 -0.89 1.53
CA SER D 65 -39.42 -0.10 0.62
C SER D 65 -40.86 -0.15 1.10
N CYS D 66 -41.55 0.98 1.05
CA CYS D 66 -42.81 1.09 1.78
C CYS D 66 -44.03 1.44 0.94
N PHE D 67 -43.86 1.82 -0.32
CA PHE D 67 -44.99 2.12 -1.19
C PHE D 67 -45.93 3.18 -0.62
N SER D 68 -45.44 4.41 -0.53
CA SER D 68 -46.30 5.54 -0.19
C SER D 68 -47.31 5.75 -1.31
N PRO D 69 -48.38 6.50 -1.05
CA PRO D 69 -49.33 6.80 -2.11
C PRO D 69 -48.69 7.62 -3.23
N SER D 70 -49.40 7.71 -4.35
CA SER D 70 -48.89 8.45 -5.50
C SER D 70 -48.85 9.94 -5.21
N SER D 71 -49.75 10.43 -4.35
CA SER D 71 -49.79 11.86 -4.05
C SER D 71 -48.57 12.28 -3.25
N PHE D 72 -47.97 11.35 -2.51
CA PHE D 72 -46.79 11.68 -1.71
C PHE D 72 -45.64 12.12 -2.60
N SER D 73 -44.93 13.15 -2.16
CA SER D 73 -43.77 13.60 -2.89
C SER D 73 -42.61 12.61 -2.69
N TRP D 74 -41.52 12.87 -3.39
CA TRP D 74 -40.34 12.03 -3.25
C TRP D 74 -39.84 12.01 -1.81
N ARG D 75 -39.78 13.18 -1.19
CA ARG D 75 -39.24 13.27 0.15
C ARG D 75 -40.21 12.72 1.19
N GLN D 76 -41.50 12.83 0.93
CA GLN D 76 -42.47 12.22 1.83
C GLN D 76 -42.36 10.70 1.80
N ALA D 77 -42.17 10.13 0.62
CA ALA D 77 -41.96 8.69 0.52
C ALA D 77 -40.66 8.28 1.17
N ALA D 78 -39.60 9.08 1.02
CA ALA D 78 -38.37 8.80 1.73
C ALA D 78 -38.58 8.83 3.23
N PHE D 79 -39.39 9.78 3.71
CA PHE D 79 -39.69 9.82 5.13
C PHE D 79 -40.42 8.56 5.57
N VAL D 80 -41.38 8.11 4.77
CA VAL D 80 -42.11 6.90 5.15
C VAL D 80 -41.17 5.71 5.22
N ASP D 81 -40.30 5.55 4.22
CA ASP D 81 -39.34 4.46 4.23
C ASP D 81 -38.46 4.51 5.47
N SER D 82 -37.83 5.65 5.74
CA SER D 82 -36.91 5.74 6.85
C SER D 82 -37.64 5.60 8.19
N TYR D 83 -38.84 6.16 8.28
CA TYR D 83 -39.62 6.03 9.51
C TYR D 83 -39.93 4.58 9.81
N CYS D 84 -40.37 3.83 8.80
CA CYS D 84 -40.73 2.44 9.05
C CYS D 84 -39.48 1.61 9.35
N TRP D 85 -38.37 1.91 8.66
CA TRP D 85 -37.11 1.27 8.98
C TRP D 85 -36.75 1.47 10.45
N ALA D 86 -36.89 2.70 10.94
CA ALA D 86 -36.59 2.94 12.35
C ALA D 86 -37.71 2.43 13.25
N ALA D 87 -38.88 2.15 12.67
CA ALA D 87 -40.06 1.78 13.42
C ALA D 87 -40.24 0.29 13.54
N VAL D 88 -39.39 -0.52 12.91
CA VAL D 88 -39.43 -1.95 13.20
C VAL D 88 -39.14 -2.20 14.68
N GLN D 89 -38.51 -1.24 15.36
CA GLN D 89 -38.28 -1.39 16.79
C GLN D 89 -39.51 -0.99 17.60
N GLN D 90 -40.04 0.21 17.35
CA GLN D 90 -41.20 0.70 18.09
C GLN D 90 -42.39 -0.19 17.77
N LYS D 91 -42.80 -1.02 18.73
CA LYS D 91 -43.79 -2.05 18.46
C LYS D 91 -45.17 -1.45 18.23
N ASN D 92 -45.41 -0.24 18.73
CA ASN D 92 -46.74 0.35 18.60
C ASN D 92 -47.04 0.75 17.17
N SER D 93 -46.01 1.15 16.41
CA SER D 93 -46.25 1.70 15.09
C SER D 93 -46.58 0.62 14.07
N LEU D 94 -45.86 -0.49 14.08
CA LEU D 94 -45.96 -1.49 13.03
C LEU D 94 -46.83 -2.65 13.51
N GLN D 95 -47.62 -3.19 12.59
CA GLN D 95 -48.45 -4.36 12.82
C GLN D 95 -48.06 -5.44 11.83
N SER D 96 -47.49 -6.54 12.33
CA SER D 96 -47.04 -7.63 11.48
C SER D 96 -47.71 -8.92 11.93
N GLU D 97 -48.07 -9.76 10.96
CA GLU D 97 -48.72 -11.03 11.27
C GLU D 97 -47.80 -11.97 12.05
N SER D 98 -46.52 -12.02 11.69
CA SER D 98 -45.61 -12.93 12.37
C SER D 98 -45.20 -12.41 13.73
N GLY D 99 -45.09 -11.09 13.87
CA GLY D 99 -44.69 -10.47 15.11
C GLY D 99 -43.53 -9.50 14.92
N ASN D 100 -43.17 -8.84 16.02
CA ASN D 100 -42.11 -7.84 15.96
C ASN D 100 -40.74 -8.50 16.02
N LEU D 101 -40.65 -9.68 16.63
CA LEU D 101 -39.37 -10.39 16.69
C LEU D 101 -38.83 -10.72 15.31
N PRO D 102 -39.60 -11.24 14.36
CA PRO D 102 -39.05 -11.42 13.01
C PRO D 102 -38.55 -10.13 12.40
N LEU D 103 -39.23 -9.01 12.68
CA LEU D 103 -38.78 -7.73 12.14
C LEU D 103 -37.43 -7.33 12.71
N TRP D 104 -37.28 -7.46 14.04
CA TRP D 104 -35.99 -7.23 14.66
C TRP D 104 -34.91 -8.11 14.04
N LEU D 105 -35.21 -9.39 13.85
CA LEU D 105 -34.22 -10.30 13.31
C LEU D 105 -33.88 -9.97 11.87
N HIS D 106 -34.84 -9.45 11.11
CA HIS D 106 -34.58 -9.12 9.72
C HIS D 106 -33.74 -7.86 9.61
N LYS D 107 -34.00 -6.87 10.46
CA LYS D 107 -33.20 -5.66 10.40
C LYS D 107 -31.77 -5.91 10.85
N PHE D 108 -31.59 -6.68 11.92
CA PHE D 108 -30.30 -6.84 12.56
C PHE D 108 -29.65 -8.19 12.26
N PHE D 109 -30.03 -8.81 11.15
CA PHE D 109 -29.37 -10.06 10.75
C PHE D 109 -27.87 -9.91 10.56
N PRO D 110 -27.36 -8.87 9.87
CA PRO D 110 -25.90 -8.73 9.78
C PRO D 110 -25.24 -8.59 11.13
N TYR D 111 -25.86 -7.84 12.04
CA TYR D 111 -25.28 -7.68 13.37
C TYR D 111 -25.22 -9.01 14.10
N ILE D 112 -26.27 -9.84 13.96
CA ILE D 112 -26.27 -11.11 14.66
C ILE D 112 -25.23 -12.05 14.08
N LEU D 113 -25.07 -12.05 12.75
CA LEU D 113 -24.02 -12.88 12.18
C LEU D 113 -22.64 -12.41 12.60
N LEU D 114 -22.42 -11.09 12.64
CA LEU D 114 -21.13 -10.59 13.12
C LEU D 114 -20.91 -10.94 14.59
N LEU D 115 -21.98 -10.92 15.37
CA LEU D 115 -21.87 -11.32 16.77
C LEU D 115 -21.45 -12.77 16.89
N PHE D 116 -22.04 -13.63 16.06
CA PHE D 116 -21.65 -15.04 16.08
C PHE D 116 -20.21 -15.22 15.63
N ALA D 117 -19.78 -14.45 14.62
CA ALA D 117 -18.39 -14.53 14.19
C ALA D 117 -17.44 -14.12 15.31
N ILE D 118 -17.77 -13.05 16.02
CA ILE D 118 -16.92 -12.58 17.11
C ILE D 118 -16.87 -13.60 18.24
N LEU D 119 -18.04 -14.09 18.67
CA LEU D 119 -18.07 -15.08 19.74
C LEU D 119 -17.33 -16.36 19.34
N LEU D 120 -17.35 -16.71 18.05
CA LEU D 120 -16.65 -17.91 17.62
C LEU D 120 -15.16 -17.64 17.52
N TYR D 121 -14.77 -16.39 17.31
CA TYR D 121 -13.36 -16.04 17.31
C TYR D 121 -12.79 -15.91 18.72
N LEU D 122 -13.65 -15.70 19.71
CA LEU D 122 -13.15 -15.49 21.07
C LEU D 122 -12.41 -16.68 21.66
N PRO D 123 -12.90 -17.92 21.58
CA PRO D 123 -12.15 -19.04 22.18
C PRO D 123 -10.79 -19.27 21.52
N PRO D 124 -10.68 -19.20 20.19
CA PRO D 124 -9.32 -19.29 19.61
C PRO D 124 -8.42 -18.17 20.07
N LEU D 125 -8.97 -16.98 20.30
CA LEU D 125 -8.14 -15.88 20.80
C LEU D 125 -7.67 -16.17 22.22
N PHE D 126 -8.58 -16.66 23.08
CA PHE D 126 -8.19 -17.02 24.42
C PHE D 126 -7.12 -18.11 24.42
N TRP D 127 -7.23 -19.05 23.50
CA TRP D 127 -6.20 -20.07 23.40
C TRP D 127 -4.88 -19.47 22.91
N ARG D 128 -4.94 -18.55 21.95
CA ARG D 128 -3.72 -17.98 21.39
C ARG D 128 -3.01 -17.10 22.41
N PHE D 129 -3.73 -16.54 23.37
CA PHE D 129 -3.11 -15.63 24.32
C PHE D 129 -2.82 -16.25 25.68
N ALA D 130 -3.72 -17.09 26.18
CA ALA D 130 -3.55 -17.61 27.54
C ALA D 130 -2.73 -18.89 27.54
N ALA D 131 -2.98 -19.80 26.60
CA ALA D 131 -2.37 -21.12 26.63
C ALA D 131 -1.40 -21.39 25.49
N ALA D 132 -1.34 -20.53 24.47
CA ALA D 132 -0.42 -20.79 23.36
C ALA D 132 1.03 -20.57 23.74
N PRO D 133 1.41 -19.51 24.46
CA PRO D 133 2.84 -19.37 24.81
C PRO D 133 3.34 -20.45 25.76
N HIS D 134 2.49 -20.86 26.71
CA HIS D 134 2.88 -21.92 27.63
C HIS D 134 3.25 -23.20 26.88
N ILE D 135 2.45 -23.55 25.88
CA ILE D 135 2.74 -24.76 25.11
C ILE D 135 3.86 -24.49 24.11
N CYS D 136 4.02 -23.24 23.68
CA CYS D 136 5.05 -22.93 22.69
C CYS D 136 6.44 -23.07 23.29
N SER D 137 6.65 -22.50 24.48
CA SER D 137 7.94 -22.63 25.12
C SER D 137 8.28 -24.08 25.38
N ASP D 138 7.33 -24.84 25.92
CA ASP D 138 7.57 -26.25 26.21
C ASP D 138 7.87 -27.04 24.95
N LEU D 139 7.14 -26.77 23.87
CA LEU D 139 7.33 -27.53 22.64
C LEU D 139 8.67 -27.19 22.00
N LYS D 140 9.05 -25.91 22.02
CA LYS D 140 10.35 -25.52 21.50
C LYS D 140 11.47 -26.17 22.30
N PHE D 141 11.31 -26.23 23.63
CA PHE D 141 12.32 -26.88 24.45
C PHE D 141 12.38 -28.37 24.16
N ILE D 142 11.24 -29.01 23.96
CA ILE D 142 11.24 -30.45 23.67
C ILE D 142 11.91 -30.72 22.33
N MET D 143 11.63 -29.89 21.33
CA MET D 143 12.26 -30.07 20.03
C MET D 143 13.77 -29.85 20.12
N GLU D 144 14.22 -28.82 20.84
CA GLU D 144 15.64 -28.60 21.02
C GLU D 144 16.30 -29.78 21.73
N GLU D 145 15.65 -30.30 22.78
CA GLU D 145 16.21 -31.42 23.51
C GLU D 145 16.27 -32.68 22.64
N LEU D 146 15.27 -32.87 21.78
CA LEU D 146 15.31 -34.02 20.89
C LEU D 146 16.43 -33.90 19.88
N ASP D 147 16.61 -32.72 19.29
CA ASP D 147 17.74 -32.52 18.38
C ASP D 147 19.06 -32.76 19.10
N LYS D 148 19.16 -32.31 20.36
CA LYS D 148 20.40 -32.47 21.11
C LYS D 148 20.67 -33.94 21.40
N VAL D 149 19.65 -34.69 21.80
CA VAL D 149 19.85 -36.11 22.11
C VAL D 149 20.21 -36.87 20.83
N TYR D 150 19.62 -36.47 19.70
CA TYR D 150 19.99 -37.10 18.43
C TYR D 150 21.44 -36.83 18.09
N ASN D 151 21.87 -35.57 18.21
CA ASN D 151 23.26 -35.23 17.94
C ASN D 151 24.20 -36.01 18.85
N ARG D 152 23.87 -36.11 20.14
CA ARG D 152 24.74 -36.83 21.07
C ARG D 152 24.78 -38.32 20.74
N ALA D 153 23.64 -38.89 20.34
CA ALA D 153 23.61 -40.30 20.00
C ALA D 153 24.46 -40.59 18.77
N ILE D 154 24.39 -39.73 17.76
CA ILE D 154 25.19 -39.98 16.56
C ILE D 154 26.67 -39.68 16.82
N LYS D 155 26.95 -38.75 17.74
CA LYS D 155 28.33 -38.48 18.10
C LYS D 155 28.94 -39.68 18.84
N ALA D 156 28.16 -40.27 19.74
CA ALA D 156 28.62 -41.49 20.42
C ALA D 156 28.79 -42.62 19.42
N ALA D 157 27.87 -42.74 18.47
CA ALA D 157 27.99 -43.77 17.44
C ALA D 157 29.17 -43.49 16.52
N LYS D 158 29.41 -42.21 16.19
CA LYS D 158 30.55 -41.87 15.35
C LYS D 158 31.87 -42.17 16.05
N SER D 159 31.95 -41.87 17.35
CA SER D 159 33.15 -42.18 18.11
C SER D 159 33.37 -43.69 18.19
N ALA D 160 32.28 -44.47 18.26
CA ALA D 160 32.42 -45.92 18.26
C ALA D 160 32.92 -46.41 16.90
N ARG D 161 32.46 -45.79 15.81
CA ARG D 161 32.94 -46.17 14.49
C ARG D 161 34.41 -45.83 14.32
N ASP D 162 34.89 -44.81 15.03
CA ASP D 162 36.29 -44.42 14.97
C ASP D 162 37.14 -45.32 15.85
N PHE D 191 26.66 -38.05 32.71
CA PHE D 191 25.39 -37.50 32.28
C PHE D 191 24.42 -38.59 31.86
N LYS D 192 24.01 -38.56 30.59
CA LYS D 192 23.08 -39.55 30.03
C LYS D 192 21.78 -39.61 30.82
N TYR D 193 21.12 -38.46 30.95
CA TYR D 193 19.86 -38.36 31.68
C TYR D 193 18.72 -38.14 30.70
N PRO D 194 17.66 -38.94 30.74
CA PRO D 194 16.52 -38.69 29.85
C PRO D 194 15.72 -37.49 30.33
N ILE D 195 16.20 -36.28 30.02
CA ILE D 195 15.58 -35.08 30.55
C ILE D 195 14.22 -34.84 29.89
N VAL D 196 14.14 -35.04 28.57
CA VAL D 196 12.87 -34.79 27.88
C VAL D 196 11.84 -35.84 28.27
N GLU D 197 12.29 -37.08 28.48
CA GLU D 197 11.37 -38.12 28.93
C GLU D 197 10.82 -37.80 30.32
N GLN D 198 11.68 -37.30 31.21
CA GLN D 198 11.21 -36.91 32.54
C GLN D 198 10.28 -35.71 32.46
N TYR D 199 10.55 -34.77 31.56
CA TYR D 199 9.68 -33.62 31.39
C TYR D 199 8.29 -34.04 30.93
N LEU D 200 8.23 -34.97 29.97
CA LEU D 200 6.94 -35.46 29.51
C LEU D 200 6.23 -36.27 30.58
N LYS D 201 6.99 -37.06 31.36
CA LYS D 201 6.41 -37.74 32.50
C LYS D 201 5.77 -36.74 33.47
N THR D 202 6.41 -35.59 33.64
CA THR D 202 5.82 -34.56 34.49
C THR D 202 4.56 -33.98 33.87
N LYS D 203 4.59 -33.70 32.56
CA LYS D 203 3.41 -33.21 31.87
C LYS D 203 2.25 -34.18 32.02
N LYS D 204 2.53 -35.47 32.14
CA LYS D 204 1.50 -36.48 32.32
C LYS D 204 0.66 -36.23 33.57
N ASN D 205 1.17 -35.43 34.49
CA ASN D 205 0.50 -35.22 35.78
C ASN D 205 -0.49 -34.05 35.72
N SER D 206 0.00 -32.87 35.33
CA SER D 206 -0.85 -31.69 35.33
C SER D 206 -1.81 -31.71 34.14
N ASN D 207 -2.98 -31.11 34.33
CA ASN D 207 -4.02 -31.07 33.31
C ASN D 207 -4.53 -29.67 33.05
N ASN D 208 -3.75 -28.63 33.35
CA ASN D 208 -4.22 -27.27 33.16
C ASN D 208 -4.41 -26.94 31.67
N LEU D 209 -3.40 -27.26 30.85
CA LEU D 209 -3.48 -26.95 29.43
C LEU D 209 -4.62 -27.72 28.77
N ILE D 210 -4.84 -28.95 29.19
CA ILE D 210 -5.87 -29.76 28.52
C ILE D 210 -7.26 -29.27 28.90
N ILE D 211 -7.45 -28.81 30.13
CA ILE D 211 -8.77 -28.29 30.47
C ILE D 211 -8.98 -26.95 29.79
N LYS D 212 -7.92 -26.14 29.64
CA LYS D 212 -8.04 -24.93 28.85
C LYS D 212 -8.44 -25.26 27.41
N TYR D 213 -7.82 -26.27 26.82
CA TYR D 213 -8.10 -26.65 25.44
C TYR D 213 -9.52 -27.16 25.29
N ILE D 214 -9.94 -28.10 26.13
CA ILE D 214 -11.28 -28.64 25.98
C ILE D 214 -12.32 -27.60 26.38
N SER D 215 -11.93 -26.61 27.18
CA SER D 215 -12.87 -25.55 27.52
C SER D 215 -13.07 -24.61 26.34
N CYS D 216 -12.00 -24.22 25.65
CA CYS D 216 -12.18 -23.38 24.47
C CYS D 216 -12.93 -24.15 23.39
N ARG D 217 -12.64 -25.44 23.23
CA ARG D 217 -13.38 -26.24 22.26
C ARG D 217 -14.85 -26.38 22.66
N LEU D 218 -15.13 -26.49 23.95
CA LEU D 218 -16.51 -26.64 24.38
C LEU D 218 -17.29 -25.35 24.21
N LEU D 219 -16.66 -24.20 24.47
CA LEU D 219 -17.33 -22.94 24.18
C LEU D 219 -17.53 -22.77 22.69
N THR D 220 -16.56 -23.20 21.88
CA THR D 220 -16.77 -23.14 20.43
C THR D 220 -17.96 -23.99 20.01
N LEU D 221 -18.08 -25.19 20.58
CA LEU D 221 -19.20 -26.06 20.24
C LEU D 221 -20.52 -25.47 20.72
N ILE D 222 -20.52 -24.87 21.91
CA ILE D 222 -21.76 -24.29 22.45
C ILE D 222 -22.20 -23.12 21.59
N ILE D 223 -21.26 -22.27 21.18
CA ILE D 223 -21.62 -21.12 20.35
C ILE D 223 -22.04 -21.59 18.96
N ILE D 224 -21.41 -22.64 18.44
CA ILE D 224 -21.81 -23.17 17.14
C ILE D 224 -23.22 -23.73 17.22
N LEU D 225 -23.56 -24.40 18.32
CA LEU D 225 -24.90 -24.96 18.45
C LEU D 225 -25.93 -23.86 18.64
N LEU D 226 -25.59 -22.81 19.38
CA LEU D 226 -26.51 -21.69 19.51
C LEU D 226 -26.71 -20.99 18.18
N ALA D 227 -25.65 -20.88 17.38
CA ALA D 227 -25.77 -20.30 16.05
C ALA D 227 -26.62 -21.19 15.15
N CYS D 228 -26.46 -22.50 15.24
CA CYS D 228 -27.30 -23.40 14.49
C CYS D 228 -28.77 -23.23 14.88
N ILE D 229 -29.03 -23.12 16.18
CA ILE D 229 -30.41 -22.95 16.63
C ILE D 229 -30.99 -21.64 16.09
N TYR D 230 -30.23 -20.55 16.21
CA TYR D 230 -30.72 -19.27 15.73
C TYR D 230 -30.95 -19.27 14.23
N LEU D 231 -30.02 -19.85 13.47
CA LEU D 231 -30.14 -19.85 12.02
C LEU D 231 -31.27 -20.76 11.57
N GLY D 232 -31.47 -21.87 12.25
CA GLY D 232 -32.60 -22.73 11.92
C GLY D 232 -33.92 -22.08 12.23
N TYR D 233 -33.97 -21.32 13.33
CA TYR D 233 -35.18 -20.55 13.60
C TYR D 233 -35.41 -19.48 12.56
N TYR D 234 -34.38 -18.69 12.26
CA TYR D 234 -34.51 -17.60 11.32
C TYR D 234 -34.91 -18.07 9.95
N PHE D 235 -34.27 -19.15 9.46
CA PHE D 235 -34.65 -19.73 8.19
C PHE D 235 -36.06 -20.28 8.23
N SER D 236 -36.56 -20.60 9.42
CA SER D 236 -37.90 -21.14 9.53
C SER D 236 -38.97 -20.06 9.49
N LEU D 237 -38.59 -18.79 9.42
CA LEU D 237 -39.58 -17.72 9.36
C LEU D 237 -40.44 -17.85 8.12
N SER D 238 -41.64 -17.25 8.20
CA SER D 238 -42.68 -17.50 7.21
C SER D 238 -42.32 -17.06 5.81
N SER D 239 -41.24 -16.28 5.65
CA SER D 239 -40.75 -15.69 4.40
C SER D 239 -41.68 -14.57 3.94
N LEU D 240 -42.83 -14.39 4.59
CA LEU D 240 -43.65 -13.20 4.44
C LEU D 240 -43.58 -12.31 5.66
N SER D 241 -42.73 -12.67 6.63
CA SER D 241 -42.53 -11.82 7.80
C SER D 241 -41.73 -10.57 7.43
N ASP D 242 -41.15 -10.54 6.23
CA ASP D 242 -40.48 -9.34 5.77
C ASP D 242 -41.44 -8.27 5.30
N GLU D 243 -42.72 -8.59 5.16
CA GLU D 243 -43.75 -7.63 4.82
C GLU D 243 -44.49 -7.25 6.10
N PHE D 244 -44.37 -6.00 6.48
CA PHE D 244 -45.03 -5.52 7.68
C PHE D 244 -45.77 -4.23 7.36
N VAL D 245 -46.87 -4.03 8.05
CA VAL D 245 -47.68 -2.83 7.87
C VAL D 245 -47.18 -1.80 8.86
N CYS D 246 -46.91 -0.59 8.37
CA CYS D 246 -46.30 0.47 9.16
C CYS D 246 -47.16 1.72 9.06
N SER D 247 -47.26 2.44 10.18
CA SER D 247 -48.15 3.58 10.29
C SER D 247 -47.36 4.76 10.83
N ILE D 248 -47.16 5.79 10.01
CA ILE D 248 -46.50 7.00 10.48
C ILE D 248 -47.56 7.95 11.03
N LYS D 249 -48.02 7.68 12.25
CA LYS D 249 -49.09 8.47 12.85
C LYS D 249 -48.84 8.76 14.32
N SER D 250 -47.59 8.87 14.73
CA SER D 250 -47.28 9.36 16.06
C SER D 250 -46.94 10.85 15.99
N GLY D 251 -47.10 11.53 17.11
CA GLY D 251 -46.84 12.96 17.13
C GLY D 251 -47.93 13.75 16.43
N ILE D 252 -47.52 14.85 15.81
CA ILE D 252 -48.48 15.73 15.15
C ILE D 252 -49.10 15.08 13.93
N LEU D 253 -48.54 13.98 13.44
CA LEU D 253 -49.11 13.31 12.28
C LEU D 253 -50.31 12.44 12.69
N ARG D 254 -50.55 12.32 13.99
CA ARG D 254 -51.54 11.37 14.48
C ARG D 254 -52.93 11.65 13.89
N ASN D 255 -53.40 12.89 14.02
CA ASN D 255 -54.73 13.19 13.53
C ASN D 255 -54.69 13.84 12.15
N ASP D 256 -53.51 13.85 11.52
CA ASP D 256 -53.40 14.34 10.15
C ASP D 256 -54.23 13.49 9.21
N SER D 257 -54.73 14.10 8.14
CA SER D 257 -55.65 13.42 7.24
C SER D 257 -55.04 13.09 5.88
N THR D 258 -54.09 13.90 5.39
CA THR D 258 -53.52 13.64 4.08
C THR D 258 -52.68 12.36 4.07
N VAL D 259 -52.11 12.01 5.22
CA VAL D 259 -51.29 10.81 5.35
C VAL D 259 -52.20 9.61 5.56
N PRO D 260 -52.03 8.52 4.80
CA PRO D 260 -52.88 7.35 4.98
C PRO D 260 -52.63 6.66 6.30
N ASP D 261 -53.58 5.80 6.68
CA ASP D 261 -53.54 5.18 8.00
C ASP D 261 -52.33 4.26 8.15
N GLN D 262 -51.98 3.52 7.10
CA GLN D 262 -50.92 2.55 7.20
C GLN D 262 -50.29 2.32 5.83
N PHE D 263 -49.03 1.94 5.85
CA PHE D 263 -48.25 1.70 4.65
C PHE D 263 -47.82 0.25 4.59
N GLN D 264 -47.74 -0.30 3.38
CA GLN D 264 -47.29 -1.67 3.19
C GLN D 264 -45.80 -1.64 2.89
N CYS D 265 -45.00 -1.91 3.92
CA CYS D 265 -43.56 -1.96 3.76
C CYS D 265 -43.08 -3.40 3.59
N LYS D 266 -41.97 -3.57 2.89
CA LYS D 266 -41.34 -4.87 2.71
C LYS D 266 -39.84 -4.73 2.94
N LEU D 267 -39.29 -5.64 3.73
CA LEU D 267 -37.85 -5.65 3.98
C LEU D 267 -37.18 -6.42 2.85
N ILE D 268 -36.63 -5.69 1.89
CA ILE D 268 -35.86 -6.34 0.83
C ILE D 268 -34.67 -7.04 1.45
N ALA D 269 -34.09 -7.99 0.70
CA ALA D 269 -32.93 -8.76 1.09
C ALA D 269 -33.18 -9.63 2.30
N VAL D 270 -34.43 -9.96 2.61
CA VAL D 270 -34.70 -10.94 3.64
C VAL D 270 -34.67 -12.35 3.06
N GLY D 271 -35.12 -12.51 1.81
CA GLY D 271 -34.94 -13.78 1.15
C GLY D 271 -33.48 -14.16 1.02
N ILE D 272 -32.64 -13.17 0.73
CA ILE D 272 -31.20 -13.40 0.70
C ILE D 272 -30.70 -13.79 2.08
N PHE D 273 -31.22 -13.13 3.12
CA PHE D 273 -30.82 -13.47 4.48
C PHE D 273 -31.16 -14.91 4.81
N GLN D 274 -32.34 -15.37 4.40
CA GLN D 274 -32.74 -16.73 4.72
C GLN D 274 -31.94 -17.75 3.90
N LEU D 275 -31.72 -17.46 2.62
CA LEU D 275 -30.91 -18.36 1.80
C LEU D 275 -29.48 -18.44 2.32
N LEU D 276 -28.97 -17.36 2.91
CA LEU D 276 -27.62 -17.42 3.45
C LEU D 276 -27.61 -18.06 4.84
N SER D 277 -28.70 -17.90 5.59
CA SER D 277 -28.78 -18.49 6.90
C SER D 277 -28.85 -20.01 6.81
N VAL D 278 -29.52 -20.52 5.77
CA VAL D 278 -29.57 -21.97 5.63
C VAL D 278 -28.20 -22.51 5.23
N ILE D 279 -27.44 -21.75 4.44
CA ILE D 279 -26.08 -22.14 4.10
C ILE D 279 -25.21 -22.18 5.35
N ASN D 280 -25.29 -21.11 6.15
CA ASN D 280 -24.55 -21.07 7.40
C ASN D 280 -24.94 -22.20 8.32
N LEU D 281 -26.23 -22.52 8.39
CA LEU D 281 -26.68 -23.62 9.24
C LEU D 281 -26.16 -24.96 8.76
N VAL D 282 -26.17 -25.18 7.45
CA VAL D 282 -25.64 -26.43 6.91
C VAL D 282 -24.16 -26.57 7.23
N VAL D 283 -23.39 -25.51 6.96
CA VAL D 283 -21.96 -25.59 7.23
C VAL D 283 -21.71 -25.77 8.73
N TYR D 284 -22.55 -25.16 9.57
CA TYR D 284 -22.32 -25.26 11.01
C TYR D 284 -22.69 -26.64 11.55
N VAL D 285 -23.72 -27.27 11.00
CA VAL D 285 -24.06 -28.61 11.46
C VAL D 285 -23.12 -29.63 10.84
N LEU D 286 -22.40 -29.25 9.80
CA LEU D 286 -21.28 -30.08 9.36
C LEU D 286 -20.04 -29.86 10.20
N LEU D 287 -19.91 -28.67 10.77
CA LEU D 287 -18.73 -28.35 11.56
C LEU D 287 -18.84 -28.87 12.98
N ALA D 288 -20.06 -28.92 13.51
CA ALA D 288 -20.23 -29.36 14.90
C ALA D 288 -19.71 -30.77 15.17
N PRO D 289 -19.92 -31.77 14.31
CA PRO D 289 -19.29 -33.07 14.57
C PRO D 289 -17.78 -32.99 14.59
N VAL D 290 -17.18 -32.11 13.78
CA VAL D 290 -15.74 -31.95 13.79
C VAL D 290 -15.27 -31.43 15.14
N VAL D 291 -15.99 -30.46 15.71
CA VAL D 291 -15.62 -29.92 17.01
C VAL D 291 -15.81 -30.99 18.09
N VAL D 292 -16.90 -31.75 18.00
CA VAL D 292 -17.15 -32.80 18.99
C VAL D 292 -16.04 -33.84 18.95
N TYR D 293 -15.60 -34.21 17.75
CA TYR D 293 -14.49 -35.16 17.63
C TYR D 293 -13.21 -34.55 18.17
N THR D 294 -12.96 -33.27 17.89
CA THR D 294 -11.80 -32.59 18.45
C THR D 294 -11.82 -32.62 19.97
N LEU D 295 -13.02 -32.60 20.56
CA LEU D 295 -13.14 -32.56 22.01
C LEU D 295 -12.50 -33.79 22.66
N PHE D 296 -12.48 -34.91 21.96
CA PHE D 296 -11.88 -36.14 22.49
C PHE D 296 -10.39 -36.17 22.13
N VAL D 297 -9.62 -35.44 22.91
CA VAL D 297 -8.18 -35.26 22.67
C VAL D 297 -7.38 -36.55 22.83
N PRO D 298 -7.69 -37.48 23.78
CA PRO D 298 -6.85 -38.68 23.87
C PRO D 298 -7.02 -39.58 22.66
N PHE D 299 -8.27 -39.71 22.19
CA PHE D 299 -8.55 -40.55 21.03
C PHE D 299 -7.76 -40.09 19.81
N ARG D 300 -7.53 -38.79 19.68
CA ARG D 300 -6.79 -38.28 18.54
C ARG D 300 -5.29 -38.48 18.68
N GLN D 301 -4.78 -38.67 19.89
CA GLN D 301 -3.36 -38.94 20.06
C GLN D 301 -3.05 -40.32 19.50
N LYS D 302 -2.44 -40.35 18.32
CA LYS D 302 -2.17 -41.60 17.63
C LYS D 302 -0.84 -41.47 16.89
N THR D 303 -0.37 -42.60 16.37
CA THR D 303 0.90 -42.67 15.67
C THR D 303 2.02 -42.11 16.55
N ASP D 304 2.29 -42.81 17.66
CA ASP D 304 3.19 -42.34 18.70
C ASP D 304 4.48 -41.79 18.11
N VAL D 305 4.68 -40.48 18.25
CA VAL D 305 5.71 -39.76 17.52
C VAL D 305 7.08 -40.06 18.12
N LEU D 306 7.15 -40.19 19.44
CA LEU D 306 8.42 -40.46 20.09
C LEU D 306 8.87 -41.90 19.92
N LYS D 307 7.98 -42.78 19.46
CA LYS D 307 8.36 -44.17 19.24
C LYS D 307 9.51 -44.28 18.24
N VAL D 308 9.62 -43.31 17.33
CA VAL D 308 10.71 -43.34 16.36
C VAL D 308 12.04 -43.04 17.02
N TYR D 309 12.04 -42.36 18.16
CA TYR D 309 13.27 -42.03 18.87
C TYR D 309 13.78 -43.16 19.73
N GLU D 310 13.01 -44.25 19.87
CA GLU D 310 13.39 -45.31 20.79
C GLU D 310 14.59 -46.10 20.28
N ILE D 311 15.01 -45.85 19.04
CA ILE D 311 16.10 -46.61 18.44
C ILE D 311 17.42 -45.91 18.66
N LEU D 312 17.43 -44.92 19.55
CA LEU D 312 18.65 -44.20 19.87
C LEU D 312 19.23 -44.72 21.18
N PRO D 313 20.53 -44.95 21.27
CA PRO D 313 21.11 -45.38 22.56
C PRO D 313 21.02 -44.31 23.62
N THR D 314 21.23 -43.05 23.25
CA THR D 314 21.17 -41.93 24.19
C THR D 314 19.75 -41.60 24.61
N PHE D 315 18.77 -42.38 24.17
CA PHE D 315 17.37 -42.16 24.50
C PHE D 315 16.80 -43.42 25.13
N ASP D 316 16.17 -43.28 26.29
CA ASP D 316 15.62 -44.42 26.98
C ASP D 316 14.51 -45.07 26.14
N VAL D 317 14.34 -46.37 26.30
CA VAL D 317 13.34 -47.10 25.54
C VAL D 317 12.00 -47.00 26.27
N LEU D 318 11.28 -45.90 26.06
CA LEU D 318 10.01 -45.67 26.72
C LEU D 318 9.24 -44.59 25.96
N HIS D 319 8.06 -44.94 25.46
CA HIS D 319 7.16 -43.93 24.91
C HIS D 319 6.45 -43.18 26.03
N PHE D 320 5.66 -43.90 26.83
CA PHE D 320 5.01 -43.35 28.02
C PHE D 320 4.19 -42.11 27.69
N LYS D 321 3.36 -42.22 26.65
CA LYS D 321 2.52 -41.10 26.25
C LYS D 321 1.21 -41.62 25.67
N SER D 322 0.21 -41.73 26.53
CA SER D 322 -1.13 -42.20 26.14
C SER D 322 -2.10 -42.19 27.31
N GLU D 323 -3.38 -42.40 27.02
CA GLU D 323 -4.42 -42.74 27.99
C GLU D 323 -4.59 -41.73 29.12
N GLY D 324 -5.03 -40.51 28.82
CA GLY D 324 -5.34 -39.58 29.90
C GLY D 324 -5.95 -38.29 29.40
N TYR D 325 -6.79 -37.72 30.26
CA TYR D 325 -7.29 -36.35 30.11
C TYR D 325 -6.29 -35.44 30.81
N ASN D 326 -5.05 -35.48 30.34
CA ASN D 326 -3.96 -34.73 30.96
C ASN D 326 -3.16 -34.03 29.88
N ASP D 327 -2.35 -33.05 30.30
CA ASP D 327 -1.66 -32.19 29.34
C ASP D 327 -0.72 -33.00 28.45
N LEU D 328 -0.39 -34.24 28.85
CA LEU D 328 0.51 -35.04 28.04
C LEU D 328 -0.12 -35.37 26.69
N SER D 329 -1.42 -35.65 26.66
CA SER D 329 -2.07 -35.96 25.39
C SER D 329 -2.10 -34.74 24.48
N LEU D 330 -2.36 -33.56 25.05
CA LEU D 330 -2.33 -32.34 24.27
C LEU D 330 -0.93 -32.10 23.71
N TYR D 331 0.10 -32.32 24.53
CA TYR D 331 1.46 -32.16 24.04
C TYR D 331 1.78 -33.19 22.97
N ASN D 332 1.19 -34.38 23.08
CA ASN D 332 1.37 -35.38 22.04
C ASN D 332 0.78 -34.91 20.72
N LEU D 333 -0.41 -34.31 20.77
CA LEU D 333 -1.00 -33.77 19.54
C LEU D 333 -0.13 -32.67 18.95
N PHE D 334 0.32 -31.74 19.79
CA PHE D 334 1.10 -30.62 19.27
C PHE D 334 2.45 -31.09 18.75
N LEU D 335 3.01 -32.14 19.37
CA LEU D 335 4.25 -32.72 18.87
C LEU D 335 4.02 -33.41 17.55
N GLU D 336 2.93 -34.17 17.43
CA GLU D 336 2.61 -34.80 16.17
C GLU D 336 2.44 -33.77 15.05
N GLU D 337 1.96 -32.59 15.41
CA GLU D 337 1.80 -31.54 14.39
C GLU D 337 3.13 -30.91 14.04
N ASN D 338 3.86 -30.38 15.03
CA ASN D 338 5.04 -29.57 14.79
C ASN D 338 6.32 -30.41 14.68
N ILE D 339 6.22 -31.73 14.67
CA ILE D 339 7.41 -32.56 14.72
C ILE D 339 8.07 -32.65 13.36
N SER D 340 7.33 -32.34 12.30
CA SER D 340 7.90 -32.40 10.96
C SER D 340 8.98 -31.35 10.78
N GLU D 341 8.94 -30.27 11.58
CA GLU D 341 9.99 -29.27 11.52
C GLU D 341 11.29 -29.81 12.11
N VAL D 342 11.21 -30.84 12.95
CA VAL D 342 12.39 -31.38 13.60
C VAL D 342 13.15 -32.27 12.62
N LYS D 343 14.37 -31.86 12.28
CA LYS D 343 15.17 -32.61 11.31
C LYS D 343 15.53 -33.99 11.83
N SER D 344 15.92 -34.07 13.10
CA SER D 344 16.25 -35.36 13.70
C SER D 344 15.08 -36.32 13.61
N TYR D 345 13.87 -35.83 13.86
CA TYR D 345 12.68 -36.68 13.70
C TYR D 345 12.53 -37.15 12.27
N LYS D 346 12.81 -36.27 11.30
CA LYS D 346 12.67 -36.67 9.91
C LYS D 346 13.63 -37.80 9.56
N CYS D 347 14.91 -37.65 9.93
CA CYS D 347 15.87 -38.71 9.64
C CYS D 347 15.54 -39.99 10.38
N LEU D 348 15.12 -39.89 11.63
CA LEU D 348 14.78 -41.08 12.38
C LEU D 348 13.58 -41.78 11.76
N LYS D 349 12.62 -41.03 11.23
CA LYS D 349 11.47 -41.65 10.58
C LYS D 349 11.87 -42.30 9.27
N VAL D 350 12.83 -41.69 8.56
CA VAL D 350 13.41 -42.36 7.40
C VAL D 350 13.98 -43.71 7.78
N LEU D 351 14.80 -43.77 8.83
CA LEU D 351 15.35 -45.06 9.25
C LEU D 351 14.26 -46.02 9.70
N GLU D 352 13.23 -45.52 10.37
CA GLU D 352 12.17 -46.39 10.86
C GLU D 352 11.38 -47.00 9.71
N ASN D 353 11.13 -46.21 8.67
CA ASN D 353 10.40 -46.73 7.51
C ASN D 353 11.25 -47.76 6.77
N ILE D 354 12.55 -47.50 6.65
CA ILE D 354 13.45 -48.48 6.04
C ILE D 354 13.45 -49.78 6.86
N LYS D 355 13.35 -49.66 8.18
CA LYS D 355 13.35 -50.82 9.05
C LYS D 355 12.15 -51.74 8.79
N SER D 356 11.13 -51.24 8.09
CA SER D 356 10.01 -52.09 7.72
C SER D 356 10.48 -53.25 6.85
N SER D 357 11.39 -52.99 5.92
CA SER D 357 11.99 -54.06 5.14
C SER D 357 12.93 -54.90 6.00
N GLY D 358 13.65 -54.25 6.91
CA GLY D 358 14.57 -54.94 7.79
C GLY D 358 15.86 -55.40 7.15
N GLN D 359 16.30 -54.74 6.07
CA GLN D 359 17.50 -55.18 5.37
C GLN D 359 18.75 -55.00 6.23
N GLY D 360 19.06 -53.77 6.64
CA GLY D 360 20.29 -53.53 7.37
C GLY D 360 20.10 -53.48 8.87
N ILE D 361 20.50 -52.38 9.49
CA ILE D 361 20.43 -52.22 10.94
C ILE D 361 20.31 -50.75 11.28
N ASP D 362 19.68 -50.45 12.41
CA ASP D 362 19.41 -49.08 12.82
C ASP D 362 20.69 -48.28 13.10
N PRO D 363 21.61 -48.76 13.94
CA PRO D 363 22.79 -47.93 14.23
C PRO D 363 23.69 -47.75 13.03
N MET D 364 23.82 -48.77 12.18
CA MET D 364 24.65 -48.64 10.98
C MET D 364 24.08 -47.58 10.05
N LEU D 365 22.78 -47.64 9.76
CA LEU D 365 22.16 -46.64 8.90
C LEU D 365 22.21 -45.26 9.53
N LEU D 366 22.11 -45.19 10.86
CA LEU D 366 22.23 -43.89 11.53
C LEU D 366 23.62 -43.30 11.35
N LEU D 367 24.66 -44.12 11.56
CA LEU D 367 26.02 -43.65 11.33
C LEU D 367 26.22 -43.23 9.88
N THR D 368 25.58 -43.95 8.95
CA THR D 368 25.66 -43.59 7.54
C THR D 368 25.00 -42.23 7.31
N ASN D 369 23.86 -42.02 7.98
CA ASN D 369 23.01 -40.79 7.90
C ASN D 369 23.88 -39.52 7.80
N LEU D 370 24.62 -39.25 8.88
CA LEU D 370 25.53 -38.08 9.03
C LEU D 370 24.75 -36.77 8.89
N GLY D 371 23.72 -36.59 9.73
CA GLY D 371 22.90 -35.37 9.72
C GLY D 371 22.73 -34.81 11.13
N MET D 372 23.80 -34.24 11.68
CA MET D 372 23.76 -33.67 13.06
C MET D 372 22.76 -32.52 13.12
N ILE D 373 22.75 -31.67 12.08
CA ILE D 373 21.82 -30.50 12.01
C ILE D 373 21.79 -29.97 10.59
N ALA E 2 -18.21 -1.87 4.87
CA ALA E 2 -18.83 -3.18 5.03
C ALA E 2 -18.67 -3.68 6.45
N ILE E 3 -19.66 -4.45 6.91
CA ILE E 3 -19.62 -5.01 8.26
C ILE E 3 -18.38 -5.87 8.46
N ALA E 4 -18.08 -6.74 7.50
CA ALA E 4 -16.98 -7.67 7.68
C ALA E 4 -15.64 -6.95 7.70
N GLN E 5 -15.53 -5.83 6.98
CA GLN E 5 -14.29 -5.05 7.04
C GLN E 5 -14.07 -4.48 8.42
N LEU E 6 -15.11 -3.92 9.03
CA LEU E 6 -15.00 -3.41 10.39
C LEU E 6 -14.69 -4.54 11.36
N ALA E 7 -15.31 -5.70 11.16
CA ALA E 7 -15.02 -6.85 12.01
C ALA E 7 -13.55 -7.19 11.95
N THR E 8 -13.00 -7.37 10.75
CA THR E 8 -11.57 -7.63 10.63
C THR E 8 -10.77 -6.56 11.35
N GLU E 9 -11.00 -5.30 10.99
CA GLU E 9 -10.17 -4.20 11.49
C GLU E 9 -10.17 -4.13 13.02
N TYR E 10 -11.30 -4.43 13.66
CA TYR E 10 -11.41 -4.15 15.08
C TYR E 10 -11.42 -5.36 16.00
N VAL E 11 -11.56 -6.58 15.48
CA VAL E 11 -11.36 -7.74 16.33
C VAL E 11 -10.30 -8.65 15.73
N PHE E 12 -10.36 -8.87 14.41
CA PHE E 12 -9.49 -9.89 13.82
C PHE E 12 -8.12 -9.32 13.48
N SER E 13 -8.04 -8.03 13.21
CA SER E 13 -6.75 -7.38 13.07
C SER E 13 -6.12 -7.20 14.44
N ASP E 14 -4.82 -6.88 14.45
CA ASP E 14 -4.12 -6.64 15.69
C ASP E 14 -4.34 -5.20 16.14
N PHE E 15 -5.61 -4.78 16.22
CA PHE E 15 -5.91 -3.42 16.63
C PHE E 15 -5.60 -3.24 18.11
N LEU E 16 -4.76 -2.25 18.40
CA LEU E 16 -4.24 -1.96 19.74
C LEU E 16 -3.51 -3.16 20.35
N LEU E 17 -3.08 -4.11 19.52
CA LEU E 17 -2.21 -5.20 19.96
C LEU E 17 -0.82 -5.07 19.36
N LYS E 18 -0.52 -3.94 18.71
CA LYS E 18 0.79 -3.75 18.11
C LYS E 18 1.87 -3.63 19.17
N GLU E 19 2.91 -4.44 19.04
CA GLU E 19 4.07 -4.31 19.90
C GLU E 19 4.76 -2.96 19.61
N PRO E 20 5.42 -2.38 20.61
CA PRO E 20 6.09 -1.11 20.39
C PRO E 20 7.15 -1.21 19.28
N THR E 21 6.90 -0.49 18.20
CA THR E 21 7.80 -0.53 17.05
C THR E 21 9.07 0.24 17.35
N GLU E 22 9.96 -0.40 18.11
CA GLU E 22 11.23 0.22 18.51
C GLU E 22 12.15 -0.86 19.08
N PRO E 23 13.46 -0.75 18.86
CA PRO E 23 14.40 -1.75 19.42
C PRO E 23 14.72 -1.56 20.89
N LYS E 24 14.15 -0.56 21.56
CA LYS E 24 14.39 -0.39 22.99
C LYS E 24 13.73 -1.51 23.79
N PHE E 25 12.47 -1.82 23.47
CA PHE E 25 11.74 -2.92 24.09
C PHE E 25 11.55 -4.00 23.04
N LYS E 26 12.37 -5.05 23.10
CA LYS E 26 12.35 -6.14 22.13
C LYS E 26 11.73 -7.36 22.79
N GLY E 27 10.49 -7.65 22.44
CA GLY E 27 9.77 -8.76 23.03
C GLY E 27 9.26 -8.51 24.44
N LEU E 28 9.58 -7.38 25.04
CA LEU E 28 9.08 -7.02 26.36
C LEU E 28 7.65 -6.52 26.20
N ARG E 29 6.75 -7.03 27.04
CA ARG E 29 5.34 -6.70 26.89
C ARG E 29 5.03 -5.29 27.39
N LEU E 30 5.44 -4.99 28.61
CA LEU E 30 5.25 -3.69 29.27
C LEU E 30 3.79 -3.37 29.54
N GLU E 31 2.86 -4.25 29.17
CA GLU E 31 1.45 -4.12 29.49
C GLU E 31 0.91 -5.51 29.77
N LEU E 32 0.42 -5.71 30.98
CA LEU E 32 -0.07 -7.02 31.38
C LEU E 32 -1.19 -7.47 30.45
N ALA E 33 -1.21 -8.78 30.17
CA ALA E 33 -2.16 -9.31 29.20
C ALA E 33 -3.59 -8.93 29.53
N VAL E 34 -3.95 -8.97 30.81
CA VAL E 34 -5.31 -8.57 31.20
C VAL E 34 -5.50 -7.08 30.98
N ASP E 35 -4.46 -6.28 31.21
CA ASP E 35 -4.57 -4.85 30.93
C ASP E 35 -4.64 -4.57 29.44
N LYS E 36 -3.86 -5.31 28.64
CA LYS E 36 -3.92 -5.13 27.20
C LYS E 36 -5.29 -5.48 26.67
N MET E 37 -5.88 -6.57 27.17
CA MET E 37 -7.21 -6.94 26.67
C MET E 37 -8.29 -6.00 27.18
N VAL E 38 -8.16 -5.49 28.41
CA VAL E 38 -9.13 -4.51 28.90
C VAL E 38 -9.07 -3.25 28.05
N THR E 39 -7.86 -2.79 27.73
CA THR E 39 -7.73 -1.63 26.86
C THR E 39 -8.31 -1.91 25.49
N CYS E 40 -7.95 -3.05 24.89
CA CYS E 40 -8.46 -3.39 23.57
C CYS E 40 -9.97 -3.39 23.54
N ILE E 41 -10.60 -4.02 24.52
CA ILE E 41 -12.06 -4.06 24.56
C ILE E 41 -12.61 -2.66 24.77
N ALA E 42 -12.22 -2.00 25.86
CA ALA E 42 -12.83 -0.73 26.23
C ALA E 42 -12.63 0.34 25.17
N VAL E 43 -11.64 0.16 24.30
CA VAL E 43 -11.38 1.18 23.27
C VAL E 43 -12.01 0.76 21.95
N GLY E 44 -11.80 -0.48 21.53
CA GLY E 44 -12.26 -0.90 20.22
C GLY E 44 -13.75 -1.14 20.17
N LEU E 45 -14.36 -1.50 21.30
CA LEU E 45 -15.79 -1.75 21.30
C LEU E 45 -16.59 -0.50 20.99
N PRO E 46 -16.36 0.65 21.62
CA PRO E 46 -17.08 1.85 21.18
C PRO E 46 -16.77 2.23 19.75
N LEU E 47 -15.54 2.02 19.28
CA LEU E 47 -15.23 2.32 17.89
C LEU E 47 -15.94 1.36 16.94
N LEU E 48 -15.91 0.07 17.29
CA LEU E 48 -16.56 -0.98 16.47
C LEU E 48 -18.07 -0.72 16.43
N LEU E 49 -18.63 -0.23 17.54
CA LEU E 49 -20.08 0.08 17.67
C LEU E 49 -20.39 1.31 16.81
N ILE E 50 -19.56 2.35 16.88
CA ILE E 50 -19.76 3.52 16.04
C ILE E 50 -19.77 3.11 14.57
N SER E 51 -18.79 2.31 14.17
CA SER E 51 -18.70 1.91 12.77
C SER E 51 -19.88 1.05 12.35
N LEU E 52 -20.43 0.26 13.27
CA LEU E 52 -21.60 -0.54 12.97
C LEU E 52 -22.86 0.31 12.87
N ALA E 53 -22.99 1.32 13.74
CA ALA E 53 -24.21 2.12 13.77
C ALA E 53 -24.47 2.81 12.45
N PHE E 54 -23.46 2.90 11.58
CA PHE E 54 -23.60 3.51 10.28
C PHE E 54 -23.12 2.61 9.16
N ALA E 55 -23.08 1.31 9.39
CA ALA E 55 -22.83 0.36 8.32
C ALA E 55 -23.82 0.62 7.18
N GLN E 56 -23.32 0.56 5.95
CA GLN E 56 -24.12 1.00 4.81
C GLN E 56 -25.40 0.20 4.66
N GLU E 57 -25.47 -0.99 5.27
CA GLU E 57 -26.66 -1.81 5.12
C GLU E 57 -27.61 -1.65 6.29
N ILE E 58 -27.15 -1.06 7.39
CA ILE E 58 -28.06 -0.79 8.50
C ILE E 58 -28.61 0.63 8.38
N SER E 59 -27.84 1.53 7.78
CA SER E 59 -28.30 2.89 7.54
C SER E 59 -29.23 2.89 6.32
N ILE E 60 -30.43 3.43 6.50
CA ILE E 60 -31.35 3.55 5.38
C ILE E 60 -31.01 4.76 4.52
N GLY E 61 -30.37 5.76 5.12
CA GLY E 61 -30.10 6.99 4.42
C GLY E 61 -29.69 8.09 5.37
N THR E 62 -30.37 9.23 5.28
CA THR E 62 -30.08 10.33 6.19
C THR E 62 -30.34 9.94 7.63
N GLN E 63 -29.82 10.74 8.56
CA GLN E 63 -30.00 10.46 9.97
C GLN E 63 -31.29 11.05 10.50
N ILE E 64 -31.93 11.93 9.73
CA ILE E 64 -33.16 12.59 10.14
C ILE E 64 -34.08 12.67 8.93
N SER E 65 -35.38 12.56 9.18
CA SER E 65 -36.41 12.74 8.16
C SER E 65 -37.57 13.48 8.79
N CYS E 66 -38.16 14.42 8.07
CA CYS E 66 -39.05 15.38 8.69
C CYS E 66 -40.46 15.44 8.13
N PHE E 67 -40.74 14.79 7.01
CA PHE E 67 -42.08 14.76 6.44
C PHE E 67 -42.66 16.15 6.21
N SER E 68 -42.10 16.89 5.28
CA SER E 68 -42.68 18.13 4.82
C SER E 68 -44.01 17.85 4.13
N PRO E 69 -44.86 18.86 3.96
CA PRO E 69 -46.11 18.65 3.23
C PRO E 69 -45.86 18.25 1.78
N SER E 70 -46.92 17.79 1.13
CA SER E 70 -46.80 17.35 -0.25
C SER E 70 -46.56 18.52 -1.18
N SER E 71 -47.04 19.71 -0.81
CA SER E 71 -46.87 20.89 -1.66
C SER E 71 -45.41 21.32 -1.70
N PHE E 72 -44.66 21.01 -0.65
CA PHE E 72 -43.25 21.39 -0.60
C PHE E 72 -42.47 20.73 -1.73
N SER E 73 -41.58 21.49 -2.34
CA SER E 73 -40.72 20.94 -3.37
C SER E 73 -39.66 20.04 -2.73
N TRP E 74 -38.87 19.41 -3.58
CA TRP E 74 -37.78 18.56 -3.10
C TRP E 74 -36.80 19.37 -2.27
N ARG E 75 -36.44 20.55 -2.74
CA ARG E 75 -35.43 21.34 -2.04
C ARG E 75 -36.00 21.97 -0.77
N GLN E 76 -37.30 22.28 -0.77
CA GLN E 76 -37.91 22.78 0.45
C GLN E 76 -37.93 21.70 1.53
N ALA E 77 -38.23 20.46 1.15
CA ALA E 77 -38.17 19.37 2.10
C ALA E 77 -36.74 19.12 2.58
N ALA E 78 -35.77 19.23 1.68
CA ALA E 78 -34.38 19.12 2.11
C ALA E 78 -34.02 20.22 3.10
N PHE E 79 -34.53 21.43 2.87
CA PHE E 79 -34.30 22.51 3.83
C PHE E 79 -34.91 22.19 5.17
N VAL E 80 -36.13 21.65 5.18
CA VAL E 80 -36.76 21.32 6.45
C VAL E 80 -35.94 20.28 7.19
N ASP E 81 -35.51 19.23 6.49
CA ASP E 81 -34.69 18.20 7.11
C ASP E 81 -33.42 18.79 7.71
N SER E 82 -32.67 19.53 6.91
CA SER E 82 -31.39 20.06 7.39
C SER E 82 -31.60 21.08 8.50
N TYR E 83 -32.64 21.90 8.39
CA TYR E 83 -32.92 22.89 9.42
C TYR E 83 -33.20 22.20 10.75
N CYS E 84 -34.04 21.16 10.73
CA CYS E 84 -34.38 20.52 12.00
C CYS E 84 -33.18 19.76 12.55
N TRP E 85 -32.38 19.15 11.67
CA TRP E 85 -31.13 18.54 12.10
C TRP E 85 -30.25 19.55 12.83
N ALA E 86 -30.10 20.75 12.28
CA ALA E 86 -29.31 21.77 12.95
C ALA E 86 -30.05 22.37 14.12
N ALA E 87 -31.36 22.17 14.19
CA ALA E 87 -32.22 22.79 15.18
C ALA E 87 -32.46 21.93 16.38
N VAL E 88 -31.95 20.69 16.41
CA VAL E 88 -31.99 19.94 17.66
C VAL E 88 -31.21 20.68 18.75
N GLN E 89 -30.30 21.57 18.35
CA GLN E 89 -29.58 22.37 19.34
C GLN E 89 -30.40 23.57 19.81
N GLN E 90 -30.89 24.37 18.88
CA GLN E 90 -31.67 25.57 19.22
C GLN E 90 -32.96 25.13 19.90
N LYS E 91 -33.05 25.34 21.21
CA LYS E 91 -34.14 24.77 21.98
C LYS E 91 -35.46 25.46 21.67
N ASN E 92 -35.41 26.67 21.13
CA ASN E 92 -36.65 27.41 20.88
C ASN E 92 -37.42 26.81 19.72
N SER E 93 -36.72 26.24 18.74
CA SER E 93 -37.37 25.80 17.51
C SER E 93 -38.13 24.50 17.72
N LEU E 94 -37.54 23.53 18.40
CA LEU E 94 -38.08 22.18 18.48
C LEU E 94 -38.80 22.00 19.81
N GLN E 95 -39.91 21.27 19.77
CA GLN E 95 -40.68 20.90 20.96
C GLN E 95 -40.75 19.39 21.02
N SER E 96 -40.12 18.81 22.05
CA SER E 96 -40.09 17.37 22.22
C SER E 96 -40.65 17.00 23.59
N GLU E 97 -41.38 15.89 23.65
CA GLU E 97 -41.98 15.46 24.91
C GLU E 97 -40.91 15.07 25.93
N SER E 98 -39.85 14.40 25.49
CA SER E 98 -38.83 13.95 26.43
C SER E 98 -37.91 15.09 26.84
N GLY E 99 -37.67 16.04 25.94
CA GLY E 99 -36.80 17.16 26.21
C GLY E 99 -35.72 17.32 25.14
N ASN E 100 -34.94 18.38 25.29
CA ASN E 100 -33.90 18.67 24.31
C ASN E 100 -32.66 17.84 24.57
N LEU E 101 -32.44 17.44 25.81
CA LEU E 101 -31.28 16.60 26.13
C LEU E 101 -31.29 15.28 25.38
N PRO E 102 -32.40 14.54 25.30
CA PRO E 102 -32.39 13.34 24.45
C PRO E 102 -32.05 13.64 23.00
N LEU E 103 -32.50 14.80 22.49
CA LEU E 103 -32.19 15.15 21.11
C LEU E 103 -30.70 15.37 20.93
N TRP E 104 -30.08 16.13 21.85
CA TRP E 104 -28.65 16.30 21.83
C TRP E 104 -27.93 14.95 21.86
N LEU E 105 -28.37 14.06 22.74
CA LEU E 105 -27.71 12.77 22.87
C LEU E 105 -27.88 11.92 21.63
N HIS E 106 -29.03 12.06 20.95
CA HIS E 106 -29.27 11.27 19.75
C HIS E 106 -28.43 11.78 18.59
N LYS E 107 -28.29 13.09 18.46
CA LYS E 107 -27.48 13.62 17.37
C LYS E 107 -26.01 13.31 17.57
N PHE E 108 -25.51 13.44 18.79
CA PHE E 108 -24.09 13.36 19.08
C PHE E 108 -23.70 12.05 19.75
N PHE E 109 -24.49 11.00 19.56
CA PHE E 109 -24.11 9.70 20.10
C PHE E 109 -22.78 9.19 19.57
N PRO E 110 -22.48 9.27 18.25
CA PRO E 110 -21.14 8.84 17.81
C PRO E 110 -20.02 9.63 18.45
N TYR E 111 -20.23 10.95 18.62
CA TYR E 111 -19.19 11.76 19.25
C TYR E 111 -18.97 11.35 20.69
N ILE E 112 -20.05 11.02 21.40
CA ILE E 112 -19.90 10.64 22.80
C ILE E 112 -19.21 9.29 22.92
N LEU E 113 -19.53 8.36 22.02
CA LEU E 113 -18.83 7.07 22.06
C LEU E 113 -17.36 7.24 21.70
N LEU E 114 -17.04 8.09 20.72
CA LEU E 114 -15.63 8.34 20.41
C LEU E 114 -14.93 9.02 21.58
N LEU E 115 -15.63 9.90 22.28
CA LEU E 115 -15.05 10.55 23.46
C LEU E 115 -14.72 9.51 24.52
N PHE E 116 -15.64 8.56 24.73
CA PHE E 116 -15.37 7.50 25.71
C PHE E 116 -14.20 6.63 25.27
N ALA E 117 -14.11 6.33 23.98
CA ALA E 117 -12.99 5.55 23.48
C ALA E 117 -11.67 6.28 23.72
N ILE E 118 -11.64 7.58 23.45
CA ILE E 118 -10.42 8.36 23.65
C ILE E 118 -10.05 8.42 25.12
N LEU E 119 -11.01 8.74 25.99
CA LEU E 119 -10.72 8.80 27.41
C LEU E 119 -10.27 7.46 27.95
N LEU E 120 -10.78 6.36 27.38
CA LEU E 120 -10.36 5.05 27.85
C LEU E 120 -8.99 4.68 27.30
N TYR E 121 -8.63 5.27 26.16
CA TYR E 121 -7.29 5.06 25.63
C TYR E 121 -6.25 5.91 26.34
N LEU E 122 -6.66 6.99 26.98
CA LEU E 122 -5.69 7.88 27.62
C LEU E 122 -4.88 7.24 28.73
N PRO E 123 -5.45 6.51 29.69
CA PRO E 123 -4.62 5.93 30.76
C PRO E 123 -3.61 4.92 30.24
N PRO E 124 -3.99 4.02 29.30
CA PRO E 124 -2.94 3.15 28.73
C PRO E 124 -1.85 3.93 28.02
N LEU E 125 -2.19 5.05 27.39
CA LEU E 125 -1.17 5.87 26.76
C LEU E 125 -0.23 6.49 27.79
N PHE E 126 -0.80 7.01 28.88
CA PHE E 126 0.02 7.55 29.94
C PHE E 126 0.93 6.49 30.54
N TRP E 127 0.43 5.26 30.66
CA TRP E 127 1.28 4.19 31.14
C TRP E 127 2.38 3.85 30.13
N ARG E 128 2.04 3.84 28.85
CA ARG E 128 3.00 3.47 27.82
C ARG E 128 4.11 4.52 27.70
N PHE E 129 3.82 5.76 28.04
CA PHE E 129 4.81 6.82 27.86
C PHE E 129 5.51 7.23 29.14
N ALA E 130 4.81 7.28 30.27
CA ALA E 130 5.41 7.79 31.50
C ALA E 130 6.09 6.68 32.28
N ALA E 131 5.44 5.51 32.39
CA ALA E 131 5.93 4.45 33.26
C ALA E 131 6.40 3.20 32.54
N ALA E 132 6.15 3.07 31.24
CA ALA E 132 6.59 1.87 30.53
C ALA E 132 8.09 1.81 30.32
N PRO E 133 8.78 2.89 29.93
CA PRO E 133 10.24 2.78 29.78
C PRO E 133 10.97 2.53 31.09
N HIS E 134 10.49 3.14 32.18
CA HIS E 134 11.12 2.93 33.48
C HIS E 134 11.08 1.46 33.87
N ILE E 135 9.96 0.79 33.63
CA ILE E 135 9.87 -0.61 33.96
C ILE E 135 10.57 -1.46 32.91
N CYS E 136 10.65 -0.96 31.68
CA CYS E 136 11.27 -1.73 30.61
C CYS E 136 12.76 -1.87 30.82
N SER E 137 13.43 -0.75 31.12
CA SER E 137 14.86 -0.81 31.39
C SER E 137 15.16 -1.72 32.57
N ASP E 138 14.42 -1.57 33.67
CA ASP E 138 14.66 -2.40 34.84
C ASP E 138 14.41 -3.87 34.55
N LEU E 139 13.36 -4.18 33.79
CA LEU E 139 13.04 -5.57 33.52
C LEU E 139 14.07 -6.20 32.59
N LYS E 140 14.52 -5.44 31.59
CA LYS E 140 15.57 -5.95 30.71
C LYS E 140 16.85 -6.19 31.49
N PHE E 141 17.19 -5.28 32.42
CA PHE E 141 18.37 -5.48 33.24
C PHE E 141 18.23 -6.71 34.13
N ILE E 142 17.05 -6.92 34.71
CA ILE E 142 16.83 -8.07 35.57
C ILE E 142 16.95 -9.36 34.78
N MET E 143 16.39 -9.39 33.58
CA MET E 143 16.50 -10.58 32.74
C MET E 143 17.95 -10.85 32.35
N GLU E 144 18.69 -9.81 31.97
CA GLU E 144 20.10 -9.99 31.65
C GLU E 144 20.88 -10.51 32.84
N GLU E 145 20.62 -9.95 34.03
CA GLU E 145 21.33 -10.39 35.22
C GLU E 145 20.98 -11.84 35.58
N LEU E 146 19.73 -12.24 35.35
CA LEU E 146 19.34 -13.62 35.62
C LEU E 146 20.03 -14.57 34.66
N ASP E 147 20.07 -14.22 33.37
CA ASP E 147 20.80 -15.05 32.42
C ASP E 147 22.27 -15.14 32.80
N LYS E 148 22.85 -14.03 33.26
CA LYS E 148 24.26 -14.03 33.63
C LYS E 148 24.52 -14.91 34.85
N VAL E 149 23.67 -14.81 35.86
CA VAL E 149 23.86 -15.63 37.06
C VAL E 149 23.67 -17.10 36.73
N TYR E 150 22.74 -17.41 35.82
CA TYR E 150 22.58 -18.80 35.39
C TYR E 150 23.83 -19.31 34.69
N ASN E 151 24.36 -18.51 33.76
CA ASN E 151 25.59 -18.90 33.06
C ASN E 151 26.73 -19.11 34.04
N ARG E 152 26.88 -18.21 35.01
CA ARG E 152 27.97 -18.34 35.97
C ARG E 152 27.78 -19.56 36.85
N ALA E 153 26.54 -19.86 37.23
CA ALA E 153 26.28 -21.04 38.06
C ALA E 153 26.62 -22.32 37.31
N ILE E 154 26.24 -22.40 36.03
CA ILE E 154 26.53 -23.63 35.29
C ILE E 154 28.02 -23.71 34.95
N LYS E 155 28.68 -22.57 34.79
CA LYS E 155 30.12 -22.57 34.57
C LYS E 155 30.86 -23.06 35.81
N ALA E 156 30.43 -22.62 36.99
CA ALA E 156 31.00 -23.13 38.23
C ALA E 156 30.72 -24.62 38.39
N ALA E 157 29.50 -25.04 38.04
CA ALA E 157 29.18 -26.46 38.11
C ALA E 157 29.97 -27.26 37.08
N LYS E 158 30.15 -26.69 35.88
CA LYS E 158 30.93 -27.39 34.86
C LYS E 158 32.39 -27.52 35.27
N SER E 159 32.96 -26.48 35.88
CA SER E 159 34.33 -26.57 36.37
C SER E 159 34.45 -27.59 37.49
N ALA E 160 33.42 -27.72 38.32
CA ALA E 160 33.43 -28.74 39.36
C ALA E 160 33.37 -30.14 38.76
N ARG E 161 32.59 -30.31 37.68
CA ARG E 161 32.53 -31.60 37.01
C ARG E 161 33.87 -31.95 36.36
N ASP E 162 34.64 -30.94 35.98
CA ASP E 162 35.95 -31.16 35.38
C ASP E 162 37.00 -31.44 36.44
N PHE E 191 33.89 -11.95 44.03
CA PHE E 191 32.59 -11.47 43.58
C PHE E 191 31.46 -12.17 44.31
N LYS E 192 30.62 -12.88 43.55
CA LYS E 192 29.49 -13.63 44.09
C LYS E 192 28.57 -12.73 44.90
N TYR E 193 28.07 -11.66 44.27
CA TYR E 193 27.17 -10.71 44.92
C TYR E 193 25.78 -10.86 44.34
N PRO E 194 24.74 -11.05 45.16
CA PRO E 194 23.38 -11.11 44.63
C PRO E 194 22.90 -9.73 44.21
N ILE E 195 23.32 -9.29 43.02
CA ILE E 195 23.02 -7.92 42.60
C ILE E 195 21.54 -7.78 42.25
N VAL E 196 20.97 -8.77 41.58
CA VAL E 196 19.57 -8.67 41.19
C VAL E 196 18.66 -8.80 42.41
N GLU E 197 19.07 -9.62 43.38
CA GLU E 197 18.30 -9.73 44.62
C GLU E 197 18.33 -8.41 45.38
N GLN E 198 19.47 -7.75 45.43
CA GLN E 198 19.55 -6.45 46.09
C GLN E 198 18.74 -5.40 45.33
N TYR E 199 18.74 -5.47 44.00
CA TYR E 199 17.95 -4.53 43.22
C TYR E 199 16.46 -4.69 43.50
N LEU E 200 16.00 -5.93 43.57
CA LEU E 200 14.59 -6.17 43.89
C LEU E 200 14.26 -5.76 45.32
N LYS E 201 15.19 -6.02 46.25
CA LYS E 201 15.02 -5.52 47.61
C LYS E 201 14.85 -4.01 47.62
N THR E 202 15.58 -3.31 46.75
CA THR E 202 15.43 -1.87 46.66
C THR E 202 14.06 -1.50 46.08
N LYS E 203 13.65 -2.20 45.02
CA LYS E 203 12.33 -1.97 44.45
C LYS E 203 11.23 -2.14 45.48
N LYS E 204 11.45 -3.02 46.45
CA LYS E 204 10.48 -3.26 47.52
C LYS E 204 10.17 -1.99 48.31
N ASN E 205 11.04 -0.99 48.20
CA ASN E 205 10.90 0.23 49.02
C ASN E 205 10.05 1.28 48.31
N SER E 206 10.43 1.66 47.10
CA SER E 206 9.73 2.72 46.39
C SER E 206 8.41 2.21 45.82
N ASN E 207 7.43 3.10 45.73
CA ASN E 207 6.11 2.77 45.24
C ASN E 207 5.63 3.71 44.14
N ASN E 208 6.54 4.35 43.42
CA ASN E 208 6.12 5.29 42.37
C ASN E 208 5.44 4.56 41.21
N LEU E 209 6.06 3.48 40.73
CA LEU E 209 5.49 2.77 39.59
C LEU E 209 4.14 2.16 39.94
N ILE E 210 3.99 1.68 41.18
CA ILE E 210 2.75 1.02 41.53
C ILE E 210 1.62 2.03 41.69
N ILE E 211 1.92 3.23 42.18
CA ILE E 211 0.86 4.23 42.27
C ILE E 211 0.51 4.75 40.89
N LYS E 212 1.50 4.84 39.99
CA LYS E 212 1.19 5.16 38.61
C LYS E 212 0.28 4.11 38.00
N TYR E 213 0.57 2.84 38.25
CA TYR E 213 -0.22 1.74 37.68
C TYR E 213 -1.64 1.74 38.24
N ILE E 214 -1.79 1.80 39.56
CA ILE E 214 -3.13 1.77 40.12
C ILE E 214 -3.87 3.06 39.82
N SER E 215 -3.15 4.14 39.53
CA SER E 215 -3.82 5.37 39.14
C SER E 215 -4.37 5.27 37.73
N CYS E 216 -3.60 4.73 36.80
CA CYS E 216 -4.13 4.56 35.45
C CYS E 216 -5.27 3.55 35.46
N ARG E 217 -5.16 2.49 36.25
CA ARG E 217 -6.25 1.53 36.35
C ARG E 217 -7.49 2.17 37.00
N LEU E 218 -7.28 3.06 37.97
CA LEU E 218 -8.42 3.68 38.64
C LEU E 218 -9.12 4.67 37.73
N LEU E 219 -8.36 5.42 36.93
CA LEU E 219 -8.99 6.28 35.93
C LEU E 219 -9.70 5.46 34.88
N THR E 220 -9.13 4.32 34.48
CA THR E 220 -9.83 3.45 33.55
C THR E 220 -11.15 2.98 34.14
N LEU E 221 -11.15 2.59 35.41
CA LEU E 221 -12.38 2.14 36.05
C LEU E 221 -13.39 3.27 36.18
N ILE E 222 -12.92 4.46 36.52
CA ILE E 222 -13.83 5.60 36.67
C ILE E 222 -14.47 5.95 35.34
N ILE E 223 -13.68 5.96 34.27
CA ILE E 223 -14.23 6.28 32.96
C ILE E 223 -15.16 5.17 32.48
N ILE E 224 -14.84 3.91 32.79
CA ILE E 224 -15.72 2.81 32.43
C ILE E 224 -17.05 2.93 33.17
N LEU E 225 -17.01 3.32 34.44
CA LEU E 225 -18.24 3.45 35.20
C LEU E 225 -19.05 4.64 34.70
N LEU E 226 -18.40 5.74 34.35
CA LEU E 226 -19.12 6.87 33.78
C LEU E 226 -19.74 6.51 32.44
N ALA E 227 -19.03 5.71 31.64
CA ALA E 227 -19.59 5.26 30.38
C ALA E 227 -20.77 4.32 30.61
N CYS E 228 -20.68 3.44 31.61
CA CYS E 228 -21.81 2.59 31.96
C CYS E 228 -23.01 3.44 32.36
N ILE E 229 -22.77 4.47 33.17
CA ILE E 229 -23.88 5.32 33.60
C ILE E 229 -24.52 6.02 32.40
N TYR E 230 -23.69 6.58 31.54
CA TYR E 230 -24.22 7.28 30.37
C TYR E 230 -24.98 6.34 29.45
N LEU E 231 -24.44 5.15 29.21
CA LEU E 231 -25.08 4.22 28.29
C LEU E 231 -26.35 3.65 28.88
N GLY E 232 -26.38 3.42 30.20
CA GLY E 232 -27.60 2.98 30.83
C GLY E 232 -28.67 4.05 30.80
N TYR E 233 -28.27 5.32 30.96
CA TYR E 233 -29.24 6.39 30.82
C TYR E 233 -29.74 6.48 29.39
N TYR E 234 -28.83 6.48 28.42
CA TYR E 234 -29.22 6.63 27.02
C TYR E 234 -30.12 5.50 26.57
N PHE E 235 -29.78 4.27 26.92
CA PHE E 235 -30.64 3.13 26.60
C PHE E 235 -31.98 3.24 27.30
N SER E 236 -32.04 3.99 28.41
CA SER E 236 -33.29 4.12 29.15
C SER E 236 -34.22 5.14 28.52
N LEU E 237 -33.79 5.83 27.47
CA LEU E 237 -34.65 6.82 26.83
C LEU E 237 -35.92 6.17 26.30
N SER E 238 -36.96 7.00 26.14
CA SER E 238 -38.30 6.50 25.89
C SER E 238 -38.43 5.74 24.58
N SER E 239 -37.44 5.83 23.70
CA SER E 239 -37.40 5.23 22.36
C SER E 239 -38.35 5.97 21.42
N LEU E 240 -39.16 6.88 21.93
CA LEU E 240 -39.91 7.83 21.12
C LEU E 240 -39.32 9.22 21.23
N SER E 241 -38.21 9.37 21.96
CA SER E 241 -37.54 10.66 22.04
C SER E 241 -36.83 11.00 20.74
N ASP E 242 -36.73 10.04 19.83
CA ASP E 242 -36.18 10.32 18.50
C ASP E 242 -37.17 11.03 17.60
N GLU E 243 -38.44 11.11 18.00
CA GLU E 243 -39.44 11.86 17.28
C GLU E 243 -39.64 13.20 17.96
N PHE E 244 -39.30 14.27 17.26
CA PHE E 244 -39.45 15.60 17.82
C PHE E 244 -40.15 16.48 16.81
N VAL E 245 -40.93 17.43 17.32
CA VAL E 245 -41.65 18.37 16.48
C VAL E 245 -40.75 19.56 16.25
N CYS E 246 -40.59 19.96 15.00
CA CYS E 246 -39.66 21.00 14.60
C CYS E 246 -40.40 22.06 13.79
N SER E 247 -40.05 23.32 13.99
CA SER E 247 -40.75 24.43 13.39
C SER E 247 -39.73 25.36 12.72
N ILE E 248 -39.77 25.43 11.39
CA ILE E 248 -38.89 26.35 10.68
C ILE E 248 -39.61 27.68 10.54
N LYS E 249 -39.62 28.47 11.62
CA LYS E 249 -40.34 29.74 11.63
C LYS E 249 -39.55 30.84 12.32
N SER E 250 -38.23 30.80 12.26
CA SER E 250 -37.43 31.92 12.70
C SER E 250 -37.03 32.76 11.49
N GLY E 251 -36.72 34.02 11.74
CA GLY E 251 -36.37 34.92 10.65
C GLY E 251 -37.58 35.32 9.83
N ILE E 252 -37.35 35.52 8.53
CA ILE E 252 -38.42 35.96 7.65
C ILE E 252 -39.49 34.90 7.46
N LEU E 253 -39.21 33.66 7.83
CA LEU E 253 -40.21 32.61 7.70
C LEU E 253 -41.24 32.67 8.82
N ARG E 254 -41.01 33.55 9.81
CA ARG E 254 -41.82 33.54 11.02
C ARG E 254 -43.30 33.77 10.70
N ASN E 255 -43.60 34.84 9.97
CA ASN E 255 -45.00 35.13 9.68
C ASN E 255 -45.41 34.63 8.31
N ASP E 256 -44.54 33.84 7.66
CA ASP E 256 -44.89 33.22 6.39
C ASP E 256 -46.07 32.28 6.58
N SER E 257 -46.88 32.12 5.53
CA SER E 257 -48.10 31.34 5.63
C SER E 257 -48.06 30.03 4.87
N THR E 258 -47.30 29.95 3.78
CA THR E 258 -47.27 28.70 3.01
C THR E 258 -46.58 27.59 3.79
N VAL E 259 -45.66 27.95 4.68
CA VAL E 259 -44.94 26.96 5.49
C VAL E 259 -45.78 26.58 6.69
N PRO E 260 -45.98 25.30 6.96
CA PRO E 260 -46.80 24.89 8.10
C PRO E 260 -46.13 25.24 9.42
N ASP E 261 -46.94 25.21 10.49
CA ASP E 261 -46.47 25.66 11.79
C ASP E 261 -45.36 24.78 12.33
N GLN E 262 -45.47 23.47 12.12
CA GLN E 262 -44.52 22.53 12.70
C GLN E 262 -44.44 21.27 11.87
N PHE E 263 -43.28 20.63 11.91
CA PHE E 263 -43.02 19.42 11.15
C PHE E 263 -42.74 18.26 12.11
N GLN E 264 -43.15 17.07 11.72
CA GLN E 264 -42.91 15.88 12.52
C GLN E 264 -41.63 15.23 12.01
N CYS E 265 -40.52 15.48 12.72
CA CYS E 265 -39.25 14.89 12.36
C CYS E 265 -38.97 13.67 13.23
N LYS E 266 -38.20 12.74 12.68
CA LYS E 266 -37.77 11.55 13.41
C LYS E 266 -36.29 11.32 13.16
N LEU E 267 -35.55 11.06 14.23
CA LEU E 267 -34.13 10.77 14.11
C LEU E 267 -33.96 9.29 13.83
N ILE E 268 -33.75 8.96 12.56
CA ILE E 268 -33.48 7.58 12.20
C ILE E 268 -32.18 7.14 12.89
N ALA E 269 -32.00 5.83 12.99
CA ALA E 269 -30.82 5.20 13.58
C ALA E 269 -30.68 5.51 15.07
N VAL E 270 -31.77 5.88 15.75
CA VAL E 270 -31.71 6.01 17.20
C VAL E 270 -31.98 4.66 17.85
N GLY E 271 -32.87 3.86 17.25
CA GLY E 271 -33.04 2.50 17.72
C GLY E 271 -31.75 1.70 17.63
N ILE E 272 -31.01 1.90 16.55
CA ILE E 272 -29.69 1.27 16.42
C ILE E 272 -28.76 1.79 17.50
N PHE E 273 -28.82 3.08 17.79
CA PHE E 273 -27.98 3.65 18.84
C PHE E 273 -28.28 3.01 20.18
N GLN E 274 -29.56 2.80 20.50
CA GLN E 274 -29.92 2.23 21.78
C GLN E 274 -29.54 0.75 21.85
N LEU E 275 -29.78 0.01 20.76
CA LEU E 275 -29.39 -1.39 20.73
C LEU E 275 -27.88 -1.55 20.84
N LEU E 276 -27.11 -0.59 20.33
CA LEU E 276 -25.66 -0.69 20.47
C LEU E 276 -25.21 -0.19 21.83
N SER E 277 -25.93 0.75 22.41
CA SER E 277 -25.57 1.27 23.72
C SER E 277 -25.78 0.21 24.78
N VAL E 278 -26.81 -0.63 24.63
CA VAL E 278 -27.01 -1.68 25.61
C VAL E 278 -25.92 -2.74 25.49
N ILE E 279 -25.45 -2.99 24.27
CA ILE E 279 -24.33 -3.92 24.07
C ILE E 279 -23.08 -3.38 24.73
N ASN E 280 -22.78 -2.10 24.48
CA ASN E 280 -21.64 -1.47 25.11
C ASN E 280 -21.75 -1.48 26.62
N LEU E 281 -22.94 -1.25 27.15
CA LEU E 281 -23.14 -1.26 28.59
C LEU E 281 -22.93 -2.65 29.17
N VAL E 282 -23.42 -3.68 28.49
CA VAL E 282 -23.22 -5.05 28.97
C VAL E 282 -21.74 -5.39 28.98
N VAL E 283 -21.04 -5.10 27.89
CA VAL E 283 -19.62 -5.42 27.83
C VAL E 283 -18.85 -4.61 28.88
N TYR E 284 -19.30 -3.38 29.15
CA TYR E 284 -18.56 -2.55 30.10
C TYR E 284 -18.81 -2.99 31.54
N VAL E 285 -20.01 -3.47 31.85
CA VAL E 285 -20.27 -3.95 33.20
C VAL E 285 -19.69 -5.35 33.38
N LEU E 286 -19.35 -6.02 32.27
CA LEU E 286 -18.56 -7.23 32.39
C LEU E 286 -17.08 -6.90 32.54
N LEU E 287 -16.66 -5.76 32.00
CA LEU E 287 -15.25 -5.38 32.03
C LEU E 287 -14.88 -4.74 33.36
N ALA E 288 -15.82 -4.04 33.99
CA ALA E 288 -15.52 -3.35 35.24
C ALA E 288 -15.03 -4.28 36.35
N PRO E 289 -15.62 -5.46 36.57
CA PRO E 289 -15.02 -6.36 37.57
C PRO E 289 -13.61 -6.76 37.23
N VAL E 290 -13.29 -6.90 35.94
CA VAL E 290 -11.92 -7.24 35.56
C VAL E 290 -10.96 -6.13 35.96
N VAL E 291 -11.36 -4.88 35.74
CA VAL E 291 -10.50 -3.76 36.12
C VAL E 291 -10.37 -3.69 37.64
N VAL E 292 -11.47 -3.92 38.36
CA VAL E 292 -11.42 -3.88 39.81
C VAL E 292 -10.48 -4.95 40.34
N TYR E 293 -10.53 -6.15 39.75
CA TYR E 293 -9.60 -7.21 40.15
C TYR E 293 -8.17 -6.85 39.81
N THR E 294 -7.96 -6.25 38.64
CA THR E 294 -6.63 -5.78 38.26
C THR E 294 -6.10 -4.78 39.28
N LEU E 295 -7.00 -3.99 39.88
CA LEU E 295 -6.58 -2.96 40.82
C LEU E 295 -5.84 -3.53 42.01
N PHE E 296 -6.15 -4.77 42.38
CA PHE E 296 -5.49 -5.43 43.51
C PHE E 296 -4.24 -6.16 43.01
N VAL E 297 -3.18 -5.38 42.83
CA VAL E 297 -1.93 -5.88 42.26
C VAL E 297 -1.21 -6.88 43.17
N PRO E 298 -1.23 -6.78 44.52
CA PRO E 298 -0.50 -7.79 45.31
C PRO E 298 -1.17 -9.14 45.22
N PHE E 299 -2.50 -9.16 45.25
CA PHE E 299 -3.23 -10.42 45.18
C PHE E 299 -2.91 -11.17 43.90
N ARG E 300 -2.66 -10.46 42.81
CA ARG E 300 -2.34 -11.12 41.55
C ARG E 300 -0.92 -11.63 41.49
N GLN E 301 -0.01 -11.10 42.32
CA GLN E 301 1.35 -11.62 42.36
C GLN E 301 1.33 -13.01 42.95
N LYS E 302 1.47 -14.01 42.09
CA LYS E 302 1.37 -15.40 42.51
C LYS E 302 2.35 -16.22 41.69
N THR E 303 2.52 -17.49 42.08
CA THR E 303 3.45 -18.40 41.44
C THR E 303 4.85 -17.78 41.37
N ASP E 304 5.44 -17.60 42.55
CA ASP E 304 6.70 -16.86 42.70
C ASP E 304 7.71 -17.30 41.66
N VAL E 305 8.05 -16.39 40.75
CA VAL E 305 8.80 -16.72 39.55
C VAL E 305 10.26 -16.95 39.88
N LEU E 306 10.80 -16.17 40.83
CA LEU E 306 12.20 -16.31 41.19
C LEU E 306 12.44 -17.53 42.05
N LYS E 307 11.38 -18.16 42.58
CA LYS E 307 11.56 -19.36 43.39
C LYS E 307 12.26 -20.46 42.60
N VAL E 308 12.10 -20.45 41.27
CA VAL E 308 12.75 -21.46 40.47
C VAL E 308 14.26 -21.24 40.40
N TYR E 309 14.72 -20.02 40.64
CA TYR E 309 16.14 -19.72 40.62
C TYR E 309 16.85 -20.06 41.93
N GLU E 310 16.11 -20.45 42.95
CA GLU E 310 16.72 -20.66 44.26
C GLU E 310 17.59 -21.91 44.28
N ILE E 311 17.54 -22.71 43.21
CA ILE E 311 18.28 -23.97 43.17
C ILE E 311 19.65 -23.75 42.54
N LEU E 312 20.05 -22.50 42.39
CA LEU E 312 21.35 -22.18 41.82
C LEU E 312 22.32 -21.83 42.94
N PRO E 313 23.54 -22.34 42.91
CA PRO E 313 24.52 -21.95 43.94
C PRO E 313 24.90 -20.47 43.86
N THR E 314 25.06 -19.95 42.65
CA THR E 314 25.41 -18.55 42.45
C THR E 314 24.28 -17.59 42.76
N PHE E 315 23.16 -18.11 43.23
CA PHE E 315 21.98 -17.30 43.56
C PHE E 315 21.59 -17.55 45.00
N ASP E 316 21.44 -16.48 45.77
CA ASP E 316 21.09 -16.61 47.18
C ASP E 316 19.72 -17.26 47.32
N VAL E 317 19.51 -17.97 48.42
CA VAL E 317 18.25 -18.66 48.66
C VAL E 317 17.29 -17.69 49.32
N LEU E 318 16.62 -16.86 48.51
CA LEU E 318 15.69 -15.86 49.01
C LEU E 318 14.79 -15.39 47.88
N HIS E 319 13.48 -15.61 48.05
CA HIS E 319 12.52 -15.01 47.12
C HIS E 319 12.31 -13.54 47.43
N PHE E 320 11.82 -13.23 48.63
CA PHE E 320 11.68 -11.86 49.12
C PHE E 320 10.89 -11.00 48.15
N LYS E 321 9.74 -11.50 47.72
CA LYS E 321 8.90 -10.76 46.79
C LYS E 321 7.44 -11.09 47.06
N SER E 322 6.80 -10.26 47.90
CA SER E 322 5.39 -10.42 48.26
C SER E 322 4.91 -9.32 49.19
N GLU E 323 3.60 -9.25 49.41
CA GLU E 323 2.97 -8.51 50.49
C GLU E 323 3.28 -7.02 50.51
N GLY E 324 2.85 -6.26 49.50
CA GLY E 324 3.02 -4.83 49.57
C GLY E 324 2.37 -4.10 48.42
N TYR E 325 1.94 -2.88 48.72
CA TYR E 325 1.52 -1.91 47.70
C TYR E 325 2.77 -1.13 47.28
N ASN E 326 3.76 -1.86 46.77
CA ASN E 326 5.04 -1.28 46.41
C ASN E 326 5.44 -1.79 45.04
N ASP E 327 6.42 -1.10 44.43
CA ASP E 327 6.77 -1.39 43.05
C ASP E 327 7.26 -2.82 42.88
N LEU E 328 7.63 -3.48 43.98
CA LEU E 328 8.11 -4.85 43.88
C LEU E 328 7.02 -5.79 43.37
N SER E 329 5.78 -5.58 43.81
CA SER E 329 4.69 -6.44 43.35
C SER E 329 4.42 -6.22 41.86
N LEU E 330 4.47 -4.97 41.42
CA LEU E 330 4.31 -4.68 40.01
C LEU E 330 5.41 -5.33 39.19
N TYR E 331 6.65 -5.25 39.68
CA TYR E 331 7.75 -5.90 38.99
C TYR E 331 7.59 -7.41 39.00
N ASN E 332 7.00 -7.96 40.06
CA ASN E 332 6.72 -9.38 40.09
C ASN E 332 5.72 -9.76 39.00
N LEU E 333 4.68 -8.96 38.82
CA LEU E 333 3.72 -9.22 37.75
C LEU E 333 4.40 -9.17 36.39
N PHE E 334 5.18 -8.11 36.15
CA PHE E 334 5.80 -7.96 34.83
C PHE E 334 6.85 -9.05 34.59
N LEU E 335 7.51 -9.51 35.65
CA LEU E 335 8.43 -10.62 35.52
C LEU E 335 7.70 -11.92 35.21
N GLU E 336 6.58 -12.15 35.90
CA GLU E 336 5.77 -13.32 35.62
C GLU E 336 5.29 -13.32 34.17
N GLU E 337 5.06 -12.14 33.62
CA GLU E 337 4.62 -12.07 32.23
C GLU E 337 5.78 -12.29 31.26
N ASN E 338 6.84 -11.51 31.38
CA ASN E 338 7.92 -11.50 30.41
C ASN E 338 9.01 -12.53 30.68
N ILE E 339 8.81 -13.40 31.68
CA ILE E 339 9.89 -14.29 32.10
C ILE E 339 10.00 -15.47 31.15
N SER E 340 8.94 -15.74 30.38
CA SER E 340 8.98 -16.87 29.45
C SER E 340 9.99 -16.62 28.34
N GLU E 341 10.32 -15.35 28.08
CA GLU E 341 11.36 -15.04 27.10
C GLU E 341 12.74 -15.42 27.62
N VAL E 342 12.88 -15.52 28.94
CA VAL E 342 14.19 -15.82 29.53
C VAL E 342 14.46 -17.31 29.41
N LYS E 343 15.51 -17.66 28.64
CA LYS E 343 15.85 -19.05 28.41
C LYS E 343 16.26 -19.74 29.71
N SER E 344 17.09 -19.06 30.51
CA SER E 344 17.52 -19.64 31.78
C SER E 344 16.33 -19.97 32.66
N TYR E 345 15.33 -19.09 32.68
CA TYR E 345 14.12 -19.40 33.45
C TYR E 345 13.43 -20.63 32.89
N LYS E 346 13.39 -20.78 31.57
CA LYS E 346 12.73 -21.94 30.98
C LYS E 346 13.42 -23.23 31.41
N CYS E 347 14.74 -23.28 31.29
CA CYS E 347 15.46 -24.49 31.69
C CYS E 347 15.32 -24.76 33.18
N LEU E 348 15.40 -23.71 34.01
CA LEU E 348 15.26 -23.90 35.43
C LEU E 348 13.87 -24.41 35.78
N LYS E 349 12.85 -23.96 35.07
CA LYS E 349 11.50 -24.45 35.33
C LYS E 349 11.35 -25.89 34.88
N VAL E 350 12.03 -26.27 33.79
CA VAL E 350 12.10 -27.67 33.42
C VAL E 350 12.67 -28.50 34.55
N LEU E 351 13.81 -28.10 35.11
CA LEU E 351 14.37 -28.85 36.23
C LEU E 351 13.44 -28.85 37.44
N GLU E 352 12.77 -27.74 37.71
CA GLU E 352 11.90 -27.66 38.87
C GLU E 352 10.70 -28.60 38.74
N ASN E 353 10.15 -28.69 37.52
CA ASN E 353 9.03 -29.59 37.30
C ASN E 353 9.46 -31.05 37.41
N ILE E 354 10.66 -31.36 36.90
CA ILE E 354 11.20 -32.71 37.06
C ILE E 354 11.39 -33.03 38.53
N LYS E 355 11.79 -32.03 39.32
CA LYS E 355 12.02 -32.22 40.74
C LYS E 355 10.76 -32.65 41.48
N SER E 356 9.59 -32.45 40.87
CA SER E 356 8.34 -32.92 41.46
C SER E 356 8.38 -34.43 41.68
N SER E 357 8.92 -35.17 40.70
CA SER E 357 9.11 -36.61 40.87
C SER E 357 10.23 -36.88 41.86
N GLY E 358 11.29 -36.06 41.83
CA GLY E 358 12.40 -36.23 42.74
C GLY E 358 13.33 -37.37 42.39
N GLN E 359 13.41 -37.77 41.13
CA GLN E 359 14.24 -38.92 40.77
C GLN E 359 15.72 -38.62 40.95
N GLY E 360 16.24 -37.61 40.25
CA GLY E 360 17.66 -37.36 40.30
C GLY E 360 18.04 -36.25 41.27
N ILE E 361 18.72 -35.23 40.78
CA ILE E 361 19.19 -34.13 41.62
C ILE E 361 19.31 -32.87 40.77
N ASP E 362 19.16 -31.71 41.41
CA ASP E 362 19.15 -30.43 40.71
C ASP E 362 20.49 -30.11 40.05
N PRO E 363 21.62 -30.15 40.77
CA PRO E 363 22.89 -29.78 40.12
C PRO E 363 23.30 -30.74 39.03
N MET E 364 23.04 -32.04 39.21
CA MET E 364 23.37 -33.01 38.17
C MET E 364 22.59 -32.76 36.90
N LEU E 365 21.27 -32.56 37.02
CA LEU E 365 20.46 -32.28 35.85
C LEU E 365 20.83 -30.95 35.22
N LEU E 366 21.23 -29.99 36.05
CA LEU E 366 21.67 -28.70 35.50
C LEU E 366 22.94 -28.86 34.69
N LEU E 367 23.93 -29.59 35.21
CA LEU E 367 25.14 -29.86 34.45
C LEU E 367 24.83 -30.62 33.17
N THR E 368 23.85 -31.53 33.23
CA THR E 368 23.44 -32.24 32.03
C THR E 368 22.84 -31.29 31.00
N ASN E 369 22.03 -30.33 31.50
CA ASN E 369 21.30 -29.30 30.71
C ASN E 369 22.16 -28.79 29.55
N LEU E 370 23.27 -28.11 29.90
CA LEU E 370 24.26 -27.51 28.96
C LEU E 370 23.57 -26.48 28.05
N GLY E 371 22.94 -25.48 28.66
CA GLY E 371 22.26 -24.40 27.91
C GLY E 371 22.65 -23.04 28.45
N MET E 372 23.88 -22.61 28.18
CA MET E 372 24.39 -21.30 28.66
C MET E 372 23.56 -20.16 28.03
N ILE E 373 23.23 -20.29 26.74
CA ILE E 373 22.44 -19.25 26.02
C ILE E 373 21.93 -19.85 24.70
N ALA F 2 -15.28 7.73 8.08
CA ALA F 2 -15.88 7.14 9.28
C ALA F 2 -15.27 7.73 10.53
N ILE F 3 -16.06 7.82 11.60
CA ILE F 3 -15.58 8.34 12.86
C ILE F 3 -14.43 7.51 13.39
N ALA F 4 -14.56 6.18 13.35
CA ALA F 4 -13.53 5.33 13.93
C ALA F 4 -12.23 5.41 13.16
N GLN F 5 -12.30 5.64 11.85
CA GLN F 5 -11.09 5.81 11.06
C GLN F 5 -10.32 7.06 11.50
N LEU F 6 -11.04 8.17 11.68
CA LEU F 6 -10.40 9.39 12.17
C LEU F 6 -9.85 9.19 13.57
N ALA F 7 -10.59 8.47 14.41
CA ALA F 7 -10.09 8.17 15.75
C ALA F 7 -8.77 7.45 15.69
N THR F 8 -8.70 6.35 14.93
CA THR F 8 -7.44 5.64 14.76
C THR F 8 -6.36 6.59 14.28
N GLU F 9 -6.60 7.27 13.16
CA GLU F 9 -5.58 8.08 12.52
C GLU F 9 -5.03 9.15 13.45
N TYR F 10 -5.86 9.73 14.31
CA TYR F 10 -5.43 10.92 15.04
C TYR F 10 -5.19 10.72 16.53
N VAL F 11 -5.60 9.60 17.12
CA VAL F 11 -5.18 9.33 18.49
C VAL F 11 -4.49 7.97 18.56
N PHE F 12 -5.02 6.96 17.88
CA PHE F 12 -4.51 5.61 18.08
C PHE F 12 -3.32 5.33 17.18
N SER F 13 -3.25 5.99 16.03
CA SER F 13 -2.06 5.93 15.22
C SER F 13 -0.95 6.77 15.85
N ASP F 14 0.27 6.58 15.36
CA ASP F 14 1.40 7.36 15.85
C ASP F 14 1.45 8.70 15.13
N PHE F 15 0.34 9.43 15.12
CA PHE F 15 0.29 10.71 14.44
C PHE F 15 1.14 11.73 15.20
N LEU F 16 2.11 12.33 14.49
CA LEU F 16 3.09 13.25 15.04
C LEU F 16 3.90 12.63 16.17
N LEU F 17 3.94 11.30 16.26
CA LEU F 17 4.81 10.59 17.17
C LEU F 17 5.91 9.84 16.42
N LYS F 18 6.04 10.07 15.12
CA LYS F 18 7.04 9.38 14.32
C LYS F 18 8.43 9.84 14.71
N GLU F 19 9.30 8.88 15.03
CA GLU F 19 10.69 9.17 15.25
C GLU F 19 11.32 9.66 13.95
N PRO F 20 12.35 10.52 14.04
CA PRO F 20 12.99 11.02 12.81
C PRO F 20 13.55 9.88 11.98
N THR F 21 12.99 9.71 10.79
CA THR F 21 13.40 8.63 9.91
C THR F 21 14.75 8.95 9.27
N GLU F 22 15.80 8.75 10.06
CA GLU F 22 17.16 9.04 9.63
C GLU F 22 18.15 8.41 10.61
N PRO F 23 19.30 7.92 10.14
CA PRO F 23 20.30 7.33 11.04
C PRO F 23 21.15 8.34 11.80
N LYS F 24 20.94 9.64 11.60
CA LYS F 24 21.69 10.63 12.35
C LYS F 24 21.28 10.63 13.82
N PHE F 25 19.97 10.61 14.09
CA PHE F 25 19.44 10.51 15.45
C PHE F 25 18.81 9.14 15.60
N LYS F 26 19.51 8.23 16.26
CA LYS F 26 19.07 6.85 16.44
C LYS F 26 18.64 6.66 17.89
N GLY F 27 17.33 6.61 18.12
CA GLY F 27 16.80 6.50 19.46
C GLY F 27 16.85 7.77 20.28
N LEU F 28 17.46 8.83 19.77
CA LEU F 28 17.49 10.11 20.47
C LEU F 28 16.15 10.79 20.27
N ARG F 29 15.58 11.30 21.36
CA ARG F 29 14.24 11.86 21.29
C ARG F 29 14.23 13.24 20.64
N LEU F 30 15.09 14.14 21.12
CA LEU F 30 15.24 15.51 20.63
C LEU F 30 14.00 16.36 20.85
N GLU F 31 12.94 15.81 21.44
CA GLU F 31 11.76 16.56 21.82
C GLU F 31 11.25 15.99 23.14
N LEU F 32 11.22 16.82 24.17
CA LEU F 32 10.81 16.37 25.49
C LEU F 32 9.41 15.78 25.43
N ALA F 33 9.19 14.74 26.23
CA ALA F 33 7.92 14.02 26.18
C ALA F 33 6.74 14.95 26.39
N VAL F 34 6.86 15.89 27.32
CA VAL F 34 5.78 16.85 27.54
C VAL F 34 5.62 17.76 26.32
N ASP F 35 6.72 18.12 25.68
CA ASP F 35 6.62 18.93 24.48
C ASP F 35 6.05 18.14 23.32
N LYS F 36 6.43 16.87 23.20
CA LYS F 36 5.87 16.04 22.14
C LYS F 36 4.37 15.87 22.33
N MET F 37 3.92 15.66 23.56
CA MET F 37 2.49 15.50 23.78
C MET F 37 1.73 16.81 23.62
N VAL F 38 2.33 17.94 24.02
CA VAL F 38 1.68 19.23 23.79
C VAL F 38 1.52 19.49 22.30
N THR F 39 2.56 19.20 21.53
CA THR F 39 2.46 19.36 20.08
C THR F 39 1.39 18.43 19.51
N CYS F 40 1.42 17.15 19.90
CA CYS F 40 0.46 16.19 19.39
C CYS F 40 -0.96 16.65 19.67
N ILE F 41 -1.23 17.08 20.90
CA ILE F 41 -2.57 17.55 21.23
C ILE F 41 -2.91 18.79 20.43
N ALA F 42 -2.12 19.85 20.58
CA ALA F 42 -2.45 21.14 20.00
C ALA F 42 -2.56 21.09 18.49
N VAL F 43 -1.97 20.06 17.87
CA VAL F 43 -2.05 19.98 16.41
C VAL F 43 -3.13 19.00 15.97
N GLY F 44 -3.17 17.82 16.58
CA GLY F 44 -4.12 16.81 16.13
C GLY F 44 -5.54 17.08 16.57
N LEU F 45 -5.71 17.78 17.68
CA LEU F 45 -7.07 18.08 18.15
C LEU F 45 -7.83 18.95 17.19
N PRO F 46 -7.30 20.07 16.70
CA PRO F 46 -8.04 20.81 15.67
C PRO F 46 -8.26 20.01 14.40
N LEU F 47 -7.29 19.17 14.01
CA LEU F 47 -7.48 18.35 12.84
C LEU F 47 -8.55 17.29 13.07
N LEU F 48 -8.50 16.65 14.23
CA LEU F 48 -9.48 15.59 14.60
C LEU F 48 -10.88 16.22 14.68
N LEU F 49 -10.96 17.47 15.15
CA LEU F 49 -12.23 18.21 15.28
C LEU F 49 -12.74 18.56 13.89
N ILE F 50 -11.87 19.05 13.01
CA ILE F 50 -12.29 19.33 11.63
C ILE F 50 -12.85 18.08 10.99
N SER F 51 -12.14 16.95 11.12
CA SER F 51 -12.60 15.73 10.49
C SER F 51 -13.91 15.24 11.09
N LEU F 52 -14.13 15.49 12.38
CA LEU F 52 -15.40 15.12 13.01
C LEU F 52 -16.53 16.02 12.56
N ALA F 53 -16.27 17.32 12.40
CA ALA F 53 -17.34 18.26 12.07
C ALA F 53 -18.00 17.93 10.75
N PHE F 54 -17.37 17.08 9.94
CA PHE F 54 -17.94 16.67 8.66
C PHE F 54 -17.95 15.16 8.51
N ALA F 55 -17.93 14.43 9.62
CA ALA F 55 -18.17 12.99 9.56
C ALA F 55 -19.47 12.72 8.84
N GLN F 56 -19.46 11.68 7.99
CA GLN F 56 -20.58 11.48 7.08
C GLN F 56 -21.88 11.23 7.82
N GLU F 57 -21.81 10.86 9.10
CA GLU F 57 -23.04 10.59 9.85
C GLU F 57 -23.49 11.78 10.67
N ILE F 58 -22.61 12.77 10.86
CA ILE F 58 -23.04 13.98 11.55
C ILE F 58 -23.49 15.03 10.54
N SER F 59 -22.93 14.99 9.33
CA SER F 59 -23.34 15.89 8.26
C SER F 59 -24.64 15.37 7.67
N ILE F 60 -25.66 16.23 7.62
CA ILE F 60 -26.92 15.84 6.98
C ILE F 60 -26.82 15.97 5.47
N GLY F 61 -25.94 16.84 4.99
CA GLY F 61 -25.85 17.11 3.57
C GLY F 61 -25.04 18.36 3.30
N THR F 62 -25.63 19.28 2.53
CA THR F 62 -24.95 20.54 2.25
C THR F 62 -24.70 21.33 3.53
N GLN F 63 -23.82 22.31 3.43
CA GLN F 63 -23.49 23.13 4.59
C GLN F 63 -24.46 24.29 4.74
N ILE F 64 -25.26 24.57 3.73
CA ILE F 64 -26.20 25.67 3.74
C ILE F 64 -27.49 25.20 3.08
N SER F 65 -28.62 25.71 3.57
CA SER F 65 -29.93 25.45 2.98
C SER F 65 -30.74 26.74 3.08
N CYS F 66 -31.47 27.08 2.02
CA CYS F 66 -32.01 28.42 1.89
C CYS F 66 -33.51 28.52 1.77
N PHE F 67 -34.22 27.42 1.57
CA PHE F 67 -35.69 27.46 1.49
C PHE F 67 -36.21 28.41 0.43
N SER F 68 -35.96 28.10 -0.83
CA SER F 68 -36.59 28.81 -1.93
C SER F 68 -38.08 28.58 -1.90
N PRO F 69 -38.87 29.41 -2.60
CA PRO F 69 -40.31 29.17 -2.68
C PRO F 69 -40.63 27.85 -3.36
N SER F 70 -41.89 27.44 -3.23
CA SER F 70 -42.32 26.18 -3.83
C SER F 70 -42.34 26.27 -5.35
N SER F 71 -42.56 27.47 -5.88
CA SER F 71 -42.62 27.63 -7.33
C SER F 71 -41.26 27.44 -7.96
N PHE F 72 -40.19 27.70 -7.21
CA PHE F 72 -38.84 27.54 -7.73
C PHE F 72 -38.58 26.10 -8.12
N SER F 73 -37.92 25.92 -9.25
CA SER F 73 -37.53 24.60 -9.68
C SER F 73 -36.38 24.09 -8.82
N TRP F 74 -36.00 22.83 -9.05
CA TRP F 74 -34.88 22.24 -8.32
C TRP F 74 -33.60 23.05 -8.56
N ARG F 75 -33.35 23.40 -9.82
CA ARG F 75 -32.11 24.09 -10.15
C ARG F 75 -32.13 25.53 -9.68
N GLN F 76 -33.31 26.16 -9.65
CA GLN F 76 -33.39 27.51 -9.11
C GLN F 76 -33.10 27.51 -7.61
N ALA F 77 -33.61 26.51 -6.89
CA ALA F 77 -33.28 26.40 -5.48
C ALA F 77 -31.82 26.11 -5.26
N ALA F 78 -31.21 25.27 -6.11
CA ALA F 78 -29.78 25.05 -6.03
C ALA F 78 -29.02 26.34 -6.27
N PHE F 79 -29.49 27.16 -7.22
CA PHE F 79 -28.85 28.45 -7.43
C PHE F 79 -28.95 29.33 -6.21
N VAL F 80 -30.12 29.35 -5.57
CA VAL F 80 -30.27 30.19 -4.38
C VAL F 80 -29.30 29.73 -3.29
N ASP F 81 -29.24 28.41 -3.06
CA ASP F 81 -28.33 27.89 -2.05
C ASP F 81 -26.88 28.29 -2.34
N SER F 82 -26.42 28.00 -3.56
CA SER F 82 -25.03 28.28 -3.89
C SER F 82 -24.74 29.78 -3.88
N TYR F 83 -25.69 30.58 -4.35
CA TYR F 83 -25.51 32.03 -4.35
C TYR F 83 -25.34 32.55 -2.95
N CYS F 84 -26.19 32.11 -2.02
CA CYS F 84 -26.09 32.62 -0.67
C CYS F 84 -24.84 32.11 0.01
N TRP F 85 -24.46 30.87 -0.27
CA TRP F 85 -23.19 30.34 0.22
C TRP F 85 -22.03 31.23 -0.21
N ALA F 86 -22.01 31.63 -1.48
CA ALA F 86 -20.94 32.50 -1.96
C ALA F 86 -21.18 33.94 -1.50
N ALA F 87 -22.39 34.25 -1.05
CA ALA F 87 -22.78 35.61 -0.71
C ALA F 87 -22.62 35.91 0.76
N VAL F 88 -22.23 34.95 1.58
CA VAL F 88 -21.86 35.28 2.96
C VAL F 88 -20.69 36.26 2.96
N GLN F 89 -19.93 36.32 1.86
CA GLN F 89 -18.84 37.29 1.78
C GLN F 89 -19.34 38.66 1.36
N GLN F 90 -20.08 38.74 0.25
CA GLN F 90 -20.59 40.00 -0.25
C GLN F 90 -21.58 40.57 0.77
N LYS F 91 -21.16 41.63 1.47
CA LYS F 91 -21.95 42.10 2.61
C LYS F 91 -23.25 42.78 2.16
N ASN F 92 -23.31 43.22 0.90
CA ASN F 92 -24.49 43.93 0.44
C ASN F 92 -25.67 42.99 0.28
N SER F 93 -25.41 41.72 -0.07
CA SER F 93 -26.50 40.81 -0.41
C SER F 93 -27.23 40.32 0.83
N LEU F 94 -26.49 39.94 1.86
CA LEU F 94 -27.06 39.26 3.02
C LEU F 94 -27.27 40.25 4.15
N GLN F 95 -28.36 40.08 4.89
CA GLN F 95 -28.67 40.87 6.07
C GLN F 95 -28.83 39.93 7.25
N SER F 96 -27.92 40.03 8.21
CA SER F 96 -27.93 39.16 9.38
C SER F 96 -27.96 40.02 10.64
N GLU F 97 -28.71 39.55 11.64
CA GLU F 97 -28.84 40.30 12.89
C GLU F 97 -27.50 40.37 13.64
N SER F 98 -26.73 39.29 13.64
CA SER F 98 -25.47 39.29 14.38
C SER F 98 -24.39 40.05 13.62
N GLY F 99 -24.42 40.01 12.29
CA GLY F 99 -23.43 40.67 11.47
C GLY F 99 -22.82 39.71 10.46
N ASN F 100 -21.96 40.29 9.62
CA ASN F 100 -21.33 39.50 8.56
C ASN F 100 -20.13 38.73 9.09
N LEU F 101 -19.50 39.22 10.16
CA LEU F 101 -18.38 38.51 10.75
C LEU F 101 -18.75 37.12 11.25
N PRO F 102 -19.87 36.91 11.95
CA PRO F 102 -20.26 35.54 12.29
C PRO F 102 -20.44 34.67 11.06
N LEU F 103 -20.95 35.23 9.97
CA LEU F 103 -21.14 34.45 8.76
C LEU F 103 -19.80 34.01 8.18
N TRP F 104 -18.86 34.94 8.10
CA TRP F 104 -17.51 34.58 7.68
C TRP F 104 -16.94 33.48 8.55
N LEU F 105 -17.09 33.61 9.87
CA LEU F 105 -16.51 32.63 10.78
C LEU F 105 -17.20 31.27 10.64
N HIS F 106 -18.49 31.27 10.32
CA HIS F 106 -19.20 30.01 10.17
C HIS F 106 -18.83 29.31 8.89
N LYS F 107 -18.63 30.06 7.80
CA LYS F 107 -18.24 29.44 6.55
C LYS F 107 -16.83 28.89 6.62
N PHE F 108 -15.90 29.65 7.22
CA PHE F 108 -14.49 29.33 7.18
C PHE F 108 -13.98 28.78 8.50
N PHE F 109 -14.85 28.20 9.32
CA PHE F 109 -14.40 27.57 10.55
C PHE F 109 -13.39 26.45 10.32
N PRO F 110 -13.58 25.53 9.36
CA PRO F 110 -12.54 24.52 9.13
C PRO F 110 -11.21 25.14 8.74
N TYR F 111 -11.24 26.19 7.92
CA TYR F 111 -9.99 26.83 7.51
C TYR F 111 -9.30 27.45 8.71
N ILE F 112 -10.06 28.05 9.63
CA ILE F 112 -9.44 28.70 10.78
C ILE F 112 -8.85 27.65 11.72
N LEU F 113 -9.54 26.53 11.90
CA LEU F 113 -8.97 25.47 12.72
C LEU F 113 -7.72 24.88 12.09
N LEU F 114 -7.72 24.69 10.76
CA LEU F 114 -6.51 24.20 10.11
C LEU F 114 -5.38 25.22 10.22
N LEU F 115 -5.71 26.50 10.16
CA LEU F 115 -4.70 27.55 10.33
C LEU F 115 -4.09 27.47 11.73
N PHE F 116 -4.92 27.26 12.73
CA PHE F 116 -4.40 27.11 14.10
C PHE F 116 -3.54 25.87 14.22
N ALA F 117 -3.95 24.77 13.59
CA ALA F 117 -3.14 23.56 13.62
C ALA F 117 -1.79 23.80 12.98
N ILE F 118 -1.76 24.48 11.84
CA ILE F 118 -0.50 24.75 11.17
C ILE F 118 0.40 25.66 11.99
N LEU F 119 -0.16 26.77 12.50
CA LEU F 119 0.63 27.67 13.33
C LEU F 119 1.14 26.99 14.58
N LEU F 120 0.38 26.04 15.12
CA LEU F 120 0.85 25.33 16.31
C LEU F 120 1.89 24.28 15.95
N TYR F 121 1.87 23.79 14.72
CA TYR F 121 2.90 22.88 14.27
C TYR F 121 4.19 23.60 13.90
N LEU F 122 4.12 24.89 13.60
CA LEU F 122 5.31 25.61 13.16
C LEU F 122 6.42 25.67 14.20
N PRO F 123 6.19 26.00 15.46
CA PRO F 123 7.30 26.06 16.42
C PRO F 123 7.98 24.72 16.64
N PRO F 124 7.23 23.61 16.76
CA PRO F 124 7.92 22.32 16.83
C PRO F 124 8.74 22.02 15.59
N LEU F 125 8.28 22.46 14.42
CA LEU F 125 9.05 22.25 13.20
C LEU F 125 10.33 23.07 13.24
N PHE F 126 10.25 24.33 13.67
CA PHE F 126 11.44 25.15 13.79
C PHE F 126 12.42 24.55 14.78
N TRP F 127 11.91 23.97 15.87
CA TRP F 127 12.79 23.30 16.81
C TRP F 127 13.42 22.06 16.19
N ARG F 128 12.64 21.29 15.44
CA ARG F 128 13.15 20.05 14.85
C ARG F 128 14.19 20.32 13.78
N PHE F 129 14.15 21.49 13.15
CA PHE F 129 15.08 21.76 12.05
C PHE F 129 16.23 22.67 12.45
N ALA F 130 15.98 23.69 13.27
CA ALA F 130 17.03 24.66 13.57
C ALA F 130 17.86 24.23 14.77
N ALA F 131 17.22 23.72 15.83
CA ALA F 131 17.91 23.44 17.07
C ALA F 131 17.99 21.96 17.43
N ALA F 132 17.27 21.08 16.74
CA ALA F 132 17.33 19.67 17.08
C ALA F 132 18.65 19.01 16.70
N PRO F 133 19.23 19.25 15.52
CA PRO F 133 20.52 18.62 15.22
C PRO F 133 21.65 19.11 16.11
N HIS F 134 21.66 20.40 16.45
CA HIS F 134 22.70 20.93 17.32
C HIS F 134 22.70 20.22 18.66
N ILE F 135 21.52 19.97 19.22
CA ILE F 135 21.44 19.27 20.49
C ILE F 135 21.66 17.78 20.31
N CYS F 136 21.32 17.26 19.12
CA CYS F 136 21.45 15.83 18.88
C CYS F 136 22.91 15.42 18.82
N SER F 137 23.72 16.15 18.07
CA SER F 137 25.14 15.85 18.00
C SER F 137 25.78 15.92 19.38
N ASP F 138 25.51 17.00 20.12
CA ASP F 138 26.09 17.16 21.45
C ASP F 138 25.64 16.05 22.39
N LEU F 139 24.37 15.66 22.34
CA LEU F 139 23.87 14.65 23.25
C LEU F 139 24.46 13.29 22.91
N LYS F 140 24.57 12.97 21.62
CA LYS F 140 25.19 11.72 21.22
C LYS F 140 26.65 11.68 21.64
N PHE F 141 27.35 12.80 21.51
CA PHE F 141 28.73 12.85 21.97
C PHE F 141 28.84 12.67 23.47
N ILE F 142 27.93 13.29 24.23
CA ILE F 142 27.97 13.16 25.68
C ILE F 142 27.69 11.72 26.10
N MET F 143 26.73 11.07 25.44
CA MET F 143 26.45 9.68 25.76
C MET F 143 27.63 8.78 25.42
N GLU F 144 28.26 8.99 24.27
CA GLU F 144 29.43 8.20 23.92
C GLU F 144 30.56 8.42 24.93
N GLU F 145 30.79 9.67 25.33
CA GLU F 145 31.85 9.95 26.29
C GLU F 145 31.54 9.33 27.65
N LEU F 146 30.27 9.31 28.04
CA LEU F 146 29.92 8.68 29.31
C LEU F 146 30.14 7.18 29.26
N ASP F 147 29.74 6.53 28.17
CA ASP F 147 30.01 5.11 28.02
C ASP F 147 31.51 4.84 28.04
N LYS F 148 32.30 5.71 27.40
CA LYS F 148 33.74 5.52 27.36
C LYS F 148 34.35 5.66 28.75
N VAL F 149 33.93 6.68 29.51
CA VAL F 149 34.49 6.88 30.84
C VAL F 149 34.09 5.72 31.75
N TYR F 150 32.88 5.20 31.58
CA TYR F 150 32.47 4.02 32.36
C TYR F 150 33.33 2.82 32.03
N ASN F 151 33.56 2.56 30.73
CA ASN F 151 34.40 1.45 30.34
C ASN F 151 35.81 1.61 30.90
N ARG F 152 36.37 2.81 30.83
CA ARG F 152 37.71 3.03 31.33
C ARG F 152 37.77 2.85 32.85
N ALA F 153 36.73 3.30 33.56
CA ALA F 153 36.71 3.15 35.01
C ALA F 153 36.66 1.69 35.40
N ILE F 154 35.84 0.89 34.71
CA ILE F 154 35.75 -0.53 35.07
C ILE F 154 37.00 -1.27 34.63
N LYS F 155 37.64 -0.81 33.55
CA LYS F 155 38.90 -1.43 33.14
C LYS F 155 40.00 -1.15 34.16
N ALA F 156 40.06 0.07 34.67
CA ALA F 156 41.01 0.38 35.74
C ALA F 156 40.69 -0.43 36.99
N ALA F 157 39.40 -0.56 37.31
CA ALA F 157 39.02 -1.36 38.47
C ALA F 157 39.33 -2.84 38.24
N LYS F 158 39.11 -3.33 37.02
CA LYS F 158 39.41 -4.72 36.72
C LYS F 158 40.91 -4.99 36.80
N SER F 159 41.72 -4.06 36.32
CA SER F 159 43.17 -4.23 36.43
C SER F 159 43.62 -4.20 37.88
N ALA F 160 42.95 -3.41 38.71
CA ALA F 160 43.26 -3.39 40.14
C ALA F 160 42.89 -4.72 40.79
N ARG F 161 41.77 -5.31 40.37
CA ARG F 161 41.37 -6.61 40.91
C ARG F 161 42.35 -7.69 40.48
N ASP F 162 43.00 -7.51 39.34
CA ASP F 162 43.98 -8.48 38.85
C ASP F 162 45.33 -8.28 39.54
N PHE F 191 46.60 10.87 30.68
CA PHE F 191 45.26 11.31 30.29
C PHE F 191 44.43 11.67 31.51
N LYS F 192 43.31 10.95 31.69
CA LYS F 192 42.41 11.17 32.83
C LYS F 192 41.91 12.61 32.86
N TYR F 193 41.31 13.05 31.77
CA TYR F 193 40.77 14.40 31.66
C TYR F 193 39.26 14.36 31.66
N PRO F 194 38.58 15.10 32.53
CA PRO F 194 37.11 15.13 32.50
C PRO F 194 36.62 15.93 31.30
N ILE F 195 36.61 15.30 30.13
CA ILE F 195 36.28 16.03 28.91
C ILE F 195 34.79 16.35 28.87
N VAL F 196 33.94 15.41 29.27
CA VAL F 196 32.50 15.66 29.22
C VAL F 196 32.10 16.68 30.28
N GLU F 197 32.77 16.65 31.43
CA GLU F 197 32.49 17.65 32.46
C GLU F 197 32.88 19.04 31.97
N GLN F 198 34.02 19.16 31.29
CA GLN F 198 34.42 20.46 30.75
C GLN F 198 33.47 20.90 29.65
N TYR F 199 32.99 19.97 28.83
CA TYR F 199 32.03 20.32 27.79
C TYR F 199 30.75 20.87 28.38
N LEU F 200 30.24 20.22 29.44
CA LEU F 200 29.03 20.72 30.09
C LEU F 200 29.28 22.06 30.78
N LYS F 201 30.46 22.22 31.38
CA LYS F 201 30.83 23.52 31.94
C LYS F 201 30.78 24.59 30.87
N THR F 202 31.21 24.25 29.64
CA THR F 202 31.13 25.20 28.55
C THR F 202 29.68 25.49 28.17
N LYS F 203 28.86 24.44 28.08
CA LYS F 203 27.44 24.63 27.80
C LYS F 203 26.79 25.54 28.80
N LYS F 204 27.28 25.54 30.04
CA LYS F 204 26.74 26.40 31.10
C LYS F 204 26.84 27.88 30.73
N ASN F 205 27.67 28.21 29.75
CA ASN F 205 27.93 29.62 29.41
C ASN F 205 26.96 30.11 28.34
N SER F 206 26.90 29.43 27.20
CA SER F 206 26.07 29.89 26.11
C SER F 206 24.60 29.59 26.36
N ASN F 207 23.72 30.44 25.83
CA ASN F 207 22.29 30.30 26.03
C ASN F 207 21.51 30.33 24.71
N ASN F 208 22.14 30.00 23.59
CA ASN F 208 21.45 30.06 22.32
C ASN F 208 20.35 29.00 22.23
N LEU F 209 20.66 27.76 22.59
CA LEU F 209 19.67 26.70 22.49
C LEU F 209 18.50 26.95 23.43
N ILE F 210 18.78 27.51 24.61
CA ILE F 210 17.70 27.69 25.57
C ILE F 210 16.79 28.82 25.15
N ILE F 211 17.33 29.87 24.52
CA ILE F 211 16.45 30.94 24.06
C ILE F 211 15.66 30.46 22.84
N LYS F 212 16.27 29.61 22.01
CA LYS F 212 15.49 29.00 20.93
C LYS F 212 14.35 28.17 21.50
N TYR F 213 14.62 27.39 22.54
CA TYR F 213 13.60 26.53 23.13
C TYR F 213 12.48 27.33 23.77
N ILE F 214 12.83 28.31 24.61
CA ILE F 214 11.78 29.09 25.26
C ILE F 214 11.07 29.98 24.25
N SER F 215 11.72 30.29 23.13
CA SER F 215 11.04 31.07 22.10
C SER F 215 10.01 30.23 21.36
N CYS F 216 10.36 28.99 21.00
CA CYS F 216 9.36 28.15 20.37
C CYS F 216 8.23 27.83 21.33
N ARG F 217 8.55 27.61 22.62
CA ARG F 217 7.49 27.39 23.60
C ARG F 217 6.63 28.63 23.78
N LEU F 218 7.23 29.82 23.72
CA LEU F 218 6.47 31.04 23.92
C LEU F 218 5.56 31.31 22.73
N LEU F 219 6.03 31.05 21.52
CA LEU F 219 5.15 31.15 20.37
C LEU F 219 4.03 30.12 20.43
N THR F 220 4.35 28.91 20.90
CA THR F 220 3.29 27.92 21.07
C THR F 220 2.24 28.41 22.06
N LEU F 221 2.68 29.00 23.17
CA LEU F 221 1.74 29.51 24.16
C LEU F 221 0.93 30.68 23.60
N ILE F 222 1.57 31.57 22.84
CA ILE F 222 0.87 32.71 22.28
C ILE F 222 -0.18 32.25 21.29
N ILE F 223 0.15 31.28 20.44
CA ILE F 223 -0.80 30.80 19.46
C ILE F 223 -1.92 30.03 20.15
N ILE F 224 -1.59 29.29 21.22
CA ILE F 224 -2.63 28.58 21.96
C ILE F 224 -3.59 29.57 22.62
N LEU F 225 -3.06 30.68 23.13
CA LEU F 225 -3.93 31.66 23.76
C LEU F 225 -4.78 32.39 22.74
N LEU F 226 -4.21 32.68 21.57
CA LEU F 226 -5.00 33.29 20.51
C LEU F 226 -6.09 32.34 20.03
N ALA F 227 -5.78 31.05 19.96
CA ALA F 227 -6.79 30.06 19.60
C ALA F 227 -7.87 29.97 20.66
N CYS F 228 -7.48 30.02 21.94
CA CYS F 228 -8.48 30.03 23.01
C CYS F 228 -9.38 31.25 22.89
N ILE F 229 -8.80 32.42 22.60
CA ILE F 229 -9.61 33.62 22.46
C ILE F 229 -10.58 33.49 21.30
N TYR F 230 -10.09 33.02 20.15
CA TYR F 230 -10.96 32.88 19.00
C TYR F 230 -12.06 31.86 19.24
N LEU F 231 -11.73 30.73 19.86
CA LEU F 231 -12.72 29.69 20.08
C LEU F 231 -13.74 30.11 21.13
N GLY F 232 -13.30 30.84 22.15
CA GLY F 232 -14.24 31.36 23.12
C GLY F 232 -15.16 32.40 22.53
N TYR F 233 -14.64 33.22 21.62
CA TYR F 233 -15.51 34.15 20.91
C TYR F 233 -16.50 33.41 20.03
N TYR F 234 -16.01 32.48 19.22
CA TYR F 234 -16.86 31.76 18.28
C TYR F 234 -17.95 30.99 18.99
N PHE F 235 -17.59 30.29 20.07
CA PHE F 235 -18.58 29.58 20.86
C PHE F 235 -19.56 30.55 21.50
N SER F 236 -19.16 31.80 21.68
CA SER F 236 -20.05 32.78 22.30
C SER F 236 -21.06 33.35 21.32
N LEU F 237 -21.00 32.96 20.06
CA LEU F 237 -21.96 33.48 19.09
C LEU F 237 -23.38 33.08 19.46
N SER F 238 -24.34 33.85 18.95
CA SER F 238 -25.72 33.77 19.42
C SER F 238 -26.37 32.42 19.16
N SER F 239 -25.76 31.57 18.33
CA SER F 239 -26.26 30.26 17.90
C SER F 239 -27.42 30.43 16.93
N LEU F 240 -27.93 31.64 16.75
CA LEU F 240 -28.84 31.96 15.66
C LEU F 240 -28.16 32.79 14.60
N SER F 241 -26.85 33.03 14.74
CA SER F 241 -26.11 33.75 13.71
C SER F 241 -25.89 32.87 12.48
N ASP F 242 -26.20 31.58 12.58
CA ASP F 242 -26.16 30.71 11.41
C ASP F 242 -27.35 30.89 10.51
N GLU F 243 -28.37 31.61 10.95
CA GLU F 243 -29.52 31.94 10.12
C GLU F 243 -29.36 33.37 9.61
N PHE F 244 -29.22 33.51 8.30
CA PHE F 244 -29.05 34.82 7.71
C PHE F 244 -30.01 34.96 6.55
N VAL F 245 -30.48 36.18 6.33
CA VAL F 245 -31.38 36.47 5.24
C VAL F 245 -30.54 36.84 4.03
N CYS F 246 -30.83 36.22 2.89
CA CYS F 246 -30.02 36.35 1.69
C CYS F 246 -30.94 36.76 0.54
N SER F 247 -30.43 37.63 -0.33
CA SER F 247 -31.22 38.19 -1.41
C SER F 247 -30.47 38.04 -2.72
N ILE F 248 -30.97 37.21 -3.63
CA ILE F 248 -30.35 37.07 -4.93
C ILE F 248 -30.96 38.10 -5.88
N LYS F 249 -30.52 39.35 -5.75
CA LYS F 249 -31.10 40.44 -6.54
C LYS F 249 -30.04 41.39 -7.05
N SER F 250 -28.83 40.91 -7.33
CA SER F 250 -27.85 41.70 -8.03
C SER F 250 -27.85 41.34 -9.51
N GLY F 251 -27.39 42.26 -10.34
CA GLY F 251 -27.39 42.01 -11.77
C GLY F 251 -28.79 42.11 -12.36
N ILE F 252 -29.02 41.30 -13.39
CA ILE F 252 -30.30 41.34 -14.09
C ILE F 252 -31.45 40.85 -13.21
N LEU F 253 -31.15 40.17 -12.11
CA LEU F 253 -32.21 39.70 -11.22
C LEU F 253 -32.74 40.81 -10.34
N ARG F 254 -32.11 41.98 -10.40
CA ARG F 254 -32.43 43.05 -9.45
C ARG F 254 -33.89 43.46 -9.55
N ASN F 255 -34.37 43.77 -10.74
CA ASN F 255 -35.75 44.23 -10.88
C ASN F 255 -36.66 43.09 -11.31
N ASP F 256 -36.15 41.86 -11.32
CA ASP F 256 -36.99 40.70 -11.62
C ASP F 256 -38.08 40.55 -10.56
N SER F 257 -39.21 40.00 -10.97
CA SER F 257 -40.38 39.93 -10.09
C SER F 257 -40.70 38.53 -9.62
N THR F 258 -40.39 37.50 -10.41
CA THR F 258 -40.73 36.14 -10.00
C THR F 258 -39.90 35.70 -8.82
N VAL F 259 -38.70 36.25 -8.67
CA VAL F 259 -37.81 35.90 -7.57
C VAL F 259 -38.19 36.72 -6.35
N PRO F 260 -38.35 36.09 -5.18
CA PRO F 260 -38.74 36.85 -3.99
C PRO F 260 -37.60 37.76 -3.53
N ASP F 261 -37.98 38.71 -2.66
CA ASP F 261 -37.03 39.74 -2.25
C ASP F 261 -35.87 39.16 -1.45
N GLN F 262 -36.14 38.18 -0.60
CA GLN F 262 -35.11 37.64 0.28
C GLN F 262 -35.44 36.20 0.65
N PHE F 263 -34.40 35.44 0.94
CA PHE F 263 -34.51 34.03 1.29
C PHE F 263 -33.99 33.82 2.69
N GLN F 264 -34.60 32.88 3.41
CA GLN F 264 -34.17 32.53 4.76
C GLN F 264 -33.20 31.36 4.65
N CYS F 265 -31.91 31.65 4.71
CA CYS F 265 -30.89 30.62 4.68
C CYS F 265 -30.42 30.30 6.07
N LYS F 266 -29.96 29.06 6.26
CA LYS F 266 -29.39 28.61 7.53
C LYS F 266 -28.12 27.83 7.24
N LEU F 267 -27.07 28.14 7.98
CA LEU F 267 -25.80 27.43 7.84
C LEU F 267 -25.87 26.18 8.72
N ILE F 268 -26.15 25.05 8.10
CA ILE F 268 -26.12 23.78 8.84
C ILE F 268 -24.71 23.54 9.35
N ALA F 269 -24.59 22.68 10.35
CA ALA F 269 -23.33 22.29 10.96
C ALA F 269 -22.63 23.45 11.67
N VAL F 270 -23.36 24.49 12.04
CA VAL F 270 -22.78 25.53 12.88
C VAL F 270 -22.90 25.15 14.35
N GLY F 271 -24.00 24.49 14.73
CA GLY F 271 -24.08 23.95 16.06
C GLY F 271 -22.98 22.94 16.34
N ILE F 272 -22.66 22.11 15.35
CA ILE F 272 -21.54 21.20 15.48
C ILE F 272 -20.23 21.97 15.61
N PHE F 273 -20.09 23.06 14.85
CA PHE F 273 -18.89 23.88 14.95
C PHE F 273 -18.73 24.44 16.35
N GLN F 274 -19.83 24.91 16.96
CA GLN F 274 -19.72 25.50 18.29
C GLN F 274 -19.46 24.44 19.34
N LEU F 275 -20.12 23.29 19.23
CA LEU F 275 -19.88 22.21 20.17
C LEU F 275 -18.44 21.70 20.07
N LEU F 276 -17.84 21.75 18.88
CA LEU F 276 -16.46 21.33 18.76
C LEU F 276 -15.50 22.43 19.17
N SER F 277 -15.90 23.69 18.99
CA SER F 277 -15.06 24.80 19.39
C SER F 277 -14.94 24.87 20.90
N VAL F 278 -16.02 24.52 21.62
CA VAL F 278 -15.92 24.54 23.07
C VAL F 278 -15.03 23.40 23.56
N ILE F 279 -15.06 22.27 22.86
CA ILE F 279 -14.16 21.16 23.21
C ILE F 279 -12.71 21.58 22.99
N ASN F 280 -12.43 22.17 21.82
CA ASN F 280 -11.10 22.66 21.54
C ASN F 280 -10.65 23.70 22.56
N LEU F 281 -11.55 24.59 22.95
CA LEU F 281 -11.21 25.62 23.94
C LEU F 281 -10.90 25.00 25.30
N VAL F 282 -11.69 24.01 25.71
CA VAL F 282 -11.42 23.34 26.98
C VAL F 282 -10.06 22.67 26.96
N VAL F 283 -9.80 21.89 25.90
CA VAL F 283 -8.52 21.21 25.82
C VAL F 283 -7.37 22.20 25.76
N TYR F 284 -7.59 23.35 25.11
CA TYR F 284 -6.51 24.31 24.97
C TYR F 284 -6.24 25.06 26.28
N VAL F 285 -7.29 25.33 27.06
CA VAL F 285 -7.06 26.00 28.34
C VAL F 285 -6.56 24.99 29.37
N LEU F 286 -6.71 23.70 29.09
CA LEU F 286 -6.00 22.70 29.90
C LEU F 286 -4.56 22.57 29.46
N LEU F 287 -4.28 22.84 28.18
CA LEU F 287 -2.94 22.67 27.65
C LEU F 287 -2.06 23.88 27.98
N ALA F 288 -2.65 25.06 28.05
CA ALA F 288 -1.87 26.26 28.28
C ALA F 288 -1.08 26.24 29.59
N PRO F 289 -1.63 25.77 30.72
CA PRO F 289 -0.78 25.66 31.92
C PRO F 289 0.39 24.71 31.72
N VAL F 290 0.21 23.66 30.93
CA VAL F 290 1.31 22.74 30.66
C VAL F 290 2.42 23.45 29.92
N VAL F 291 2.07 24.27 28.92
CA VAL F 291 3.08 25.01 28.19
C VAL F 291 3.76 26.04 29.08
N VAL F 292 2.98 26.71 29.93
CA VAL F 292 3.56 27.69 30.84
C VAL F 292 4.55 27.02 31.78
N TYR F 293 4.20 25.84 32.30
CA TYR F 293 5.13 25.12 33.16
C TYR F 293 6.36 24.69 32.39
N THR F 294 6.18 24.23 31.15
CA THR F 294 7.31 23.88 30.30
C THR F 294 8.25 25.07 30.11
N LEU F 295 7.69 26.27 30.10
CA LEU F 295 8.48 27.47 29.85
C LEU F 295 9.57 27.64 30.92
N PHE F 296 9.32 27.16 32.13
CA PHE F 296 10.30 27.27 33.21
C PHE F 296 11.22 26.06 33.19
N VAL F 297 12.20 26.12 32.29
CA VAL F 297 13.11 25.02 32.05
C VAL F 297 14.04 24.73 33.23
N PRO F 298 14.53 25.71 34.03
CA PRO F 298 15.42 25.32 35.14
C PRO F 298 14.66 24.56 36.21
N PHE F 299 13.44 25.00 36.51
CA PHE F 299 12.63 24.34 37.53
C PHE F 299 12.41 22.87 37.20
N ARG F 300 12.30 22.53 35.91
CA ARG F 300 12.09 21.15 35.52
C ARG F 300 13.37 20.32 35.58
N GLN F 301 14.54 20.95 35.56
CA GLN F 301 15.78 20.21 35.70
C GLN F 301 15.89 19.66 37.11
N LYS F 302 15.63 18.37 37.27
CA LYS F 302 15.59 17.75 38.58
C LYS F 302 16.14 16.33 38.47
N THR F 303 16.34 15.71 39.62
CA THR F 303 16.91 14.36 39.70
C THR F 303 18.23 14.29 38.93
N ASP F 304 19.23 15.03 39.43
CA ASP F 304 20.50 15.23 38.74
C ASP F 304 21.04 13.91 38.20
N VAL F 305 21.08 13.81 36.87
CA VAL F 305 21.31 12.55 36.19
C VAL F 305 22.79 12.16 36.29
N LEU F 306 23.67 13.15 36.23
CA LEU F 306 25.09 12.86 36.29
C LEU F 306 25.55 12.53 37.71
N LYS F 307 24.72 12.80 38.71
CA LYS F 307 25.09 12.49 40.09
C LYS F 307 25.37 11.00 40.26
N VAL F 308 24.74 10.16 39.43
CA VAL F 308 24.99 8.73 39.51
C VAL F 308 26.38 8.37 39.01
N TYR F 309 26.98 9.19 38.18
CA TYR F 309 28.31 8.94 37.66
C TYR F 309 29.41 9.36 38.62
N GLU F 310 29.07 10.02 39.72
CA GLU F 310 30.10 10.57 40.60
C GLU F 310 30.82 9.47 41.37
N ILE F 311 30.35 8.23 41.27
CA ILE F 311 30.92 7.13 42.04
C ILE F 311 31.98 6.42 41.20
N LEU F 312 32.38 7.04 40.10
CA LEU F 312 33.41 6.46 39.25
C LEU F 312 34.74 7.14 39.51
N PRO F 313 35.84 6.39 39.64
CA PRO F 313 37.14 7.05 39.83
C PRO F 313 37.57 7.86 38.61
N THR F 314 37.31 7.35 37.41
CA THR F 314 37.68 8.04 36.18
C THR F 314 36.79 9.24 35.90
N PHE F 315 35.89 9.58 36.80
CA PHE F 315 34.98 10.70 36.64
C PHE F 315 35.13 11.63 37.84
N ASP F 316 35.34 12.91 37.57
CA ASP F 316 35.52 13.87 38.65
C ASP F 316 34.24 13.97 39.48
N VAL F 317 34.40 14.29 40.76
CA VAL F 317 33.26 14.38 41.66
C VAL F 317 32.68 15.79 41.56
N LEU F 318 31.83 16.00 40.56
CA LEU F 318 31.22 17.31 40.33
C LEU F 318 30.00 17.15 39.44
N HIS F 319 28.83 17.52 39.95
CA HIS F 319 27.64 17.60 39.11
C HIS F 319 27.68 18.86 38.26
N PHE F 320 27.67 20.03 38.90
CA PHE F 320 27.82 21.32 38.23
C PHE F 320 26.79 21.51 37.13
N LYS F 321 25.53 21.24 37.44
CA LYS F 321 24.46 21.39 36.46
C LYS F 321 23.18 21.80 37.16
N SER F 322 22.95 23.12 37.22
CA SER F 322 21.76 23.68 37.84
C SER F 322 21.74 25.20 37.73
N GLU F 323 20.60 25.81 38.07
CA GLU F 323 20.45 27.24 38.35
C GLU F 323 20.86 28.14 37.20
N GLY F 324 20.16 28.11 36.07
CA GLY F 324 20.45 29.07 35.03
C GLY F 324 19.48 28.99 33.87
N TYR F 325 19.27 30.15 33.24
CA TYR F 325 18.58 30.25 31.96
C TYR F 325 19.65 30.10 30.88
N ASN F 326 20.33 28.96 30.89
CA ASN F 326 21.43 28.70 29.98
C ASN F 326 21.26 27.31 29.39
N ASP F 327 22.00 27.06 28.30
CA ASP F 327 21.82 25.83 27.54
C ASP F 327 22.11 24.60 28.39
N LEU F 328 22.80 24.78 29.53
CA LEU F 328 23.11 23.64 30.37
C LEU F 328 21.84 23.01 30.95
N SER F 329 20.86 23.83 31.33
CA SER F 329 19.62 23.28 31.87
C SER F 329 18.85 22.52 30.80
N LEU F 330 18.82 23.06 29.58
CA LEU F 330 18.19 22.35 28.48
C LEU F 330 18.87 21.01 28.23
N TYR F 331 20.20 21.01 28.24
CA TYR F 331 20.93 19.76 28.06
C TYR F 331 20.67 18.80 29.21
N ASN F 332 20.46 19.33 30.41
CA ASN F 332 20.10 18.49 31.54
C ASN F 332 18.77 17.81 31.31
N LEU F 333 17.79 18.56 30.81
CA LEU F 333 16.49 17.96 30.50
C LEU F 333 16.62 16.88 29.44
N PHE F 334 17.35 17.18 28.36
CA PHE F 334 17.46 16.20 27.27
C PHE F 334 18.26 14.98 27.71
N LEU F 335 19.23 15.18 28.61
CA LEU F 335 19.96 14.05 29.16
C LEU F 335 19.06 13.21 30.06
N GLU F 336 18.27 13.86 30.90
CA GLU F 336 17.32 13.14 31.74
C GLU F 336 16.36 12.32 30.90
N GLU F 337 16.03 12.82 29.71
CA GLU F 337 15.11 12.07 28.85
C GLU F 337 15.83 10.90 28.16
N ASN F 338 16.92 11.18 27.45
CA ASN F 338 17.56 10.18 26.60
C ASN F 338 18.59 9.35 27.33
N ILE F 339 18.71 9.49 28.65
CA ILE F 339 19.79 8.83 29.37
C ILE F 339 19.47 7.37 29.61
N SER F 340 18.20 7.00 29.52
CA SER F 340 17.82 5.61 29.74
C SER F 340 18.38 4.71 28.64
N GLU F 341 18.68 5.28 27.48
CA GLU F 341 19.30 4.52 26.41
C GLU F 341 20.75 4.18 26.75
N VAL F 342 21.36 4.95 27.65
CA VAL F 342 22.75 4.73 28.01
C VAL F 342 22.87 3.56 28.97
N LYS F 343 23.53 2.49 28.53
CA LYS F 343 23.67 1.29 29.34
C LYS F 343 24.47 1.56 30.60
N SER F 344 25.58 2.30 30.47
CA SER F 344 26.39 2.63 31.63
C SER F 344 25.58 3.37 32.67
N TYR F 345 24.72 4.30 32.23
CA TYR F 345 23.85 4.98 33.19
C TYR F 345 22.92 4.00 33.87
N LYS F 346 22.39 3.03 33.13
CA LYS F 346 21.49 2.06 33.74
C LYS F 346 22.18 1.26 34.84
N CYS F 347 23.37 0.74 34.54
CA CYS F 347 24.09 -0.04 35.54
C CYS F 347 24.48 0.82 36.73
N LEU F 348 24.93 2.05 36.47
CA LEU F 348 25.31 2.94 37.57
C LEU F 348 24.11 3.25 38.45
N LYS F 349 22.93 3.41 37.85
CA LYS F 349 21.74 3.68 38.64
C LYS F 349 21.33 2.45 39.44
N VAL F 350 21.54 1.25 38.88
CA VAL F 350 21.36 0.04 39.67
C VAL F 350 22.24 0.07 40.90
N LEU F 351 23.53 0.35 40.74
CA LEU F 351 24.42 0.42 41.90
C LEU F 351 23.98 1.52 42.88
N GLU F 352 23.55 2.66 42.35
CA GLU F 352 23.16 3.77 43.22
C GLU F 352 21.94 3.43 44.05
N ASN F 353 20.97 2.73 43.46
CA ASN F 353 19.78 2.32 44.18
C ASN F 353 20.13 1.29 45.25
N ILE F 354 21.02 0.36 44.91
CA ILE F 354 21.49 -0.62 45.90
C ILE F 354 22.18 0.10 47.06
N LYS F 355 22.91 1.17 46.75
CA LYS F 355 23.62 1.93 47.78
C LYS F 355 22.68 2.53 48.81
N SER F 356 21.39 2.61 48.50
CA SER F 356 20.42 3.09 49.47
C SER F 356 20.41 2.21 50.71
N SER F 357 20.51 0.89 50.52
CA SER F 357 20.65 -0.01 51.66
C SER F 357 22.03 0.10 52.27
N GLY F 358 23.05 0.31 51.46
CA GLY F 358 24.41 0.46 51.94
C GLY F 358 25.08 -0.84 52.38
N GLN F 359 24.65 -1.98 51.84
CA GLN F 359 25.21 -3.25 52.29
C GLN F 359 26.68 -3.39 51.91
N GLY F 360 26.97 -3.36 50.61
CA GLY F 360 28.34 -3.60 50.17
C GLY F 360 29.11 -2.33 49.92
N ILE F 361 29.64 -2.17 48.70
CA ILE F 361 30.46 -1.02 48.34
C ILE F 361 30.36 -0.78 46.84
N ASP F 362 30.53 0.47 46.43
CA ASP F 362 30.36 0.86 45.04
C ASP F 362 31.40 0.21 44.12
N PRO F 363 32.70 0.32 44.40
CA PRO F 363 33.67 -0.26 43.45
C PRO F 363 33.59 -1.78 43.37
N MET F 364 33.31 -2.45 44.50
CA MET F 364 33.19 -3.90 44.48
C MET F 364 32.01 -4.33 43.62
N LEU F 365 30.85 -3.71 43.82
CA LEU F 365 29.68 -4.06 43.01
C LEU F 365 29.90 -3.70 41.55
N LEU F 366 30.64 -2.62 41.28
CA LEU F 366 30.95 -2.26 39.91
C LEU F 366 31.81 -3.32 39.24
N LEU F 367 32.87 -3.75 39.93
CA LEU F 367 33.71 -4.84 39.40
C LEU F 367 32.90 -6.10 39.21
N THR F 368 31.94 -6.36 40.10
CA THR F 368 31.07 -7.52 39.93
C THR F 368 30.21 -7.39 38.67
N ASN F 369 29.72 -6.16 38.45
CA ASN F 369 28.83 -5.77 37.32
C ASN F 369 29.23 -6.46 36.03
N LEU F 370 30.44 -6.13 35.54
CA LEU F 370 31.05 -6.67 34.29
C LEU F 370 30.17 -6.37 33.08
N GLY F 371 29.87 -5.09 32.85
CA GLY F 371 29.04 -4.65 31.71
C GLY F 371 29.70 -3.50 30.97
N MET F 372 30.79 -3.79 30.24
CA MET F 372 31.52 -2.74 29.48
C MET F 372 30.61 -2.14 28.41
N ILE F 373 29.83 -2.99 27.73
CA ILE F 373 28.90 -2.52 26.66
C ILE F 373 27.91 -3.65 26.34
N ALA G 2 -10.72 15.42 2.51
CA ALA G 2 -10.90 16.02 3.82
C ALA G 2 -9.82 17.05 4.08
N ILE G 3 -10.18 18.08 4.86
CA ILE G 3 -9.22 19.14 5.20
C ILE G 3 -8.02 18.56 5.93
N ALA G 4 -8.25 17.68 6.90
CA ALA G 4 -7.15 17.19 7.71
C ALA G 4 -6.21 16.31 6.90
N GLN G 5 -6.75 15.61 5.90
CA GLN G 5 -5.89 14.81 5.02
C GLN G 5 -4.94 15.70 4.25
N LEU G 6 -5.44 16.80 3.67
CA LEU G 6 -4.59 17.74 2.96
C LEU G 6 -3.58 18.37 3.91
N ALA G 7 -4.02 18.69 5.13
CA ALA G 7 -3.09 19.24 6.12
C ALA G 7 -1.93 18.28 6.36
N THR G 8 -2.24 17.02 6.67
CA THR G 8 -1.17 16.05 6.83
C THR G 8 -0.26 16.01 5.61
N GLU G 9 -0.86 15.79 4.43
CA GLU G 9 -0.08 15.59 3.21
C GLU G 9 0.86 16.76 2.92
N TYR G 10 0.44 17.99 3.22
CA TYR G 10 1.18 19.14 2.72
C TYR G 10 1.93 19.92 3.79
N VAL G 11 1.68 19.70 5.08
CA VAL G 11 2.55 20.30 6.08
C VAL G 11 3.13 19.23 6.99
N PHE G 12 2.30 18.25 7.40
CA PHE G 12 2.75 17.33 8.43
C PHE G 12 3.52 16.16 7.82
N SER G 13 3.21 15.81 6.58
CA SER G 13 4.02 14.84 5.86
C SER G 13 5.33 15.49 5.43
N ASP G 14 6.29 14.65 5.03
CA ASP G 14 7.56 15.15 4.54
C ASP G 14 7.45 15.54 3.07
N PHE G 15 6.46 16.37 2.74
CA PHE G 15 6.27 16.79 1.37
C PHE G 15 7.40 17.71 0.94
N LEU G 16 8.08 17.34 -0.14
CA LEU G 16 9.26 18.03 -0.65
C LEU G 16 10.39 18.11 0.38
N LEU G 17 10.35 17.27 1.41
CA LEU G 17 11.45 17.13 2.35
C LEU G 17 12.14 15.78 2.20
N LYS G 18 11.80 15.01 1.17
CA LYS G 18 12.40 13.70 0.96
C LYS G 18 13.87 13.83 0.61
N GLU G 19 14.71 13.13 1.36
CA GLU G 19 16.12 13.03 1.01
C GLU G 19 16.27 12.29 -0.32
N PRO G 20 17.30 12.61 -1.09
CA PRO G 20 17.49 11.92 -2.37
C PRO G 20 17.63 10.42 -2.18
N THR G 21 16.66 9.68 -2.72
CA THR G 21 16.65 8.23 -2.58
C THR G 21 17.69 7.60 -3.48
N GLU G 22 18.95 7.66 -3.03
CA GLU G 22 20.08 7.14 -3.79
C GLU G 22 21.30 7.06 -2.88
N PRO G 23 22.16 6.05 -3.05
CA PRO G 23 23.38 5.95 -2.22
C PRO G 23 24.51 6.87 -2.65
N LYS G 24 24.34 7.69 -3.69
CA LYS G 24 25.38 8.62 -4.08
C LYS G 24 25.54 9.73 -3.06
N PHE G 25 24.42 10.30 -2.61
CA PHE G 25 24.41 11.31 -1.55
C PHE G 25 23.77 10.70 -0.32
N LYS G 26 24.60 10.30 0.65
CA LYS G 26 24.15 9.64 1.85
C LYS G 26 24.27 10.62 3.01
N GLY G 27 23.14 11.16 3.45
CA GLY G 27 23.12 12.15 4.51
C GLY G 27 23.56 13.53 4.10
N LEU G 28 24.01 13.72 2.86
CA LEU G 28 24.39 15.02 2.35
C LEU G 28 23.12 15.78 1.99
N ARG G 29 23.03 17.03 2.43
CA ARG G 29 21.79 17.78 2.24
C ARG G 29 21.65 18.27 0.80
N LEU G 30 22.68 18.93 0.28
CA LEU G 30 22.74 19.47 -1.08
C LEU G 30 21.73 20.58 -1.32
N GLU G 31 20.92 20.94 -0.33
CA GLU G 31 20.01 22.07 -0.40
C GLU G 31 19.99 22.73 0.97
N LEU G 32 20.39 23.99 1.02
CA LEU G 32 20.46 24.70 2.30
C LEU G 32 19.08 24.72 2.96
N ALA G 33 19.09 24.62 4.29
CA ALA G 33 17.85 24.49 5.04
C ALA G 33 16.89 25.63 4.71
N VAL G 34 17.42 26.85 4.60
CA VAL G 34 16.55 27.98 4.25
C VAL G 34 16.03 27.83 2.83
N ASP G 35 16.86 27.30 1.92
CA ASP G 35 16.39 27.06 0.56
C ASP G 35 15.37 25.93 0.52
N LYS G 36 15.59 24.88 1.29
CA LYS G 36 14.62 23.79 1.34
C LYS G 36 13.29 24.26 1.87
N MET G 37 13.30 25.10 2.91
CA MET G 37 12.04 25.59 3.46
C MET G 37 11.38 26.59 2.53
N VAL G 38 12.16 27.44 1.84
CA VAL G 38 11.56 28.35 0.87
C VAL G 38 10.90 27.58 -0.25
N THR G 39 11.56 26.53 -0.75
CA THR G 39 10.94 25.70 -1.78
C THR G 39 9.69 25.02 -1.26
N CYS G 40 9.77 24.43 -0.07
CA CYS G 40 8.62 23.74 0.50
C CYS G 40 7.43 24.68 0.62
N ILE G 41 7.64 25.88 1.15
CA ILE G 41 6.56 26.84 1.29
C ILE G 41 6.04 27.25 -0.08
N ALA G 42 6.92 27.81 -0.93
CA ALA G 42 6.49 28.40 -2.19
C ALA G 42 5.83 27.37 -3.11
N VAL G 43 6.08 26.08 -2.88
CA VAL G 43 5.48 25.07 -3.73
C VAL G 43 4.24 24.46 -3.09
N GLY G 44 4.33 24.10 -1.81
CA GLY G 44 3.23 23.40 -1.18
C GLY G 44 2.09 24.33 -0.82
N LEU G 45 2.37 25.61 -0.58
CA LEU G 45 1.31 26.54 -0.22
C LEU G 45 0.30 26.72 -1.35
N PRO G 46 0.71 26.98 -2.60
CA PRO G 46 -0.31 27.02 -3.66
C PRO G 46 -1.02 25.69 -3.84
N LEU G 47 -0.32 24.57 -3.66
CA LEU G 47 -0.99 23.28 -3.78
C LEU G 47 -1.98 23.06 -2.64
N LEU G 48 -1.54 23.40 -1.42
CA LEU G 48 -2.40 23.25 -0.22
C LEU G 48 -3.62 24.16 -0.35
N LEU G 49 -3.44 25.34 -0.96
CA LEU G 49 -4.53 26.33 -1.17
C LEU G 49 -5.48 25.79 -2.23
N ILE G 50 -4.95 25.24 -3.33
CA ILE G 50 -5.81 24.64 -4.34
C ILE G 50 -6.66 23.55 -3.72
N SER G 51 -6.04 22.67 -2.95
CA SER G 51 -6.78 21.56 -2.36
C SER G 51 -7.82 22.05 -1.36
N LEU G 52 -7.54 23.16 -0.67
CA LEU G 52 -8.51 23.72 0.26
C LEU G 52 -9.67 24.38 -0.48
N ALA G 53 -9.38 25.07 -1.60
CA ALA G 53 -10.43 25.81 -2.29
C ALA G 53 -11.56 24.91 -2.76
N PHE G 54 -11.32 23.60 -2.79
CA PHE G 54 -12.33 22.64 -3.20
C PHE G 54 -12.52 21.53 -2.19
N ALA G 55 -12.15 21.77 -0.93
CA ALA G 55 -12.48 20.85 0.13
C ALA G 55 -13.98 20.59 0.13
N GLN G 56 -14.35 19.33 0.34
CA GLN G 56 -15.74 18.92 0.13
C GLN G 56 -16.70 19.67 1.04
N GLU G 57 -16.20 20.26 2.13
CA GLU G 57 -17.09 20.96 3.05
C GLU G 57 -17.11 22.45 2.78
N ILE G 58 -16.16 22.97 2.00
CA ILE G 58 -16.22 24.37 1.65
C ILE G 58 -16.93 24.54 0.31
N SER G 59 -16.84 23.54 -0.55
CA SER G 59 -17.56 23.55 -1.83
C SER G 59 -19.03 23.21 -1.57
N ILE G 60 -19.92 24.06 -2.05
CA ILE G 60 -21.35 23.79 -1.93
C ILE G 60 -21.79 22.81 -3.02
N GLY G 61 -21.09 22.80 -4.14
CA GLY G 61 -21.50 22.01 -5.28
C GLY G 61 -20.76 22.40 -6.53
N THR G 62 -21.51 22.70 -7.58
CA THR G 62 -20.90 23.13 -8.83
C THR G 62 -20.14 24.44 -8.64
N GLN G 63 -19.29 24.76 -9.61
CA GLN G 63 -18.51 25.99 -9.52
C GLN G 63 -19.26 27.17 -10.09
N ILE G 64 -20.36 26.93 -10.80
CA ILE G 64 -21.16 27.98 -11.40
C ILE G 64 -22.63 27.62 -11.25
N SER G 65 -23.46 28.64 -11.08
CA SER G 65 -24.91 28.50 -11.02
C SER G 65 -25.53 29.68 -11.75
N CYS G 66 -26.57 29.42 -12.53
CA CYS G 66 -27.01 30.40 -13.50
C CYS G 66 -28.45 30.87 -13.37
N PHE G 67 -29.27 30.22 -12.54
CA PHE G 67 -30.65 30.64 -12.33
C PHE G 67 -31.44 30.73 -13.63
N SER G 68 -31.71 29.61 -14.26
CA SER G 68 -32.62 29.54 -15.38
C SER G 68 -34.04 29.87 -14.89
N PRO G 69 -34.95 30.21 -15.80
CA PRO G 69 -36.33 30.46 -15.38
C PRO G 69 -36.97 29.21 -14.80
N SER G 70 -38.13 29.41 -14.16
CA SER G 70 -38.83 28.30 -13.54
C SER G 70 -39.39 27.35 -14.58
N SER G 71 -39.72 27.86 -15.77
CA SER G 71 -40.29 27.02 -16.81
C SER G 71 -39.25 26.04 -17.35
N PHE G 72 -37.98 26.38 -17.26
CA PHE G 72 -36.92 25.51 -17.74
C PHE G 72 -36.92 24.19 -16.98
N SER G 73 -36.73 23.10 -17.71
CA SER G 73 -36.62 21.80 -17.08
C SER G 73 -35.27 21.68 -16.37
N TRP G 74 -35.10 20.56 -15.67
CA TRP G 74 -33.83 20.31 -14.99
C TRP G 74 -32.68 20.28 -15.99
N ARG G 75 -32.88 19.60 -17.11
CA ARG G 75 -31.78 19.45 -18.07
C ARG G 75 -31.53 20.74 -18.83
N GLN G 76 -32.58 21.54 -19.04
CA GLN G 76 -32.36 22.85 -19.67
C GLN G 76 -31.54 23.76 -18.76
N ALA G 77 -31.83 23.73 -17.46
CA ALA G 77 -31.03 24.50 -16.53
C ALA G 77 -29.59 23.99 -16.46
N ALA G 78 -29.42 22.67 -16.51
CA ALA G 78 -28.06 22.13 -16.58
C ALA G 78 -27.34 22.59 -17.83
N PHE G 79 -28.07 22.65 -18.95
CA PHE G 79 -27.46 23.17 -20.17
C PHE G 79 -27.04 24.61 -20.01
N VAL G 80 -27.89 25.43 -19.39
CA VAL G 80 -27.54 26.83 -19.20
C VAL G 80 -26.29 26.96 -18.34
N ASP G 81 -26.24 26.21 -17.24
CA ASP G 81 -25.07 26.24 -16.37
C ASP G 81 -23.81 25.86 -17.14
N SER G 82 -23.83 24.71 -17.82
CA SER G 82 -22.64 24.23 -18.50
C SER G 82 -22.26 25.15 -19.66
N TYR G 83 -23.26 25.68 -20.37
CA TYR G 83 -22.98 26.59 -21.47
C TYR G 83 -22.28 27.83 -20.97
N CYS G 84 -22.77 28.42 -19.89
CA CYS G 84 -22.15 29.65 -19.41
C CYS G 84 -20.76 29.37 -18.84
N TRP G 85 -20.60 28.23 -18.17
CA TRP G 85 -19.28 27.80 -17.73
C TRP G 85 -18.30 27.74 -18.88
N ALA G 86 -18.72 27.15 -20.00
CA ALA G 86 -17.85 27.08 -21.16
C ALA G 86 -17.79 28.42 -21.89
N ALA G 87 -18.73 29.31 -21.58
CA ALA G 87 -18.86 30.57 -22.29
C ALA G 87 -18.16 31.72 -21.59
N VAL G 88 -17.57 31.50 -20.42
CA VAL G 88 -16.71 32.54 -19.86
C VAL G 88 -15.54 32.82 -20.80
N GLN G 89 -15.23 31.89 -21.70
CA GLN G 89 -14.19 32.14 -22.68
C GLN G 89 -14.71 32.94 -23.87
N GLN G 90 -15.78 32.48 -24.49
CA GLN G 90 -16.34 33.16 -25.66
C GLN G 90 -16.86 34.53 -25.23
N LYS G 91 -16.14 35.58 -25.64
CA LYS G 91 -16.43 36.91 -25.10
C LYS G 91 -17.74 37.46 -25.63
N ASN G 92 -18.22 36.93 -26.76
CA ASN G 92 -19.44 37.47 -27.36
C ASN G 92 -20.66 37.11 -26.53
N SER G 93 -20.64 35.94 -25.88
CA SER G 93 -21.84 35.44 -25.21
C SER G 93 -22.10 36.18 -23.90
N LEU G 94 -21.07 36.38 -23.10
CA LEU G 94 -21.23 36.88 -21.75
C LEU G 94 -20.93 38.37 -21.70
N GLN G 95 -21.70 39.10 -20.89
CA GLN G 95 -21.50 40.51 -20.64
C GLN G 95 -21.28 40.73 -19.15
N SER G 96 -20.08 41.15 -18.78
CA SER G 96 -19.73 41.37 -17.39
C SER G 96 -19.25 42.79 -17.19
N GLU G 97 -19.61 43.38 -16.05
CA GLU G 97 -19.22 44.75 -15.77
C GLU G 97 -17.71 44.90 -15.61
N SER G 98 -17.07 43.92 -14.96
CA SER G 98 -15.63 44.02 -14.73
C SER G 98 -14.84 43.69 -16.00
N GLY G 99 -15.36 42.78 -16.81
CA GLY G 99 -14.68 42.36 -18.02
C GLY G 99 -14.55 40.84 -18.10
N ASN G 100 -14.02 40.40 -19.23
CA ASN G 100 -13.87 38.96 -19.46
C ASN G 100 -12.63 38.43 -18.77
N LEU G 101 -11.62 39.28 -18.57
CA LEU G 101 -10.41 38.84 -17.88
C LEU G 101 -10.68 38.35 -16.46
N PRO G 102 -11.48 39.05 -15.63
CA PRO G 102 -11.81 38.46 -14.33
C PRO G 102 -12.49 37.12 -14.44
N LEU G 103 -13.33 36.93 -15.46
CA LEU G 103 -14.00 35.65 -15.63
C LEU G 103 -13.00 34.54 -15.94
N TRP G 104 -12.07 34.81 -16.87
CA TRP G 104 -10.99 33.87 -17.14
C TRP G 104 -10.23 33.53 -15.87
N LEU G 105 -9.89 34.56 -15.08
CA LEU G 105 -9.10 34.33 -13.88
C LEU G 105 -9.87 33.54 -12.84
N HIS G 106 -11.20 33.73 -12.80
CA HIS G 106 -12.00 33.01 -11.82
C HIS G 106 -12.16 31.55 -12.21
N LYS G 107 -12.33 31.27 -13.51
CA LYS G 107 -12.47 29.88 -13.92
C LYS G 107 -11.16 29.13 -13.75
N PHE G 108 -10.04 29.75 -14.11
CA PHE G 108 -8.75 29.06 -14.17
C PHE G 108 -7.84 29.42 -13.01
N PHE G 109 -8.40 29.86 -11.89
CA PHE G 109 -7.58 30.11 -10.71
C PHE G 109 -6.81 28.89 -10.24
N PRO G 110 -7.40 27.69 -10.14
CA PRO G 110 -6.58 26.53 -9.75
C PRO G 110 -5.45 26.25 -10.71
N TYR G 111 -5.69 26.42 -12.02
CA TYR G 111 -4.63 26.20 -12.99
C TYR G 111 -3.51 27.20 -12.81
N ILE G 112 -3.84 28.45 -12.51
CA ILE G 112 -2.80 29.46 -12.36
C ILE G 112 -2.00 29.20 -11.10
N LEU G 113 -2.66 28.78 -10.02
CA LEU G 113 -1.90 28.45 -8.82
C LEU G 113 -1.01 27.24 -9.04
N LEU G 114 -1.51 26.22 -9.75
CA LEU G 114 -0.65 25.08 -10.06
C LEU G 114 0.51 25.48 -10.95
N LEU G 115 0.27 26.41 -11.88
CA LEU G 115 1.34 26.90 -12.72
C LEU G 115 2.42 27.59 -11.89
N PHE G 116 2.00 28.39 -10.92
CA PHE G 116 2.97 29.04 -10.05
C PHE G 116 3.72 28.02 -9.20
N ALA G 117 3.03 26.99 -8.71
CA ALA G 117 3.71 25.94 -7.96
C ALA G 117 4.76 25.25 -8.81
N ILE G 118 4.42 24.93 -10.06
CA ILE G 118 5.36 24.26 -10.95
C ILE G 118 6.55 25.16 -11.26
N LEU G 119 6.30 26.41 -11.63
CA LEU G 119 7.39 27.32 -11.93
C LEU G 119 8.28 27.55 -10.71
N LEU G 120 7.70 27.51 -9.51
CA LEU G 120 8.51 27.69 -8.31
C LEU G 120 9.28 26.41 -7.97
N TYR G 121 8.78 25.27 -8.41
CA TYR G 121 9.50 24.02 -8.22
C TYR G 121 10.62 23.85 -9.24
N LEU G 122 10.54 24.54 -10.37
CA LEU G 122 11.53 24.35 -11.42
C LEU G 122 12.96 24.74 -11.01
N PRO G 123 13.22 25.89 -10.39
CA PRO G 123 14.60 26.23 -10.04
C PRO G 123 15.21 25.25 -9.04
N PRO G 124 14.48 24.82 -7.99
CA PRO G 124 15.06 23.78 -7.13
C PRO G 124 15.34 22.50 -7.86
N LEU G 125 14.52 22.16 -8.86
CA LEU G 125 14.80 20.96 -9.65
C LEU G 125 16.06 21.12 -10.48
N PHE G 126 16.21 22.29 -11.11
CA PHE G 126 17.43 22.54 -11.87
C PHE G 126 18.65 22.50 -10.97
N TRP G 127 18.53 22.99 -9.75
CA TRP G 127 19.65 22.91 -8.82
C TRP G 127 19.92 21.46 -8.42
N ARG G 128 18.86 20.68 -8.19
CA ARG G 128 19.03 19.31 -7.76
C ARG G 128 19.64 18.43 -8.85
N PHE G 129 19.44 18.81 -10.11
CA PHE G 129 19.93 17.96 -11.20
C PHE G 129 21.22 18.47 -11.84
N ALA G 130 21.35 19.78 -12.01
CA ALA G 130 22.50 20.31 -12.74
C ALA G 130 23.68 20.57 -11.80
N ALA G 131 23.43 21.14 -10.63
CA ALA G 131 24.50 21.57 -9.75
C ALA G 131 24.60 20.79 -8.45
N ALA G 132 23.62 19.97 -8.10
CA ALA G 132 23.70 19.22 -6.84
C ALA G 132 24.75 18.11 -6.87
N PRO G 133 24.87 17.29 -7.92
CA PRO G 133 25.92 16.26 -7.90
C PRO G 133 27.32 16.83 -7.90
N HIS G 134 27.55 17.93 -8.64
CA HIS G 134 28.87 18.55 -8.67
C HIS G 134 29.30 18.96 -7.28
N ILE G 135 28.39 19.54 -6.50
CA ILE G 135 28.74 19.96 -5.15
C ILE G 135 28.75 18.76 -4.22
N CYS G 136 27.97 17.73 -4.53
CA CYS G 136 27.90 16.56 -3.65
C CYS G 136 29.21 15.78 -3.67
N SER G 137 29.74 15.52 -4.86
CA SER G 137 31.01 14.83 -4.95
C SER G 137 32.11 15.59 -4.25
N ASP G 138 32.20 16.90 -4.51
CA ASP G 138 33.24 17.72 -3.88
C ASP G 138 33.09 17.74 -2.37
N LEU G 139 31.86 17.86 -1.88
CA LEU G 139 31.66 17.94 -0.43
C LEU G 139 31.97 16.61 0.24
N LYS G 140 31.58 15.50 -0.39
CA LYS G 140 31.92 14.19 0.16
C LYS G 140 33.43 14.00 0.18
N PHE G 141 34.13 14.44 -0.87
CA PHE G 141 35.58 14.34 -0.89
C PHE G 141 36.21 15.20 0.21
N ILE G 142 35.68 16.40 0.42
CA ILE G 142 36.23 17.29 1.44
C ILE G 142 36.02 16.69 2.82
N MET G 143 34.85 16.11 3.07
CA MET G 143 34.60 15.48 4.36
C MET G 143 35.51 14.28 4.58
N GLU G 144 35.68 13.44 3.54
CA GLU G 144 36.60 12.32 3.68
C GLU G 144 38.02 12.78 3.94
N GLU G 145 38.48 13.82 3.24
CA GLU G 145 39.83 14.33 3.45
C GLU G 145 39.99 14.91 4.84
N LEU G 146 38.95 15.55 5.36
CA LEU G 146 39.03 16.10 6.71
C LEU G 146 39.11 15.00 7.74
N ASP G 147 38.29 13.95 7.59
CA ASP G 147 38.40 12.81 8.49
C ASP G 147 39.77 12.17 8.41
N LYS G 148 40.33 12.09 7.21
CA LYS G 148 41.65 11.48 7.04
C LYS G 148 42.74 12.31 7.71
N VAL G 149 42.69 13.63 7.53
CA VAL G 149 43.71 14.48 8.15
C VAL G 149 43.58 14.44 9.66
N TYR G 150 42.35 14.36 10.18
CA TYR G 150 42.17 14.22 11.62
C TYR G 150 42.77 12.93 12.13
N ASN G 151 42.49 11.81 11.44
CA ASN G 151 43.06 10.53 11.83
C ASN G 151 44.58 10.57 11.81
N ARG G 152 45.15 11.16 10.77
CA ARG G 152 46.61 11.22 10.67
C ARG G 152 47.19 12.10 11.76
N ALA G 153 46.52 13.20 12.10
CA ALA G 153 47.01 14.08 13.14
C ALA G 153 47.00 13.38 14.50
N ILE G 154 45.93 12.64 14.79
CA ILE G 154 45.89 11.96 16.09
C ILE G 154 46.83 10.77 16.11
N LYS G 155 47.07 10.15 14.96
CA LYS G 155 48.04 9.07 14.90
C LYS G 155 49.45 9.59 15.13
N ALA G 156 49.78 10.74 14.55
CA ALA G 156 51.07 11.37 14.83
C ALA G 156 51.18 11.76 16.30
N ALA G 157 50.09 12.30 16.86
CA ALA G 157 50.10 12.65 18.27
C ALA G 157 50.19 11.41 19.15
N LYS G 158 49.50 10.33 18.76
CA LYS G 158 49.58 9.09 19.53
C LYS G 158 50.98 8.51 19.50
N SER G 159 51.63 8.54 18.34
CA SER G 159 52.99 8.06 18.24
C SER G 159 53.95 8.91 19.08
N ALA G 160 53.67 10.21 19.16
CA ALA G 160 54.49 11.07 20.01
C ALA G 160 54.28 10.74 21.48
N ARG G 161 53.05 10.42 21.87
CA ARG G 161 52.78 10.02 23.25
C ARG G 161 53.46 8.70 23.59
N ASP G 162 53.66 7.85 22.59
CA ASP G 162 54.32 6.57 22.80
C ASP G 162 55.84 6.75 22.84
N PHE G 191 55.19 13.25 2.73
CA PHE G 191 53.84 13.70 2.41
C PHE G 191 53.53 15.03 3.10
N LYS G 192 52.52 15.02 3.96
CA LYS G 192 52.09 16.20 4.71
C LYS G 192 51.76 17.36 3.77
N TYR G 193 50.82 17.10 2.86
CA TYR G 193 50.39 18.11 1.89
C TYR G 193 48.97 18.55 2.22
N PRO G 194 48.72 19.86 2.36
CA PRO G 194 47.34 20.32 2.60
C PRO G 194 46.50 20.21 1.35
N ILE G 195 46.04 18.99 1.04
CA ILE G 195 45.32 18.76 -0.21
C ILE G 195 43.96 19.42 -0.18
N VAL G 196 43.24 19.33 0.93
CA VAL G 196 41.91 19.92 1.00
C VAL G 196 42.00 21.44 1.01
N GLU G 197 43.03 21.98 1.64
CA GLU G 197 43.23 23.43 1.62
C GLU G 197 43.51 23.91 0.21
N GLN G 198 44.32 23.18 -0.54
CA GLN G 198 44.59 23.56 -1.92
C GLN G 198 43.34 23.42 -2.78
N TYR G 199 42.53 22.39 -2.52
CA TYR G 199 41.30 22.22 -3.28
C TYR G 199 40.35 23.40 -3.04
N LEU G 200 40.23 23.83 -1.79
CA LEU G 200 39.37 24.98 -1.50
C LEU G 200 39.95 26.26 -2.09
N LYS G 201 41.27 26.41 -2.04
CA LYS G 201 41.90 27.54 -2.71
C LYS G 201 41.56 27.55 -4.20
N THR G 202 41.48 26.37 -4.81
CA THR G 202 41.07 26.30 -6.22
C THR G 202 39.62 26.69 -6.38
N LYS G 203 38.75 26.19 -5.51
CA LYS G 203 37.33 26.56 -5.55
C LYS G 203 37.16 28.07 -5.44
N LYS G 204 38.07 28.74 -4.74
CA LYS G 204 38.02 30.19 -4.59
C LYS G 204 38.07 30.91 -5.94
N ASN G 205 38.53 30.21 -6.98
CA ASN G 205 38.74 30.85 -8.28
C ASN G 205 37.48 30.77 -9.15
N SER G 206 36.97 29.56 -9.38
CA SER G 206 35.83 29.40 -10.27
C SER G 206 34.54 29.82 -9.58
N ASN G 207 33.60 30.32 -10.38
CA ASN G 207 32.32 30.81 -9.88
C ASN G 207 31.13 30.19 -10.59
N ASN G 208 31.29 29.02 -11.20
CA ASN G 208 30.18 28.41 -11.93
C ASN G 208 29.05 28.00 -11.00
N LEU G 209 29.38 27.30 -9.91
CA LEU G 209 28.34 26.84 -8.99
C LEU G 209 27.63 28.01 -8.34
N ILE G 210 28.34 29.09 -8.05
CA ILE G 210 27.71 30.20 -7.34
C ILE G 210 26.78 30.96 -8.28
N ILE G 211 27.13 31.06 -9.57
CA ILE G 211 26.23 31.74 -10.48
C ILE G 211 25.02 30.86 -10.76
N LYS G 212 25.21 29.54 -10.80
CA LYS G 212 24.06 28.65 -10.88
C LYS G 212 23.14 28.83 -9.68
N TYR G 213 23.72 28.92 -8.48
CA TYR G 213 22.92 29.06 -7.27
C TYR G 213 22.17 30.39 -7.24
N ILE G 214 22.87 31.50 -7.49
CA ILE G 214 22.19 32.78 -7.43
C ILE G 214 21.23 32.92 -8.61
N SER G 215 21.44 32.18 -9.68
CA SER G 215 20.50 32.23 -10.79
C SER G 215 19.22 31.49 -10.44
N CYS G 216 19.32 30.31 -9.83
CA CYS G 216 18.10 29.62 -9.43
C CYS G 216 17.37 30.42 -8.35
N ARG G 217 18.12 31.03 -7.42
CA ARG G 217 17.48 31.87 -6.41
C ARG G 217 16.85 33.11 -7.04
N LEU G 218 17.46 33.67 -8.07
CA LEU G 218 16.92 34.86 -8.70
C LEU G 218 15.65 34.54 -9.49
N LEU G 219 15.64 33.39 -10.17
CA LEU G 219 14.41 32.96 -10.82
C LEU G 219 13.32 32.65 -9.80
N THR G 220 13.69 32.07 -8.67
CA THR G 220 12.70 31.85 -7.61
C THR G 220 12.12 33.17 -7.14
N LEU G 221 12.97 34.18 -6.94
CA LEU G 221 12.49 35.48 -6.50
C LEU G 221 11.62 36.14 -7.56
N ILE G 222 12.01 36.03 -8.82
CA ILE G 222 11.24 36.64 -9.90
C ILE G 222 9.86 36.00 -10.00
N ILE G 223 9.80 34.67 -9.90
CA ILE G 223 8.51 33.99 -9.98
C ILE G 223 7.67 34.29 -8.75
N ILE G 224 8.31 34.40 -7.58
CA ILE G 224 7.56 34.76 -6.38
C ILE G 224 6.99 36.16 -6.51
N LEU G 225 7.74 37.08 -7.08
CA LEU G 225 7.25 38.45 -7.23
C LEU G 225 6.13 38.51 -8.27
N LEU G 226 6.26 37.74 -9.35
CA LEU G 226 5.17 37.68 -10.33
C LEU G 226 3.92 37.07 -9.73
N ALA G 227 4.10 36.06 -8.87
CA ALA G 227 2.95 35.47 -8.19
C ALA G 227 2.33 36.46 -7.22
N CYS G 228 3.15 37.22 -6.50
CA CYS G 228 2.62 38.27 -5.64
C CYS G 228 1.82 39.29 -6.44
N ILE G 229 2.35 39.70 -7.59
CA ILE G 229 1.63 40.66 -8.41
C ILE G 229 0.30 40.11 -8.87
N TYR G 230 0.31 38.86 -9.37
CA TYR G 230 -0.93 38.27 -9.85
C TYR G 230 -1.94 38.10 -8.72
N LEU G 231 -1.49 37.65 -7.55
CA LEU G 231 -2.41 37.41 -6.44
C LEU G 231 -2.94 38.71 -5.88
N GLY G 232 -2.12 39.75 -5.85
CA GLY G 232 -2.59 41.04 -5.41
C GLY G 232 -3.60 41.64 -6.39
N TYR G 233 -3.39 41.41 -7.69
CA TYR G 233 -4.38 41.85 -8.66
C TYR G 233 -5.67 41.06 -8.49
N TYR G 234 -5.57 39.74 -8.41
CA TYR G 234 -6.76 38.89 -8.33
C TYR G 234 -7.56 39.19 -7.08
N PHE G 235 -6.88 39.33 -5.94
CA PHE G 235 -7.57 39.70 -4.72
C PHE G 235 -8.19 41.09 -4.83
N SER G 236 -7.66 41.92 -5.71
CA SER G 236 -8.19 43.28 -5.86
C SER G 236 -9.45 43.32 -6.71
N LEU G 237 -9.87 42.19 -7.26
CA LEU G 237 -11.08 42.18 -8.08
C LEU G 237 -12.29 42.61 -7.27
N SER G 238 -13.32 43.08 -7.99
CA SER G 238 -14.43 43.78 -7.35
C SER G 238 -15.22 42.91 -6.40
N SER G 239 -15.02 41.60 -6.42
CA SER G 239 -15.73 40.58 -5.64
C SER G 239 -17.16 40.41 -6.15
N LEU G 240 -17.60 41.25 -7.07
CA LEU G 240 -18.82 41.04 -7.83
C LEU G 240 -18.51 40.66 -9.27
N SER G 241 -17.24 40.50 -9.61
CA SER G 241 -16.86 40.05 -10.94
C SER G 241 -17.17 38.58 -11.13
N ASP G 242 -17.52 37.88 -10.06
CA ASP G 242 -17.95 36.49 -10.19
C ASP G 242 -19.39 36.38 -10.67
N GLU G 243 -20.12 37.49 -10.72
CA GLU G 243 -21.46 37.51 -11.27
C GLU G 243 -21.40 38.07 -12.67
N PHE G 244 -21.73 37.25 -13.66
CA PHE G 244 -21.69 37.67 -15.04
C PHE G 244 -23.00 37.29 -15.71
N VAL G 245 -23.42 38.11 -16.66
CA VAL G 245 -24.64 37.86 -17.41
C VAL G 245 -24.27 37.03 -18.63
N CYS G 246 -24.99 35.94 -18.84
CA CYS G 246 -24.68 34.97 -19.88
C CYS G 246 -25.90 34.75 -20.74
N SER G 247 -25.70 34.59 -22.05
CA SER G 247 -26.78 34.49 -23.01
C SER G 247 -26.56 33.28 -23.89
N ILE G 248 -27.42 32.27 -23.76
CA ILE G 248 -27.33 31.10 -24.62
C ILE G 248 -28.16 31.36 -25.86
N LYS G 249 -27.63 32.14 -26.80
CA LYS G 249 -28.36 32.53 -28.00
C LYS G 249 -27.50 32.49 -29.24
N SER G 250 -26.51 31.60 -29.29
CA SER G 250 -25.80 31.35 -30.53
C SER G 250 -26.36 30.11 -31.21
N GLY G 251 -26.16 30.03 -32.52
CA GLY G 251 -26.70 28.90 -33.26
C GLY G 251 -28.20 29.01 -33.45
N ILE G 252 -28.85 27.85 -33.46
CA ILE G 252 -30.30 27.82 -33.69
C ILE G 252 -31.08 28.42 -32.54
N LEU G 253 -30.44 28.62 -31.38
CA LEU G 253 -31.14 29.22 -30.26
C LEU G 253 -31.23 30.74 -30.41
N ARG G 254 -30.58 31.29 -31.44
CA ARG G 254 -30.46 32.74 -31.56
C ARG G 254 -31.83 33.41 -31.62
N ASN G 255 -32.68 32.96 -32.54
CA ASN G 255 -33.98 33.61 -32.69
C ASN G 255 -35.06 32.85 -31.95
N ASP G 256 -34.69 31.85 -31.15
CA ASP G 256 -35.65 31.14 -30.32
C ASP G 256 -36.29 32.09 -29.32
N SER G 257 -37.55 31.81 -28.96
CA SER G 257 -38.31 32.71 -28.11
C SER G 257 -38.54 32.19 -26.71
N THR G 258 -38.62 30.87 -26.52
CA THR G 258 -38.88 30.33 -25.18
C THR G 258 -37.70 30.57 -24.25
N VAL G 259 -36.50 30.66 -24.81
CA VAL G 259 -35.29 30.89 -24.02
C VAL G 259 -35.14 32.39 -23.75
N PRO G 260 -34.93 32.80 -22.50
CA PRO G 260 -34.79 34.23 -22.22
C PRO G 260 -33.51 34.79 -22.80
N ASP G 261 -33.47 36.12 -22.87
CA ASP G 261 -32.37 36.80 -23.55
C ASP G 261 -31.05 36.58 -22.83
N GLN G 262 -31.05 36.58 -21.51
CA GLN G 262 -29.82 36.49 -20.74
C GLN G 262 -30.09 35.88 -19.38
N PHE G 263 -29.07 35.22 -18.84
CA PHE G 263 -29.15 34.54 -17.56
C PHE G 263 -28.17 35.19 -16.58
N GLN G 264 -28.55 35.23 -15.31
CA GLN G 264 -27.69 35.77 -14.27
C GLN G 264 -26.92 34.61 -13.65
N CYS G 265 -25.66 34.44 -14.09
CA CYS G 265 -24.81 33.40 -13.55
C CYS G 265 -23.88 33.97 -12.50
N LYS G 266 -23.48 33.13 -11.56
CA LYS G 266 -22.52 33.49 -10.52
C LYS G 266 -21.51 32.38 -10.36
N LEU G 267 -20.23 32.75 -10.33
CA LEU G 267 -19.17 31.78 -10.13
C LEU G 267 -18.99 31.56 -8.64
N ILE G 268 -19.56 30.46 -8.14
CA ILE G 268 -19.36 30.10 -6.75
C ILE G 268 -17.88 29.84 -6.51
N ALA G 269 -17.47 29.90 -5.25
CA ALA G 269 -16.10 29.65 -4.81
C ALA G 269 -15.12 30.69 -5.35
N VAL G 270 -15.59 31.87 -5.74
CA VAL G 270 -14.67 32.94 -6.07
C VAL G 270 -14.27 33.71 -4.82
N GLY G 271 -15.20 33.86 -3.87
CA GLY G 271 -14.83 34.43 -2.59
C GLY G 271 -13.78 33.59 -1.89
N ILE G 272 -13.91 32.27 -1.98
CA ILE G 272 -12.88 31.38 -1.44
C ILE G 272 -11.57 31.59 -2.17
N PHE G 273 -11.63 31.77 -3.50
CA PHE G 273 -10.42 32.00 -4.27
C PHE G 273 -9.72 33.27 -3.81
N GLN G 274 -10.48 34.33 -3.56
CA GLN G 274 -9.87 35.59 -3.16
C GLN G 274 -9.32 35.50 -1.74
N LEU G 275 -10.06 34.87 -0.83
CA LEU G 275 -9.56 34.69 0.53
C LEU G 275 -8.31 33.83 0.55
N LEU G 276 -8.18 32.89 -0.37
CA LEU G 276 -6.97 32.08 -0.40
C LEU G 276 -5.85 32.81 -1.13
N SER G 277 -6.19 33.65 -2.10
CA SER G 277 -5.18 34.39 -2.83
C SER G 277 -4.52 35.42 -1.93
N VAL G 278 -5.28 36.00 -1.00
CA VAL G 278 -4.67 36.96 -0.09
C VAL G 278 -3.74 36.25 0.89
N ILE G 279 -4.10 35.03 1.29
CA ILE G 279 -3.23 34.24 2.14
C ILE G 279 -1.93 33.92 1.41
N ASN G 280 -2.05 33.44 0.17
CA ASN G 280 -0.88 33.15 -0.63
C ASN G 280 -0.02 34.39 -0.83
N LEU G 281 -0.65 35.55 -1.05
CA LEU G 281 0.10 36.79 -1.24
C LEU G 281 0.83 37.19 0.03
N VAL G 282 0.19 37.04 1.19
CA VAL G 282 0.84 37.38 2.45
C VAL G 282 2.04 36.48 2.67
N VAL G 283 1.86 35.16 2.50
CA VAL G 283 2.97 34.24 2.71
C VAL G 283 4.08 34.52 1.70
N TYR G 284 3.72 34.92 0.48
CA TYR G 284 4.75 35.13 -0.53
C TYR G 284 5.52 36.42 -0.29
N VAL G 285 4.86 37.46 0.22
CA VAL G 285 5.58 38.69 0.51
C VAL G 285 6.34 38.56 1.82
N LEU G 286 6.02 37.54 2.62
CA LEU G 286 6.89 37.20 3.75
C LEU G 286 8.06 36.36 3.28
N LEU G 287 7.88 35.59 2.20
CA LEU G 287 8.93 34.71 1.72
C LEU G 287 9.94 35.45 0.86
N ALA G 288 9.50 36.49 0.15
CA ALA G 288 10.40 37.21 -0.74
C ALA G 288 11.60 37.82 -0.02
N PRO G 289 11.47 38.44 1.16
CA PRO G 289 12.69 38.89 1.85
C PRO G 289 13.63 37.76 2.20
N VAL G 290 13.10 36.58 2.49
CA VAL G 290 13.96 35.44 2.79
C VAL G 290 14.77 35.06 1.56
N VAL G 291 14.15 35.05 0.39
CA VAL G 291 14.88 34.74 -0.84
C VAL G 291 15.90 35.82 -1.14
N VAL G 292 15.54 37.09 -0.94
CA VAL G 292 16.47 38.17 -1.19
C VAL G 292 17.69 38.05 -0.28
N TYR G 293 17.47 37.71 0.99
CA TYR G 293 18.59 37.51 1.91
C TYR G 293 19.42 36.31 1.48
N THR G 294 18.77 35.24 1.05
CA THR G 294 19.49 34.08 0.54
C THR G 294 20.38 34.46 -0.64
N LEU G 295 19.93 35.43 -1.42
CA LEU G 295 20.68 35.81 -2.63
C LEU G 295 22.08 36.30 -2.28
N PHE G 296 22.26 36.88 -1.10
CA PHE G 296 23.56 37.37 -0.66
C PHE G 296 24.33 36.25 0.04
N VAL G 297 24.91 35.38 -0.78
CA VAL G 297 25.60 34.19 -0.30
C VAL G 297 26.87 34.49 0.50
N PRO G 298 27.69 35.54 0.20
CA PRO G 298 28.87 35.75 1.03
C PRO G 298 28.51 36.20 2.43
N PHE G 299 27.51 37.07 2.53
CA PHE G 299 27.09 37.56 3.83
C PHE G 299 26.67 36.42 4.75
N ARG G 300 26.07 35.37 4.20
CA ARG G 300 25.64 34.25 5.01
C ARG G 300 26.77 33.33 5.41
N GLN G 301 27.90 33.36 4.70
CA GLN G 301 29.05 32.57 5.09
C GLN G 301 29.62 33.13 6.39
N LYS G 302 29.35 32.44 7.49
CA LYS G 302 29.74 32.92 8.81
C LYS G 302 30.11 31.72 9.66
N THR G 303 30.67 32.00 10.84
CA THR G 303 31.13 30.98 11.77
C THR G 303 32.06 30.00 11.06
N ASP G 304 33.23 30.52 10.66
CA ASP G 304 34.19 29.79 9.81
C ASP G 304 34.38 28.37 10.32
N VAL G 305 33.94 27.40 9.53
CA VAL G 305 33.82 26.03 9.99
C VAL G 305 35.19 25.37 10.04
N LEU G 306 36.06 25.71 9.10
CA LEU G 306 37.39 25.10 9.08
C LEU G 306 38.30 25.69 10.15
N LYS G 307 37.91 26.82 10.76
CA LYS G 307 38.73 27.41 11.81
C LYS G 307 38.95 26.44 12.95
N VAL G 308 38.00 25.52 13.16
CA VAL G 308 38.16 24.54 14.23
C VAL G 308 39.24 23.53 13.91
N TYR G 309 39.56 23.33 12.63
CA TYR G 309 40.60 22.39 12.22
C TYR G 309 42.00 22.97 12.32
N GLU G 310 42.12 24.27 12.61
CA GLU G 310 43.44 24.89 12.58
C GLU G 310 44.31 24.45 13.75
N ILE G 311 43.74 23.71 14.69
CA ILE G 311 44.47 23.29 15.88
C ILE G 311 45.10 21.93 15.66
N LEU G 312 45.12 21.46 14.41
CA LEU G 312 45.72 20.20 14.09
C LEU G 312 47.11 20.40 13.50
N PRO G 313 48.11 19.64 13.91
CA PRO G 313 49.44 19.80 13.30
C PRO G 313 49.46 19.40 11.84
N THR G 314 48.76 18.33 11.48
CA THR G 314 48.69 17.85 10.12
C THR G 314 47.86 18.74 9.21
N PHE G 315 47.37 19.86 9.73
CA PHE G 315 46.54 20.79 8.97
C PHE G 315 47.18 22.17 9.03
N ASP G 316 47.37 22.79 7.88
CA ASP G 316 48.00 24.10 7.82
C ASP G 316 47.13 25.13 8.54
N VAL G 317 47.76 26.15 9.10
CA VAL G 317 47.04 27.17 9.83
C VAL G 317 46.56 28.23 8.85
N LEU G 318 45.43 27.98 8.21
CA LEU G 318 44.86 28.88 7.21
C LEU G 318 43.39 28.55 7.00
N HIS G 319 42.52 29.52 7.28
CA HIS G 319 41.13 29.38 6.90
C HIS G 319 40.94 29.64 5.42
N PHE G 320 41.25 30.87 4.97
CA PHE G 320 41.24 31.24 3.55
C PHE G 320 39.90 30.93 2.91
N LYS G 321 38.81 31.37 3.56
CA LYS G 321 37.48 31.14 3.02
C LYS G 321 36.57 32.29 3.42
N SER G 322 36.48 33.29 2.53
CA SER G 322 35.64 34.47 2.75
C SER G 322 35.69 35.41 1.56
N GLU G 323 34.80 36.41 1.55
CA GLU G 323 34.87 37.60 0.71
C GLU G 323 34.90 37.31 -0.79
N GLY G 324 33.83 36.76 -1.36
CA GLY G 324 33.78 36.60 -2.80
C GLY G 324 32.46 36.08 -3.30
N TYR G 325 32.12 36.50 -4.51
CA TYR G 325 31.03 35.92 -5.29
C TYR G 325 31.62 34.76 -6.08
N ASN G 326 32.17 33.78 -5.35
CA ASN G 326 32.85 32.65 -5.97
C ASN G 326 32.38 31.38 -5.30
N ASP G 327 32.64 30.25 -5.96
CA ASP G 327 32.10 28.97 -5.50
C ASP G 327 32.60 28.63 -4.10
N LEU G 328 33.66 29.28 -3.64
CA LEU G 328 34.18 28.99 -2.31
C LEU G 328 33.17 29.36 -1.23
N SER G 329 32.45 30.47 -1.40
CA SER G 329 31.45 30.87 -0.40
C SER G 329 30.29 29.88 -0.38
N LEU G 330 29.87 29.42 -1.56
CA LEU G 330 28.82 28.41 -1.62
C LEU G 330 29.27 27.13 -0.94
N TYR G 331 30.51 26.71 -1.18
CA TYR G 331 31.03 25.52 -0.52
C TYR G 331 31.13 25.73 0.98
N ASN G 332 31.42 26.96 1.41
CA ASN G 332 31.44 27.26 2.83
C ASN G 332 30.07 27.07 3.43
N LEU G 333 29.02 27.55 2.75
CA LEU G 333 27.66 27.35 3.25
C LEU G 333 27.33 25.86 3.33
N PHE G 334 27.62 25.11 2.28
CA PHE G 334 27.26 23.70 2.27
C PHE G 334 28.08 22.92 3.30
N LEU G 335 29.31 23.35 3.55
CA LEU G 335 30.12 22.73 4.59
C LEU G 335 29.56 23.06 5.97
N GLU G 336 29.16 24.31 6.18
CA GLU G 336 28.54 24.68 7.45
C GLU G 336 27.28 23.88 7.69
N GLU G 337 26.57 23.51 6.62
CA GLU G 337 25.36 22.72 6.80
C GLU G 337 25.69 21.25 7.08
N ASN G 338 26.46 20.61 6.20
CA ASN G 338 26.69 19.17 6.25
C ASN G 338 27.85 18.79 7.15
N ILE G 339 28.45 19.72 7.88
CA ILE G 339 29.67 19.42 8.61
C ILE G 339 29.35 18.71 9.91
N SER G 340 28.10 18.80 10.37
CA SER G 340 27.72 18.13 11.61
C SER G 340 27.78 16.62 11.45
N GLU G 341 27.68 16.12 10.22
CA GLU G 341 27.82 14.69 9.98
C GLU G 341 29.26 14.25 10.17
N VAL G 342 30.21 15.17 10.06
CA VAL G 342 31.62 14.82 10.18
C VAL G 342 31.99 14.65 11.64
N LYS G 343 32.37 13.43 12.02
CA LYS G 343 32.70 13.12 13.40
C LYS G 343 33.93 13.91 13.86
N SER G 344 34.96 13.96 13.01
CA SER G 344 36.15 14.70 13.36
C SER G 344 35.84 16.16 13.65
N TYR G 345 34.95 16.76 12.85
CA TYR G 345 34.54 18.12 13.13
C TYR G 345 33.86 18.22 14.48
N LYS G 346 33.03 17.24 14.82
CA LYS G 346 32.33 17.28 16.10
C LYS G 346 33.32 17.26 17.26
N CYS G 347 34.28 16.34 17.23
CA CYS G 347 35.25 16.27 18.31
C CYS G 347 36.12 17.52 18.36
N LEU G 348 36.52 18.03 17.20
CA LEU G 348 37.33 19.24 17.19
C LEU G 348 36.56 20.42 17.75
N LYS G 349 35.25 20.50 17.48
CA LYS G 349 34.47 21.59 18.03
C LYS G 349 34.28 21.43 19.53
N VAL G 350 34.18 20.18 20.01
CA VAL G 350 34.22 19.95 21.44
C VAL G 350 35.48 20.51 22.05
N LEU G 351 36.64 20.20 21.49
CA LEU G 351 37.89 20.75 22.02
C LEU G 351 37.94 22.27 21.91
N GLU G 352 37.41 22.82 20.83
CA GLU G 352 37.46 24.27 20.64
C GLU G 352 36.59 24.98 21.67
N ASN G 353 35.42 24.42 21.99
CA ASN G 353 34.56 25.00 23.00
C ASN G 353 35.19 24.92 24.37
N ILE G 354 35.84 23.79 24.68
CA ILE G 354 36.55 23.65 25.93
C ILE G 354 37.67 24.69 26.02
N LYS G 355 38.30 24.98 24.89
CA LYS G 355 39.39 25.95 24.86
C LYS G 355 38.94 27.35 25.25
N SER G 356 37.63 27.60 25.25
CA SER G 356 37.12 28.88 25.72
C SER G 356 37.50 29.11 27.17
N SER G 357 37.42 28.07 27.99
CA SER G 357 37.89 28.18 29.38
C SER G 357 39.42 28.25 29.42
N GLY G 358 40.08 27.51 28.53
CA GLY G 358 41.53 27.51 28.48
C GLY G 358 42.22 26.73 29.58
N GLN G 359 41.55 25.73 30.17
CA GLN G 359 42.13 25.01 31.29
C GLN G 359 43.35 24.19 30.85
N GLY G 360 43.15 23.25 29.93
CA GLY G 360 44.24 22.37 29.56
C GLY G 360 44.96 22.81 28.30
N ILE G 361 45.02 21.92 27.30
CA ILE G 361 45.75 22.20 26.06
C ILE G 361 45.12 21.40 24.93
N ASP G 362 45.22 21.90 23.71
CA ASP G 362 44.59 21.28 22.56
C ASP G 362 45.17 19.90 22.24
N PRO G 363 46.49 19.75 22.09
CA PRO G 363 47.00 18.41 21.71
C PRO G 363 46.80 17.38 22.81
N MET G 364 46.90 17.77 24.08
CA MET G 364 46.66 16.82 25.16
C MET G 364 45.22 16.32 25.15
N LEU G 365 44.26 17.23 25.05
CA LEU G 365 42.86 16.83 25.01
C LEU G 365 42.56 16.02 23.75
N LEU G 366 43.24 16.33 22.65
CA LEU G 366 43.04 15.55 21.43
C LEU G 366 43.54 14.12 21.62
N LEU G 367 44.74 13.95 22.18
CA LEU G 367 45.24 12.63 22.47
C LEU G 367 44.32 11.89 23.43
N THR G 368 43.75 12.61 24.39
CA THR G 368 42.78 11.99 25.30
C THR G 368 41.54 11.51 24.56
N ASN G 369 41.09 12.34 23.61
CA ASN G 369 39.88 12.13 22.76
C ASN G 369 39.74 10.66 22.36
N LEU G 370 40.72 10.18 21.56
CA LEU G 370 40.80 8.78 21.03
C LEU G 370 39.54 8.46 20.20
N GLY G 371 39.29 9.26 19.17
CA GLY G 371 38.13 9.05 18.27
C GLY G 371 38.56 9.12 16.81
N MET G 372 39.28 8.10 16.34
CA MET G 372 39.77 8.05 14.94
C MET G 372 38.57 8.03 13.98
N ILE G 373 37.54 7.24 14.31
CA ILE G 373 36.32 7.12 13.46
C ILE G 373 35.20 6.46 14.28
C1 PTY H . -13.82 14.10 -42.16
C2 PTY H . -16.86 20.30 -45.26
C3 PTY H . -17.14 20.35 -43.78
O4 PTY H . -12.94 13.86 -41.04
C5 PTY H . -14.78 16.08 -43.42
C6 PTY H . -13.60 15.51 -42.67
O7 PTY H . -12.45 15.51 -43.56
C8 PTY H . -11.52 14.56 -43.41
O10 PTY H . -11.72 13.41 -43.73
C11 PTY H . -10.24 15.07 -42.81
C12 PTY H . -9.02 14.39 -43.36
C13 PTY H . -7.77 14.69 -42.55
C14 PTY H . -7.79 14.13 -41.15
C15 PTY H . -6.42 13.86 -40.57
C16 PTY H . -6.41 13.67 -39.07
C17 PTY H . -5.71 14.77 -38.31
C18 PTY H . -5.84 14.66 -36.82
C19 PTY H . -5.15 13.46 -36.22
C20 PTY H . -4.03 13.80 -35.27
C21 PTY H . -3.22 12.61 -34.81
C30 PTY H . -13.28 12.86 -40.23
C31 PTY H . -12.08 12.06 -39.82
O30 PTY H . -14.42 12.66 -39.89
C32 PTY H . -11.81 12.12 -38.35
C33 PTY H . -10.35 12.40 -38.03
C34 PTY H . -9.73 11.45 -37.04
C35 PTY H . -9.43 12.08 -35.70
C36 PTY H . -9.84 11.23 -34.52
C37 PTY H . -8.76 11.06 -33.49
C38 PTY H . -8.60 9.64 -32.98
C39 PTY H . -7.27 9.35 -32.35
C40 PTY H . -7.35 8.44 -31.14
C41 PTY H . -6.05 7.75 -30.81
C42 PTY H . -6.11 6.89 -29.57
C43 PTY H . -4.77 6.45 -29.05
C44 PTY H . -4.84 5.63 -27.79
P1 PTY H . -15.34 18.61 -42.94
O11 PTY H . -16.86 19.05 -43.18
O12 PTY H . -14.82 19.33 -41.71
O13 PTY H . -14.60 18.74 -44.24
O14 PTY H . -15.47 17.05 -42.58
N1 PTY H . -15.45 20.50 -45.56
C1 PTY I . -6.84 33.00 -26.94
C2 PTY I . -7.93 33.53 -32.42
C3 PTY I . -8.31 32.07 -32.36
O4 PTY I . -6.69 33.05 -25.51
C5 PTY I . -8.63 33.12 -28.72
C6 PTY I . -8.23 33.47 -27.30
O7 PTY I . -8.29 34.92 -27.16
C8 PTY I . -7.38 35.52 -26.39
O10 PTY I . -7.52 35.65 -25.20
C11 PTY I . -6.18 36.00 -27.16
C12 PTY I . -6.36 35.92 -28.64
C13 PTY I . -5.47 34.89 -29.30
C14 PTY I . -4.03 34.94 -28.86
C15 PTY I . -3.29 33.62 -28.94
C16 PTY I . -1.90 33.64 -28.36
C17 PTY I . -1.85 33.33 -26.89
C18 PTY I . -0.71 32.41 -26.50
C19 PTY I . 0.24 32.99 -25.47
C20 PTY I . 1.40 32.09 -25.14
C21 PTY I . 2.39 32.71 -24.18
C30 PTY I . -5.93 32.12 -24.96
C31 PTY I . -4.74 32.71 -24.26
O30 PTY I . -6.18 30.94 -25.02
C32 PTY I . -4.42 32.04 -22.97
C33 PTY I . -2.94 32.08 -22.64
C34 PTY I . -2.38 30.76 -22.15
C35 PTY I . -0.89 30.77 -21.95
C36 PTY I . -0.46 30.84 -20.50
C37 PTY I . 0.66 29.89 -20.14
C38 PTY I . 1.71 29.75 -21.20
C39 PTY I . 2.86 28.85 -20.83
C40 PTY I . 2.80 28.32 -19.42
C41 PTY I . 4.01 27.52 -19.00
P1 PTY I . -8.86 30.86 -30.08
O11 PTY I . -9.26 31.85 -31.27
O12 PTY I . -7.38 30.61 -30.16
O13 PTY I . -9.83 29.71 -30.07
O14 PTY I . -9.14 31.76 -28.77
N1 PTY I . -6.56 33.72 -32.89
P 3PE J . 24.35 17.99 -22.71
N 3PE J . 27.99 16.91 -21.78
O11 3PE J . 23.51 19.30 -22.33
O12 3PE J . 23.89 16.87 -21.83
O13 3PE J . 25.85 18.37 -22.29
O14 3PE J . 24.33 17.82 -24.21
C11 3PE J . 26.21 18.35 -20.88
C12 3PE J . 27.15 17.21 -20.61
C1 3PE J . 23.51 19.77 -20.96
C2 3PE J . 22.10 20.08 -20.53
C3 3PE J . 21.86 19.90 -19.05
O31 3PE J . 20.48 20.24 -18.76
O32 3PE J . 20.69 19.28 -16.75
C31 3PE J . 20.00 19.80 -17.60
C32 3PE J . 18.52 20.01 -17.51
C33 3PE J . 17.96 19.62 -16.18
C34 3PE J . 17.15 20.74 -15.54
C35 3PE J . 15.67 20.70 -15.85
C36 3PE J . 14.85 21.71 -15.08
C37 3PE J . 14.13 22.71 -15.94
C38 3PE J . 14.92 23.96 -16.24
C39 3PE J . 14.45 25.19 -15.48
C3A 3PE J . 15.33 26.39 -15.65
C3B 3PE J . 15.84 26.99 -14.35
C3C 3PE J . 16.74 28.17 -14.53
C3D 3PE J . 18.20 27.90 -14.27
C3E 3PE J . 19.15 28.80 -15.02
C3F 3PE J . 20.60 28.62 -14.66
C3G 3PE J . 21.58 29.22 -15.64
C3H 3PE J . 22.88 28.50 -15.75
C3I 3PE J . 23.94 29.24 -16.54
O21 3PE J . 21.78 21.45 -20.90
O22 3PE J . 22.81 22.31 -22.67
C21 3PE J . 21.84 21.79 -22.19
C22 3PE J . 20.58 21.44 -22.95
C23 3PE J . 19.78 22.65 -23.34
C24 3PE J . 20.63 23.74 -23.97
C25 3PE J . 20.67 23.70 -25.48
C26 3PE J . 20.49 25.05 -26.13
C27 3PE J . 19.06 25.46 -26.34
C28 3PE J . 18.72 25.85 -27.75
C29 3PE J . 19.78 25.48 -28.76
CA1 DGA K . 8.88 18.10 -14.95
CA2 DGA K . 10.03 19.02 -15.29
CA3 DGA K . 11.19 18.34 -15.94
CA4 DGA K . 11.89 17.37 -15.00
CA5 DGA K . 13.21 16.85 -15.51
CA6 DGA K . 13.92 15.93 -14.55
CA7 DGA K . 15.31 15.54 -14.98
CA8 DGA K . 16.26 16.71 -15.10
OA1 DGA K . 8.97 17.12 -14.25
CB1 DGA K . 6.25 22.36 -17.17
CB2 DGA K . 7.50 23.20 -17.19
CB3 DGA K . 8.09 23.38 -18.55
CB4 DGA K . 9.34 24.24 -18.51
CB5 DGA K . 10.02 24.44 -19.85
CB6 DGA K . 10.41 23.16 -20.55
CB7 DGA K . 11.34 23.36 -21.71
CB8 DGA K . 12.69 23.91 -21.34
CB9 DGA K . 13.63 24.09 -22.50
OB1 DGA K . 5.19 22.74 -16.76
OG1 DGA K . 7.73 18.50 -15.49
CG1 DGA K . 7.74 19.76 -16.20
CG2 DGA K . 6.35 19.99 -16.75
OG2 DGA K . 6.42 21.13 -17.68
CG3 DGA K . 5.76 18.79 -17.43
OXT DGA K . 5.67 17.69 -16.54
C1 CLR L . -9.21 18.24 -44.19
C2 CLR L . -10.05 18.37 -45.46
C3 CLR L . -10.29 19.82 -45.82
C4 CLR L . -8.95 20.52 -46.00
C5 CLR L . -8.06 20.38 -44.77
C6 CLR L . -7.54 21.45 -44.20
C7 CLR L . -6.57 21.41 -43.05
C8 CLR L . -6.04 20.01 -42.78
C9 CLR L . -7.19 19.00 -42.86
C10 CLR L . -7.83 18.95 -44.27
C11 CLR L . -6.77 17.60 -42.37
C12 CLR L . -6.14 17.63 -40.97
C13 CLR L . -4.93 18.56 -40.93
C14 CLR L . -5.41 19.96 -41.39
C15 CLR L . -4.25 20.89 -41.06
C16 CLR L . -3.58 20.25 -39.82
C17 CLR L . -4.39 18.95 -39.52
C18 CLR L . -3.80 18.03 -41.83
C19 CLR L . -6.94 18.24 -45.30
C20 CLR L . -3.61 17.94 -38.67
C21 CLR L . -4.05 17.96 -37.21
C22 CLR L . -2.09 18.17 -38.79
C23 CLR L . -1.23 16.92 -38.81
C24 CLR L . -1.20 16.18 -37.50
C25 CLR L . -0.39 14.89 -37.49
C26 CLR L . -0.89 13.92 -38.56
C27 CLR L . -0.42 14.22 -36.13
O1 CLR L . -11.06 19.90 -47.02
C1 CLR M . -4.67 24.77 -41.31
C2 CLR M . -5.75 24.89 -42.39
C3 CLR M . -6.81 25.88 -41.98
C4 CLR M . -6.17 27.23 -41.71
C5 CLR M . -5.07 27.15 -40.68
C6 CLR M . -5.07 27.93 -39.61
C7 CLR M . -3.98 28.01 -38.60
C8 CLR M . -2.72 27.26 -39.04
C9 CLR M . -3.11 25.92 -39.68
C10 CLR M . -3.98 26.10 -40.95
C11 CLR M . -1.89 25.02 -39.93
C12 CLR M . -0.99 24.85 -38.70
C13 CLR M . -0.52 26.21 -38.18
C14 CLR M . -1.80 27.01 -37.85
C15 CLR M . -1.29 28.20 -37.04
C16 CLR M . -0.16 27.61 -36.18
C17 CLR M . 0.18 26.22 -36.78
C18 CLR M . 0.36 26.93 -39.21
C19 CLR M . -3.15 26.60 -42.14
C20 CLR M . 1.68 25.89 -36.66
C21 CLR M . 2.02 24.47 -37.07
C22 CLR M . 2.19 26.20 -35.24
C23 CLR M . 3.68 26.46 -35.11
C24 CLR M . 4.51 25.21 -34.96
C25 CLR M . 6.02 25.41 -35.01
C26 CLR M . 6.46 25.99 -36.34
C27 CLR M . 6.76 24.11 -34.73
O1 CLR M . -7.79 26.00 -43.02
C1 NAG N . -41.75 8.45 -42.16
C2 NAG N . -41.37 7.19 -42.94
C3 NAG N . -40.85 7.58 -44.30
C4 NAG N . -41.87 8.45 -45.03
C5 NAG N . -42.30 9.62 -44.14
C6 NAG N . -43.39 10.44 -44.81
C7 NAG N . -40.74 5.46 -41.36
C8 NAG N . -39.67 4.96 -40.45
N2 NAG N . -40.37 6.42 -42.21
O3 NAG N . -40.60 6.40 -45.08
O4 NAG N . -41.30 8.95 -46.24
O5 NAG N . -42.77 9.13 -42.88
O6 NAG N . -42.87 11.01 -46.01
O7 NAG N . -41.88 5.00 -41.34
C1 PTY O . -27.11 -14.49 -34.96
C2 PTY O . -30.60 -11.45 -40.94
C3 PTY O . -30.32 -10.34 -39.96
O4 PTY O . -25.89 -14.17 -34.23
C5 PTY O . -28.31 -13.70 -37.03
C6 PTY O . -26.98 -13.95 -36.37
O7 PTY O . -26.23 -14.91 -37.17
C8 PTY O . -25.39 -15.74 -36.55
O10 PTY O . -25.77 -16.65 -35.88
C11 PTY O . -23.95 -15.40 -36.79
C12 PTY O . -23.06 -16.61 -36.87
C13 PTY O . -21.59 -16.24 -36.82
C14 PTY O . -21.13 -15.69 -35.50
C15 PTY O . -19.67 -15.91 -35.20
C16 PTY O . -19.13 -15.04 -34.09
C17 PTY O . -18.12 -14.01 -34.55
C18 PTY O . -17.71 -13.03 -33.47
C19 PTY O . -16.94 -13.66 -32.33
C20 PTY O . -15.53 -13.15 -32.19
C21 PTY O . -14.69 -13.89 -31.19
C30 PTY O . -25.99 -14.19 -32.91
C31 PTY O . -24.79 -14.82 -32.28
O30 PTY O . -26.93 -13.74 -32.31
C32 PTY O . -23.99 -13.89 -31.42
C33 PTY O . -22.51 -13.95 -31.72
C34 PTY O . -21.64 -14.11 -30.50
C35 PTY O . -20.83 -12.89 -30.14
C36 PTY O . -20.83 -12.54 -28.68
C37 PTY O . -19.47 -12.30 -28.09
C38 PTY O . -19.25 -12.97 -26.75
C39 PTY O . -17.80 -13.15 -26.39
C40 PTY O . -17.50 -12.93 -24.92
C41 PTY O . -16.23 -13.58 -24.45
C42 PTY O . -15.89 -13.30 -23.00
C43 PTY O . -14.49 -13.67 -22.61
C44 PTY O . -14.16 -13.36 -21.18
P1 PTY O . -28.47 -11.51 -38.49
O11 PTY O . -29.94 -10.89 -38.67
O12 PTY O . -27.49 -10.36 -38.33
O13 PTY O . -28.24 -12.53 -39.57
O14 PTY O . -28.57 -12.27 -37.08
N1 PTY O . -29.38 -11.96 -41.56
C1 PTY P . -13.72 6.21 -40.42
C2 PTY P . -16.70 3.24 -44.15
C3 PTY P . -17.12 2.43 -42.95
O4 PTY P . -13.07 7.17 -39.57
C5 PTY P . -16.02 5.67 -41.31
C6 PTY P . -15.12 6.73 -40.74
O7 PTY P . -15.01 7.81 -41.70
C8 PTY P . -13.84 8.45 -41.82
O10 PTY P . -13.54 9.37 -41.11
C11 PTY P . -12.97 7.88 -42.90
C12 PTY P . -13.68 6.89 -43.77
C13 PTY P . -13.16 5.47 -43.60
C14 PTY P . -11.66 5.35 -43.64
C15 PTY P . -11.11 4.18 -42.87
C16 PTY P . -9.61 4.14 -42.78
C17 PTY P . -9.04 4.90 -41.61
C18 PTY P . -7.92 4.20 -40.89
C19 PTY P . -6.63 4.96 -40.85
C20 PTY P . -5.48 4.23 -40.19
C21 PTY P . -4.17 4.97 -40.21
C30 PTY P . -12.23 6.66 -38.67
C31 PTY P . -10.82 7.16 -38.88
O30 PTY P . -12.57 5.92 -37.80
C32 PTY P . -10.11 7.48 -37.61
C33 PTY P . -8.61 7.27 -37.72
C34 PTY P . -8.00 6.53 -36.54
C35 PTY P . -6.54 6.20 -36.70
C36 PTY P . -5.61 7.08 -35.90
C37 PTY P . -4.51 6.34 -35.19
C38 PTY P . -3.93 5.20 -35.98
C39 PTY P . -2.80 4.47 -35.29
C40 PTY P . -2.38 5.09 -33.98
C41 PTY P . -1.16 4.45 -33.36
P1 PTY P . -16.90 3.31 -40.47
O11 PTY P . -17.62 3.29 -41.90
O12 PTY P . -15.56 2.62 -40.63
O13 PTY P . -17.86 2.85 -39.44
O14 PTY P . -16.61 4.88 -40.23
N1 PTY P . -15.57 2.63 -44.85
P 3PE Q . 15.70 -10.85 -32.70
N 3PE Q . 19.34 -12.08 -32.01
O11 3PE Q . 15.16 -9.44 -33.26
O12 3PE Q . 15.51 -10.85 -31.21
O13 3PE Q . 17.27 -10.76 -33.00
O14 3PE Q . 15.12 -11.94 -33.53
C11 3PE Q . 18.12 -9.95 -32.14
C12 3PE Q . 19.01 -10.84 -31.32
C1 3PE Q . 15.69 -8.20 -32.71
C2 3PE Q . 14.55 -7.26 -32.39
C3 3PE Q . 14.86 -6.31 -31.25
O31 3PE Q . 13.71 -5.45 -31.05
O32 3PE Q . 14.56 -4.81 -29.09
C31 3PE Q . 13.65 -4.83 -29.88
C32 3PE Q . 12.32 -4.15 -29.69
C33 3PE Q . 12.24 -3.34 -28.42
C34 3PE Q . 11.81 -1.91 -28.68
C35 3PE Q . 10.33 -1.68 -28.57
C36 3PE Q . 9.91 -0.23 -28.65
C37 3PE Q . 9.00 0.09 -29.81
C38 3PE Q . 9.73 0.48 -31.08
C39 3PE Q . 9.65 1.97 -31.40
C3A 3PE Q . 10.49 2.39 -32.58
C3B 3PE Q . 11.48 3.49 -32.27
C3C 3PE Q . 12.33 3.89 -33.44
C3D 3PE Q . 13.77 3.43 -33.35
C3E 3PE Q . 14.45 3.22 -34.69
C3F 3PE Q . 15.91 2.89 -34.60
C3G 3PE Q . 16.49 2.33 -35.88
C3H 3PE Q . 17.62 1.36 -35.66
C3I 3PE Q . 18.37 0.99 -36.92
O21 3PE Q . 14.22 -6.48 -33.58
O22 3PE Q . 14.59 -7.43 -35.56
C21 3PE Q . 13.83 -7.15 -34.68
C22 3PE Q . 12.36 -7.49 -34.67
C23 3PE Q . 11.56 -6.69 -35.65
C24 3PE Q . 12.21 -6.65 -37.03
C25 3PE Q . 11.68 -7.69 -37.99
C26 3PE Q . 11.39 -7.18 -39.37
C27 3PE Q . 10.01 -6.59 -39.52
C28 3PE Q . 9.21 -7.17 -40.66
C29 3PE Q . 9.79 -8.42 -41.24
CA1 DGA R . 4.15 -0.69 -24.74
CA2 DGA R . 5.16 -0.65 -25.86
CA3 DGA R . 5.96 -1.91 -26.01
CA4 DGA R . 6.88 -2.16 -24.82
CA5 DGA R . 7.89 -3.25 -25.04
CA6 DGA R . 8.82 -3.46 -23.87
CA7 DGA R . 9.93 -4.45 -24.13
CA8 DGA R . 10.85 -4.05 -25.27
OA1 DGA R . 4.42 -0.91 -23.59
CB1 DGA R . 1.21 1.51 -28.81
CB2 DGA R . 2.42 1.67 -29.69
CB3 DGA R . 2.50 0.69 -30.81
CB4 DGA R . 3.74 0.90 -31.67
CB5 DGA R . 3.89 -0.07 -32.81
CB6 DGA R . 3.91 -1.52 -32.39
CB7 DGA R . 4.37 -2.47 -33.47
CB8 DGA R . 5.79 -2.27 -33.90
CB9 DGA R . 6.25 -3.22 -34.97
OB1 DGA R . 0.40 2.37 -28.62
OG1 DGA R . 2.92 -0.41 -25.16
CG1 DGA R . 2.76 -0.05 -26.55
CG2 DGA R . 1.29 0.17 -26.82
OG2 DGA R . 1.10 0.29 -28.25
CG3 DGA R . 0.40 -0.92 -26.25
OXT DGA R . 0.56 -1.02 -24.84
C1 CLR S . -23.25 -14.52 -40.22
C2 CLR S . -24.49 -15.02 -40.97
C3 CLR S . -24.73 -14.22 -42.22
C4 CLR S . -23.51 -14.28 -43.12
C5 CLR S . -22.26 -13.83 -42.40
C6 CLR S . -21.48 -12.89 -42.91
C7 CLR S . -20.16 -12.46 -42.34
C8 CLR S . -19.67 -13.38 -41.23
C9 CLR S . -20.84 -13.76 -40.32
C10 CLR S . -21.96 -14.53 -41.07
C11 CLR S . -20.37 -14.49 -39.05
C12 CLR S . -19.28 -13.73 -38.29
C13 CLR S . -18.07 -13.47 -39.19
C14 CLR S . -18.59 -12.68 -40.41
C15 CLR S . -17.32 -12.20 -41.12
C16 CLR S . -16.30 -12.01 -39.98
C17 CLR S . -17.03 -12.43 -38.67
C18 CLR S . -17.39 -14.78 -39.59
C19 CLR S . -21.54 -15.98 -41.38
C20 CLR S . -16.08 -12.78 -37.52
C21 CLR S . -15.95 -11.65 -36.50
C22 CLR S . -14.70 -13.18 -38.06
C23 CLR S . -13.99 -14.30 -37.33
C24 CLR S . -13.53 -13.93 -35.94
C25 CLR S . -12.88 -15.06 -35.14
C26 CLR S . -13.80 -16.26 -35.02
C27 CLR S . -12.45 -14.58 -33.76
O1 CLR S . -25.88 -14.72 -42.92
C1 CLR T . -17.52 -9.64 -44.05
C2 CLR T . -18.90 -9.93 -44.64
C3 CLR T . -19.67 -8.66 -44.89
C4 CLR T . -18.88 -7.78 -45.84
C5 CLR T . -17.49 -7.49 -45.33
C6 CLR T . -17.05 -6.24 -45.21
C7 CLR T . -15.66 -5.86 -44.83
C8 CLR T . -14.71 -7.06 -44.81
C9 CLR T . -15.40 -8.26 -44.15
C10 CLR T . -16.65 -8.71 -44.95
C11 CLR T . -14.42 -9.42 -43.90
C12 CLR T . -13.15 -8.99 -43.16
C13 CLR T . -12.42 -7.86 -43.90
C14 CLR T . -13.44 -6.71 -44.04
C15 CLR T . -12.59 -5.53 -44.49
C16 CLR T . -11.27 -5.70 -43.73
C17 CLR T . -11.27 -7.14 -43.15
C18 CLR T . -11.93 -8.36 -45.27
C19 CLR T . -16.28 -9.45 -46.25
C20 CLR T . -9.85 -7.76 -43.12
C21 CLR T . -9.79 -9.10 -42.40
C22 CLR T . -8.84 -6.76 -42.54
C23 CLR T . -7.39 -6.97 -42.94
C24 CLR T . -6.66 -7.97 -42.07
C25 CLR T . -5.26 -8.34 -42.55
C26 CLR T . -5.29 -8.98 -43.92
C27 CLR T . -4.56 -9.25 -41.55
O1 CLR T . -20.96 -8.97 -45.47
C1 NAG U . -53.46 -9.50 -25.33
C2 NAG U . -53.47 -10.98 -24.98
C3 NAG U . -53.46 -11.80 -26.27
C4 NAG U . -54.61 -11.39 -27.17
C5 NAG U . -54.60 -9.88 -27.37
C6 NAG U . -55.80 -9.42 -28.21
C7 NAG U . -52.45 -11.29 -22.82
C8 NAG U . -51.15 -11.34 -22.06
N2 NAG U . -52.35 -11.32 -24.14
O3 NAG U . -53.60 -13.19 -25.94
O4 NAG U . -54.49 -12.04 -28.43
O5 NAG U . -54.62 -9.20 -26.12
O6 NAG U . -55.72 -10.01 -29.52
O7 NAG U . -53.53 -11.22 -22.24
C1 PTY V . -38.91 -24.68 -6.63
C2 PTY V . -44.12 -25.55 -12.05
C3 PTY V . -43.42 -24.23 -12.29
O4 PTY V . -37.51 -24.36 -6.63
C5 PTY V . -40.73 -25.16 -8.32
C6 PTY V . -39.27 -25.30 -7.96
O7 PTY V . -38.94 -26.72 -7.92
C8 PTY V . -37.99 -27.12 -7.06
O10 PTY V . -38.16 -27.16 -5.87
C11 PTY V . -36.71 -27.51 -7.75
C12 PTY V . -36.00 -28.65 -7.10
C13 PTY V . -34.58 -28.84 -7.62
C14 PTY V . -33.65 -27.72 -7.26
C15 PTY V . -32.20 -28.13 -7.19
C16 PTY V . -31.23 -26.96 -7.22
C17 PTY V . -30.39 -26.90 -8.46
C18 PTY V . -29.54 -25.65 -8.57
C19 PTY V . -28.46 -25.55 -7.52
C20 PTY V . -27.06 -25.55 -8.09
C21 PTY V . -25.97 -25.64 -7.04
C30 PTY V . -37.12 -23.45 -5.73
C31 PTY V . -35.81 -23.83 -5.10
O30 PTY V . -37.74 -22.45 -5.49
C32 PTY V . -34.70 -22.88 -5.39
C33 PTY V . -33.43 -23.58 -5.82
C34 PTY V . -32.19 -23.14 -5.08
C35 PTY V . -31.22 -22.34 -5.92
C36 PTY V . -30.67 -21.11 -5.24
C37 PTY V . -29.17 -21.00 -5.29
C38 PTY V . -28.53 -20.62 -3.98
C39 PTY V . -27.06 -20.95 -3.89
C40 PTY V . -26.23 -19.91 -3.16
C41 PTY V . -24.93 -20.42 -2.63
C42 PTY V . -24.07 -19.38 -1.97
C43 PTY V . -22.65 -19.80 -1.71
C44 PTY V . -21.80 -18.73 -1.07
P1 PTY V . -41.25 -24.61 -10.85
O11 PTY V . -42.63 -23.86 -11.13
O12 PTY V . -40.20 -24.05 -11.77
O13 PTY V . -41.51 -26.10 -10.83
O14 PTY V . -40.89 -24.15 -9.35
N1 PTY V . -43.25 -26.70 -12.31
C1 PTY W . -26.98 -18.64 -28.03
C2 PTY W . -31.30 -22.21 -27.67
C3 PTY W . -31.32 -21.82 -26.22
O4 PTY W . -25.98 -17.64 -28.32
C5 PTY W . -29.48 -18.88 -27.76
C6 PTY W . -28.34 -18.07 -28.35
O7 PTY W . -28.52 -18.01 -29.79
C8 PTY W . -27.43 -18.05 -30.57
O10 PTY W . -26.83 -17.05 -30.86
C11 PTY W . -27.06 -19.43 -31.01
C12 PTY W . -28.11 -20.46 -30.71
C13 PTY W . -27.67 -21.45 -29.66
C14 PTY W . -26.29 -22.03 -29.88
C15 PTY W . -25.58 -22.47 -28.63
C16 PTY W . -24.15 -22.91 -28.84
C17 PTY W . -23.15 -21.78 -28.76
C18 PTY W . -21.89 -22.13 -27.99
C19 PTY W . -20.62 -21.99 -28.78
C20 PTY W . -19.38 -22.42 -28.04
C21 PTY W . -18.11 -22.34 -28.86
C30 PTY W . -24.91 -17.63 -27.53
C31 PTY W . -23.65 -17.89 -28.31
O30 PTY W . -24.97 -17.44 -26.35
C32 PTY W . -22.50 -17.04 -27.87
C33 PTY W . -21.16 -17.73 -28.07
C34 PTY W . -20.23 -17.63 -26.88
C35 PTY W . -18.96 -18.41 -27.03
C36 PTY W . -17.74 -17.57 -27.35
C37 PTY W . -16.51 -17.94 -26.55
C38 PTY W . -16.34 -19.43 -26.34
C39 PTY W . -15.09 -19.80 -25.58
C40 PTY W . -14.18 -18.64 -25.27
C41 PTY W . -12.87 -19.02 -24.63
P1 PTY W . -30.14 -19.63 -25.33
O11 PTY W . -31.35 -20.37 -26.08
O12 PTY W . -29.02 -20.61 -25.17
O13 PTY W . -30.70 -18.94 -24.11
O14 PTY W . -29.69 -18.51 -26.37
N1 PTY W . -30.56 -23.45 -27.90
P 3PE X . 1.94 -34.14 -16.22
N 3PE X . 5.48 -35.66 -15.57
O11 3PE X . 1.33 -33.41 -17.51
O12 3PE X . 2.30 -33.09 -15.20
O13 3PE X . 3.30 -34.79 -16.78
O14 3PE X . 1.02 -35.26 -15.83
C11 3PE X . 4.46 -33.93 -17.00
C12 3PE X . 5.51 -34.25 -15.97
C1 3PE X . 2.11 -32.38 -18.18
C2 3PE X . 1.23 -31.17 -18.43
C3 3PE X . 2.00 -29.87 -18.45
O31 3PE X . 1.07 -28.79 -18.74
O32 3PE X . 2.62 -27.31 -18.10
C31 3PE X . 1.49 -27.58 -18.43
C32 3PE X . 0.37 -26.57 -18.54
C33 3PE X . 0.82 -25.16 -18.31
C34 3PE X . 0.42 -24.23 -19.45
C35 3PE X . -0.90 -23.54 -19.25
C36 3PE X . -1.21 -22.49 -20.29
C37 3PE X . -2.45 -22.76 -21.11
C38 3PE X . -2.21 -23.58 -22.35
C39 3PE X . -2.29 -22.78 -23.63
C3A 3PE X . -1.90 -23.55 -24.87
C3B 3PE X . -0.80 -22.91 -25.68
C3C 3PE X . -0.40 -23.70 -26.90
C3D 3PE X . 0.93 -24.40 -26.78
C3E 3PE X . 1.06 -25.65 -27.62
C3F 3PE X . 2.43 -26.27 -27.61
C3G 3PE X . 2.48 -27.68 -28.13
C3H 3PE X . 3.53 -28.55 -27.50
C3I 3PE X . 3.74 -29.87 -28.20
O21 3PE X . 0.56 -31.34 -19.70
O22 3PE X . 0.12 -33.43 -20.37
C21 3PE X . -0.25 -32.41 -19.85
C22 3PE X . -1.63 -32.17 -19.31
C23 3PE X . -2.67 -32.04 -20.37
C24 3PE X . -2.57 -33.14 -21.42
C25 3PE X . -3.48 -34.33 -21.17
C26 3PE X . -4.22 -34.80 -22.39
C27 3PE X . -5.52 -34.08 -22.65
C28 3PE X . -6.72 -34.98 -22.80
C29 3PE X . -6.47 -36.40 -22.36
CA1 DGA Y . -5.17 -18.36 -16.31
CA2 DGA Y . -4.64 -19.41 -17.25
CA3 DGA Y . -4.05 -20.60 -16.58
CA4 DGA Y . -2.78 -20.26 -15.81
CA5 DGA Y . -2.00 -21.45 -15.33
CA6 DGA Y . -0.72 -21.10 -14.61
CA7 DGA Y . 0.15 -22.29 -14.27
CA8 DGA Y . 0.62 -23.07 -15.47
OA1 DGA Y . -4.53 -17.82 -15.46
CB1 DGA Y . -9.22 -18.69 -19.98
CB2 DGA Y . -8.41 -19.55 -20.90
CB3 DGA Y . -8.81 -20.99 -20.93
CB4 DGA Y . -7.96 -21.81 -21.87
CB5 DGA Y . -8.29 -23.28 -21.92
CB6 DGA Y . -8.23 -23.98 -20.60
CB7 DGA Y . -8.27 -25.49 -20.68
CB8 DGA Y . -7.09 -26.09 -21.38
CB9 DGA Y . -7.11 -27.59 -21.46
OB1 DGA Y . -9.85 -17.73 -20.33
OG1 DGA Y . -6.45 -18.07 -16.54
CG1 DGA Y . -7.08 -18.71 -17.67
CG2 DGA Y . -8.53 -18.28 -17.72
OG2 DGA Y . -9.22 -19.11 -18.71
CG3 DGA Y . -9.22 -18.34 -16.39
OXT DGA Y . -8.57 -17.52 -15.42
C1 CLR Z . -37.24 -29.44 -10.76
C2 CLR Z . -38.70 -29.88 -10.63
C3 CLR Z . -39.33 -30.12 -11.99
C4 CLR Z . -38.52 -31.15 -12.76
C5 CLR Z . -37.05 -30.76 -12.87
C6 CLR Z . -36.45 -30.71 -14.05
C7 CLR Z . -35.00 -30.45 -14.26
C8 CLR Z . -34.20 -30.47 -12.95
C9 CLR Z . -34.99 -29.74 -11.86
C10 CLR Z . -36.35 -30.43 -11.55
C11 CLR Z . -34.15 -29.54 -10.59
C12 CLR Z . -32.80 -28.86 -10.86
C13 CLR Z . -31.98 -29.67 -11.88
C14 CLR Z . -32.85 -29.80 -13.15
C15 CLR Z . -31.89 -30.34 -14.21
C16 CLR Z . -30.51 -29.77 -13.80
C17 CLR Z . -30.75 -28.95 -12.51
C18 CLR Z . -31.59 -31.04 -11.30
C19 CLR Z . -36.19 -31.73 -10.76
C20 CLR Z . -29.47 -28.71 -11.70
C21 CLR Z . -28.91 -27.31 -11.91
C22 CLR Z . -28.41 -29.78 -12.02
C23 CLR Z . -27.57 -30.26 -10.85
C24 CLR Z . -26.62 -29.22 -10.32
C25 CLR Z . -25.80 -29.65 -9.10
C26 CLR Z . -26.70 -30.08 -7.95
C27 CLR Z . -24.87 -28.52 -8.65
O1 CLR Z . -40.68 -30.56 -11.83
C1 CLR AA . -32.96 -30.54 -17.96
C2 CLR AA . -34.48 -30.69 -17.84
C3 CLR AA . -35.19 -29.77 -18.80
C4 CLR AA . -34.74 -30.05 -20.21
C5 CLR AA . -33.24 -29.96 -20.37
C6 CLR AA . -32.70 -29.18 -21.30
C7 CLR AA . -31.24 -29.10 -21.61
C8 CLR AA . -30.43 -30.19 -20.90
C9 CLR AA . -30.92 -30.34 -19.45
C10 CLR AA . -32.41 -30.78 -19.39
C11 CLR AA . -30.00 -31.25 -18.62
C12 CLR AA . -28.52 -30.86 -18.71
C13 CLR AA . -28.04 -30.84 -20.16
C14 CLR AA . -28.95 -29.83 -20.90
C15 CLR AA . -28.24 -29.62 -22.24
C16 CLR AA . -26.75 -29.63 -21.86
C17 CLR AA . -26.64 -30.21 -20.43
C18 CLR AA . -28.11 -32.24 -20.78
C19 CLR AA . -32.58 -32.27 -19.77
C20 CLR AA . -25.36 -31.06 -20.24
C21 CLR AA . -25.14 -31.49 -18.79
C22 CLR AA . -24.14 -30.31 -20.79
C23 CLR AA . -22.95 -31.17 -21.18
C24 CLR AA . -22.03 -31.49 -20.03
C25 CLR AA . -20.92 -32.50 -20.34
C26 CLR AA . -21.49 -33.84 -20.74
C27 CLR AA . -19.98 -32.67 -19.15
O1 CLR AA . -36.61 -29.96 -18.68
C1 NAG BA . -59.55 -6.59 1.06
C2 NAG BA . -59.55 -7.35 2.38
C3 NAG BA . -60.05 -8.77 2.16
C4 NAG BA . -61.43 -8.73 1.49
C5 NAG BA . -61.39 -7.86 0.24
C6 NAG BA . -62.76 -7.74 -0.40
C7 NAG BA . -57.83 -6.43 3.81
C8 NAG BA . -56.35 -6.35 4.09
N2 NAG BA . -58.22 -7.36 2.96
O3 NAG BA . -60.16 -9.44 3.42
O4 NAG BA . -61.81 -10.05 1.13
O5 NAG BA . -60.89 -6.55 0.56
O6 NAG BA . -63.20 -9.03 -0.82
O7 NAG BA . -58.62 -5.66 4.34
C1 PTY CA . -40.35 -8.79 21.50
C2 PTY CA . -47.20 -11.38 19.65
C3 PTY CA . -46.56 -10.88 18.40
O4 PTY CA . -39.02 -9.01 20.99
C5 PTY CA . -42.68 -9.68 21.12
C6 PTY CA . -41.20 -9.99 21.17
O7 PTY CA . -40.98 -11.02 22.17
C8 PTY CA . -39.82 -11.02 22.84
O10 PTY CA . -39.56 -10.19 23.67
C11 PTY CA . -38.91 -12.15 22.43
C12 PTY CA . -38.11 -12.69 23.56
C13 PTY CA . -36.99 -13.60 23.09
C14 PTY CA . -35.90 -12.90 22.30
C15 PTY CA . -34.56 -13.59 22.37
C16 PTY CA . -33.58 -13.14 21.31
C17 PTY CA . -33.25 -14.19 20.29
C18 PTY CA . -32.42 -13.69 19.14
C19 PTY CA . -31.02 -13.26 19.53
C20 PTY CA . -29.93 -14.08 18.89
C21 PTY CA . -28.55 -13.78 19.42
C30 PTY CA . -38.27 -7.93 20.82
C31 PTY CA . -36.85 -8.16 21.26
O30 PTY CA . -38.69 -6.90 20.36
C32 PTY CA . -35.85 -8.07 20.15
C33 PTY CA . -34.88 -9.24 20.14
C34 PTY CA . -33.43 -8.83 20.05
C35 PTY CA . -32.78 -9.16 18.74
C36 PTY CA . -31.93 -8.05 18.17
C37 PTY CA . -30.54 -8.48 17.75
C38 PTY CA . -29.45 -7.54 18.19
C39 PTY CA . -28.07 -8.17 18.21
C40 PTY CA . -26.97 -7.25 17.75
C41 PTY CA . -25.60 -7.64 18.23
C42 PTY CA . -24.49 -6.76 17.71
C43 PTY CA . -23.10 -7.32 17.92
C44 PTY CA . -22.01 -6.44 17.37
P1 PTY CA . -44.04 -10.85 19.18
O11 PTY CA . -45.38 -10.10 18.71
O12 PTY CA . -43.37 -11.42 17.96
O13 PTY CA . -44.38 -11.74 20.33
O14 PTY CA . -43.13 -9.64 19.73
N1 PTY CA . -46.58 -12.59 20.16
C1 PTY DA . -36.59 -22.86 0.88
C2 PTY DA . -40.72 -23.65 4.59
C3 PTY DA . -40.19 -22.40 5.25
O4 PTY DA . -35.69 -22.69 -0.23
C5 PTY DA . -38.83 -22.05 1.72
C6 PTY DA . -37.93 -22.25 0.52
O7 PTY DA . -38.62 -23.13 -0.41
C8 PTY DA . -37.87 -24.01 -1.11
O10 PTY DA . -37.35 -23.72 -2.15
C11 PTY DA . -37.79 -25.36 -0.45
C12 PTY DA . -38.73 -25.52 0.71
C13 PTY DA . -38.01 -25.62 2.04
C14 PTY DA . -36.86 -26.60 2.05
C15 PTY DA . -35.78 -26.27 3.06
C16 PTY DA . -34.56 -27.15 2.96
C17 PTY DA . -33.51 -26.65 2.00
C18 PTY DA . -32.10 -26.77 2.50
C19 PTY DA . -31.19 -27.60 1.63
C20 PTY DA . -29.79 -27.79 2.18
C21 PTY DA . -28.91 -28.67 1.36
C30 PTY DA . -34.41 -22.49 0.06
C31 PTY DA . -33.54 -23.58 -0.50
O30 PTY DA . -34.02 -21.55 0.70
C32 PTY DA . -32.25 -23.08 -1.06
C33 PTY DA . -31.13 -24.09 -0.95
C34 PTY DA . -29.83 -23.52 -0.43
C35 PTY DA . -28.75 -24.56 -0.20
C36 PTY DA . -27.67 -24.58 -1.25
C37 PTY DA . -26.27 -24.68 -0.71
C38 PTY DA . -26.14 -25.58 0.48
C39 PTY DA . -24.73 -25.72 1.01
C40 PTY DA . -23.69 -25.02 0.18
C41 PTY DA . -22.27 -25.26 0.62
P1 PTY DA . -38.62 -20.71 3.99
O11 PTY DA . -40.06 -21.34 4.28
O12 PTY DA . -37.58 -21.62 4.59
O13 PTY DA . -38.65 -19.25 4.37
O14 PTY DA . -38.49 -20.80 2.39
N1 PTY DA . -40.21 -24.88 5.22
P 3PE EA . -6.55 -34.42 14.32
N 3PE EA . -3.14 -36.12 15.17
O11 3PE EA . -7.53 -34.60 13.07
O12 3PE EA . -5.77 -33.15 14.13
O13 3PE EA . -5.54 -35.65 14.17
O14 3PE EA . -7.35 -34.62 15.58
C11 3PE EA . -4.47 -35.58 13.18
C12 3PE EA . -3.15 -35.45 13.86
C1 3PE EA . -6.98 -34.59 11.73
C2 3PE EA . -7.80 -33.68 10.83
C3 3PE EA . -7.00 -33.07 9.71
O31 3PE EA . -7.88 -32.25 8.91
O32 3PE EA . -6.12 -31.31 7.93
C31 3PE EA . -7.30 -31.35 8.13
C32 3PE EA . -8.30 -30.40 7.54
C33 3PE EA . -7.71 -29.43 6.57
C34 3PE EA . -8.41 -29.45 5.22
C35 3PE EA . -9.53 -28.44 5.09
C36 3PE EA . -10.12 -28.34 3.70
C37 3PE EA . -11.58 -28.68 3.62
C38 3PE EA . -11.87 -30.14 3.37
C39 3PE EA . -12.35 -30.44 1.97
C3A 3PE EA . -12.49 -31.91 1.66
C3B 3PE EA . -11.71 -32.37 0.46
C3C 3PE EA . -11.84 -33.84 0.16
C3D 3PE EA . -10.61 -34.66 0.51
C3E 3PE EA . -10.89 -36.09 0.84
C3F 3PE EA . -9.66 -36.93 1.06
C3G 3PE EA . -9.91 -38.25 1.75
C3H 3PE EA . -8.76 -38.74 2.59
C3I 3PE EA . -8.92 -40.16 3.07
O21 3PE EA . -8.90 -34.45 10.27
O22 3PE EA . -9.70 -36.14 11.47
C21 3PE EA . -9.78 -35.00 11.11
C22 3PE EA . -10.85 -34.04 11.56
C23 3PE EA . -12.20 -34.35 10.99
C24 3PE EA . -12.56 -35.82 11.11
C25 3PE EA . -13.40 -36.16 12.31
C26 3PE EA . -14.56 -37.07 12.02
C27 3PE EA . -15.81 -36.35 11.56
C28 3PE EA . -17.04 -36.68 12.37
C29 3PE EA . -16.76 -37.42 13.65
CA1 DGA FA . -12.05 -21.65 4.01
CA2 DGA FA . -11.98 -23.15 4.06
CA3 DGA FA . -11.26 -23.68 5.27
CA4 DGA FA . -9.78 -23.34 5.27
CA5 DGA FA . -8.97 -24.07 6.30
CA6 DGA FA . -7.50 -23.75 6.27
CA7 DGA FA . -6.66 -24.59 7.19
CA8 DGA FA . -6.71 -26.06 6.89
OA1 DGA FA . -11.11 -20.91 4.03
CB1 DGA FA . -17.17 -23.07 2.67
CB2 DGA FA . -16.80 -24.52 2.54
CB3 DGA FA . -17.30 -25.37 3.67
CB4 DGA FA . -16.90 -26.82 3.50
CB5 DGA FA . -17.35 -27.74 4.62
CB6 DGA FA . -16.85 -27.34 5.98
CB7 DGA FA . -17.04 -28.38 7.05
CB8 DGA FA . -16.22 -29.64 6.80
CB9 DGA FA . -16.39 -30.69 7.86
OB1 DGA FA . -17.82 -22.45 1.86
OG1 DGA FA . -13.30 -21.21 3.90
CG1 DGA FA . -14.34 -22.21 3.75
CG2 DGA FA . -15.69 -21.49 3.69
OG2 DGA FA . -16.73 -22.48 3.80
CG3 DGA FA . -15.85 -20.41 4.73
OXT DGA FA . -14.83 -19.42 4.62
C1 CLR GA . -40.64 -15.28 22.02
C2 CLR GA . -41.98 -15.04 22.71
C3 CLR GA . -43.07 -15.91 22.13
C4 CLR GA . -42.67 -17.37 22.24
C5 CLR GA . -41.32 -17.64 21.60
C6 CLR GA . -41.19 -18.58 20.68
C7 CLR GA . -39.89 -19.01 20.06
C8 CLR GA . -38.69 -18.41 20.77
C9 CLR GA . -38.97 -16.93 21.10
C10 CLR GA . -40.17 -16.75 22.06
C11 CLR GA . -37.71 -16.21 21.60
C12 CLR GA . -36.50 -16.36 20.66
C13 CLR GA . -36.17 -17.84 20.43
C14 CLR GA . -37.45 -18.51 19.88
C15 CLR GA . -36.98 -19.89 19.41
C16 CLR GA . -35.52 -19.67 18.98
C17 CLR GA . -35.21 -18.17 19.26
C18 CLR GA . -35.69 -18.50 21.74
C19 CLR GA . -39.82 -17.16 23.51
C20 CLR GA . -33.71 -17.86 19.36
C21 CLR GA . -33.15 -17.24 18.08
C22 CLR GA . -32.91 -19.13 19.73
C23 CLR GA . -31.75 -18.94 20.68
C24 CLR GA . -30.59 -18.18 20.08
C25 CLR GA . -29.42 -17.90 21.01
C26 CLR GA . -29.88 -17.14 22.25
C27 CLR GA . -28.32 -17.14 20.30
O1 CLR GA . -44.30 -15.68 22.82
C1 CLR HA . -39.34 -22.20 17.34
C2 CLR HA . -40.73 -21.75 17.82
C3 CLR HA . -41.67 -21.55 16.66
C4 CLR HA . -41.79 -22.83 15.86
C5 CLR HA . -40.44 -23.34 15.41
C6 CLR HA . -40.22 -23.62 14.13
C7 CLR HA . -38.97 -24.23 13.59
C8 CLR HA . -38.04 -24.73 14.68
C9 CLR HA . -37.98 -23.71 15.84
C10 CLR HA . -39.38 -23.50 16.49
C11 CLR HA . -36.89 -24.05 16.87
C12 CLR HA . -35.52 -24.32 16.22
C13 CLR HA . -35.60 -25.42 15.18
C14 CLR HA . -36.64 -24.96 14.13
C15 CLR HA . -36.45 -25.94 12.97
C16 CLR HA . -34.93 -26.16 12.93
C17 CLR HA . -34.35 -25.63 14.26
C18 CLR HA . -36.00 -26.77 15.83
C19 CLR HA . -39.77 -24.69 17.38
C20 CLR HA . -33.15 -26.46 14.76
C21 CLR HA . -32.46 -25.85 15.97
C22 CLR HA . -32.16 -26.72 13.61
C23 CLR HA . -31.26 -27.93 13.77
C24 CLR HA . -30.01 -27.66 14.57
C25 CLR HA . -29.17 -28.90 14.90
C26 CLR HA . -29.95 -29.89 15.73
C27 CLR HA . -27.88 -28.50 15.60
O1 CLR HA . -42.96 -21.15 17.15
C1 NAG IA . -55.44 14.99 17.15
C2 NAG IA . -55.01 15.38 18.56
C3 NAG IA . -55.65 14.44 19.57
C4 NAG IA . -57.16 14.45 19.37
C5 NAG IA . -57.52 14.17 17.91
C6 NAG IA . -59.02 14.26 17.68
C7 NAG IA . -52.82 16.42 18.47
C8 NAG IA . -51.34 16.19 18.31
N2 NAG IA . -53.56 15.33 18.68
O3 NAG IA . -55.35 14.87 20.90
O4 NAG IA . -57.76 13.43 20.20
O5 NAG IA . -56.86 15.11 17.06
O6 NAG IA . -59.68 13.24 18.45
O7 NAG IA . -53.31 17.53 18.40
C1 PTY JA . -30.33 21.21 28.26
C2 PTY JA . -37.56 20.39 30.30
C3 PTY JA . -37.38 19.67 28.99
O4 PTY JA . -29.29 20.30 27.83
C5 PTY JA . -32.70 21.09 29.11
C6 PTY JA . -31.33 20.45 29.08
O7 PTY JA . -30.84 20.37 30.45
C8 PTY JA . -29.51 20.45 30.65
O10 PTY JA . -28.91 21.48 30.54
C11 PTY JA . -28.90 19.14 31.05
C12 PTY JA . -27.78 19.28 32.02
C13 PTY JA . -26.98 17.99 32.18
C14 PTY JA . -26.20 17.59 30.94
C15 PTY JA . -24.98 16.76 31.23
C16 PTY JA . -24.42 16.04 30.02
C17 PTY JA . -24.56 14.54 30.07
C18 PTY JA . -24.17 13.84 28.78
C19 PTY JA . -22.70 13.96 28.46
C20 PTY JA . -21.98 12.63 28.43
C21 PTY JA . -20.48 12.75 28.29
C30 PTY JA . -28.58 20.68 26.77
C31 PTY JA . -27.12 20.37 26.96
O30 PTY JA . -29.06 21.19 25.80
C32 PTY JA . -26.59 19.38 25.97
C33 PTY JA . -25.77 18.27 26.64
C34 PTY JA . -24.43 18.03 26.00
C35 PTY JA . -24.32 16.73 25.26
C36 PTY JA . -23.66 16.83 23.92
C37 PTY JA . -22.55 15.83 23.69
C38 PTY JA . -21.31 16.41 23.07
C39 PTY JA . -20.07 15.56 23.28
C40 PTY JA . -19.14 15.52 22.09
C41 PTY JA . -17.72 15.15 22.42
C42 PTY JA . -16.82 15.05 21.22
C43 PTY JA . -15.50 14.37 21.49
C44 PTY JA . -14.61 14.25 20.27
P1 PTY JA . -34.74 19.43 28.99
O11 PTY JA . -36.11 20.05 28.39
O12 PTY JA . -34.61 18.02 28.49
O13 PTY JA . -34.71 19.71 30.46
O14 PTY JA . -33.62 20.33 28.29
N1 PTY JA . -36.88 19.72 31.41
C1 PTY KA . -35.32 -3.26 24.57
C2 PTY KA . -37.87 0.00 28.36
C3 PTY KA . -37.05 1.11 27.76
O4 PTY KA . -34.88 -4.18 23.54
C5 PTY KA . -37.04 -1.45 24.95
C6 PTY KA . -36.64 -2.67 24.15
O7 PTY KA . -37.69 -3.67 24.33
C8 PTY KA . -37.33 -4.96 24.38
O10 PTY KA . -37.19 -5.63 23.39
C11 PTY KA . -37.11 -5.45 25.79
C12 PTY KA . -37.57 -4.49 26.83
C13 PTY KA . -36.43 -3.88 27.63
C14 PTY KA . -35.42 -4.90 28.13
C15 PTY KA . -34.03 -4.34 28.32
C16 PTY KA . -32.99 -5.38 28.68
C17 PTY KA . -32.34 -6.02 27.49
C18 PTY KA . -30.84 -6.21 27.62
C19 PTY KA . -30.37 -7.64 27.51
C20 PTY KA . -28.90 -7.82 27.71
C21 PTY KA . -28.44 -9.26 27.66
C30 PTY KA . -33.57 -4.24 23.33
C31 PTY KA . -33.04 -5.63 23.61
O30 PTY KA . -32.90 -3.30 22.98
C32 PTY KA . -32.01 -6.07 22.63
C33 PTY KA . -30.99 -7.03 23.23
C34 PTY KA . -29.56 -6.71 22.88
C35 PTY KA . -28.56 -7.58 23.58
C36 PTY KA . -27.94 -8.65 22.71
C37 PTY KA . -26.44 -8.79 22.87
C38 PTY KA . -25.96 -8.64 24.28
C39 PTY KA . -24.46 -8.81 24.44
C40 PTY KA . -23.75 -9.23 23.19
C41 PTY KA . -22.29 -9.55 23.38
P1 PTY KA . -35.92 0.91 25.38
O11 PTY KA . -37.21 1.13 26.31
O12 PTY KA . -34.81 0.38 26.23
O13 PTY KA . -35.71 2.16 24.56
O14 PTY KA . -36.39 -0.27 24.39
N1 PTY KA . -37.26 -0.56 29.55
P 3PE LA . -3.37 -11.42 35.93
N 3PE LA . -0.01 -13.06 37.06
O11 3PE LA . -4.75 -12.09 35.44
O12 3PE LA . -2.63 -10.94 34.71
O13 3PE LA . -2.57 -12.68 36.55
O14 3PE LA . -3.68 -10.47 37.05
C11 3PE LA . -1.95 -13.63 35.65
C12 3PE LA . -0.45 -13.49 35.72
C1 3PE LA . -4.72 -13.16 34.46
C2 3PE LA . -5.74 -12.89 33.38
C3 3PE LA . -5.36 -13.48 32.03
O31 3PE LA . -6.41 -13.17 31.09
O32 3PE LA . -5.06 -13.77 29.42
C31 3PE LA . -6.10 -13.29 29.81
C32 3PE LA . -7.17 -12.73 28.92
C33 3PE LA . -6.90 -12.93 27.46
C34 3PE LA . -8.05 -13.62 26.74
C35 3PE LA . -9.05 -12.67 26.13
C36 3PE LA . -10.09 -13.36 25.27
C37 3PE LA . -11.51 -13.18 25.76
C38 3PE LA . -11.97 -14.24 26.72
C39 3PE LA . -12.96 -15.23 26.13
C3A 3PE LA . -13.31 -16.37 27.05
C3B 3PE LA . -13.05 -17.74 26.45
C3C 3PE LA . -13.38 -18.88 27.38
C3D 3PE LA . -12.17 -19.59 27.95
C3E 3PE LA . -12.41 -20.24 29.30
C3F 3PE LA . -11.25 -21.05 29.81
C3G 3PE LA . -11.32 -21.39 31.28
C3H 3PE LA . -9.99 -21.51 31.96
C3I 3PE LA . -10.06 -22.08 33.35
O21 3PE LA . -7.03 -13.43 33.78
O22 3PE LA . -7.46 -13.51 35.97
C21 3PE LA . -7.58 -12.96 34.92
C22 3PE LA . -8.34 -11.68 34.70
C23 3PE LA . -9.82 -11.85 34.82
C24 3PE LA . -10.23 -12.65 36.05
C25 3PE LA . -10.58 -11.79 37.24
C26 3PE LA . -11.84 -12.24 37.96
C27 3PE LA . -13.11 -11.67 37.37
C28 3PE LA . -14.00 -10.96 38.38
C29 3PE LA . -13.33 -10.68 39.70
CA1 DGA MA . -11.31 -8.05 20.91
CA2 DGA MA . -11.32 -9.05 22.04
CA3 DGA MA . -10.26 -8.82 23.07
CA4 DGA MA . -8.86 -9.05 22.53
CA5 DGA MA . -7.78 -9.11 23.57
CA6 DGA MA . -6.40 -9.37 23.03
CA7 DGA MA . -5.35 -9.59 24.08
CA8 DGA MA . -5.61 -10.76 25.00
OA1 DGA MA . -10.36 -7.83 20.20
CB1 DGA MA . -16.65 -8.29 22.08
CB2 DGA MA . -16.46 -9.47 23.01
CB3 DGA MA . -16.57 -9.13 24.46
CB4 DGA MA . -16.37 -10.34 25.35
CB5 DGA MA . -16.44 -10.07 26.83
CB6 DGA MA . -15.46 -9.03 27.32
CB7 DGA MA . -15.31 -8.97 28.81
CB8 DGA MA . -14.75 -10.23 29.43
CB9 DGA MA . -14.58 -10.18 30.93
OB1 DGA MA . -17.49 -8.24 21.24
OG1 DGA MA . -12.47 -7.44 20.76
CG1 DGA MA . -13.57 -7.87 21.61
CG2 DGA MA . -14.78 -7.02 21.30
OG2 DGA MA . -15.79 -7.29 22.31
CG3 DGA MA . -14.47 -5.54 21.22
OXT DGA MA . -13.50 -5.27 20.21
C1 CLR NA . -30.88 17.29 33.43
C2 CLR NA . -31.86 18.34 33.97
C3 CLR NA . -33.14 17.71 34.43
C4 CLR NA . -32.84 16.68 35.51
C5 CLR NA . -31.84 15.64 35.03
C6 CLR NA . -32.12 14.34 35.11
C7 CLR NA . -31.17 13.24 34.78
C8 CLR NA . -29.74 13.74 34.54
C9 CLR NA . -29.77 15.04 33.72
C10 CLR NA . -30.53 16.18 34.45
C11 CLR NA . -28.37 15.47 33.27
C12 CLR NA . -27.61 14.35 32.55
C13 CLR NA . -27.49 13.10 33.42
C14 CLR NA . -28.92 12.69 33.81
C15 CLR NA . -28.76 11.29 34.43
C16 CLR NA . -27.53 10.70 33.70
C17 CLR NA . -27.04 11.80 32.72
C18 CLR NA . -26.61 13.38 34.66
C19 CLR NA . -29.72 16.77 35.61
C20 CLR NA . -25.59 11.59 32.27
C21 CLR NA . -25.49 10.98 30.87
C22 CLR NA . -24.81 10.74 33.29
C23 CLR NA . -23.37 11.14 33.52
C24 CLR NA . -22.46 10.88 32.35
C25 CLR NA . -21.01 11.33 32.53
C26 CLR NA . -20.93 12.82 32.86
C27 CLR NA . -20.19 11.02 31.29
O1 CLR NA . -34.02 18.71 34.95
C1 CLR OA . -31.87 9.09 35.25
C2 CLR OA . -32.95 10.16 35.50
C3 CLR OA . -34.24 9.81 34.79
C4 CLR OA . -34.72 8.45 35.25
C5 CLR OA . -33.67 7.38 35.06
C6 CLR OA . -33.95 6.27 34.40
C7 CLR OA . -33.02 5.09 34.25
C8 CLR OA . -31.80 5.21 35.16
C9 CLR OA . -31.26 6.65 35.13
C10 CLR OA . -32.31 7.67 35.67
C11 CLR OA . -29.90 6.76 35.84
C12 CLR OA . -28.88 5.73 35.35
C13 CLR OA . -29.41 4.30 35.51
C14 CLR OA . -30.71 4.24 34.69
C15 CLR OA . -31.03 2.75 34.62
C16 CLR OA . -29.64 2.09 34.47
C17 CLR OA . -28.58 3.16 34.82
C18 CLR OA . -29.64 3.97 37.00
C19 CLR OA . -32.44 7.59 37.20
C20 CLR OA . -27.36 2.56 35.53
C21 CLR OA . -26.22 3.56 35.73
C22 CLR OA . -26.88 1.31 34.78
C23 CLR OA . -26.07 0.32 35.60
C24 CLR OA . -24.60 0.64 35.67
C25 CLR OA . -23.78 -0.23 36.64
C26 CLR OA . -24.27 -0.09 38.06
C27 CLR OA . -22.30 0.10 36.55
O1 CLR OA . -35.22 10.81 35.06
C1 NAG PA . -44.21 38.99 10.83
C2 NAG PA . -43.27 40.06 11.38
C3 NAG PA . -43.57 40.31 12.85
C4 NAG PA . -45.06 40.66 13.02
C5 NAG PA . -45.92 39.61 12.34
C6 NAG PA . -47.40 39.98 12.41
C7 NAG PA . -41.19 40.01 10.13
C8 NAG PA . -39.90 39.29 9.91
N2 NAG PA . -41.88 39.67 11.21
O3 NAG PA . -42.78 41.40 13.34
O4 NAG PA . -45.37 40.71 14.41
O5 NAG PA . -45.55 39.45 10.97
O6 NAG PA . -47.81 40.02 13.79
O7 NAG PA . -41.59 40.87 9.36
C1 PTY QA . -16.38 42.72 8.54
C2 PTY QA . -22.42 45.82 11.89
C3 PTY QA . -22.78 44.40 11.53
O4 PTY QA . -15.65 41.50 8.73
C5 PTY QA . -18.28 43.97 9.65
C6 PTY QA . -17.07 43.09 9.84
O7 PTY QA . -16.13 43.80 10.68
C8 PTY QA . -14.81 43.57 10.50
O10 PTY QA . -14.22 43.99 9.55
C11 PTY QA . -14.19 42.76 11.60
C12 PTY QA . -12.79 43.16 11.92
C13 PTY QA . -12.08 42.15 12.80
C14 PTY QA . -11.84 40.81 12.15
C15 PTY QA . -10.66 40.05 12.71
C16 PTY QA . -10.64 38.59 12.34
C17 PTY QA . -10.86 37.65 13.51
C18 PTY QA . -11.00 36.20 13.13
C19 PTY QA . -9.75 35.59 12.54
C20 PTY QA . -9.18 34.47 13.36
C21 PTY QA . -7.83 33.97 12.88
C30 PTY QA . -15.34 40.82 7.64
C31 PTY QA . -13.93 40.28 7.69
O30 PTY QA . -16.10 40.67 6.72
C32 PTY QA . -13.87 38.78 7.69
C33 PTY QA . -12.95 38.24 8.77
C34 PTY QA . -11.95 37.23 8.28
C35 PTY QA . -12.22 35.82 8.75
C36 PTY QA . -12.08 34.77 7.67
C37 PTY QA . -11.20 33.61 8.06
C38 PTY QA . -10.23 33.18 6.99
C39 PTY QA . -9.07 32.36 7.48
C40 PTY QA . -8.65 31.26 6.56
C41 PTY QA . -7.23 30.78 6.78
C42 PTY QA . -6.83 29.62 5.90
C43 PTY QA . -5.55 28.94 6.32
C44 PTY QA . -5.18 27.76 5.46
P1 PTY QA . -20.36 43.41 11.19
O11 PTY QA . -21.79 43.85 10.62
O12 PTY QA . -20.51 42.08 11.88
O13 PTY QA . -19.77 44.57 11.93
O14 PTY QA . -19.49 43.19 9.85
N1 PTY QA . -21.44 45.90 12.97
C1 PTY RA . -24.13 25.39 25.18
C2 PTY RA . -24.90 30.93 25.72
C3 PTY RA . -24.27 31.02 24.36
O4 PTY RA . -24.16 23.94 25.10
C5 PTY RA . -25.46 27.41 24.42
C6 PTY RA . -25.48 25.92 24.73
O7 PTY RA . -26.46 25.70 25.79
C8 PTY RA . -26.18 24.75 26.71
O10 PTY RA . -26.47 23.60 26.53
C11 PTY RA . -25.50 25.30 27.93
C12 PTY RA . -25.49 26.80 27.99
C13 PTY RA . -24.09 27.37 27.84
C14 PTY RA . -23.05 26.71 28.71
C15 PTY RA . -21.65 26.78 28.16
C16 PTY RA . -20.63 25.99 28.95
C17 PTY RA . -20.50 24.55 28.52
C18 PTY RA . -19.08 24.06 28.46
C19 PTY RA . -18.79 22.87 29.34
C20 PTY RA . -17.36 22.43 29.33
C21 PTY RA . -17.04 21.28 30.26
C30 PTY RA . -23.02 23.35 24.77
C31 PTY RA . -22.53 22.44 25.86
O30 PTY RA . -22.47 23.54 23.72
C32 PTY RA . -21.96 21.16 25.35
C33 PTY RA . -20.87 20.61 26.25
C34 PTY RA . -19.65 20.14 25.52
C35 PTY RA . -18.51 19.70 26.41
C36 PTY RA . -18.34 18.21 26.51
C37 PTY RA . -16.90 17.75 26.43
C38 PTY RA . -15.92 18.65 27.14
C39 PTY RA . -14.48 18.17 27.08
C40 PTY RA . -14.32 16.82 26.44
C41 PTY RA . -12.91 16.28 26.51
P1 PTY RA . -24.10 28.92 22.74
O11 PTY RA . -24.94 30.10 23.44
O12 PTY RA . -22.79 28.80 23.48
O13 PTY RA . -24.11 29.14 21.26
O14 PTY RA . -24.97 27.62 23.07
N1 PTY RA . -23.93 31.16 26.80
P 3PE SA . 9.07 17.50 32.32
N 3PE SA . 12.50 16.10 33.60
O11 3PE SA . 7.57 17.16 32.76
O12 3PE SA . 9.37 16.76 31.04
O13 3PE SA . 9.95 16.82 33.49
O14 3PE SA . 9.28 18.99 32.39
C11 3PE SA . 10.14 15.38 33.48
C12 3PE SA . 11.57 15.05 33.15
C1 3PE SA . 7.17 15.77 32.92
C2 3PE SA . 5.85 15.54 32.21
C3 3PE SA . 5.67 14.13 31.71
O31 3PE SA . 4.38 14.03 31.08
O32 3PE SA . 4.98 12.08 30.17
C31 3PE SA . 4.20 12.99 30.27
C32 3PE SA . 2.91 13.10 29.50
C33 3PE SA . 2.62 11.91 28.65
C34 3PE SA . 1.25 11.32 28.92
C35 3PE SA . 0.16 11.87 28.02
C36 3PE SA . -1.17 11.16 28.17
C37 3PE SA . -2.30 12.05 28.62
C38 3PE SA . -2.46 12.13 30.12
C39 3PE SA . -3.65 11.37 30.66
C3A 3PE SA . -3.72 11.33 32.17
C3B 3PE SA . -3.80 9.93 32.74
C3C 3PE SA . -3.85 9.89 34.25
C3D 3PE SA . -2.57 9.43 34.90
C3E 3PE SA . -2.36 9.97 36.29
C3F 3PE SA . -1.15 9.40 37.00
C3G 3PE SA . -0.72 10.19 38.21
C3H 3PE SA . 0.76 10.13 38.48
C3I 3PE SA . 1.16 10.71 39.82
O21 3PE SA . 4.76 15.86 33.12
O22 3PE SA . 5.15 17.40 34.69
C21 3PE SA . 4.69 17.11 33.61
C22 3PE SA . 4.00 18.06 32.69
C23 3PE SA . 2.65 18.49 33.18
C24 3PE SA . 2.67 18.91 34.63
C25 3PE SA . 2.82 20.39 34.85
C26 3PE SA . 1.88 20.97 35.88
C27 3PE SA . 0.53 21.37 35.33
C28 3PE SA . 0.13 22.79 35.64
C29 3PE SA . 1.26 23.65 36.15
CA1 DGA TA . -3.49 12.17 21.67
CA2 DGA TA . -3.17 12.27 23.14
CA3 DGA TA . -1.79 12.78 23.43
CA4 DGA TA . -0.70 11.82 22.98
CA5 DGA TA . 0.68 12.15 23.48
CA6 DGA TA . 1.74 11.16 23.06
CA7 DGA TA . 3.08 11.40 23.69
CA8 DGA TA . 3.09 11.31 25.20
OA1 DGA TA . -2.86 11.55 20.86
CB1 DGA TA . -8.04 14.48 23.65
CB2 DGA TA . -7.62 14.25 25.07
CB3 DGA TA . -7.17 15.49 25.78
CB4 DGA TA . -6.75 15.21 27.21
CB5 DGA TA . -6.26 16.41 27.99
CB6 DGA TA . -5.10 17.12 27.35
CB7 DGA TA . -4.42 18.12 28.24
CB8 DGA TA . -3.75 17.51 29.45
CB9 DGA TA . -3.06 18.50 30.35
OB1 DGA TA . -9.14 14.22 23.22
OG1 DGA TA . -4.59 12.85 21.34
CG1 DGA TA . -5.32 13.47 22.42
CG2 DGA TA . -6.50 14.21 21.84
OG2 DGA TA . -7.10 15.04 22.88
CG3 DGA TA . -6.14 15.06 20.63
OXT DGA TA . -5.59 14.26 19.60
C1 CLR UA . -15.31 43.74 14.90
C2 CLR UA . -15.95 45.11 14.65
C3 CLR UA . -17.01 45.40 15.67
C4 CLR UA . -16.42 45.34 17.07
C5 CLR UA . -15.75 44.01 17.33
C6 CLR UA . -16.06 43.28 18.39
C7 CLR UA . -15.37 42.02 18.80
C8 CLR UA . -14.10 41.75 18.01
C9 CLR UA . -14.34 42.08 16.52
C10 CLR UA . -14.70 43.57 16.31
C11 CLR UA . -13.16 41.63 15.64
C12 CLR UA . -12.81 40.14 15.84
C13 CLR UA . -12.46 39.86 17.31
C14 CLR UA . -13.68 40.29 18.15
C15 CLR UA . -13.41 39.73 19.54
C16 CLR UA . -12.59 38.45 19.28
C17 CLR UA . -12.39 38.37 17.73
C18 CLR UA . -11.18 40.61 17.74
C19 CLR UA . -13.47 44.49 16.45
C20 CLR UA . -11.22 37.47 17.30
C21 CLR UA . -11.68 36.10 16.84
C22 CLR UA . -10.19 37.35 18.43
C23 CLR UA . -8.74 37.32 18.02
C24 CLR UA . -8.34 36.07 17.28
C25 CLR UA . -6.89 36.04 16.77
C26 CLR UA . -6.59 37.23 15.88
C27 CLR UA . -6.60 34.74 16.04
O1 CLR UA . -17.57 46.70 15.44
C1 CLR VA . -16.16 39.77 22.31
C2 CLR VA . -16.99 40.99 21.90
C3 CLR VA . -18.47 40.68 21.93
C4 CLR VA . -18.85 40.24 23.33
C5 CLR VA . -18.03 39.06 23.80
C6 CLR VA . -18.61 37.95 24.25
C7 CLR VA . -17.89 36.79 24.83
C8 CLR VA . -16.41 37.08 25.10
C9 CLR VA . -15.81 37.86 23.91
C10 CLR VA . -16.51 39.23 23.71
C11 CLR VA . -14.29 37.98 24.02
C12 CLR VA . -13.58 36.64 24.26
C13 CLR VA . -14.12 35.96 25.52
C14 CLR VA . -15.64 35.78 25.30
C15 CLR VA . -16.07 34.83 26.42
C16 CLR VA . -14.88 33.85 26.53
C17 CLR VA . -13.69 34.47 25.76
C18 CLR VA . -13.82 36.80 26.77
C19 CLR VA . -16.09 40.26 24.79
C20 CLR VA . -12.34 34.16 26.42
C21 CLR VA . -11.14 34.60 25.59
C22 CLR VA . -12.25 32.66 26.76
C23 CLR VA . -11.28 32.29 27.87
C24 CLR VA . -9.86 32.10 27.39
C25 CLR VA . -8.82 31.90 28.49
C26 CLR VA . -8.74 33.11 29.41
C27 CLR VA . -7.44 31.60 27.91
O1 CLR VA . -19.22 41.85 21.57
C1 NAG WA . -34.31 47.33 -13.13
C2 NAG WA . -33.16 48.12 -13.74
C3 NAG WA . -32.90 49.38 -12.92
C4 NAG WA . -34.19 50.19 -12.79
C5 NAG WA . -35.32 49.30 -12.27
C6 NAG WA . -36.63 50.07 -12.21
C7 NAG WA . -31.70 46.60 -14.93
C8 NAG WA . -30.63 45.56 -14.78
N2 NAG WA . -31.96 47.32 -13.84
O3 NAG WA . -31.90 50.17 -13.56
O4 NAG WA . -33.97 51.26 -11.87
O5 NAG WA . -35.47 48.16 -13.12
O6 NAG WA . -36.51 51.15 -11.27
O7 NAG WA . -32.29 46.78 -15.98
C1 PTY XA . -9.06 39.56 -22.81
C2 PTY XA . -13.23 45.77 -21.75
C3 PTY XA . -13.78 44.70 -20.86
O4 PTY XA . -8.38 38.63 -21.92
C5 PTY XA . -10.33 41.74 -22.64
C6 PTY XA . -9.19 40.89 -22.10
O7 PTY XA . -7.96 41.64 -22.27
C8 PTY XA . -6.83 40.95 -22.47
O10 PTY XA . -6.59 40.40 -23.52
C11 PTY XA . -5.91 40.95 -21.28
C12 PTY XA . -4.46 40.98 -21.65
C13 PTY XA . -3.56 40.68 -20.46
C14 PTY XA . -3.66 39.26 -19.94
C15 PTY XA . -2.42 38.76 -19.25
C16 PTY XA . -2.63 37.53 -18.41
C17 PTY XA . -2.48 37.76 -16.93
C18 PTY XA . -2.86 36.56 -16.08
C19 PTY XA . -1.96 35.37 -16.25
C20 PTY XA . -1.21 34.98 -15.00
C21 PTY XA . -0.17 33.91 -15.21
C30 PTY XA . -8.54 37.34 -22.19
C31 PTY XA . -7.26 36.58 -22.03
O30 PTY XA . -9.60 36.86 -22.52
C32 PTY XA . -7.32 35.56 -20.94
C33 PTY XA . -6.11 35.63 -20.02
C34 PTY XA . -5.43 34.30 -19.79
C35 PTY XA . -5.60 33.75 -18.39
C36 PTY XA . -5.95 32.29 -18.34
C37 PTY XA . -5.08 31.48 -17.40
C38 PTY XA . -4.59 30.17 -17.97
C39 PTY XA . -3.39 29.60 -17.27
C40 PTY XA . -3.41 28.11 -17.13
C41 PTY XA . -2.05 27.48 -16.91
C42 PTY XA . -2.08 25.99 -16.71
C43 PTY XA . -0.80 25.41 -16.17
C44 PTY XA . -0.85 23.92 -15.95
P1 PTY XA . -11.73 43.05 -20.83
O11 PTY XA . -13.24 43.41 -21.24
O12 PTY XA . -11.71 42.67 -19.38
O13 PTY XA . -10.83 44.15 -21.33
O14 PTY XA . -11.43 41.72 -21.69
N1 PTY XA . -11.92 46.25 -21.30
C1 PTY YA . -13.15 40.73 2.13
C2 PTY YA . -11.39 46.12 -2.17
C3 PTY YA . -11.08 44.67 -2.52
O4 PTY YA . -11.83 41.08 2.54
C5 PTY YA . -12.91 42.59 0.43
C6 PTY YA . -13.80 41.92 1.46
O7 PTY YA . -14.16 42.90 2.47
C8 PTY YA . -13.23 43.25 3.37
O10 PTY YA . -13.09 42.66 4.42
C11 PTY YA . -12.38 44.41 2.94
C12 PTY YA . -10.91 44.17 3.11
C13 PTY YA . -10.08 44.90 2.06
C14 PTY YA . -8.67 45.20 2.50
C15 PTY YA . -7.82 43.97 2.76
C16 PTY YA . -8.18 43.26 4.04
C17 PTY YA . -7.47 41.93 4.23
C18 PTY YA . -6.03 41.94 3.79
C19 PTY YA . -5.08 41.28 4.77
C20 PTY YA . -5.59 39.98 5.34
C21 PTY YA . -4.53 39.10 5.93
C30 PTY YA . -11.13 40.13 3.16
C31 PTY YA . -10.43 40.65 4.38
O30 PTY YA . -11.07 39.01 2.76
C32 PTY YA . -10.06 39.59 5.36
C33 PTY YA . -9.28 38.46 4.72
C34 PTY YA . -8.79 37.42 5.69
C35 PTY YA . -7.38 36.93 5.43
C36 PTY YA . -6.72 36.28 6.62
C37 PTY YA . -5.22 36.32 6.59
C38 PTY YA . -4.55 35.17 7.31
C39 PTY YA . -3.09 34.99 6.97
C40 PTY YA . -2.44 33.81 7.64
C41 PTY YA . -1.13 33.39 7.03
P1 PTY YA . -11.91 42.23 -1.99
O11 PTY YA . -12.14 43.82 -2.01
O12 PTY YA . -10.47 41.97 -1.60
O13 PTY YA . -12.47 41.64 -3.25
O14 PTY YA . -12.84 41.76 -0.76
N1 PTY YA . -10.51 46.63 -1.12
P 3PE ZA . 21.41 30.59 6.21
N 3PE ZA . 24.94 29.44 7.42
O11 3PE ZA . 20.14 31.13 7.04
O12 3PE ZA . 21.15 29.15 5.87
O13 3PE ZA . 22.60 30.64 7.29
O14 3PE ZA . 21.72 31.58 5.12
C11 3PE ZA . 22.66 29.61 8.32
C12 3PE ZA . 23.85 28.73 8.06
C1 3PE ZA . 19.72 30.43 8.24
C2 3PE ZA . 18.22 30.22 8.21
C3 3PE ZA . 17.78 28.99 8.97
O31 3PE ZA . 16.33 28.91 8.89
O32 3PE ZA . 16.43 26.80 9.62
C31 3PE ZA . 15.80 27.72 9.16
C32 3PE ZA . 14.33 27.68 8.82
C33 3PE ZA . 13.66 26.40 9.21
C34 3PE ZA . 12.44 26.62 10.09
C35 3PE ZA . 11.15 26.72 9.33
C36 3PE ZA . 9.92 26.77 10.21
C37 3PE ZA . 9.10 28.03 10.06
C38 3PE ZA . 9.50 29.14 11.00
C39 3PE ZA . 8.53 29.37 12.14
C3A 3PE ZA . 9.00 30.37 13.16
C3B 3PE ZA . 9.04 29.85 14.57
C3C 3PE ZA . 9.53 30.84 15.59
C3D 3PE ZA . 10.93 30.58 16.10
C3E 3PE ZA . 11.67 31.81 16.56
C3F 3PE ZA . 13.01 31.52 17.21
C3G 3PE ZA . 13.91 32.72 17.32
C3H 3PE ZA . 15.38 32.40 17.24
C3I 3PE ZA . 16.27 33.56 17.61
O21 3PE ZA . 17.56 31.39 8.78
O22 3PE ZA . 18.60 33.35 8.58
C21 3PE ZA . 17.77 32.57 8.19
C22 3PE ZA . 16.86 32.81 7.02
C23 3PE ZA . 15.81 33.86 7.28
C24 3PE ZA . 16.39 35.11 7.92
C25 3PE ZA . 16.73 36.20 6.93
C26 3PE ZA . 16.26 37.57 7.35
C27 3PE ZA . 14.84 37.89 6.97
C28 3PE ZA . 14.68 39.18 6.19
C29 3PE ZA . 15.97 39.75 5.68
CA1 DGA AB . 5.48 23.82 5.70
CA2 DGA AB . 6.32 24.76 6.52
CA3 DGA AB . 7.74 24.87 6.07
CA4 DGA AB . 8.51 23.58 6.27
CA5 DGA AB . 10.00 23.71 6.08
CA6 DGA AB . 10.76 22.43 6.33
CA7 DGA AB . 12.27 22.59 6.30
CA8 DGA AB . 12.81 23.54 7.35
OA1 DGA AB . 5.73 22.65 5.53
CB1 DGA AB . 2.13 28.13 6.18
CB2 DGA AB . 3.02 28.79 7.18
CB3 DGA AB . 3.79 29.96 6.64
CB4 DGA AB . 4.68 30.60 7.69
CB5 DGA AB . 5.50 31.77 7.21
CB6 DGA AB . 6.40 31.45 6.05
CB7 DGA AB . 7.43 32.52 5.75
CB8 DGA AB . 8.44 32.71 6.85
CB9 DGA AB . 9.48 33.76 6.56
OB1 DGA AB . 0.94 28.00 6.30
OG1 DGA AB . 4.39 24.40 5.21
CG1 DGA AB . 4.14 25.77 5.59
CG2 DGA AB . 2.89 26.24 4.90
OG2 DGA AB . 2.77 27.68 5.08
CG3 DGA AB . 2.85 25.89 3.43
OXT DGA AB . 2.93 24.48 3.23
C1 CLR BB . -5.68 44.17 -19.67
C2 CLR BB . -6.26 45.13 -20.70
C3 CLR BB . -6.86 46.34 -20.05
C4 CLR BB . -5.81 47.05 -19.22
C5 CLR BB . -5.18 46.12 -18.20
C6 CLR BB . -5.14 46.44 -16.92
C7 CLR BB . -4.45 45.66 -15.85
C8 CLR BB . -3.57 44.54 -16.42
C9 CLR BB . -4.31 43.84 -17.57
C10 CLR BB . -4.61 44.81 -18.75
C11 CLR BB . -3.56 42.57 -18.03
C12 CLR BB . -3.26 41.60 -16.88
C13 CLR BB . -2.44 42.29 -15.79
C14 CLR BB . -3.24 43.53 -15.33
C15 CLR BB . -2.51 43.99 -14.06
C16 CLR BB . -1.94 42.70 -13.46
C17 CLR BB . -2.33 41.56 -14.42
C18 CLR BB . -1.04 42.67 -16.32
C19 CLR BB . -3.35 45.14 -19.56
C20 CLR BB . -1.46 40.29 -14.27
C21 CLR BB . -2.15 39.20 -13.47
C22 CLR BB . -0.10 40.65 -13.65
C23 CLR BB . 1.10 39.89 -14.18
C24 CLR BB . 1.11 38.43 -13.82
C25 CLR BB . 2.27 37.62 -14.39
C26 CLR BB . 2.30 37.72 -15.92
C27 CLR BB . 2.18 36.15 -13.96
O1 CLR BB . -7.37 47.24 -21.06
C1 CLR CB . -4.07 46.75 -11.78
C2 CLR CB . -4.90 47.55 -12.78
C3 CLR CB . -6.28 47.85 -12.24
C4 CLR CB . -6.17 48.59 -10.93
C5 CLR CB . -5.31 47.86 -9.93
C6 CLR CB . -5.77 47.60 -8.70
C7 CLR CB . -4.97 46.98 -7.60
C8 CLR CB . -3.48 46.89 -7.94
C9 CLR CB . -3.31 46.43 -9.39
C10 CLR CB . -3.93 47.44 -10.39
C11 CLR CB . -1.84 46.11 -9.71
C12 CLR CB . -1.19 45.15 -8.71
C13 CLR CB . -1.29 45.71 -7.28
C14 CLR CB . -2.78 45.92 -6.99
C15 CLR CB . -2.85 46.16 -5.50
C16 CLR CB . -1.77 45.21 -4.92
C17 CLR CB . -0.90 44.73 -6.12
C18 CLR CB . -0.49 47.03 -7.15
C19 CLR CB . -3.07 48.72 -10.54
C20 CLR CB . 0.57 44.54 -5.71
C21 CLR CB . 1.42 43.91 -6.82
C22 CLR CB . 0.67 43.75 -4.41
C23 CLR CB . 1.94 43.93 -3.61
C24 CLR CB . 3.08 43.03 -4.05
C25 CLR CB . 4.44 43.31 -3.39
C26 CLR CB . 4.92 44.72 -3.71
C27 CLR CB . 5.47 42.29 -3.82
O1 CLR CB . -7.03 48.62 -13.19
C1 NAG DB . -33.23 33.73 -36.72
C2 NAG DB . -32.34 33.49 -37.93
C3 NAG DB . -31.70 34.80 -38.37
C4 NAG DB . -32.79 35.84 -38.62
C5 NAG DB . -33.72 35.94 -37.42
C6 NAG DB . -34.86 36.91 -37.69
C7 NAG DB . -31.51 31.21 -37.85
C8 NAG DB . -30.54 30.27 -37.20
N2 NAG DB . -31.32 32.51 -37.62
O3 NAG DB . -30.95 34.60 -39.56
O4 NAG DB . -32.19 37.11 -38.87
O5 NAG DB . -34.26 34.67 -37.09
O6 NAG DB . -34.33 38.22 -37.90
O7 NAG DB . -32.43 30.82 -38.56
#